data_7K7F
#
_entry.id   7K7F
#
loop_
_entity.id
_entity.type
_entity.pdbx_description
1 polymer 'Putative surface-anchored fimbrial subunit'
2 polymer 'SpaA sorting signal peptide'
#
loop_
_entity_poly.entity_id
_entity_poly.type
_entity_poly.pdbx_seq_one_letter_code
_entity_poly.pdbx_strand_id
1 'polypeptide(L)'
;ERTSIAVHALMGLPTGQPANGTKLDSIGLPKVDGMSFTLYRVNEIDLTTQAGWDAASKIKLEELYTNGHPTDKVTKVATK
KTEGGVAKFDNLTPALYLVVQELNGAEAVVRSQPFLVAAPQTNPTGDGWLQDVHVYPKHQALS
;
A
2 'polypeptide(L)' KNAGFELPLT B
#
# COMPACT_ATOMS: atom_id res chain seq x y z
N GLU A 1 -9.55 5.50 19.30
CA GLU A 1 -9.87 5.21 17.86
C GLU A 1 -8.64 4.59 17.20
N ARG A 2 -8.85 3.95 16.05
CA ARG A 2 -7.75 3.31 15.34
C ARG A 2 -7.81 3.61 13.84
N THR A 3 -6.70 3.39 13.16
CA THR A 3 -6.62 3.64 11.72
C THR A 3 -6.76 2.33 10.95
N SER A 4 -7.16 2.43 9.68
CA SER A 4 -7.33 1.23 8.86
C SER A 4 -6.88 1.50 7.43
N ILE A 5 -6.39 0.44 6.77
CA ILE A 5 -5.94 0.55 5.39
C ILE A 5 -6.77 -0.36 4.49
N ALA A 6 -7.45 0.23 3.51
CA ALA A 6 -8.27 -0.54 2.60
C ALA A 6 -7.58 -0.66 1.24
N VAL A 7 -7.30 -1.89 0.84
CA VAL A 7 -6.64 -2.14 -0.44
C VAL A 7 -7.62 -2.77 -1.43
N HIS A 8 -7.89 -2.06 -2.52
CA HIS A 8 -8.80 -2.57 -3.54
C HIS A 8 -8.01 -3.29 -4.63
N ALA A 9 -8.23 -4.60 -4.75
CA ALA A 9 -7.52 -5.38 -5.75
C ALA A 9 -8.04 -5.12 -7.15
N LEU A 10 -7.13 -4.78 -8.07
CA LEU A 10 -7.48 -4.53 -9.45
C LEU A 10 -6.51 -5.22 -10.41
N MET A 11 -7.00 -5.62 -11.58
CA MET A 11 -6.18 -6.34 -12.56
C MET A 11 -5.96 -5.50 -13.84
N GLY A 12 -4.72 -5.46 -14.32
CA GLY A 12 -4.41 -4.74 -15.54
C GLY A 12 -3.77 -3.37 -15.25
N LEU A 13 -2.95 -2.89 -16.18
CA LEU A 13 -2.28 -1.61 -16.01
C LEU A 13 -3.21 -0.45 -16.43
N PRO A 14 -2.99 0.75 -15.94
CA PRO A 14 -3.84 1.92 -16.34
C PRO A 14 -3.90 2.10 -17.85
N THR A 15 -5.05 2.54 -18.35
CA THR A 15 -5.20 2.74 -19.79
C THR A 15 -5.09 4.21 -20.16
N GLY A 16 -3.86 4.73 -20.13
CA GLY A 16 -3.61 6.12 -20.47
C GLY A 16 -4.08 7.07 -19.38
N GLN A 17 -4.34 6.53 -18.19
CA GLN A 17 -4.79 7.37 -17.08
C GLN A 17 -3.60 7.76 -16.20
N PRO A 18 -3.61 8.94 -15.60
CA PRO A 18 -2.50 9.40 -14.71
C PRO A 18 -2.53 8.72 -13.34
N ALA A 19 -1.38 8.63 -12.70
CA ALA A 19 -1.32 8.02 -11.38
C ALA A 19 -1.99 8.94 -10.37
N ASN A 20 -2.87 8.38 -9.54
CA ASN A 20 -3.58 9.18 -8.54
C ASN A 20 -3.25 8.70 -7.13
N GLY A 21 -2.68 9.60 -6.33
CA GLY A 21 -2.33 9.27 -4.95
C GLY A 21 -3.48 9.64 -4.02
N THR A 22 -4.70 9.39 -4.47
CA THR A 22 -5.88 9.71 -3.67
C THR A 22 -7.05 8.85 -4.11
N LYS A 23 -8.19 9.05 -3.45
CA LYS A 23 -9.39 8.28 -3.78
C LYS A 23 -9.84 8.57 -5.20
N LEU A 24 -10.22 7.52 -5.92
CA LEU A 24 -10.69 7.65 -7.30
C LEU A 24 -11.80 6.65 -7.56
N ASP A 25 -12.65 6.94 -8.53
CA ASP A 25 -13.76 6.05 -8.83
C ASP A 25 -13.21 4.69 -9.27
N SER A 26 -13.77 3.63 -8.70
CA SER A 26 -13.31 2.28 -9.03
C SER A 26 -13.73 1.88 -10.42
N ILE A 27 -12.79 1.31 -11.18
CA ILE A 27 -13.07 0.87 -12.53
C ILE A 27 -14.06 -0.29 -12.48
N GLY A 28 -13.80 -1.20 -11.55
CA GLY A 28 -14.66 -2.37 -11.36
C GLY A 28 -14.41 -3.45 -12.42
N LEU A 29 -13.26 -3.37 -13.06
CA LEU A 29 -12.88 -4.37 -14.06
C LEU A 29 -12.64 -5.69 -13.34
N PRO A 30 -12.51 -6.82 -14.01
CA PRO A 30 -12.31 -8.11 -13.29
C PRO A 30 -11.15 -8.02 -12.31
N LYS A 31 -11.45 -8.28 -11.04
CA LYS A 31 -10.45 -8.24 -9.98
C LYS A 31 -9.89 -9.63 -9.74
N VAL A 32 -8.72 -9.71 -9.11
CA VAL A 32 -8.13 -11.01 -8.82
C VAL A 32 -8.48 -11.46 -7.40
N ASP A 33 -9.29 -12.50 -7.31
CA ASP A 33 -9.69 -13.03 -6.02
C ASP A 33 -8.65 -14.00 -5.49
N GLY A 34 -8.58 -14.16 -4.18
CA GLY A 34 -7.60 -15.06 -3.58
C GLY A 34 -6.20 -14.51 -3.77
N MET A 35 -6.08 -13.18 -3.72
CA MET A 35 -4.78 -12.54 -3.89
C MET A 35 -4.12 -12.40 -2.54
N SER A 36 -2.82 -12.69 -2.48
CA SER A 36 -2.10 -12.64 -1.21
C SER A 36 -1.28 -11.37 -1.03
N PHE A 37 -1.55 -10.67 0.06
CA PHE A 37 -0.84 -9.44 0.41
C PHE A 37 -0.45 -9.50 1.87
N THR A 38 0.69 -8.92 2.22
CA THR A 38 1.14 -8.90 3.60
C THR A 38 1.65 -7.52 3.98
N LEU A 39 1.42 -7.14 5.24
CA LEU A 39 1.85 -5.84 5.72
C LEU A 39 3.13 -5.94 6.52
N TYR A 40 4.02 -4.97 6.27
CA TYR A 40 5.29 -4.88 6.95
C TYR A 40 5.47 -3.47 7.49
N ARG A 41 5.80 -3.35 8.77
CA ARG A 41 5.98 -2.04 9.38
C ARG A 41 7.43 -1.60 9.38
N VAL A 42 7.68 -0.38 8.91
CA VAL A 42 9.04 0.15 8.87
C VAL A 42 9.45 0.69 10.24
N ASN A 43 10.48 0.07 10.81
CA ASN A 43 10.99 0.48 12.12
C ASN A 43 11.58 1.89 12.10
N GLU A 44 11.75 2.46 13.28
CA GLU A 44 12.34 3.79 13.43
C GLU A 44 11.44 4.88 12.83
N ILE A 45 10.31 4.49 12.25
CA ILE A 45 9.39 5.46 11.66
C ILE A 45 8.03 5.42 12.35
N ASP A 46 7.61 6.56 12.88
CA ASP A 46 6.33 6.66 13.56
C ASP A 46 5.52 7.83 12.99
N LEU A 47 4.37 7.53 12.41
CA LEU A 47 3.52 8.57 11.83
C LEU A 47 2.69 9.24 12.92
N THR A 48 3.13 9.08 14.17
CA THR A 48 2.43 9.67 15.30
C THR A 48 2.68 11.18 15.37
N THR A 49 3.92 11.58 15.08
CA THR A 49 4.28 13.01 15.14
C THR A 49 4.66 13.53 13.76
N GLN A 50 4.72 14.85 13.65
CA GLN A 50 5.06 15.51 12.38
C GLN A 50 6.46 15.10 11.92
N ALA A 51 7.39 14.98 12.86
CA ALA A 51 8.76 14.62 12.51
C ALA A 51 8.78 13.28 11.78
N GLY A 52 7.76 12.45 12.01
CA GLY A 52 7.69 11.13 11.41
C GLY A 52 7.66 11.15 9.87
N TRP A 53 6.77 11.95 9.27
CA TRP A 53 6.69 11.96 7.82
C TRP A 53 7.98 12.50 7.20
N ASP A 54 8.67 13.39 7.91
CA ASP A 54 9.91 13.95 7.39
C ASP A 54 10.96 12.86 7.24
N ALA A 55 11.18 12.08 8.30
CA ALA A 55 12.14 10.99 8.25
C ALA A 55 11.70 9.94 7.25
N ALA A 56 10.42 9.60 7.32
CA ALA A 56 9.86 8.60 6.42
C ALA A 56 9.97 9.05 4.96
N SER A 57 9.71 10.33 4.72
CA SER A 57 9.78 10.88 3.36
C SER A 57 11.17 10.73 2.79
N LYS A 58 12.16 10.61 3.68
CA LYS A 58 13.54 10.46 3.23
C LYS A 58 13.87 8.98 2.97
N ILE A 59 12.86 8.13 3.12
CA ILE A 59 13.05 6.70 2.90
C ILE A 59 13.32 6.40 1.44
N LYS A 60 14.31 5.55 1.21
CA LYS A 60 14.68 5.16 -0.13
C LYS A 60 14.35 3.68 -0.33
N LEU A 61 13.68 3.36 -1.43
CA LEU A 61 13.33 1.97 -1.71
C LEU A 61 14.59 1.15 -1.64
N GLU A 62 15.71 1.83 -1.73
CA GLU A 62 17.00 1.17 -1.67
C GLU A 62 17.15 0.47 -0.30
N GLU A 63 16.61 1.12 0.73
CA GLU A 63 16.69 0.59 2.08
C GLU A 63 15.62 -0.49 2.35
N LEU A 64 14.44 -0.35 1.75
CA LEU A 64 13.37 -1.33 1.98
C LEU A 64 13.36 -2.38 0.88
N TYR A 65 14.07 -2.09 -0.19
CA TYR A 65 14.11 -2.98 -1.33
C TYR A 65 15.40 -2.74 -2.14
N THR A 66 16.36 -3.64 -2.01
CA THR A 66 17.63 -3.49 -2.73
C THR A 66 17.94 -4.74 -3.54
N ASN A 67 17.93 -5.90 -2.88
CA ASN A 67 18.23 -7.15 -3.55
C ASN A 67 16.94 -7.80 -4.06
N GLY A 68 15.90 -6.98 -4.20
CA GLY A 68 14.61 -7.47 -4.68
C GLY A 68 13.82 -8.05 -3.53
N HIS A 69 14.36 -7.93 -2.32
CA HIS A 69 13.69 -8.46 -1.14
C HIS A 69 13.86 -7.50 0.06
N PRO A 70 12.91 -7.47 0.96
CA PRO A 70 13.00 -6.55 2.15
C PRO A 70 14.14 -6.90 3.10
N THR A 71 14.59 -5.89 3.84
CA THR A 71 15.70 -6.06 4.78
C THR A 71 15.19 -6.02 6.22
N ASP A 72 16.12 -5.89 7.16
CA ASP A 72 15.77 -5.82 8.57
C ASP A 72 15.15 -4.47 8.88
N LYS A 73 15.08 -3.60 7.87
CA LYS A 73 14.53 -2.27 8.02
C LYS A 73 12.99 -2.32 8.09
N VAL A 74 12.46 -3.54 8.06
CA VAL A 74 11.01 -3.73 8.13
C VAL A 74 10.65 -4.73 9.22
N THR A 75 9.44 -4.61 9.74
CA THR A 75 8.96 -5.49 10.81
C THR A 75 7.70 -6.24 10.37
N LYS A 76 7.70 -7.55 10.58
CA LYS A 76 6.54 -8.35 10.21
C LYS A 76 5.33 -7.91 11.01
N VAL A 77 4.22 -7.64 10.31
CA VAL A 77 3.00 -7.22 10.98
C VAL A 77 1.93 -8.29 10.86
N ALA A 78 1.48 -8.55 9.63
CA ALA A 78 0.45 -9.56 9.44
C ALA A 78 0.28 -9.91 7.96
N THR A 79 -0.10 -11.16 7.71
CA THR A 79 -0.33 -11.62 6.35
C THR A 79 -1.77 -12.06 6.17
N LYS A 80 -2.47 -11.44 5.23
CA LYS A 80 -3.87 -11.77 4.98
C LYS A 80 -4.12 -11.87 3.48
N LYS A 81 -5.07 -12.72 3.09
CA LYS A 81 -5.40 -12.90 1.69
C LYS A 81 -6.68 -12.16 1.31
N THR A 82 -6.56 -11.29 0.30
CA THR A 82 -7.70 -10.52 -0.17
C THR A 82 -8.73 -11.45 -0.82
N GLU A 83 -9.98 -11.31 -0.39
CA GLU A 83 -11.06 -12.13 -0.93
C GLU A 83 -12.17 -11.23 -1.48
N GLY A 84 -12.64 -11.55 -2.67
CA GLY A 84 -13.70 -10.76 -3.30
C GLY A 84 -13.11 -9.53 -4.00
N GLY A 85 -11.79 -9.49 -4.09
CA GLY A 85 -11.12 -8.37 -4.74
C GLY A 85 -10.95 -7.18 -3.79
N VAL A 86 -11.28 -7.40 -2.51
CA VAL A 86 -11.16 -6.33 -1.52
C VAL A 86 -10.55 -6.85 -0.22
N ALA A 87 -9.64 -6.07 0.35
CA ALA A 87 -8.98 -6.43 1.60
C ALA A 87 -8.99 -5.23 2.54
N LYS A 88 -9.09 -5.50 3.84
CA LYS A 88 -9.11 -4.42 4.83
C LYS A 88 -8.35 -4.79 6.09
N PHE A 89 -7.55 -3.85 6.56
CA PHE A 89 -6.77 -4.06 7.79
C PHE A 89 -7.23 -3.08 8.85
N ASP A 90 -7.32 -3.54 10.09
CA ASP A 90 -7.77 -2.70 11.19
C ASP A 90 -6.78 -2.75 12.36
N ASN A 91 -7.11 -2.05 13.44
CA ASN A 91 -6.23 -2.02 14.61
C ASN A 91 -4.81 -1.64 14.18
N LEU A 92 -4.71 -0.57 13.40
CA LEU A 92 -3.42 -0.11 12.92
C LEU A 92 -2.91 1.04 13.76
N THR A 93 -1.71 0.92 14.28
CA THR A 93 -1.12 1.98 15.07
C THR A 93 -0.32 2.90 14.15
N PRO A 94 -0.32 4.20 14.39
CA PRO A 94 0.43 5.15 13.50
C PRO A 94 1.85 4.69 13.20
N ALA A 95 2.16 4.61 11.89
CA ALA A 95 3.49 4.20 11.44
C ALA A 95 3.56 4.21 9.91
N LEU A 96 4.10 3.14 9.35
CA LEU A 96 4.22 3.03 7.90
C LEU A 96 3.94 1.59 7.49
N TYR A 97 2.94 1.41 6.62
CA TYR A 97 2.57 0.09 6.16
C TYR A 97 3.06 -0.16 4.74
N LEU A 98 3.65 -1.33 4.54
CA LEU A 98 4.19 -1.71 3.24
C LEU A 98 3.49 -2.98 2.76
N VAL A 99 2.92 -2.91 1.57
CA VAL A 99 2.20 -4.04 1.01
C VAL A 99 3.04 -4.77 -0.04
N VAL A 100 3.22 -6.07 0.17
CA VAL A 100 3.99 -6.90 -0.74
C VAL A 100 3.12 -8.05 -1.24
N GLN A 101 3.02 -8.19 -2.57
CA GLN A 101 2.22 -9.26 -3.14
C GLN A 101 3.03 -10.56 -3.21
N GLU A 102 2.60 -11.58 -2.48
CA GLU A 102 3.30 -12.85 -2.47
C GLU A 102 3.17 -13.56 -3.82
N LEU A 103 4.24 -14.21 -4.24
CA LEU A 103 4.25 -14.93 -5.51
C LEU A 103 3.34 -16.15 -5.43
N ASN A 104 3.34 -16.83 -4.28
CA ASN A 104 2.51 -18.01 -4.10
C ASN A 104 1.14 -17.78 -4.73
N GLY A 105 0.68 -18.77 -5.51
CA GLY A 105 -0.60 -18.64 -6.19
C GLY A 105 -0.45 -17.73 -7.39
N ALA A 106 -1.56 -17.16 -7.86
CA ALA A 106 -1.50 -16.26 -9.01
C ALA A 106 -0.80 -16.95 -10.18
N GLU A 107 -1.42 -18.02 -10.67
CA GLU A 107 -0.85 -18.80 -11.76
C GLU A 107 -1.08 -18.12 -13.12
N ALA A 108 -2.29 -17.63 -13.35
CA ALA A 108 -2.62 -16.98 -14.61
C ALA A 108 -2.24 -15.50 -14.58
N VAL A 109 -1.70 -15.07 -13.46
CA VAL A 109 -1.30 -13.68 -13.28
C VAL A 109 0.14 -13.58 -12.77
N VAL A 110 0.87 -12.58 -13.24
CA VAL A 110 2.24 -12.41 -12.80
C VAL A 110 2.32 -11.41 -11.65
N ARG A 111 3.24 -11.67 -10.72
CA ARG A 111 3.38 -10.79 -9.55
C ARG A 111 3.74 -9.37 -9.96
N SER A 112 2.93 -8.42 -9.51
CA SER A 112 3.16 -7.01 -9.81
C SER A 112 4.12 -6.41 -8.79
N GLN A 113 4.57 -5.19 -9.06
CA GLN A 113 5.50 -4.52 -8.15
C GLN A 113 4.77 -4.08 -6.88
N PRO A 114 5.45 -4.07 -5.75
CA PRO A 114 4.83 -3.66 -4.44
C PRO A 114 4.62 -2.16 -4.33
N PHE A 115 3.88 -1.74 -3.31
CA PHE A 115 3.62 -0.31 -3.10
C PHE A 115 3.68 0.01 -1.61
N LEU A 116 3.99 1.26 -1.29
CA LEU A 116 4.13 1.68 0.10
C LEU A 116 3.19 2.83 0.41
N VAL A 117 2.57 2.79 1.59
CA VAL A 117 1.67 3.86 1.98
C VAL A 117 1.77 4.14 3.49
N ALA A 118 1.93 5.40 3.84
CA ALA A 118 2.03 5.78 5.25
C ALA A 118 0.64 5.84 5.86
N ALA A 119 0.52 5.52 7.15
CA ALA A 119 -0.79 5.56 7.81
C ALA A 119 -0.66 6.06 9.26
N PRO A 120 -1.52 6.96 9.73
CA PRO A 120 -2.63 7.56 8.94
C PRO A 120 -2.11 8.62 7.97
N GLN A 121 -2.96 9.08 7.05
CA GLN A 121 -2.56 10.10 6.08
C GLN A 121 -3.26 11.41 6.39
N THR A 122 -2.57 12.51 6.09
CA THR A 122 -3.15 13.82 6.35
C THR A 122 -4.30 14.08 5.38
N ASN A 123 -5.19 14.99 5.74
CA ASN A 123 -6.33 15.30 4.89
C ASN A 123 -5.87 16.01 3.61
N PRO A 124 -6.62 15.92 2.52
CA PRO A 124 -6.25 16.61 1.25
C PRO A 124 -5.92 18.08 1.45
N THR A 125 -6.54 18.70 2.45
CA THR A 125 -6.30 20.12 2.73
C THR A 125 -5.19 20.28 3.76
N GLY A 126 -4.69 19.17 4.28
CA GLY A 126 -3.61 19.21 5.26
C GLY A 126 -4.15 19.49 6.66
N ASP A 127 -5.47 19.62 6.77
CA ASP A 127 -6.08 19.89 8.07
C ASP A 127 -6.56 18.59 8.72
N GLY A 128 -6.00 18.29 9.89
CA GLY A 128 -6.38 17.08 10.61
C GLY A 128 -5.75 15.85 9.96
N TRP A 129 -6.21 14.67 10.39
CA TRP A 129 -5.70 13.42 9.84
C TRP A 129 -6.85 12.48 9.49
N LEU A 130 -6.65 11.67 8.46
CA LEU A 130 -7.67 10.73 8.03
C LEU A 130 -7.45 9.38 8.72
N GLN A 131 -8.53 8.84 9.27
CA GLN A 131 -8.47 7.56 9.98
C GLN A 131 -8.43 6.37 9.02
N ASP A 132 -8.83 6.56 7.77
CA ASP A 132 -8.83 5.46 6.82
C ASP A 132 -8.08 5.82 5.54
N VAL A 133 -7.16 4.93 5.15
CA VAL A 133 -6.37 5.14 3.94
C VAL A 133 -6.86 4.20 2.83
N HIS A 134 -7.22 4.77 1.69
CA HIS A 134 -7.70 3.96 0.56
C HIS A 134 -6.61 3.79 -0.49
N VAL A 135 -6.47 2.56 -0.99
CA VAL A 135 -5.46 2.27 -2.00
C VAL A 135 -6.04 1.36 -3.09
N TYR A 136 -5.66 1.63 -4.34
CA TYR A 136 -6.16 0.83 -5.47
C TYR A 136 -4.98 0.30 -6.30
N PRO A 137 -4.22 -0.62 -5.76
CA PRO A 137 -3.05 -1.19 -6.49
C PRO A 137 -3.51 -2.19 -7.55
N LYS A 138 -3.00 -2.03 -8.76
CA LYS A 138 -3.38 -2.93 -9.84
C LYS A 138 -2.38 -4.07 -9.98
N HIS A 139 -2.84 -5.18 -10.55
CA HIS A 139 -1.97 -6.33 -10.74
C HIS A 139 -1.56 -6.45 -12.20
N GLN A 140 -0.43 -7.10 -12.45
CA GLN A 140 0.02 -7.32 -13.82
C GLN A 140 -0.26 -8.76 -14.19
N ALA A 141 -1.10 -8.97 -15.19
CA ALA A 141 -1.48 -10.31 -15.62
C ALA A 141 -0.39 -10.97 -16.45
N LEU A 142 -0.46 -12.30 -16.50
CA LEU A 142 0.51 -13.10 -17.24
C LEU A 142 0.25 -12.97 -18.74
N SER A 143 1.29 -12.59 -19.49
CA SER A 143 1.17 -12.44 -20.94
C SER A 143 0.02 -11.48 -21.28
N LYS B 1 1.48 17.84 -2.90
CA LYS B 1 1.08 16.52 -2.34
C LYS B 1 1.63 16.39 -0.93
N ASN B 2 2.93 16.63 -0.77
CA ASN B 2 3.56 16.53 0.53
C ASN B 2 3.34 15.15 1.16
N ALA B 3 2.25 15.02 1.92
CA ALA B 3 1.95 13.75 2.56
C ALA B 3 1.74 12.65 1.53
N GLY B 4 2.19 11.44 1.86
CA GLY B 4 2.06 10.30 0.96
C GLY B 4 3.38 9.56 0.85
N PHE B 5 3.39 8.45 0.14
CA PHE B 5 4.61 7.66 -0.02
C PHE B 5 4.82 7.27 -1.48
N GLU B 6 4.19 6.17 -1.91
CA GLU B 6 4.34 5.71 -3.28
C GLU B 6 3.20 4.76 -3.63
N LEU B 7 2.09 5.34 -4.07
CA LEU B 7 0.92 4.56 -4.47
C LEU B 7 0.44 5.05 -5.83
N PRO B 8 1.33 5.09 -6.79
CA PRO B 8 1.02 5.55 -8.18
C PRO B 8 0.08 4.60 -8.92
N LEU B 9 0.00 3.37 -8.43
CA LEU B 9 -0.84 2.37 -9.06
C LEU B 9 -2.28 2.51 -8.61
N THR B 10 -3.14 2.93 -9.54
CA THR B 10 -4.56 3.09 -9.25
C THR B 10 -5.35 2.05 -10.04
N GLU A 1 -9.83 3.98 18.67
CA GLU A 1 -9.59 4.99 17.62
C GLU A 1 -8.28 4.66 16.89
N ARG A 2 -8.35 3.70 15.97
CA ARG A 2 -7.18 3.29 15.21
C ARG A 2 -7.33 3.60 13.73
N THR A 3 -6.29 3.30 12.97
CA THR A 3 -6.31 3.56 11.53
C THR A 3 -6.60 2.26 10.78
N SER A 4 -6.98 2.39 9.51
CA SER A 4 -7.28 1.22 8.70
C SER A 4 -6.85 1.43 7.25
N ILE A 5 -6.27 0.40 6.65
CA ILE A 5 -5.82 0.49 5.26
C ILE A 5 -6.61 -0.47 4.39
N ALA A 6 -7.32 0.09 3.40
CA ALA A 6 -8.12 -0.72 2.50
C ALA A 6 -7.43 -0.84 1.14
N VAL A 7 -7.09 -2.07 0.77
CA VAL A 7 -6.43 -2.31 -0.51
C VAL A 7 -7.41 -2.99 -1.48
N HIS A 8 -7.72 -2.29 -2.57
CA HIS A 8 -8.63 -2.84 -3.57
C HIS A 8 -7.82 -3.55 -4.65
N ALA A 9 -7.94 -4.87 -4.71
CA ALA A 9 -7.20 -5.63 -5.71
C ALA A 9 -7.80 -5.44 -7.10
N LEU A 10 -6.93 -5.07 -8.05
CA LEU A 10 -7.35 -4.86 -9.43
C LEU A 10 -6.39 -5.55 -10.41
N MET A 11 -6.91 -5.93 -11.57
CA MET A 11 -6.09 -6.60 -12.58
C MET A 11 -6.02 -5.77 -13.87
N GLY A 12 -4.82 -5.68 -14.44
CA GLY A 12 -4.64 -4.91 -15.67
C GLY A 12 -3.95 -3.59 -15.39
N LEU A 13 -3.08 -3.16 -16.31
CA LEU A 13 -2.36 -1.90 -16.15
C LEU A 13 -3.23 -0.73 -16.60
N PRO A 14 -2.99 0.48 -16.10
CA PRO A 14 -3.81 1.67 -16.51
C PRO A 14 -3.85 1.84 -18.03
N THR A 15 -5.00 2.24 -18.54
CA THR A 15 -5.15 2.44 -19.98
C THR A 15 -5.15 3.92 -20.33
N GLY A 16 -3.96 4.52 -20.29
CA GLY A 16 -3.83 5.94 -20.61
C GLY A 16 -4.31 6.83 -19.47
N GLN A 17 -4.48 6.24 -18.29
CA GLN A 17 -4.93 7.02 -17.14
C GLN A 17 -3.74 7.46 -16.29
N PRO A 18 -3.81 8.62 -15.67
CA PRO A 18 -2.70 9.14 -14.82
C PRO A 18 -2.63 8.45 -13.47
N ALA A 19 -1.46 8.47 -12.85
CA ALA A 19 -1.29 7.86 -11.54
C ALA A 19 -1.83 8.80 -10.47
N ASN A 20 -2.85 8.35 -9.73
CA ASN A 20 -3.44 9.19 -8.69
C ASN A 20 -3.15 8.65 -7.30
N GLY A 21 -2.39 9.43 -6.52
CA GLY A 21 -2.04 9.02 -5.16
C GLY A 21 -3.03 9.60 -4.17
N THR A 22 -4.32 9.48 -4.49
CA THR A 22 -5.37 10.00 -3.62
C THR A 22 -6.68 9.28 -3.89
N LYS A 23 -7.75 9.75 -3.25
CA LYS A 23 -9.06 9.13 -3.42
C LYS A 23 -9.49 9.17 -4.88
N LEU A 24 -9.71 7.98 -5.44
CA LEU A 24 -10.14 7.87 -6.83
C LEU A 24 -11.27 6.85 -6.93
N ASP A 25 -12.29 7.15 -7.72
CA ASP A 25 -13.39 6.21 -7.87
C ASP A 25 -12.87 4.91 -8.46
N SER A 26 -13.49 3.81 -8.08
CA SER A 26 -13.05 2.50 -8.57
C SER A 26 -13.39 2.33 -10.05
N ILE A 27 -12.65 1.45 -10.71
CA ILE A 27 -12.87 1.16 -12.12
C ILE A 27 -13.76 -0.07 -12.24
N GLY A 28 -13.59 -1.00 -11.31
CA GLY A 28 -14.38 -2.21 -11.29
C GLY A 28 -13.91 -3.21 -12.35
N LEU A 29 -12.65 -3.10 -12.76
CA LEU A 29 -12.10 -4.03 -13.74
C LEU A 29 -12.01 -5.40 -13.07
N PRO A 30 -12.04 -6.48 -13.81
CA PRO A 30 -11.98 -7.83 -13.18
C PRO A 30 -10.92 -7.87 -12.08
N LYS A 31 -11.36 -8.20 -10.87
CA LYS A 31 -10.45 -8.26 -9.74
C LYS A 31 -10.02 -9.70 -9.47
N VAL A 32 -8.86 -9.87 -8.88
CA VAL A 32 -8.35 -11.21 -8.60
C VAL A 32 -8.61 -11.61 -7.15
N ASP A 33 -9.41 -12.65 -6.98
CA ASP A 33 -9.75 -13.14 -5.65
C ASP A 33 -8.70 -14.13 -5.18
N GLY A 34 -8.59 -14.31 -3.86
CA GLY A 34 -7.61 -15.24 -3.32
C GLY A 34 -6.20 -14.70 -3.49
N MET A 35 -6.06 -13.38 -3.45
CA MET A 35 -4.75 -12.75 -3.60
C MET A 35 -4.14 -12.52 -2.22
N SER A 36 -2.86 -12.84 -2.07
CA SER A 36 -2.20 -12.71 -0.78
C SER A 36 -1.33 -11.45 -0.69
N PHE A 37 -1.50 -10.74 0.42
CA PHE A 37 -0.73 -9.53 0.70
C PHE A 37 -0.16 -9.60 2.11
N THR A 38 1.07 -9.13 2.28
CA THR A 38 1.71 -9.14 3.60
C THR A 38 2.15 -7.72 3.98
N LEU A 39 1.79 -7.30 5.19
CA LEU A 39 2.15 -5.96 5.64
C LEU A 39 3.36 -5.99 6.56
N TYR A 40 4.27 -5.05 6.32
CA TYR A 40 5.48 -4.92 7.13
C TYR A 40 5.55 -3.49 7.68
N ARG A 41 5.83 -3.36 8.97
CA ARG A 41 5.91 -2.04 9.58
C ARG A 41 7.36 -1.55 9.62
N VAL A 42 7.56 -0.29 9.23
CA VAL A 42 8.91 0.28 9.24
C VAL A 42 9.30 0.74 10.65
N ASN A 43 10.36 0.13 11.17
CA ASN A 43 10.85 0.46 12.52
C ASN A 43 11.37 1.90 12.61
N GLU A 44 11.52 2.36 13.85
CA GLU A 44 12.04 3.71 14.12
C GLU A 44 11.24 4.80 13.41
N ILE A 45 10.09 4.44 12.85
CA ILE A 45 9.26 5.44 12.18
C ILE A 45 7.87 5.49 12.80
N ASP A 46 7.48 6.68 13.27
CA ASP A 46 6.17 6.86 13.88
C ASP A 46 5.43 8.03 13.26
N LEU A 47 4.29 7.74 12.64
CA LEU A 47 3.48 8.79 12.02
C LEU A 47 2.57 9.46 13.06
N THR A 48 2.96 9.34 14.32
CA THR A 48 2.17 9.93 15.39
C THR A 48 2.58 11.38 15.62
N THR A 49 3.66 11.78 14.95
CA THR A 49 4.15 13.15 15.09
C THR A 49 4.54 13.73 13.73
N GLN A 50 4.62 15.05 13.66
CA GLN A 50 4.96 15.74 12.42
C GLN A 50 6.37 15.35 11.97
N ALA A 51 7.26 15.18 12.93
CA ALA A 51 8.64 14.82 12.63
C ALA A 51 8.74 13.50 11.85
N GLY A 52 7.85 12.56 12.16
CA GLY A 52 7.89 11.23 11.55
C GLY A 52 7.77 11.24 10.02
N TRP A 53 6.81 11.96 9.44
CA TRP A 53 6.66 11.93 7.99
C TRP A 53 7.90 12.51 7.30
N ASP A 54 8.56 13.46 7.95
CA ASP A 54 9.76 14.06 7.38
C ASP A 54 10.85 13.02 7.21
N ALA A 55 11.13 12.28 8.28
CA ALA A 55 12.16 11.23 8.22
C ALA A 55 11.74 10.14 7.24
N ALA A 56 10.47 9.76 7.32
CA ALA A 56 9.94 8.73 6.45
C ALA A 56 10.02 9.15 5.00
N SER A 57 9.70 10.43 4.74
CA SER A 57 9.74 10.96 3.39
C SER A 57 11.16 10.87 2.83
N LYS A 58 12.12 10.78 3.75
CA LYS A 58 13.52 10.69 3.37
C LYS A 58 13.90 9.24 3.09
N ILE A 59 12.93 8.35 3.17
CA ILE A 59 13.19 6.94 2.95
C ILE A 59 13.53 6.64 1.50
N LYS A 60 14.54 5.81 1.32
CA LYS A 60 14.97 5.40 -0.01
C LYS A 60 14.67 3.92 -0.20
N LEU A 61 14.00 3.58 -1.29
CA LEU A 61 13.68 2.18 -1.54
C LEU A 61 14.95 1.37 -1.52
N GLU A 62 16.03 2.01 -1.87
CA GLU A 62 17.32 1.34 -1.89
C GLU A 62 17.66 0.84 -0.47
N GLU A 63 17.03 1.48 0.53
CA GLU A 63 17.28 1.11 1.92
C GLU A 63 16.30 0.06 2.46
N LEU A 64 15.05 0.09 2.00
CA LEU A 64 14.05 -0.86 2.49
C LEU A 64 13.79 -2.00 1.50
N TYR A 65 14.01 -1.72 0.22
CA TYR A 65 13.80 -2.72 -0.84
C TYR A 65 14.79 -2.48 -1.98
N THR A 66 15.82 -3.33 -2.07
CA THR A 66 16.84 -3.16 -3.10
C THR A 66 17.20 -4.49 -3.77
N ASN A 67 17.44 -5.53 -2.96
CA ASN A 67 17.80 -6.82 -3.51
C ASN A 67 16.56 -7.57 -3.97
N GLY A 68 15.49 -6.82 -4.22
CA GLY A 68 14.24 -7.42 -4.66
C GLY A 68 13.47 -7.97 -3.48
N HIS A 69 14.04 -7.82 -2.29
CA HIS A 69 13.42 -8.32 -1.08
C HIS A 69 13.58 -7.32 0.08
N PRO A 70 12.67 -7.30 1.02
CA PRO A 70 12.74 -6.36 2.18
C PRO A 70 13.96 -6.62 3.07
N THR A 71 14.42 -5.56 3.73
CA THR A 71 15.59 -5.66 4.61
C THR A 71 15.14 -5.66 6.07
N ASP A 72 16.11 -5.49 6.96
CA ASP A 72 15.79 -5.45 8.38
C ASP A 72 15.19 -4.10 8.73
N LYS A 73 15.04 -3.25 7.70
CA LYS A 73 14.48 -1.92 7.90
C LYS A 73 12.96 -2.00 8.01
N VAL A 74 12.40 -3.16 7.73
CA VAL A 74 10.95 -3.36 7.82
C VAL A 74 10.65 -4.58 8.68
N THR A 75 9.52 -4.56 9.39
CA THR A 75 9.15 -5.67 10.26
C THR A 75 7.78 -6.23 9.89
N LYS A 76 7.71 -7.54 9.71
CA LYS A 76 6.46 -8.20 9.36
C LYS A 76 5.38 -7.87 10.40
N VAL A 77 4.19 -7.54 9.91
CA VAL A 77 3.08 -7.20 10.78
C VAL A 77 2.03 -8.29 10.74
N ALA A 78 1.49 -8.56 9.55
CA ALA A 78 0.46 -9.58 9.40
C ALA A 78 0.22 -9.92 7.93
N THR A 79 -0.34 -11.10 7.70
CA THR A 79 -0.64 -11.56 6.34
C THR A 79 -2.10 -11.97 6.23
N LYS A 80 -2.80 -11.41 5.24
CA LYS A 80 -4.20 -11.74 5.02
C LYS A 80 -4.47 -11.90 3.53
N LYS A 81 -5.43 -12.75 3.19
CA LYS A 81 -5.76 -12.99 1.79
C LYS A 81 -6.97 -12.18 1.35
N THR A 82 -6.77 -11.31 0.36
CA THR A 82 -7.84 -10.50 -0.17
C THR A 82 -8.89 -11.38 -0.85
N GLU A 83 -10.15 -11.19 -0.47
CA GLU A 83 -11.24 -11.98 -1.05
C GLU A 83 -12.39 -11.06 -1.42
N GLY A 84 -13.08 -11.40 -2.52
CA GLY A 84 -14.20 -10.58 -2.97
C GLY A 84 -13.69 -9.38 -3.75
N GLY A 85 -12.39 -9.36 -4.02
CA GLY A 85 -11.78 -8.26 -4.76
C GLY A 85 -11.46 -7.09 -3.84
N VAL A 86 -11.66 -7.28 -2.54
CA VAL A 86 -11.39 -6.21 -1.59
C VAL A 86 -10.74 -6.75 -0.32
N ALA A 87 -9.81 -5.97 0.25
CA ALA A 87 -9.11 -6.35 1.47
C ALA A 87 -9.12 -5.18 2.44
N LYS A 88 -9.17 -5.47 3.74
CA LYS A 88 -9.20 -4.40 4.73
C LYS A 88 -8.40 -4.76 5.98
N PHE A 89 -7.61 -3.80 6.44
CA PHE A 89 -6.79 -3.98 7.64
C PHE A 89 -7.27 -3.02 8.72
N ASP A 90 -7.31 -3.49 9.97
CA ASP A 90 -7.78 -2.66 11.08
C ASP A 90 -6.83 -2.76 12.27
N ASN A 91 -7.13 -1.99 13.32
CA ASN A 91 -6.28 -1.97 14.51
C ASN A 91 -4.84 -1.65 14.11
N LEU A 92 -4.71 -0.63 13.28
CA LEU A 92 -3.40 -0.21 12.81
C LEU A 92 -2.92 0.98 13.62
N THR A 93 -1.74 0.84 14.23
CA THR A 93 -1.18 1.94 15.00
C THR A 93 -0.43 2.88 14.05
N PRO A 94 -0.47 4.17 14.25
CA PRO A 94 0.22 5.13 13.34
C PRO A 94 1.67 4.72 13.05
N ALA A 95 1.99 4.61 11.76
CA ALA A 95 3.34 4.24 11.32
C ALA A 95 3.42 4.22 9.80
N LEU A 96 4.02 3.16 9.27
CA LEU A 96 4.17 3.00 7.82
C LEU A 96 3.95 1.55 7.44
N TYR A 97 3.03 1.32 6.50
CA TYR A 97 2.73 -0.04 6.06
C TYR A 97 3.24 -0.27 4.63
N LEU A 98 3.84 -1.44 4.42
CA LEU A 98 4.37 -1.81 3.13
C LEU A 98 3.69 -3.08 2.66
N VAL A 99 3.11 -3.02 1.48
CA VAL A 99 2.40 -4.18 0.94
C VAL A 99 3.24 -4.91 -0.10
N VAL A 100 3.42 -6.20 0.13
CA VAL A 100 4.19 -7.04 -0.77
C VAL A 100 3.30 -8.13 -1.35
N GLN A 101 3.28 -8.21 -2.69
CA GLN A 101 2.45 -9.20 -3.36
C GLN A 101 3.16 -10.55 -3.42
N GLU A 102 2.66 -11.51 -2.65
CA GLU A 102 3.26 -12.85 -2.65
C GLU A 102 3.02 -13.56 -3.97
N LEU A 103 4.01 -14.32 -4.42
CA LEU A 103 3.90 -15.04 -5.68
C LEU A 103 3.05 -16.28 -5.51
N ASN A 104 2.54 -16.49 -4.30
CA ASN A 104 1.72 -17.66 -4.04
C ASN A 104 0.52 -17.67 -4.97
N GLY A 105 0.17 -18.86 -5.46
CA GLY A 105 -0.95 -18.98 -6.38
C GLY A 105 -0.72 -18.11 -7.61
N ALA A 106 -1.73 -17.31 -7.96
CA ALA A 106 -1.61 -16.42 -9.11
C ALA A 106 -0.95 -17.17 -10.29
N GLU A 107 -1.63 -18.19 -10.79
CA GLU A 107 -1.09 -18.98 -11.90
C GLU A 107 -1.30 -18.31 -13.27
N ALA A 108 -2.51 -17.82 -13.52
CA ALA A 108 -2.81 -17.17 -14.79
C ALA A 108 -2.45 -15.69 -14.75
N VAL A 109 -1.90 -15.27 -13.62
CA VAL A 109 -1.52 -13.87 -13.44
C VAL A 109 -0.07 -13.78 -12.93
N VAL A 110 0.68 -12.82 -13.44
CA VAL A 110 2.06 -12.67 -13.01
C VAL A 110 2.15 -11.66 -11.88
N ARG A 111 3.00 -11.96 -10.89
CA ARG A 111 3.16 -11.07 -9.75
C ARG A 111 3.55 -9.68 -10.19
N SER A 112 2.87 -8.68 -9.62
CA SER A 112 3.16 -7.29 -9.95
C SER A 112 4.13 -6.71 -8.94
N GLN A 113 4.62 -5.51 -9.22
CA GLN A 113 5.57 -4.85 -8.33
C GLN A 113 4.86 -4.41 -7.04
N PRO A 114 5.55 -4.38 -5.92
CA PRO A 114 4.97 -3.97 -4.60
C PRO A 114 4.74 -2.47 -4.52
N PHE A 115 4.01 -2.03 -3.49
CA PHE A 115 3.75 -0.61 -3.31
C PHE A 115 3.79 -0.27 -1.82
N LEU A 116 4.06 1.00 -1.51
CA LEU A 116 4.19 1.44 -0.13
C LEU A 116 3.20 2.56 0.18
N VAL A 117 2.59 2.51 1.36
CA VAL A 117 1.65 3.54 1.74
C VAL A 117 1.73 3.84 3.24
N ALA A 118 1.90 5.12 3.56
CA ALA A 118 2.00 5.54 4.96
C ALA A 118 0.60 5.70 5.55
N ALA A 119 0.46 5.46 6.85
CA ALA A 119 -0.86 5.60 7.47
C ALA A 119 -0.73 6.09 8.94
N PRO A 120 -1.59 6.98 9.40
CA PRO A 120 -2.71 7.59 8.62
C PRO A 120 -2.20 8.70 7.70
N GLN A 121 -3.05 9.16 6.78
CA GLN A 121 -2.68 10.23 5.86
C GLN A 121 -3.44 11.50 6.18
N THR A 122 -2.76 12.64 6.04
CA THR A 122 -3.39 13.92 6.34
C THR A 122 -4.43 14.24 5.27
N ASN A 123 -5.38 15.10 5.62
CA ASN A 123 -6.43 15.49 4.68
C ASN A 123 -5.82 16.37 3.57
N PRO A 124 -6.41 16.40 2.40
CA PRO A 124 -5.88 17.22 1.26
C PRO A 124 -5.84 18.71 1.60
N THR A 125 -6.56 19.09 2.66
CA THR A 125 -6.59 20.48 3.08
C THR A 125 -5.50 20.73 4.13
N GLY A 126 -5.00 19.66 4.72
CA GLY A 126 -3.93 19.77 5.72
C GLY A 126 -4.49 19.86 7.15
N ASP A 127 -5.81 19.90 7.27
CA ASP A 127 -6.44 19.99 8.59
C ASP A 127 -6.95 18.62 9.05
N GLY A 128 -6.45 18.15 10.18
CA GLY A 128 -6.88 16.86 10.72
C GLY A 128 -6.18 15.70 10.02
N TRP A 129 -6.57 14.48 10.39
CA TRP A 129 -5.99 13.28 9.80
C TRP A 129 -7.07 12.28 9.41
N LEU A 130 -6.79 11.47 8.39
CA LEU A 130 -7.75 10.47 7.94
C LEU A 130 -7.45 9.13 8.58
N GLN A 131 -8.47 8.55 9.20
CA GLN A 131 -8.33 7.26 9.88
C GLN A 131 -8.33 6.10 8.91
N ASP A 132 -8.79 6.33 7.67
CA ASP A 132 -8.83 5.24 6.69
C ASP A 132 -8.12 5.63 5.41
N VAL A 133 -7.17 4.78 4.98
CA VAL A 133 -6.42 5.03 3.76
C VAL A 133 -6.88 4.06 2.66
N HIS A 134 -7.22 4.61 1.49
CA HIS A 134 -7.67 3.79 0.38
C HIS A 134 -6.58 3.61 -0.67
N VAL A 135 -6.38 2.37 -1.11
CA VAL A 135 -5.36 2.08 -2.12
C VAL A 135 -5.94 1.16 -3.19
N TYR A 136 -5.60 1.43 -4.45
CA TYR A 136 -6.11 0.63 -5.57
C TYR A 136 -4.95 0.13 -6.44
N PRO A 137 -4.16 -0.78 -5.93
CA PRO A 137 -3.02 -1.35 -6.69
C PRO A 137 -3.49 -2.35 -7.73
N LYS A 138 -2.99 -2.24 -8.94
CA LYS A 138 -3.39 -3.14 -10.01
C LYS A 138 -2.38 -4.28 -10.16
N HIS A 139 -2.84 -5.40 -10.70
CA HIS A 139 -1.96 -6.55 -10.89
C HIS A 139 -1.58 -6.68 -12.36
N GLN A 140 -0.47 -7.37 -12.63
CA GLN A 140 -0.02 -7.58 -13.99
C GLN A 140 -0.33 -9.01 -14.40
N ALA A 141 -1.18 -9.17 -15.41
CA ALA A 141 -1.58 -10.50 -15.88
C ALA A 141 -0.50 -11.19 -16.68
N LEU A 142 -0.60 -12.51 -16.72
CA LEU A 142 0.35 -13.34 -17.44
C LEU A 142 0.09 -13.27 -18.95
N SER A 143 1.11 -12.93 -19.72
CA SER A 143 0.96 -12.82 -21.16
C SER A 143 -0.04 -11.74 -21.53
N LYS B 1 1.58 17.11 -1.61
CA LYS B 1 1.34 17.99 -0.43
C LYS B 1 2.17 17.47 0.75
N ASN B 2 3.41 17.10 0.48
CA ASN B 2 4.29 16.58 1.54
C ASN B 2 3.62 15.41 2.26
N ALA B 3 2.96 14.56 1.49
CA ALA B 3 2.28 13.40 2.08
C ALA B 3 2.25 12.24 1.10
N GLY B 4 2.11 11.03 1.62
CA GLY B 4 2.08 9.83 0.77
C GLY B 4 3.48 9.26 0.59
N PHE B 5 3.55 8.06 0.03
CA PHE B 5 4.83 7.40 -0.19
C PHE B 5 5.03 7.06 -1.66
N GLU B 6 4.42 5.96 -2.09
CA GLU B 6 4.53 5.52 -3.46
C GLU B 6 3.38 4.59 -3.82
N LEU B 7 2.28 5.20 -4.22
CA LEU B 7 1.08 4.45 -4.62
C LEU B 7 0.61 4.98 -5.98
N PRO B 8 1.49 4.98 -6.95
CA PRO B 8 1.18 5.48 -8.33
C PRO B 8 0.15 4.62 -9.05
N LEU B 9 0.05 3.37 -8.62
CA LEU B 9 -0.89 2.45 -9.24
C LEU B 9 -2.31 2.69 -8.73
N THR B 10 -3.25 2.76 -9.68
CA THR B 10 -4.65 2.98 -9.36
C THR B 10 -5.50 2.01 -10.16
N GLU A 1 -10.29 4.75 19.23
CA GLU A 1 -10.16 5.04 17.77
C GLU A 1 -8.94 4.31 17.22
N ARG A 2 -9.06 3.80 16.00
CA ARG A 2 -7.96 3.09 15.37
C ARG A 2 -7.84 3.46 13.89
N THR A 3 -6.72 3.08 13.29
CA THR A 3 -6.47 3.37 11.89
C THR A 3 -6.76 2.14 11.02
N SER A 4 -6.92 2.35 9.72
CA SER A 4 -7.21 1.24 8.81
C SER A 4 -6.68 1.52 7.41
N ILE A 5 -6.23 0.45 6.74
CA ILE A 5 -5.73 0.57 5.37
C ILE A 5 -6.51 -0.37 4.45
N ALA A 6 -7.18 0.22 3.47
CA ALA A 6 -7.96 -0.57 2.52
C ALA A 6 -7.24 -0.67 1.18
N VAL A 7 -7.10 -1.90 0.68
CA VAL A 7 -6.42 -2.13 -0.58
C VAL A 7 -7.36 -2.84 -1.55
N HIS A 8 -7.66 -2.18 -2.68
CA HIS A 8 -8.54 -2.75 -3.68
C HIS A 8 -7.72 -3.48 -4.73
N ALA A 9 -7.97 -4.77 -4.89
CA ALA A 9 -7.21 -5.57 -5.86
C ALA A 9 -7.84 -5.51 -7.25
N LEU A 10 -7.12 -4.91 -8.18
CA LEU A 10 -7.57 -4.79 -9.57
C LEU A 10 -6.56 -5.49 -10.50
N MET A 11 -7.05 -6.06 -11.60
CA MET A 11 -6.17 -6.76 -12.54
C MET A 11 -6.02 -5.97 -13.84
N GLY A 12 -4.83 -6.05 -14.43
CA GLY A 12 -4.55 -5.35 -15.68
C GLY A 12 -3.87 -4.01 -15.41
N LEU A 13 -3.03 -3.57 -16.35
CA LEU A 13 -2.33 -2.30 -16.18
C LEU A 13 -3.22 -1.13 -16.65
N PRO A 14 -2.99 0.08 -16.18
CA PRO A 14 -3.83 1.25 -16.60
C PRO A 14 -3.92 1.39 -18.10
N THR A 15 -5.11 1.73 -18.59
CA THR A 15 -5.33 1.89 -20.03
C THR A 15 -5.44 3.36 -20.39
N GLY A 16 -4.29 4.05 -20.44
CA GLY A 16 -4.28 5.46 -20.78
C GLY A 16 -4.79 6.32 -19.63
N GLN A 17 -4.85 5.73 -18.44
CA GLN A 17 -5.33 6.48 -17.27
C GLN A 17 -4.14 7.03 -16.48
N PRO A 18 -4.28 8.18 -15.86
CA PRO A 18 -3.19 8.79 -15.05
C PRO A 18 -3.02 8.10 -13.70
N ALA A 19 -1.83 8.19 -13.13
CA ALA A 19 -1.58 7.59 -11.83
C ALA A 19 -1.97 8.58 -10.74
N ASN A 20 -3.10 8.34 -10.10
CA ASN A 20 -3.58 9.24 -9.05
C ASN A 20 -3.30 8.67 -7.66
N GLY A 21 -2.47 9.37 -6.89
CA GLY A 21 -2.14 8.94 -5.55
C GLY A 21 -3.05 9.60 -4.52
N THR A 22 -4.35 9.40 -4.68
CA THR A 22 -5.32 10.00 -3.77
C THR A 22 -6.64 9.25 -3.84
N LYS A 23 -7.70 9.84 -3.30
CA LYS A 23 -9.01 9.21 -3.30
C LYS A 23 -9.53 9.05 -4.73
N LEU A 24 -9.68 7.80 -5.15
CA LEU A 24 -10.18 7.49 -6.49
C LEU A 24 -11.20 6.37 -6.39
N ASP A 25 -12.35 6.55 -7.04
CA ASP A 25 -13.37 5.51 -7.01
C ASP A 25 -12.83 4.23 -7.64
N SER A 26 -13.49 3.12 -7.37
CA SER A 26 -13.04 1.84 -7.90
C SER A 26 -13.10 1.85 -9.42
N ILE A 27 -12.03 1.38 -10.06
CA ILE A 27 -11.97 1.34 -11.51
C ILE A 27 -13.00 0.31 -11.99
N GLY A 28 -13.06 -0.80 -11.28
CA GLY A 28 -14.02 -1.85 -11.59
C GLY A 28 -13.49 -2.89 -12.59
N LEU A 29 -12.21 -2.84 -12.89
CA LEU A 29 -11.63 -3.83 -13.80
C LEU A 29 -11.64 -5.19 -13.10
N PRO A 30 -11.68 -6.28 -13.83
CA PRO A 30 -11.71 -7.63 -13.18
C PRO A 30 -10.71 -7.71 -12.04
N LYS A 31 -11.21 -8.06 -10.87
CA LYS A 31 -10.38 -8.17 -9.67
C LYS A 31 -9.93 -9.61 -9.48
N VAL A 32 -8.79 -9.80 -8.82
CA VAL A 32 -8.29 -11.15 -8.58
C VAL A 32 -8.62 -11.60 -7.16
N ASP A 33 -9.39 -12.68 -7.06
CA ASP A 33 -9.77 -13.23 -5.76
C ASP A 33 -8.67 -14.15 -5.24
N GLY A 34 -8.59 -14.28 -3.92
CA GLY A 34 -7.58 -15.14 -3.32
C GLY A 34 -6.18 -14.54 -3.48
N MET A 35 -6.11 -13.21 -3.47
CA MET A 35 -4.83 -12.53 -3.61
C MET A 35 -4.21 -12.35 -2.23
N SER A 36 -2.93 -12.64 -2.09
CA SER A 36 -2.27 -12.53 -0.80
C SER A 36 -1.40 -11.27 -0.70
N PHE A 37 -1.62 -10.52 0.37
CA PHE A 37 -0.85 -9.31 0.65
C PHE A 37 -0.33 -9.36 2.08
N THR A 38 0.90 -8.90 2.27
CA THR A 38 1.51 -8.90 3.61
C THR A 38 1.98 -7.50 3.98
N LEU A 39 1.58 -7.04 5.16
CA LEU A 39 1.97 -5.71 5.63
C LEU A 39 3.18 -5.76 6.54
N TYR A 40 4.11 -4.84 6.29
CA TYR A 40 5.31 -4.73 7.09
C TYR A 40 5.44 -3.32 7.65
N ARG A 41 5.83 -3.23 8.92
CA ARG A 41 5.99 -1.92 9.55
C ARG A 41 7.45 -1.47 9.52
N VAL A 42 7.67 -0.27 8.98
CA VAL A 42 9.04 0.25 8.91
C VAL A 42 9.45 0.88 10.24
N ASN A 43 10.49 0.31 10.85
CA ASN A 43 10.99 0.78 12.14
C ASN A 43 11.56 2.20 12.06
N GLU A 44 11.71 2.81 13.24
CA GLU A 44 12.26 4.16 13.36
C GLU A 44 11.33 5.22 12.76
N ILE A 45 10.23 4.78 12.17
CA ILE A 45 9.27 5.72 11.58
C ILE A 45 8.01 5.77 12.43
N ASP A 46 7.69 6.98 12.91
CA ASP A 46 6.50 7.17 13.75
C ASP A 46 5.63 8.30 13.20
N LEU A 47 4.41 7.94 12.78
CA LEU A 47 3.47 8.92 12.25
C LEU A 47 2.69 9.57 13.39
N THR A 48 3.19 9.41 14.61
CA THR A 48 2.52 9.98 15.78
C THR A 48 3.02 11.40 16.01
N THR A 49 4.04 11.79 15.25
CA THR A 49 4.61 13.12 15.37
C THR A 49 4.72 13.74 13.98
N GLN A 50 4.77 15.07 13.94
CA GLN A 50 4.89 15.78 12.66
C GLN A 50 6.20 15.43 11.97
N ALA A 51 7.27 15.36 12.77
CA ALA A 51 8.62 15.04 12.25
C ALA A 51 8.68 13.69 11.55
N GLY A 52 7.68 12.85 11.81
CA GLY A 52 7.66 11.51 11.24
C GLY A 52 7.71 11.55 9.72
N TRP A 53 7.01 12.51 9.11
CA TRP A 53 7.00 12.60 7.65
C TRP A 53 8.40 12.90 7.12
N ASP A 54 9.21 13.61 7.90
CA ASP A 54 10.56 13.94 7.47
C ASP A 54 11.40 12.68 7.32
N ALA A 55 11.45 11.87 8.37
CA ALA A 55 12.24 10.64 8.32
C ALA A 55 11.67 9.68 7.28
N ALA A 56 10.36 9.48 7.33
CA ALA A 56 9.69 8.58 6.40
C ALA A 56 9.81 9.05 4.94
N SER A 57 9.67 10.35 4.73
CA SER A 57 9.75 10.93 3.38
C SER A 57 11.08 10.65 2.71
N LYS A 58 12.16 10.69 3.49
CA LYS A 58 13.48 10.46 2.93
C LYS A 58 13.75 8.95 2.77
N ILE A 59 12.68 8.17 2.84
CA ILE A 59 12.80 6.72 2.68
C ILE A 59 13.14 6.36 1.24
N LYS A 60 14.09 5.46 1.08
CA LYS A 60 14.49 5.00 -0.24
C LYS A 60 14.34 3.49 -0.30
N LEU A 61 13.89 2.99 -1.44
CA LEU A 61 13.74 1.56 -1.59
C LEU A 61 15.05 0.88 -1.30
N GLU A 62 16.14 1.61 -1.50
CA GLU A 62 17.46 1.08 -1.23
C GLU A 62 17.56 0.69 0.24
N GLU A 63 16.68 1.29 1.05
CA GLU A 63 16.67 1.00 2.48
C GLU A 63 15.79 -0.21 2.80
N LEU A 64 14.77 -0.46 1.97
CA LEU A 64 13.87 -1.59 2.21
C LEU A 64 14.11 -2.70 1.20
N TYR A 65 13.93 -2.36 -0.07
CA TYR A 65 14.11 -3.31 -1.15
C TYR A 65 15.37 -2.99 -1.95
N THR A 66 16.30 -3.94 -2.01
CA THR A 66 17.53 -3.72 -2.76
C THR A 66 17.94 -5.00 -3.49
N ASN A 67 17.97 -6.11 -2.75
CA ASN A 67 18.34 -7.39 -3.34
C ASN A 67 17.09 -8.12 -3.78
N GLY A 68 16.01 -7.37 -3.97
CA GLY A 68 14.74 -7.96 -4.39
C GLY A 68 13.98 -8.51 -3.19
N HIS A 69 14.52 -8.29 -2.00
CA HIS A 69 13.87 -8.77 -0.78
C HIS A 69 14.01 -7.74 0.35
N PRO A 70 13.07 -7.69 1.27
CA PRO A 70 13.09 -6.72 2.41
C PRO A 70 14.23 -6.99 3.39
N THR A 71 14.65 -5.95 4.11
CA THR A 71 15.74 -6.08 5.07
C THR A 71 15.20 -6.02 6.50
N ASP A 72 16.12 -5.87 7.45
CA ASP A 72 15.76 -5.78 8.85
C ASP A 72 15.14 -4.41 9.14
N LYS A 73 15.12 -3.56 8.12
CA LYS A 73 14.57 -2.22 8.24
C LYS A 73 13.05 -2.25 8.26
N VAL A 74 12.49 -3.45 8.21
CA VAL A 74 11.04 -3.62 8.21
C VAL A 74 10.62 -4.66 9.24
N THR A 75 9.38 -4.56 9.71
CA THR A 75 8.86 -5.49 10.72
C THR A 75 7.58 -6.16 10.23
N LYS A 76 7.53 -7.48 10.33
CA LYS A 76 6.34 -8.21 9.89
C LYS A 76 5.15 -7.83 10.77
N VAL A 77 4.07 -7.38 10.12
CA VAL A 77 2.88 -6.97 10.85
C VAL A 77 1.80 -8.04 10.79
N ALA A 78 1.33 -8.34 9.58
CA ALA A 78 0.29 -9.35 9.43
C ALA A 78 0.10 -9.75 7.96
N THR A 79 -0.41 -10.97 7.76
CA THR A 79 -0.65 -11.48 6.43
C THR A 79 -2.12 -11.88 6.28
N LYS A 80 -2.80 -11.31 5.30
CA LYS A 80 -4.20 -11.62 5.06
C LYS A 80 -4.46 -11.78 3.58
N LYS A 81 -5.44 -12.62 3.24
CA LYS A 81 -5.77 -12.86 1.84
C LYS A 81 -7.01 -12.08 1.43
N THR A 82 -6.87 -11.27 0.37
CA THR A 82 -7.99 -10.48 -0.13
C THR A 82 -9.03 -11.38 -0.82
N GLU A 83 -10.29 -11.20 -0.43
CA GLU A 83 -11.39 -11.97 -1.03
C GLU A 83 -12.44 -11.01 -1.57
N GLY A 84 -12.99 -11.33 -2.72
CA GLY A 84 -14.01 -10.50 -3.34
C GLY A 84 -13.37 -9.31 -4.05
N GLY A 85 -12.04 -9.33 -4.14
CA GLY A 85 -11.32 -8.25 -4.80
C GLY A 85 -11.10 -7.07 -3.87
N VAL A 86 -11.42 -7.25 -2.59
CA VAL A 86 -11.26 -6.16 -1.62
C VAL A 86 -10.68 -6.68 -0.30
N ALA A 87 -9.74 -5.92 0.26
CA ALA A 87 -9.11 -6.30 1.53
C ALA A 87 -9.06 -5.11 2.46
N LYS A 88 -9.18 -5.36 3.76
CA LYS A 88 -9.15 -4.28 4.74
C LYS A 88 -8.42 -4.72 6.00
N PHE A 89 -7.53 -3.86 6.49
CA PHE A 89 -6.76 -4.13 7.69
C PHE A 89 -7.20 -3.23 8.84
N ASP A 90 -7.67 -3.84 9.91
CA ASP A 90 -8.11 -3.08 11.07
C ASP A 90 -7.04 -3.08 12.16
N ASN A 91 -7.34 -2.42 13.28
CA ASN A 91 -6.41 -2.35 14.40
C ASN A 91 -5.00 -1.98 13.94
N LEU A 92 -4.90 -0.91 13.17
CA LEU A 92 -3.60 -0.45 12.69
C LEU A 92 -3.08 0.68 13.57
N THR A 93 -1.82 0.61 13.91
CA THR A 93 -1.21 1.65 14.71
C THR A 93 -0.57 2.69 13.77
N PRO A 94 -0.62 3.95 14.10
CA PRO A 94 -0.06 5.01 13.21
C PRO A 94 1.44 4.83 12.95
N ALA A 95 1.79 4.65 11.68
CA ALA A 95 3.19 4.50 11.29
C ALA A 95 3.33 4.44 9.77
N LEU A 96 4.10 3.46 9.30
CA LEU A 96 4.34 3.27 7.86
C LEU A 96 4.09 1.82 7.48
N TYR A 97 3.24 1.60 6.46
CA TYR A 97 2.92 0.25 6.01
C TYR A 97 3.46 -0.01 4.61
N LEU A 98 3.88 -1.24 4.38
CA LEU A 98 4.42 -1.66 3.09
C LEU A 98 3.73 -2.94 2.65
N VAL A 99 3.18 -2.92 1.44
CA VAL A 99 2.48 -4.08 0.92
C VAL A 99 3.34 -4.85 -0.05
N VAL A 100 3.47 -6.15 0.21
CA VAL A 100 4.27 -7.03 -0.64
C VAL A 100 3.37 -8.10 -1.27
N GLN A 101 3.42 -8.19 -2.59
CA GLN A 101 2.61 -9.19 -3.30
C GLN A 101 3.33 -10.54 -3.35
N GLU A 102 2.73 -11.55 -2.74
CA GLU A 102 3.33 -12.88 -2.74
C GLU A 102 3.28 -13.51 -4.13
N LEU A 103 4.36 -14.18 -4.51
CA LEU A 103 4.43 -14.83 -5.81
C LEU A 103 3.66 -16.13 -5.81
N ASN A 104 3.35 -16.62 -4.62
CA ASN A 104 2.61 -17.86 -4.49
C ASN A 104 1.30 -17.77 -5.26
N GLY A 105 0.92 -18.88 -5.90
CA GLY A 105 -0.31 -18.88 -6.69
C GLY A 105 -0.19 -17.86 -7.80
N ALA A 106 -1.22 -17.04 -7.97
CA ALA A 106 -1.21 -16.01 -8.99
C ALA A 106 -0.62 -16.56 -10.29
N GLU A 107 -1.06 -17.77 -10.67
CA GLU A 107 -0.57 -18.40 -11.87
C GLU A 107 -1.17 -17.78 -13.13
N ALA A 108 -2.43 -17.38 -13.03
CA ALA A 108 -3.12 -16.76 -14.17
C ALA A 108 -2.83 -15.26 -14.24
N VAL A 109 -2.05 -14.76 -13.28
CA VAL A 109 -1.74 -13.34 -13.24
C VAL A 109 -0.24 -13.12 -13.00
N VAL A 110 0.32 -12.12 -13.68
CA VAL A 110 1.73 -11.80 -13.51
C VAL A 110 1.92 -10.94 -12.26
N ARG A 111 2.88 -11.34 -11.42
CA ARG A 111 3.15 -10.60 -10.20
C ARG A 111 3.52 -9.15 -10.50
N SER A 112 2.90 -8.23 -9.77
CA SER A 112 3.16 -6.80 -9.96
C SER A 112 4.17 -6.30 -8.93
N GLN A 113 4.74 -5.13 -9.19
CA GLN A 113 5.74 -4.56 -8.31
C GLN A 113 5.09 -4.08 -6.99
N PRO A 114 5.65 -4.40 -5.83
CA PRO A 114 5.07 -3.95 -4.52
C PRO A 114 4.83 -2.45 -4.48
N PHE A 115 4.12 -1.98 -3.47
CA PHE A 115 3.84 -0.56 -3.33
C PHE A 115 3.90 -0.16 -1.86
N LEU A 116 4.16 1.12 -1.59
CA LEU A 116 4.29 1.60 -0.22
C LEU A 116 3.28 2.71 0.07
N VAL A 117 2.67 2.66 1.26
CA VAL A 117 1.70 3.69 1.62
C VAL A 117 1.79 4.01 3.11
N ALA A 118 1.90 5.31 3.42
CA ALA A 118 1.97 5.75 4.80
C ALA A 118 0.57 5.86 5.39
N ALA A 119 0.41 5.53 6.67
CA ALA A 119 -0.91 5.63 7.29
C ALA A 119 -0.79 6.08 8.76
N PRO A 120 -1.65 6.95 9.25
CA PRO A 120 -2.77 7.58 8.47
C PRO A 120 -2.25 8.68 7.55
N GLN A 121 -3.10 9.16 6.65
CA GLN A 121 -2.72 10.22 5.72
C GLN A 121 -3.44 11.51 6.06
N THR A 122 -2.74 12.63 5.97
CA THR A 122 -3.34 13.92 6.28
C THR A 122 -4.34 14.29 5.18
N ASN A 123 -5.28 15.17 5.51
CA ASN A 123 -6.29 15.59 4.54
C ASN A 123 -5.64 16.47 3.46
N PRO A 124 -6.26 16.64 2.30
CA PRO A 124 -5.68 17.49 1.21
C PRO A 124 -5.36 18.90 1.67
N THR A 125 -6.07 19.37 2.69
CA THR A 125 -5.86 20.71 3.21
C THR A 125 -4.78 20.69 4.30
N GLY A 126 -4.55 19.53 4.88
CA GLY A 126 -3.54 19.39 5.92
C GLY A 126 -4.16 19.54 7.30
N ASP A 127 -5.46 19.83 7.34
CA ASP A 127 -6.16 19.98 8.61
C ASP A 127 -6.77 18.65 9.04
N GLY A 128 -6.30 18.12 10.15
CA GLY A 128 -6.83 16.86 10.65
C GLY A 128 -6.16 15.67 9.94
N TRP A 129 -6.57 14.46 10.34
CA TRP A 129 -6.01 13.26 9.75
C TRP A 129 -7.12 12.26 9.41
N LEU A 130 -6.88 11.44 8.39
CA LEU A 130 -7.87 10.45 7.99
C LEU A 130 -7.57 9.11 8.65
N GLN A 131 -8.60 8.50 9.21
CA GLN A 131 -8.47 7.22 9.89
C GLN A 131 -8.38 6.06 8.91
N ASP A 132 -8.81 6.27 7.67
CA ASP A 132 -8.78 5.19 6.68
C ASP A 132 -8.06 5.62 5.40
N VAL A 133 -7.14 4.77 4.95
CA VAL A 133 -6.38 5.04 3.73
C VAL A 133 -6.84 4.10 2.60
N HIS A 134 -7.17 4.68 1.45
CA HIS A 134 -7.62 3.89 0.31
C HIS A 134 -6.51 3.72 -0.72
N VAL A 135 -6.31 2.48 -1.18
CA VAL A 135 -5.27 2.19 -2.16
C VAL A 135 -5.84 1.27 -3.25
N TYR A 136 -5.47 1.53 -4.50
CA TYR A 136 -5.97 0.71 -5.62
C TYR A 136 -4.82 0.19 -6.48
N PRO A 137 -4.03 -0.71 -5.97
CA PRO A 137 -2.89 -1.29 -6.74
C PRO A 137 -3.40 -2.27 -7.78
N LYS A 138 -2.93 -2.15 -9.01
CA LYS A 138 -3.36 -3.03 -10.08
C LYS A 138 -2.37 -4.18 -10.27
N HIS A 139 -2.86 -5.28 -10.84
CA HIS A 139 -2.01 -6.44 -11.09
C HIS A 139 -1.71 -6.56 -12.57
N GLN A 140 -0.68 -7.34 -12.90
CA GLN A 140 -0.30 -7.56 -14.29
C GLN A 140 -0.77 -8.95 -14.70
N ALA A 141 -1.53 -9.03 -15.78
CA ALA A 141 -2.07 -10.31 -16.24
C ALA A 141 -1.07 -11.13 -17.05
N LEU A 142 -1.34 -12.43 -17.09
CA LEU A 142 -0.52 -13.37 -17.82
C LEU A 142 -0.89 -13.38 -19.31
N SER A 143 0.09 -13.11 -20.16
CA SER A 143 -0.15 -13.08 -21.59
C SER A 143 -1.18 -12.02 -21.95
N LYS B 1 3.59 19.73 1.91
CA LYS B 1 2.70 19.10 2.93
C LYS B 1 1.76 18.13 2.24
N ASN B 2 2.25 17.47 1.19
CA ASN B 2 1.43 16.51 0.45
C ASN B 2 1.58 15.11 1.06
N ALA B 3 0.57 14.68 1.78
CA ALA B 3 0.60 13.36 2.40
C ALA B 3 0.60 12.26 1.35
N GLY B 4 1.37 11.22 1.59
CA GLY B 4 1.45 10.10 0.65
C GLY B 4 2.84 9.47 0.68
N PHE B 5 3.04 8.44 -0.13
CA PHE B 5 4.32 7.75 -0.19
C PHE B 5 4.68 7.38 -1.61
N GLU B 6 4.06 6.32 -2.11
CA GLU B 6 4.30 5.85 -3.46
C GLU B 6 3.25 4.83 -3.86
N LEU B 7 2.16 5.34 -4.41
CA LEU B 7 1.06 4.51 -4.86
C LEU B 7 0.66 4.91 -6.27
N PRO B 8 1.59 4.86 -7.20
CA PRO B 8 1.34 5.23 -8.62
C PRO B 8 0.37 4.28 -9.31
N LEU B 9 0.16 3.13 -8.71
CA LEU B 9 -0.73 2.14 -9.28
C LEU B 9 -2.16 2.34 -8.79
N THR B 10 -3.00 2.84 -9.70
CA THR B 10 -4.40 3.07 -9.38
C THR B 10 -5.28 2.07 -10.13
N GLU A 1 -10.13 4.50 19.28
CA GLU A 1 -9.82 5.19 17.99
C GLU A 1 -8.58 4.53 17.36
N ARG A 2 -8.82 3.71 16.34
CA ARG A 2 -7.73 3.01 15.65
C ARG A 2 -7.60 3.51 14.21
N THR A 3 -6.79 2.80 13.44
CA THR A 3 -6.56 3.14 12.05
C THR A 3 -6.82 1.93 11.16
N SER A 4 -7.05 2.16 9.87
CA SER A 4 -7.32 1.07 8.95
C SER A 4 -6.87 1.40 7.52
N ILE A 5 -6.57 0.36 6.76
CA ILE A 5 -6.14 0.54 5.37
C ILE A 5 -6.93 -0.40 4.45
N ALA A 6 -7.56 0.17 3.43
CA ALA A 6 -8.32 -0.62 2.48
C ALA A 6 -7.56 -0.77 1.18
N VAL A 7 -7.35 -2.01 0.74
CA VAL A 7 -6.62 -2.28 -0.49
C VAL A 7 -7.53 -2.97 -1.51
N HIS A 8 -7.72 -2.32 -2.65
CA HIS A 8 -8.57 -2.87 -3.70
C HIS A 8 -7.72 -3.65 -4.71
N ALA A 9 -8.09 -4.89 -4.99
CA ALA A 9 -7.34 -5.71 -5.94
C ALA A 9 -7.93 -5.56 -7.34
N LEU A 10 -7.18 -4.89 -8.21
CA LEU A 10 -7.63 -4.67 -9.59
C LEU A 10 -6.64 -5.26 -10.60
N MET A 11 -7.15 -5.64 -11.77
CA MET A 11 -6.32 -6.23 -12.82
C MET A 11 -6.26 -5.35 -14.06
N GLY A 12 -5.09 -5.29 -14.68
CA GLY A 12 -4.88 -4.49 -15.88
C GLY A 12 -3.93 -3.33 -15.59
N LEU A 13 -3.00 -3.09 -16.50
CA LEU A 13 -2.04 -2.01 -16.34
C LEU A 13 -2.66 -0.67 -16.75
N PRO A 14 -2.19 0.45 -16.23
CA PRO A 14 -2.75 1.79 -16.60
C PRO A 14 -2.77 1.99 -18.12
N THR A 15 -3.86 2.59 -18.60
CA THR A 15 -4.00 2.86 -20.04
C THR A 15 -4.19 4.34 -20.29
N GLY A 16 -3.11 5.11 -20.16
CA GLY A 16 -3.17 6.54 -20.40
C GLY A 16 -3.81 7.28 -19.22
N GLN A 17 -3.94 6.59 -18.09
CA GLN A 17 -4.54 7.20 -16.91
C GLN A 17 -3.45 7.74 -15.98
N PRO A 18 -3.72 8.82 -15.26
CA PRO A 18 -2.72 9.42 -14.32
C PRO A 18 -2.59 8.63 -13.02
N ALA A 19 -1.47 8.80 -12.34
CA ALA A 19 -1.25 8.11 -11.07
C ALA A 19 -1.77 8.99 -9.94
N ASN A 20 -2.82 8.53 -9.27
CA ASN A 20 -3.40 9.31 -8.18
C ASN A 20 -2.98 8.77 -6.82
N GLY A 21 -2.26 9.58 -6.05
CA GLY A 21 -1.81 9.17 -4.73
C GLY A 21 -2.80 9.61 -3.66
N THR A 22 -4.08 9.33 -3.90
CA THR A 22 -5.12 9.69 -2.96
C THR A 22 -6.35 8.83 -3.19
N LYS A 23 -7.44 9.16 -2.50
CA LYS A 23 -8.68 8.39 -2.64
C LYS A 23 -9.18 8.49 -4.07
N LEU A 24 -9.60 7.36 -4.63
CA LEU A 24 -10.09 7.33 -5.99
C LEU A 24 -11.28 6.38 -6.11
N ASP A 25 -12.27 6.77 -6.91
CA ASP A 25 -13.44 5.92 -7.08
C ASP A 25 -13.02 4.59 -7.68
N SER A 26 -13.70 3.52 -7.30
CA SER A 26 -13.35 2.20 -7.80
C SER A 26 -13.36 2.18 -9.32
N ILE A 27 -12.32 1.61 -9.90
CA ILE A 27 -12.20 1.52 -11.35
C ILE A 27 -13.32 0.61 -11.88
N GLY A 28 -13.54 -0.48 -11.16
CA GLY A 28 -14.58 -1.42 -11.51
C GLY A 28 -14.09 -2.48 -12.50
N LEU A 29 -12.81 -2.44 -12.83
CA LEU A 29 -12.26 -3.44 -13.74
C LEU A 29 -12.25 -4.79 -13.04
N PRO A 30 -12.11 -5.88 -13.75
CA PRO A 30 -12.11 -7.22 -13.09
C PRO A 30 -11.17 -7.24 -11.88
N LYS A 31 -11.70 -7.65 -10.73
CA LYS A 31 -10.93 -7.72 -9.51
C LYS A 31 -10.35 -9.12 -9.35
N VAL A 32 -9.15 -9.24 -8.77
CA VAL A 32 -8.56 -10.56 -8.57
C VAL A 32 -8.69 -11.00 -7.11
N ASP A 33 -9.50 -12.03 -6.88
CA ASP A 33 -9.70 -12.55 -5.54
C ASP A 33 -8.65 -13.61 -5.23
N GLY A 34 -8.67 -14.12 -4.00
CA GLY A 34 -7.72 -15.16 -3.61
C GLY A 34 -6.29 -14.64 -3.71
N MET A 35 -6.12 -13.34 -3.46
CA MET A 35 -4.79 -12.74 -3.54
C MET A 35 -4.12 -12.75 -2.18
N SER A 36 -2.80 -12.75 -2.21
CA SER A 36 -2.01 -12.79 -0.99
C SER A 36 -1.18 -11.51 -0.82
N PHE A 37 -1.37 -10.86 0.33
CA PHE A 37 -0.62 -9.65 0.64
C PHE A 37 -0.05 -9.73 2.06
N THR A 38 1.17 -9.23 2.23
CA THR A 38 1.81 -9.26 3.55
C THR A 38 2.16 -7.85 4.00
N LEU A 39 1.77 -7.50 5.23
CA LEU A 39 2.06 -6.18 5.75
C LEU A 39 3.34 -6.17 6.57
N TYR A 40 4.16 -5.18 6.29
CA TYR A 40 5.43 -4.99 6.99
C TYR A 40 5.54 -3.55 7.46
N ARG A 41 5.82 -3.35 8.75
CA ARG A 41 5.93 -1.99 9.28
C ARG A 41 7.36 -1.49 9.28
N VAL A 42 7.58 -0.28 8.74
CA VAL A 42 8.94 0.26 8.71
C VAL A 42 9.30 0.93 10.05
N ASN A 43 10.32 0.38 10.69
CA ASN A 43 10.80 0.89 11.98
C ASN A 43 11.44 2.27 11.86
N GLU A 44 11.62 2.92 13.00
CA GLU A 44 12.24 4.24 13.06
C GLU A 44 11.37 5.34 12.46
N ILE A 45 10.21 4.97 11.93
CA ILE A 45 9.30 5.96 11.35
C ILE A 45 8.00 6.03 12.15
N ASP A 46 7.69 7.22 12.65
CA ASP A 46 6.48 7.44 13.44
C ASP A 46 5.69 8.62 12.90
N LEU A 47 4.47 8.36 12.44
CA LEU A 47 3.61 9.43 11.92
C LEU A 47 2.80 10.07 13.03
N THR A 48 3.26 9.88 14.27
CA THR A 48 2.56 10.45 15.42
C THR A 48 3.02 11.88 15.65
N THR A 49 4.06 12.28 14.91
CA THR A 49 4.59 13.62 15.00
C THR A 49 4.74 14.21 13.62
N GLN A 50 4.77 15.53 13.53
CA GLN A 50 4.91 16.20 12.23
C GLN A 50 6.27 15.89 11.62
N ALA A 51 7.27 15.68 12.47
CA ALA A 51 8.64 15.38 12.03
C ALA A 51 8.71 14.08 11.22
N GLY A 52 7.68 13.26 11.34
CA GLY A 52 7.65 11.97 10.67
C GLY A 52 7.80 12.11 9.15
N TRP A 53 7.19 13.12 8.56
CA TRP A 53 7.28 13.29 7.11
C TRP A 53 8.72 13.51 6.67
N ASP A 54 9.52 14.16 7.53
CA ASP A 54 10.92 14.42 7.22
C ASP A 54 11.69 13.11 7.13
N ALA A 55 11.58 12.29 8.17
CA ALA A 55 12.26 11.00 8.19
C ALA A 55 11.74 10.11 7.08
N ALA A 56 10.42 10.09 6.94
CA ALA A 56 9.78 9.27 5.91
C ALA A 56 10.22 9.70 4.52
N SER A 57 10.29 11.01 4.32
CA SER A 57 10.68 11.56 3.02
C SER A 57 12.09 11.14 2.67
N LYS A 58 12.86 10.77 3.69
CA LYS A 58 14.24 10.34 3.49
C LYS A 58 14.28 8.85 3.13
N ILE A 59 13.12 8.22 3.08
CA ILE A 59 13.08 6.79 2.78
C ILE A 59 13.48 6.51 1.35
N LYS A 60 14.26 5.46 1.20
CA LYS A 60 14.72 5.04 -0.12
C LYS A 60 14.29 3.60 -0.35
N LEU A 61 13.61 3.36 -1.47
CA LEU A 61 13.19 2.00 -1.78
C LEU A 61 14.40 1.10 -1.71
N GLU A 62 15.55 1.71 -1.85
CA GLU A 62 16.80 0.99 -1.79
C GLU A 62 16.94 0.38 -0.39
N GLU A 63 16.49 1.15 0.61
CA GLU A 63 16.56 0.72 2.00
C GLU A 63 15.52 -0.35 2.35
N LEU A 64 14.33 -0.25 1.76
CA LEU A 64 13.27 -1.21 2.03
C LEU A 64 13.21 -2.29 0.97
N TYR A 65 13.92 -2.04 -0.11
CA TYR A 65 13.94 -2.97 -1.24
C TYR A 65 15.22 -2.77 -2.06
N THR A 66 16.16 -3.71 -1.92
CA THR A 66 17.42 -3.62 -2.65
C THR A 66 17.70 -4.89 -3.45
N ASN A 67 17.73 -6.02 -2.75
CA ASN A 67 17.98 -7.30 -3.41
C ASN A 67 16.67 -7.92 -3.89
N GLY A 68 15.66 -7.07 -4.07
CA GLY A 68 14.35 -7.54 -4.52
C GLY A 68 13.55 -8.07 -3.34
N HIS A 69 14.10 -7.94 -2.14
CA HIS A 69 13.41 -8.41 -0.94
C HIS A 69 13.62 -7.44 0.22
N PRO A 70 12.67 -7.35 1.14
CA PRO A 70 12.79 -6.43 2.31
C PRO A 70 13.93 -6.79 3.25
N THR A 71 14.42 -5.78 3.98
CA THR A 71 15.54 -5.99 4.90
C THR A 71 15.06 -5.97 6.35
N ASP A 72 16.01 -5.89 7.27
CA ASP A 72 15.69 -5.84 8.69
C ASP A 72 15.13 -4.47 9.05
N LYS A 73 15.07 -3.60 8.05
CA LYS A 73 14.57 -2.24 8.23
C LYS A 73 13.05 -2.24 8.34
N VAL A 74 12.47 -3.43 8.29
CA VAL A 74 11.01 -3.57 8.38
C VAL A 74 10.63 -4.58 9.44
N THR A 75 9.40 -4.47 9.94
CA THR A 75 8.91 -5.36 10.99
C THR A 75 7.70 -6.15 10.52
N LYS A 76 7.75 -7.46 10.72
CA LYS A 76 6.64 -8.33 10.32
C LYS A 76 5.38 -7.91 11.08
N VAL A 77 4.29 -7.65 10.34
CA VAL A 77 3.04 -7.25 10.96
C VAL A 77 1.99 -8.35 10.86
N ALA A 78 1.56 -8.65 9.64
CA ALA A 78 0.55 -9.69 9.46
C ALA A 78 0.37 -10.05 7.99
N THR A 79 -0.15 -11.25 7.75
CA THR A 79 -0.39 -11.72 6.39
C THR A 79 -1.85 -12.14 6.23
N LYS A 80 -2.54 -11.52 5.27
CA LYS A 80 -3.94 -11.85 5.04
C LYS A 80 -4.20 -11.95 3.55
N LYS A 81 -5.14 -12.80 3.17
CA LYS A 81 -5.47 -12.99 1.76
C LYS A 81 -6.71 -12.19 1.37
N THR A 82 -6.55 -11.34 0.36
CA THR A 82 -7.67 -10.53 -0.12
C THR A 82 -8.75 -11.43 -0.73
N GLU A 83 -10.00 -11.15 -0.35
CA GLU A 83 -11.12 -11.93 -0.86
C GLU A 83 -12.28 -11.01 -1.20
N GLY A 84 -13.05 -11.37 -2.23
CA GLY A 84 -14.17 -10.56 -2.66
C GLY A 84 -13.69 -9.40 -3.53
N GLY A 85 -12.40 -9.44 -3.88
CA GLY A 85 -11.80 -8.41 -4.71
C GLY A 85 -11.39 -7.20 -3.87
N VAL A 86 -11.59 -7.30 -2.56
CA VAL A 86 -11.23 -6.19 -1.67
C VAL A 86 -10.64 -6.72 -0.37
N ALA A 87 -9.63 -6.01 0.15
CA ALA A 87 -8.99 -6.37 1.40
C ALA A 87 -9.00 -5.19 2.35
N LYS A 88 -9.15 -5.47 3.64
CA LYS A 88 -9.18 -4.39 4.63
C LYS A 88 -8.47 -4.81 5.91
N PHE A 89 -7.66 -3.90 6.44
CA PHE A 89 -6.92 -4.16 7.67
C PHE A 89 -7.44 -3.26 8.78
N ASP A 90 -7.54 -3.81 10.00
CA ASP A 90 -8.03 -3.06 11.14
C ASP A 90 -7.05 -3.17 12.31
N ASN A 91 -7.35 -2.45 13.39
CA ASN A 91 -6.48 -2.47 14.56
C ASN A 91 -5.07 -2.05 14.17
N LEU A 92 -4.99 -1.05 13.31
CA LEU A 92 -3.70 -0.54 12.88
C LEU A 92 -3.31 0.63 13.76
N THR A 93 -2.00 0.85 13.88
CA THR A 93 -1.49 1.93 14.71
C THR A 93 -0.70 2.93 13.86
N PRO A 94 -0.73 4.21 14.17
CA PRO A 94 -0.01 5.23 13.36
C PRO A 94 1.44 4.88 13.07
N ALA A 95 1.70 4.66 11.78
CA ALA A 95 3.03 4.32 11.30
C ALA A 95 3.00 4.18 9.78
N LEU A 96 3.58 3.09 9.26
CA LEU A 96 3.56 2.87 7.82
C LEU A 96 3.51 1.38 7.53
N TYR A 97 2.59 1.00 6.66
CA TYR A 97 2.42 -0.39 6.29
C TYR A 97 2.90 -0.63 4.86
N LEU A 98 3.75 -1.63 4.70
CA LEU A 98 4.29 -1.98 3.41
C LEU A 98 3.66 -3.26 2.92
N VAL A 99 3.05 -3.20 1.75
CA VAL A 99 2.39 -4.34 1.17
C VAL A 99 3.29 -5.02 0.14
N VAL A 100 3.51 -6.31 0.35
CA VAL A 100 4.36 -7.08 -0.54
C VAL A 100 3.54 -8.17 -1.26
N GLN A 101 3.67 -8.20 -2.58
CA GLN A 101 2.94 -9.18 -3.38
C GLN A 101 3.65 -10.53 -3.36
N GLU A 102 2.98 -11.53 -2.79
CA GLU A 102 3.55 -12.87 -2.72
C GLU A 102 3.51 -13.54 -4.09
N LEU A 103 4.62 -14.17 -4.47
CA LEU A 103 4.70 -14.86 -5.75
C LEU A 103 3.80 -16.10 -5.74
N ASN A 104 3.75 -16.77 -4.59
CA ASN A 104 2.94 -17.97 -4.45
C ASN A 104 1.63 -17.80 -5.21
N GLY A 105 1.16 -18.89 -5.82
CA GLY A 105 -0.06 -18.82 -6.61
C GLY A 105 0.14 -17.88 -7.79
N ALA A 106 -0.78 -16.93 -7.96
CA ALA A 106 -0.66 -15.98 -9.05
C ALA A 106 -0.34 -16.71 -10.35
N GLU A 107 -1.08 -17.79 -10.62
CA GLU A 107 -0.84 -18.60 -11.81
C GLU A 107 -1.43 -17.94 -13.07
N ALA A 108 -2.64 -17.40 -12.95
CA ALA A 108 -3.28 -16.76 -14.10
C ALA A 108 -2.90 -15.28 -14.19
N VAL A 109 -2.10 -14.83 -13.24
CA VAL A 109 -1.69 -13.43 -13.20
C VAL A 109 -0.18 -13.30 -12.97
N VAL A 110 0.43 -12.31 -13.62
CA VAL A 110 1.85 -12.09 -13.43
C VAL A 110 2.07 -11.38 -12.10
N ARG A 111 3.08 -11.82 -11.36
CA ARG A 111 3.36 -11.22 -10.05
C ARG A 111 3.40 -9.70 -10.16
N SER A 112 2.61 -9.04 -9.30
CA SER A 112 2.55 -7.59 -9.28
C SER A 112 3.65 -7.00 -8.41
N GLN A 113 4.14 -5.83 -8.81
CA GLN A 113 5.20 -5.17 -8.05
C GLN A 113 4.66 -4.66 -6.70
N PRO A 114 5.48 -4.61 -5.68
CA PRO A 114 5.05 -4.14 -4.33
C PRO A 114 4.82 -2.62 -4.27
N PHE A 115 4.11 -2.18 -3.24
CA PHE A 115 3.83 -0.76 -3.07
C PHE A 115 3.81 -0.41 -1.58
N LEU A 116 4.07 0.86 -1.26
CA LEU A 116 4.11 1.30 0.13
C LEU A 116 3.08 2.38 0.39
N VAL A 117 2.43 2.33 1.55
CA VAL A 117 1.44 3.33 1.88
C VAL A 117 1.47 3.69 3.37
N ALA A 118 1.61 4.97 3.67
CA ALA A 118 1.65 5.44 5.05
C ALA A 118 0.22 5.61 5.58
N ALA A 119 0.01 5.26 6.85
CA ALA A 119 -1.32 5.42 7.44
C ALA A 119 -1.23 5.84 8.91
N PRO A 120 -2.11 6.70 9.40
CA PRO A 120 -3.21 7.33 8.60
C PRO A 120 -2.64 8.48 7.75
N GLN A 121 -3.45 8.97 6.82
CA GLN A 121 -3.01 10.06 5.95
C GLN A 121 -3.75 11.34 6.29
N THR A 122 -3.06 12.47 6.18
CA THR A 122 -3.67 13.75 6.49
C THR A 122 -4.72 14.09 5.43
N ASN A 123 -5.68 14.94 5.80
CA ASN A 123 -6.73 15.32 4.89
C ASN A 123 -6.16 16.21 3.78
N PRO A 124 -6.86 16.37 2.68
CA PRO A 124 -6.39 17.21 1.53
C PRO A 124 -6.22 18.68 1.87
N THR A 125 -6.86 19.12 2.95
CA THR A 125 -6.75 20.53 3.35
C THR A 125 -5.64 20.71 4.38
N GLY A 126 -5.00 19.61 4.75
CA GLY A 126 -3.92 19.65 5.73
C GLY A 126 -4.45 19.67 7.15
N ASP A 127 -5.78 19.71 7.28
CA ASP A 127 -6.41 19.73 8.60
C ASP A 127 -7.11 18.40 8.89
N GLY A 128 -6.81 17.82 10.04
CA GLY A 128 -7.42 16.56 10.44
C GLY A 128 -6.68 15.37 9.82
N TRP A 129 -7.12 14.17 10.19
CA TRP A 129 -6.52 12.95 9.67
C TRP A 129 -7.58 11.96 9.22
N LEU A 130 -7.24 11.13 8.24
CA LEU A 130 -8.18 10.15 7.72
C LEU A 130 -7.97 8.81 8.41
N GLN A 131 -9.05 8.23 8.91
CA GLN A 131 -8.99 6.96 9.60
C GLN A 131 -8.84 5.78 8.64
N ASP A 132 -9.20 5.99 7.37
CA ASP A 132 -9.10 4.92 6.38
C ASP A 132 -8.37 5.37 5.13
N VAL A 133 -7.39 4.57 4.72
CA VAL A 133 -6.61 4.88 3.52
C VAL A 133 -7.01 3.94 2.38
N HIS A 134 -7.33 4.51 1.22
CA HIS A 134 -7.73 3.71 0.07
C HIS A 134 -6.58 3.52 -0.91
N VAL A 135 -6.45 2.31 -1.44
CA VAL A 135 -5.38 2.02 -2.39
C VAL A 135 -5.92 1.11 -3.51
N TYR A 136 -5.49 1.37 -4.73
CA TYR A 136 -5.93 0.58 -5.89
C TYR A 136 -4.73 0.08 -6.69
N PRO A 137 -3.91 -0.77 -6.12
CA PRO A 137 -2.74 -1.33 -6.84
C PRO A 137 -3.19 -2.25 -7.95
N LYS A 138 -2.66 -2.03 -9.15
CA LYS A 138 -3.04 -2.85 -10.29
C LYS A 138 -2.11 -4.05 -10.45
N HIS A 139 -2.62 -5.09 -11.08
CA HIS A 139 -1.83 -6.30 -11.29
C HIS A 139 -1.57 -6.49 -12.79
N GLN A 140 -0.54 -7.26 -13.09
CA GLN A 140 -0.20 -7.55 -14.48
C GLN A 140 -0.66 -8.96 -14.80
N ALA A 141 -1.54 -9.10 -15.78
CA ALA A 141 -2.08 -10.40 -16.14
C ALA A 141 -1.11 -11.22 -16.98
N LEU A 142 -1.33 -12.53 -16.94
CA LEU A 142 -0.51 -13.48 -17.68
C LEU A 142 -0.91 -13.48 -19.16
N SER A 143 0.07 -13.21 -20.02
CA SER A 143 -0.19 -13.18 -21.46
C SER A 143 -1.27 -12.15 -21.79
N LYS B 1 0.34 16.62 -2.00
CA LYS B 1 1.53 16.28 -2.84
C LYS B 1 2.60 15.66 -1.96
N ASN B 2 3.05 16.41 -0.96
CA ASN B 2 4.09 15.91 -0.05
C ASN B 2 3.58 14.70 0.70
N ALA B 3 2.32 14.72 1.10
CA ALA B 3 1.72 13.62 1.83
C ALA B 3 1.69 12.35 0.98
N GLY B 4 1.82 11.20 1.64
CA GLY B 4 1.81 9.92 0.93
C GLY B 4 3.24 9.38 0.80
N PHE B 5 3.33 8.07 0.56
CA PHE B 5 4.64 7.43 0.41
C PHE B 5 4.95 7.13 -1.05
N GLU B 6 4.43 6.01 -1.54
CA GLU B 6 4.65 5.61 -2.92
C GLU B 6 3.55 4.64 -3.37
N LEU B 7 2.44 5.22 -3.82
CA LEU B 7 1.32 4.44 -4.30
C LEU B 7 0.87 4.98 -5.66
N PRO B 8 1.78 5.07 -6.59
CA PRO B 8 1.51 5.59 -7.97
C PRO B 8 0.61 4.65 -8.76
N LEU B 9 0.53 3.40 -8.31
CA LEU B 9 -0.27 2.40 -9.00
C LEU B 9 -1.74 2.52 -8.60
N THR B 10 -2.56 2.96 -9.55
CA THR B 10 -3.99 3.10 -9.32
C THR B 10 -4.74 2.13 -10.22
N GLU A 1 -8.04 6.58 18.60
CA GLU A 1 -8.45 6.69 17.18
C GLU A 1 -7.66 5.68 16.35
N ARG A 2 -8.37 4.68 15.83
CA ARG A 2 -7.72 3.64 15.03
C ARG A 2 -7.71 4.02 13.56
N THR A 3 -6.95 3.27 12.78
CA THR A 3 -6.84 3.52 11.35
C THR A 3 -6.93 2.21 10.58
N SER A 4 -7.40 2.27 9.34
CA SER A 4 -7.54 1.08 8.52
C SER A 4 -7.03 1.32 7.11
N ILE A 5 -6.33 0.32 6.56
CA ILE A 5 -5.80 0.43 5.20
C ILE A 5 -6.53 -0.55 4.28
N ALA A 6 -7.22 0.00 3.28
CA ALA A 6 -7.95 -0.82 2.34
C ALA A 6 -7.19 -0.93 1.03
N VAL A 7 -7.13 -2.15 0.50
CA VAL A 7 -6.43 -2.37 -0.76
C VAL A 7 -7.34 -3.09 -1.76
N HIS A 8 -7.66 -2.41 -2.85
CA HIS A 8 -8.51 -3.00 -3.88
C HIS A 8 -7.65 -3.69 -4.92
N ALA A 9 -7.62 -5.02 -4.88
CA ALA A 9 -6.81 -5.77 -5.83
C ALA A 9 -7.46 -5.78 -7.21
N LEU A 10 -6.85 -5.05 -8.14
CA LEU A 10 -7.36 -4.95 -9.50
C LEU A 10 -6.36 -5.54 -10.50
N MET A 11 -6.87 -6.02 -11.64
CA MET A 11 -6.01 -6.61 -12.67
C MET A 11 -6.11 -5.81 -13.98
N GLY A 12 -4.96 -5.60 -14.62
CA GLY A 12 -4.91 -4.85 -15.87
C GLY A 12 -4.22 -3.51 -15.67
N LEU A 13 -3.43 -3.10 -16.66
CA LEU A 13 -2.71 -1.82 -16.56
C LEU A 13 -3.62 -0.65 -16.91
N PRO A 14 -3.34 0.56 -16.43
CA PRO A 14 -4.19 1.75 -16.75
C PRO A 14 -4.34 1.97 -18.25
N THR A 15 -5.53 2.41 -18.66
CA THR A 15 -5.79 2.65 -20.08
C THR A 15 -5.76 4.14 -20.38
N GLY A 16 -4.58 4.74 -20.32
CA GLY A 16 -4.42 6.16 -20.61
C GLY A 16 -4.89 7.01 -19.43
N GLN A 17 -5.02 6.40 -18.26
CA GLN A 17 -5.45 7.13 -17.07
C GLN A 17 -4.24 7.59 -16.24
N PRO A 18 -4.32 8.72 -15.58
CA PRO A 18 -3.21 9.24 -14.74
C PRO A 18 -3.05 8.49 -13.42
N ALA A 19 -1.86 8.55 -12.84
CA ALA A 19 -1.62 7.89 -11.57
C ALA A 19 -2.08 8.81 -10.44
N ASN A 20 -3.09 8.37 -9.69
CA ASN A 20 -3.63 9.18 -8.61
C ASN A 20 -3.25 8.61 -7.24
N GLY A 21 -2.53 9.40 -6.45
CA GLY A 21 -2.12 8.98 -5.12
C GLY A 21 -3.13 9.42 -4.09
N THR A 22 -4.41 9.36 -4.47
CA THR A 22 -5.50 9.76 -3.58
C THR A 22 -6.73 8.90 -3.84
N LYS A 23 -7.82 9.20 -3.14
CA LYS A 23 -9.05 8.44 -3.32
C LYS A 23 -9.54 8.57 -4.76
N LEU A 24 -9.95 7.46 -5.34
CA LEU A 24 -10.44 7.44 -6.71
C LEU A 24 -11.65 6.52 -6.84
N ASP A 25 -12.52 6.82 -7.79
CA ASP A 25 -13.70 6.00 -8.01
C ASP A 25 -13.26 4.58 -8.38
N SER A 26 -14.05 3.58 -8.01
CA SER A 26 -13.69 2.21 -8.31
C SER A 26 -13.31 2.08 -9.78
N ILE A 27 -12.16 1.44 -10.02
CA ILE A 27 -11.67 1.27 -11.38
C ILE A 27 -12.65 0.40 -12.16
N GLY A 28 -13.10 -0.67 -11.50
CA GLY A 28 -14.05 -1.58 -12.11
C GLY A 28 -13.39 -2.64 -12.98
N LEU A 29 -12.07 -2.64 -13.06
CA LEU A 29 -11.39 -3.65 -13.85
C LEU A 29 -11.56 -5.00 -13.16
N PRO A 30 -11.41 -6.11 -13.84
CA PRO A 30 -11.58 -7.43 -13.19
C PRO A 30 -10.80 -7.52 -11.88
N LYS A 31 -11.51 -7.91 -10.82
CA LYS A 31 -10.90 -8.04 -9.50
C LYS A 31 -10.38 -9.47 -9.32
N VAL A 32 -9.23 -9.62 -8.67
CA VAL A 32 -8.66 -10.94 -8.45
C VAL A 32 -8.95 -11.43 -7.03
N ASP A 33 -9.73 -12.51 -6.94
CA ASP A 33 -10.09 -13.09 -5.65
C ASP A 33 -9.03 -14.07 -5.18
N GLY A 34 -8.89 -14.22 -3.87
CA GLY A 34 -7.91 -15.13 -3.31
C GLY A 34 -6.49 -14.61 -3.52
N MET A 35 -6.32 -13.29 -3.47
CA MET A 35 -5.00 -12.70 -3.65
C MET A 35 -4.30 -12.58 -2.31
N SER A 36 -2.98 -12.72 -2.31
CA SER A 36 -2.22 -12.67 -1.06
C SER A 36 -1.40 -11.37 -0.91
N PHE A 37 -1.47 -10.80 0.29
CA PHE A 37 -0.72 -9.58 0.62
C PHE A 37 -0.14 -9.72 2.03
N THR A 38 1.03 -9.12 2.25
CA THR A 38 1.66 -9.17 3.57
C THR A 38 2.05 -7.76 4.01
N LEU A 39 1.68 -7.39 5.23
CA LEU A 39 2.02 -6.07 5.75
C LEU A 39 3.29 -6.10 6.57
N TYR A 40 4.13 -5.10 6.34
CA TYR A 40 5.37 -4.95 7.05
C TYR A 40 5.49 -3.53 7.59
N ARG A 41 5.82 -3.39 8.88
CA ARG A 41 5.96 -2.07 9.46
C ARG A 41 7.41 -1.64 9.51
N VAL A 42 7.69 -0.43 8.99
CA VAL A 42 9.05 0.08 8.98
C VAL A 42 9.43 0.66 10.35
N ASN A 43 10.46 0.08 10.94
CA ASN A 43 10.95 0.51 12.25
C ASN A 43 11.51 1.93 12.23
N GLU A 44 11.67 2.51 13.42
CA GLU A 44 12.23 3.85 13.57
C GLU A 44 11.32 4.94 13.02
N ILE A 45 10.19 4.55 12.44
CA ILE A 45 9.25 5.54 11.89
C ILE A 45 7.92 5.49 12.63
N ASP A 46 7.58 6.60 13.28
CA ASP A 46 6.32 6.72 14.02
C ASP A 46 5.58 7.98 13.62
N LEU A 47 4.38 7.85 13.07
CA LEU A 47 3.61 9.01 12.66
C LEU A 47 2.85 9.61 13.85
N THR A 48 3.45 9.52 15.03
CA THR A 48 2.82 10.07 16.23
C THR A 48 3.24 11.53 16.40
N THR A 49 4.16 11.96 15.56
CA THR A 49 4.65 13.33 15.60
C THR A 49 4.92 13.81 14.17
N GLN A 50 4.95 15.14 13.98
CA GLN A 50 5.21 15.69 12.65
C GLN A 50 6.57 15.22 12.15
N ALA A 51 7.47 14.95 13.08
CA ALA A 51 8.82 14.50 12.76
C ALA A 51 8.82 13.18 11.97
N GLY A 52 7.93 12.27 12.34
CA GLY A 52 7.89 10.95 11.71
C GLY A 52 7.66 10.99 10.20
N TRP A 53 6.65 11.72 9.74
CA TRP A 53 6.39 11.76 8.30
C TRP A 53 7.54 12.43 7.55
N ASP A 54 8.27 13.31 8.23
CA ASP A 54 9.40 13.97 7.59
C ASP A 54 10.46 12.95 7.22
N ALA A 55 10.86 12.14 8.21
CA ALA A 55 11.85 11.10 7.97
C ALA A 55 11.30 10.05 7.02
N ALA A 56 10.05 9.67 7.25
CA ALA A 56 9.40 8.67 6.42
C ALA A 56 9.27 9.14 4.97
N SER A 57 8.98 10.43 4.80
CA SER A 57 8.84 10.99 3.47
C SER A 57 10.16 10.85 2.72
N LYS A 58 11.24 10.84 3.48
CA LYS A 58 12.57 10.71 2.89
C LYS A 58 12.97 9.25 2.72
N ILE A 59 12.07 8.32 3.00
CA ILE A 59 12.40 6.92 2.87
C ILE A 59 12.66 6.55 1.43
N LYS A 60 13.76 5.85 1.20
CA LYS A 60 14.12 5.43 -0.14
C LYS A 60 14.00 3.91 -0.25
N LEU A 61 13.49 3.44 -1.36
CA LEU A 61 13.34 2.00 -1.55
C LEU A 61 14.70 1.34 -1.37
N GLU A 62 15.74 2.12 -1.59
CA GLU A 62 17.09 1.62 -1.43
C GLU A 62 17.27 1.14 0.00
N GLU A 63 16.45 1.65 0.90
CA GLU A 63 16.51 1.29 2.30
C GLU A 63 15.71 0.00 2.58
N LEU A 64 14.61 -0.20 1.85
CA LEU A 64 13.79 -1.39 2.08
C LEU A 64 13.98 -2.42 0.97
N TYR A 65 13.68 -2.02 -0.25
CA TYR A 65 13.82 -2.89 -1.40
C TYR A 65 15.04 -2.50 -2.23
N THR A 66 15.99 -3.41 -2.34
CA THR A 66 17.19 -3.14 -3.11
C THR A 66 17.61 -4.37 -3.90
N ASN A 67 17.70 -5.51 -3.22
CA ASN A 67 18.07 -6.76 -3.86
C ASN A 67 16.82 -7.50 -4.32
N GLY A 68 15.72 -6.77 -4.44
CA GLY A 68 14.46 -7.36 -4.86
C GLY A 68 13.74 -7.97 -3.66
N HIS A 69 14.33 -7.81 -2.48
CA HIS A 69 13.74 -8.37 -1.27
C HIS A 69 13.91 -7.40 -0.09
N PRO A 70 13.00 -7.41 0.86
CA PRO A 70 13.08 -6.50 2.04
C PRO A 70 14.25 -6.81 2.97
N THR A 71 14.69 -5.80 3.72
CA THR A 71 15.81 -5.95 4.64
C THR A 71 15.32 -5.92 6.08
N ASP A 72 16.26 -5.78 7.03
CA ASP A 72 15.92 -5.74 8.44
C ASP A 72 15.32 -4.38 8.82
N LYS A 73 15.13 -3.54 7.82
CA LYS A 73 14.55 -2.21 8.03
C LYS A 73 13.04 -2.30 8.16
N VAL A 74 12.52 -3.52 8.04
CA VAL A 74 11.08 -3.76 8.10
C VAL A 74 10.76 -4.84 9.12
N THR A 75 9.54 -4.82 9.64
CA THR A 75 9.10 -5.80 10.64
C THR A 75 7.83 -6.51 10.20
N LYS A 76 7.84 -7.84 10.31
CA LYS A 76 6.68 -8.63 9.94
C LYS A 76 5.49 -8.23 10.80
N VAL A 77 4.36 -7.91 10.17
CA VAL A 77 3.17 -7.50 10.90
C VAL A 77 2.07 -8.55 10.79
N ALA A 78 1.60 -8.80 9.56
CA ALA A 78 0.54 -9.77 9.37
C ALA A 78 0.37 -10.17 7.91
N THR A 79 -0.17 -11.37 7.70
CA THR A 79 -0.41 -11.86 6.35
C THR A 79 -1.87 -12.26 6.19
N LYS A 80 -2.56 -11.66 5.23
CA LYS A 80 -3.97 -11.97 5.01
C LYS A 80 -4.26 -12.09 3.51
N LYS A 81 -5.23 -12.95 3.18
CA LYS A 81 -5.59 -13.14 1.78
C LYS A 81 -6.84 -12.34 1.43
N THR A 82 -6.71 -11.44 0.46
CA THR A 82 -7.82 -10.62 0.02
C THR A 82 -8.92 -11.46 -0.60
N GLU A 83 -10.16 -11.19 -0.22
CA GLU A 83 -11.30 -11.91 -0.74
C GLU A 83 -12.41 -10.94 -1.09
N GLY A 84 -13.16 -11.26 -2.13
CA GLY A 84 -14.25 -10.40 -2.58
C GLY A 84 -13.69 -9.26 -3.42
N GLY A 85 -12.39 -9.34 -3.70
CA GLY A 85 -11.73 -8.32 -4.52
C GLY A 85 -11.22 -7.15 -3.68
N VAL A 86 -11.59 -7.11 -2.41
CA VAL A 86 -11.17 -6.02 -1.53
C VAL A 86 -10.66 -6.53 -0.18
N ALA A 87 -9.50 -6.02 0.24
CA ALA A 87 -8.91 -6.40 1.51
C ALA A 87 -8.92 -5.21 2.45
N LYS A 88 -9.07 -5.47 3.76
CA LYS A 88 -9.11 -4.37 4.73
C LYS A 88 -8.39 -4.77 6.01
N PHE A 89 -7.57 -3.85 6.51
CA PHE A 89 -6.83 -4.05 7.75
C PHE A 89 -7.30 -3.06 8.80
N ASP A 90 -7.41 -3.51 10.05
CA ASP A 90 -7.88 -2.65 11.13
C ASP A 90 -6.90 -2.68 12.30
N ASN A 91 -7.19 -1.87 13.33
CA ASN A 91 -6.33 -1.80 14.50
C ASN A 91 -4.90 -1.47 14.07
N LEU A 92 -4.77 -0.46 13.24
CA LEU A 92 -3.47 -0.04 12.74
C LEU A 92 -2.96 1.16 13.54
N THR A 93 -1.77 1.04 14.11
CA THR A 93 -1.20 2.13 14.86
C THR A 93 -0.43 3.06 13.91
N PRO A 94 -0.49 4.36 14.10
CA PRO A 94 0.20 5.32 13.21
C PRO A 94 1.65 4.91 12.92
N ALA A 95 1.97 4.72 11.64
CA ALA A 95 3.32 4.35 11.24
C ALA A 95 3.44 4.28 9.72
N LEU A 96 4.08 3.21 9.23
CA LEU A 96 4.26 3.02 7.80
C LEU A 96 4.04 1.55 7.44
N TYR A 97 3.13 1.30 6.50
CA TYR A 97 2.83 -0.07 6.08
C TYR A 97 3.39 -0.35 4.69
N LEU A 98 3.94 -1.54 4.53
CA LEU A 98 4.49 -1.98 3.26
C LEU A 98 3.78 -3.25 2.82
N VAL A 99 3.22 -3.20 1.63
CA VAL A 99 2.49 -4.33 1.09
C VAL A 99 3.32 -5.09 0.07
N VAL A 100 3.49 -6.39 0.32
CA VAL A 100 4.25 -7.25 -0.57
C VAL A 100 3.35 -8.35 -1.12
N GLN A 101 3.28 -8.45 -2.44
CA GLN A 101 2.45 -9.46 -3.07
C GLN A 101 3.15 -10.81 -3.08
N GLU A 102 2.63 -11.77 -2.31
CA GLU A 102 3.22 -13.09 -2.27
C GLU A 102 2.99 -13.81 -3.60
N LEU A 103 3.97 -14.61 -4.01
CA LEU A 103 3.86 -15.35 -5.27
C LEU A 103 2.86 -16.49 -5.14
N ASN A 104 2.28 -16.64 -3.96
CA ASN A 104 1.31 -17.70 -3.74
C ASN A 104 0.16 -17.54 -4.71
N GLY A 105 -0.22 -18.64 -5.34
CA GLY A 105 -1.31 -18.59 -6.31
C GLY A 105 -0.93 -17.66 -7.45
N ALA A 106 -1.84 -16.75 -7.81
CA ALA A 106 -1.55 -15.80 -8.87
C ALA A 106 -0.85 -16.50 -10.04
N GLU A 107 -1.40 -17.65 -10.44
CA GLU A 107 -0.82 -18.44 -11.51
C GLU A 107 -1.11 -17.83 -12.89
N ALA A 108 -2.31 -17.29 -13.05
CA ALA A 108 -2.69 -16.69 -14.34
C ALA A 108 -2.26 -15.24 -14.42
N VAL A 109 -1.68 -14.73 -13.33
CA VAL A 109 -1.22 -13.34 -13.29
C VAL A 109 0.24 -13.30 -12.85
N VAL A 110 1.02 -12.44 -13.50
CA VAL A 110 2.42 -12.32 -13.14
C VAL A 110 2.57 -11.59 -11.81
N ARG A 111 3.72 -11.71 -11.18
CA ARG A 111 3.94 -11.04 -9.90
C ARG A 111 3.75 -9.53 -10.05
N SER A 112 2.92 -8.96 -9.19
CA SER A 112 2.64 -7.53 -9.23
C SER A 112 3.75 -6.72 -8.55
N GLN A 113 3.78 -5.42 -8.84
CA GLN A 113 4.78 -4.53 -8.26
C GLN A 113 4.41 -4.15 -6.81
N PRO A 114 5.24 -4.41 -5.81
CA PRO A 114 4.93 -4.02 -4.40
C PRO A 114 4.67 -2.52 -4.27
N PHE A 115 3.97 -2.11 -3.21
CA PHE A 115 3.68 -0.69 -3.01
C PHE A 115 3.76 -0.34 -1.51
N LEU A 116 3.95 0.94 -1.22
CA LEU A 116 4.09 1.40 0.16
C LEU A 116 3.17 2.59 0.41
N VAL A 117 2.50 2.58 1.55
CA VAL A 117 1.62 3.68 1.89
C VAL A 117 1.67 3.97 3.40
N ALA A 118 1.79 5.25 3.73
CA ALA A 118 1.84 5.65 5.13
C ALA A 118 0.43 5.71 5.69
N ALA A 119 0.26 5.40 6.98
CA ALA A 119 -1.07 5.43 7.55
C ALA A 119 -1.02 5.84 9.05
N PRO A 120 -1.89 6.72 9.50
CA PRO A 120 -2.94 7.41 8.69
C PRO A 120 -2.33 8.51 7.82
N GLN A 121 -3.10 9.02 6.86
CA GLN A 121 -2.61 10.07 5.98
C GLN A 121 -3.30 11.39 6.26
N THR A 122 -2.55 12.48 6.16
CA THR A 122 -3.12 13.79 6.41
C THR A 122 -4.07 14.16 5.28
N ASN A 123 -5.00 15.06 5.55
CA ASN A 123 -5.96 15.48 4.53
C ASN A 123 -5.23 16.33 3.47
N PRO A 124 -5.79 16.51 2.29
CA PRO A 124 -5.14 17.33 1.22
C PRO A 124 -4.75 18.74 1.68
N THR A 125 -5.51 19.28 2.62
CA THR A 125 -5.23 20.64 3.11
C THR A 125 -4.33 20.61 4.34
N GLY A 126 -4.02 19.41 4.82
CA GLY A 126 -3.15 19.27 5.99
C GLY A 126 -3.91 19.45 7.30
N ASP A 127 -5.21 19.70 7.21
CA ASP A 127 -6.02 19.88 8.41
C ASP A 127 -6.64 18.54 8.83
N GLY A 128 -6.25 18.06 10.01
CA GLY A 128 -6.78 16.80 10.53
C GLY A 128 -6.08 15.61 9.88
N TRP A 129 -6.56 14.40 10.21
CA TRP A 129 -6.00 13.18 9.67
C TRP A 129 -7.10 12.24 9.19
N LEU A 130 -6.77 11.40 8.21
CA LEU A 130 -7.75 10.47 7.68
C LEU A 130 -7.64 9.12 8.38
N GLN A 131 -8.78 8.60 8.81
CA GLN A 131 -8.82 7.33 9.54
C GLN A 131 -8.71 6.12 8.60
N ASP A 132 -8.96 6.32 7.31
CA ASP A 132 -8.89 5.19 6.37
C ASP A 132 -8.13 5.55 5.10
N VAL A 133 -7.16 4.70 4.75
CA VAL A 133 -6.36 4.92 3.55
C VAL A 133 -6.82 3.97 2.44
N HIS A 134 -7.13 4.51 1.27
CA HIS A 134 -7.59 3.70 0.15
C HIS A 134 -6.47 3.51 -0.88
N VAL A 135 -6.33 2.28 -1.38
CA VAL A 135 -5.31 1.97 -2.37
C VAL A 135 -5.89 1.07 -3.46
N TYR A 136 -5.54 1.36 -4.72
CA TYR A 136 -6.03 0.59 -5.86
C TYR A 136 -4.86 0.12 -6.72
N PRO A 137 -4.07 -0.79 -6.22
CA PRO A 137 -2.91 -1.32 -6.98
C PRO A 137 -3.36 -2.31 -8.04
N LYS A 138 -2.91 -2.10 -9.27
CA LYS A 138 -3.29 -2.97 -10.36
C LYS A 138 -2.28 -4.10 -10.54
N HIS A 139 -2.75 -5.23 -11.09
CA HIS A 139 -1.87 -6.36 -11.31
C HIS A 139 -1.51 -6.49 -12.77
N GLN A 140 -0.40 -7.16 -13.05
CA GLN A 140 0.04 -7.37 -14.42
C GLN A 140 -0.20 -8.83 -14.78
N ALA A 141 -0.76 -9.07 -15.96
CA ALA A 141 -1.10 -10.43 -16.38
C ALA A 141 0.10 -11.23 -16.89
N LEU A 142 -0.07 -12.54 -16.81
CA LEU A 142 0.93 -13.49 -17.25
C LEU A 142 0.94 -13.60 -18.77
N SER A 143 2.11 -13.39 -19.37
CA SER A 143 2.25 -13.47 -20.82
C SER A 143 1.40 -12.38 -21.49
N LYS B 1 -0.52 17.06 -1.19
CA LYS B 1 0.54 18.10 -1.00
C LYS B 1 1.42 17.71 0.18
N ASN B 2 2.69 17.47 -0.09
CA ASN B 2 3.63 17.09 0.97
C ASN B 2 3.10 15.88 1.73
N ALA B 3 2.56 14.92 0.98
CA ALA B 3 2.02 13.70 1.60
C ALA B 3 2.05 12.55 0.60
N GLY B 4 1.94 11.33 1.11
CA GLY B 4 1.96 10.13 0.26
C GLY B 4 3.30 9.41 0.38
N PHE B 5 3.32 8.16 -0.08
CA PHE B 5 4.54 7.36 0.00
C PHE B 5 4.89 6.78 -1.38
N GLU B 6 4.15 5.76 -1.79
CA GLU B 6 4.39 5.12 -3.08
C GLU B 6 3.15 4.36 -3.54
N LEU B 7 2.20 5.10 -4.09
CA LEU B 7 0.97 4.51 -4.59
C LEU B 7 0.64 5.09 -5.96
N PRO B 8 1.57 5.02 -6.87
CA PRO B 8 1.39 5.54 -8.26
C PRO B 8 0.39 4.73 -9.06
N LEU B 9 0.18 3.49 -8.64
CA LEU B 9 -0.74 2.60 -9.33
C LEU B 9 -2.19 2.83 -8.88
N THR B 10 -3.10 2.80 -9.85
CA THR B 10 -4.52 2.97 -9.56
C THR B 10 -5.31 1.92 -10.32
N GLU A 1 -8.04 6.47 19.23
CA GLU A 1 -8.48 6.47 17.81
C GLU A 1 -7.71 5.43 17.02
N ARG A 2 -8.40 4.73 16.13
CA ARG A 2 -7.75 3.69 15.32
C ARG A 2 -7.76 4.08 13.84
N THR A 3 -7.06 3.28 13.05
CA THR A 3 -6.98 3.53 11.62
C THR A 3 -7.11 2.22 10.84
N SER A 4 -7.46 2.32 9.56
CA SER A 4 -7.62 1.11 8.75
C SER A 4 -7.15 1.35 7.32
N ILE A 5 -6.67 0.29 6.68
CA ILE A 5 -6.20 0.36 5.31
C ILE A 5 -6.96 -0.62 4.43
N ALA A 6 -7.65 -0.10 3.42
CA ALA A 6 -8.41 -0.94 2.50
C ALA A 6 -7.71 -1.02 1.16
N VAL A 7 -7.39 -2.24 0.72
CA VAL A 7 -6.72 -2.43 -0.55
C VAL A 7 -7.65 -3.12 -1.55
N HIS A 8 -7.96 -2.43 -2.63
CA HIS A 8 -8.83 -2.97 -3.67
C HIS A 8 -8.00 -3.63 -4.77
N ALA A 9 -8.12 -4.94 -4.90
CA ALA A 9 -7.36 -5.66 -5.91
C ALA A 9 -7.93 -5.42 -7.31
N LEU A 10 -7.08 -4.98 -8.23
CA LEU A 10 -7.48 -4.72 -9.61
C LEU A 10 -6.51 -5.37 -10.59
N MET A 11 -7.04 -5.81 -11.74
CA MET A 11 -6.21 -6.44 -12.77
C MET A 11 -6.13 -5.56 -14.02
N GLY A 12 -4.93 -5.47 -14.59
CA GLY A 12 -4.74 -4.67 -15.80
C GLY A 12 -4.05 -3.35 -15.47
N LEU A 13 -3.19 -2.88 -16.36
CA LEU A 13 -2.47 -1.63 -16.14
C LEU A 13 -3.34 -0.43 -16.54
N PRO A 14 -3.09 0.75 -15.99
CA PRO A 14 -3.89 1.96 -16.35
C PRO A 14 -3.93 2.20 -17.85
N THR A 15 -5.08 2.63 -18.35
CA THR A 15 -5.23 2.89 -19.78
C THR A 15 -5.20 4.40 -20.05
N GLY A 16 -4.02 4.98 -19.92
CA GLY A 16 -3.86 6.42 -20.18
C GLY A 16 -4.46 7.24 -19.04
N GLN A 17 -4.65 6.62 -17.89
CA GLN A 17 -5.22 7.33 -16.74
C GLN A 17 -4.10 7.86 -15.83
N PRO A 18 -4.30 8.99 -15.19
CA PRO A 18 -3.27 9.57 -14.27
C PRO A 18 -3.18 8.82 -12.95
N ALA A 19 -2.02 8.92 -12.30
CA ALA A 19 -1.83 8.26 -11.01
C ALA A 19 -2.45 9.09 -9.90
N ASN A 20 -3.59 8.64 -9.38
CA ASN A 20 -4.28 9.37 -8.33
C ASN A 20 -4.02 8.73 -6.97
N GLY A 21 -3.26 9.43 -6.13
CA GLY A 21 -2.95 8.93 -4.80
C GLY A 21 -3.98 9.42 -3.78
N THR A 22 -5.25 9.33 -4.16
CA THR A 22 -6.34 9.76 -3.29
C THR A 22 -7.58 8.91 -3.52
N LYS A 23 -8.69 9.29 -2.91
CA LYS A 23 -9.93 8.54 -3.07
C LYS A 23 -10.36 8.52 -4.53
N LEU A 24 -10.43 7.33 -5.10
CA LEU A 24 -10.83 7.17 -6.50
C LEU A 24 -11.78 5.98 -6.63
N ASP A 25 -12.90 6.19 -7.31
CA ASP A 25 -13.85 5.11 -7.50
C ASP A 25 -13.17 3.98 -8.27
N SER A 26 -13.48 2.74 -7.91
CA SER A 26 -12.87 1.60 -8.59
C SER A 26 -13.32 1.52 -10.04
N ILE A 27 -12.45 1.02 -10.90
CA ILE A 27 -12.77 0.87 -12.31
C ILE A 27 -13.75 -0.28 -12.48
N GLY A 28 -13.52 -1.34 -11.72
CA GLY A 28 -14.38 -2.51 -11.78
C GLY A 28 -13.90 -3.54 -12.79
N LEU A 29 -12.62 -3.47 -13.16
CA LEU A 29 -12.06 -4.43 -14.11
C LEU A 29 -12.03 -5.78 -13.41
N PRO A 30 -12.03 -6.89 -14.12
CA PRO A 30 -12.00 -8.21 -13.43
C PRO A 30 -10.95 -8.21 -12.34
N LYS A 31 -11.39 -8.47 -11.12
CA LYS A 31 -10.48 -8.47 -9.98
C LYS A 31 -9.97 -9.87 -9.71
N VAL A 32 -8.80 -9.96 -9.08
CA VAL A 32 -8.22 -11.26 -8.79
C VAL A 32 -8.54 -11.70 -7.36
N ASP A 33 -9.27 -12.80 -7.26
CA ASP A 33 -9.65 -13.35 -5.95
C ASP A 33 -8.55 -14.28 -5.43
N GLY A 34 -8.46 -14.42 -4.12
CA GLY A 34 -7.45 -15.29 -3.54
C GLY A 34 -6.06 -14.69 -3.72
N MET A 35 -5.98 -13.37 -3.65
CA MET A 35 -4.69 -12.68 -3.81
C MET A 35 -4.00 -12.58 -2.46
N SER A 36 -2.70 -12.79 -2.43
CA SER A 36 -1.96 -12.74 -1.18
C SER A 36 -1.17 -11.45 -1.01
N PHE A 37 -1.46 -10.74 0.08
CA PHE A 37 -0.77 -9.49 0.42
C PHE A 37 -0.38 -9.53 1.89
N THR A 38 0.74 -8.91 2.22
CA THR A 38 1.19 -8.88 3.61
C THR A 38 1.66 -7.48 4.00
N LEU A 39 1.39 -7.12 5.25
CA LEU A 39 1.79 -5.79 5.74
C LEU A 39 3.07 -5.87 6.55
N TYR A 40 3.90 -4.85 6.36
CA TYR A 40 5.17 -4.73 7.05
C TYR A 40 5.32 -3.31 7.61
N ARG A 41 5.69 -3.22 8.88
CA ARG A 41 5.86 -1.91 9.51
C ARG A 41 7.31 -1.44 9.46
N VAL A 42 7.52 -0.23 8.97
CA VAL A 42 8.87 0.31 8.89
C VAL A 42 9.34 0.87 10.23
N ASN A 43 10.39 0.25 10.77
CA ASN A 43 10.96 0.68 12.06
C ASN A 43 11.59 2.06 11.96
N GLU A 44 11.84 2.66 13.13
CA GLU A 44 12.47 3.98 13.19
C GLU A 44 11.57 5.08 12.64
N ILE A 45 10.39 4.68 12.14
CA ILE A 45 9.45 5.66 11.59
C ILE A 45 8.16 5.68 12.41
N ASP A 46 7.81 6.87 12.89
CA ASP A 46 6.59 7.03 13.69
C ASP A 46 5.74 8.16 13.13
N LEU A 47 4.53 7.83 12.69
CA LEU A 47 3.63 8.84 12.13
C LEU A 47 2.91 9.60 13.24
N THR A 48 3.44 9.50 14.45
CA THR A 48 2.83 10.17 15.60
C THR A 48 3.42 11.57 15.78
N THR A 49 4.49 11.85 15.04
CA THR A 49 5.14 13.16 15.13
C THR A 49 5.39 13.74 13.74
N GLN A 50 5.52 15.06 13.67
CA GLN A 50 5.77 15.73 12.40
C GLN A 50 7.12 15.30 11.82
N ALA A 51 8.11 15.16 12.68
CA ALA A 51 9.44 14.74 12.23
C ALA A 51 9.39 13.39 11.53
N GLY A 52 8.39 12.58 11.88
CA GLY A 52 8.26 11.25 11.32
C GLY A 52 8.09 11.25 9.79
N TRP A 53 7.17 12.05 9.26
CA TRP A 53 6.96 12.04 7.81
C TRP A 53 8.21 12.54 7.08
N ASP A 54 8.99 13.39 7.72
CA ASP A 54 10.20 13.91 7.09
C ASP A 54 11.18 12.77 6.82
N ALA A 55 11.47 11.98 7.85
CA ALA A 55 12.38 10.85 7.68
C ALA A 55 11.78 9.82 6.75
N ALA A 56 10.50 9.55 6.95
CA ALA A 56 9.79 8.57 6.14
C ALA A 56 9.75 8.99 4.68
N SER A 57 9.56 10.29 4.45
CA SER A 57 9.49 10.84 3.10
C SER A 57 10.79 10.56 2.35
N LYS A 58 11.90 10.65 3.06
CA LYS A 58 13.20 10.41 2.44
C LYS A 58 13.49 8.93 2.33
N ILE A 59 12.50 8.08 2.57
CA ILE A 59 12.73 6.66 2.48
C ILE A 59 13.04 6.25 1.06
N LYS A 60 14.02 5.37 0.91
CA LYS A 60 14.43 4.91 -0.40
C LYS A 60 14.11 3.43 -0.56
N LEU A 61 13.55 3.06 -1.70
CA LEU A 61 13.22 1.67 -1.95
C LEU A 61 14.46 0.84 -1.79
N GLU A 62 15.60 1.48 -1.96
CA GLU A 62 16.88 0.81 -1.82
C GLU A 62 17.03 0.31 -0.38
N GLU A 63 16.34 0.97 0.55
CA GLU A 63 16.42 0.61 1.96
C GLU A 63 15.42 -0.48 2.33
N LEU A 64 14.25 -0.47 1.70
CA LEU A 64 13.22 -1.46 2.01
C LEU A 64 13.19 -2.56 0.96
N TYR A 65 13.90 -2.33 -0.11
CA TYR A 65 13.94 -3.28 -1.21
C TYR A 65 15.22 -3.08 -2.03
N THR A 66 16.18 -4.00 -1.87
CA THR A 66 17.45 -3.89 -2.60
C THR A 66 17.76 -5.19 -3.33
N ASN A 67 17.75 -6.29 -2.59
CA ASN A 67 18.04 -7.59 -3.19
C ASN A 67 16.77 -8.27 -3.65
N GLY A 68 15.73 -7.46 -3.84
CA GLY A 68 14.44 -7.99 -4.28
C GLY A 68 13.64 -8.49 -3.08
N HIS A 69 14.19 -8.29 -1.89
CA HIS A 69 13.51 -8.74 -0.68
C HIS A 69 13.70 -7.71 0.44
N PRO A 70 12.75 -7.59 1.35
CA PRO A 70 12.85 -6.61 2.48
C PRO A 70 13.99 -6.91 3.45
N THR A 71 14.44 -5.87 4.14
CA THR A 71 15.55 -6.01 5.08
C THR A 71 15.04 -5.97 6.52
N ASP A 72 15.97 -5.82 7.45
CA ASP A 72 15.62 -5.77 8.87
C ASP A 72 15.04 -4.41 9.23
N LYS A 73 14.96 -3.53 8.24
CA LYS A 73 14.43 -2.19 8.45
C LYS A 73 12.91 -2.20 8.48
N VAL A 74 12.34 -3.40 8.38
CA VAL A 74 10.88 -3.55 8.40
C VAL A 74 10.49 -4.56 9.48
N THR A 75 9.24 -4.44 9.95
CA THR A 75 8.74 -5.33 10.99
C THR A 75 7.51 -6.08 10.51
N LYS A 76 7.49 -7.39 10.73
CA LYS A 76 6.36 -8.21 10.31
C LYS A 76 5.10 -7.75 11.03
N VAL A 77 4.04 -7.49 10.27
CA VAL A 77 2.77 -7.05 10.87
C VAL A 77 1.73 -8.16 10.77
N ALA A 78 1.34 -8.48 9.54
CA ALA A 78 0.34 -9.54 9.34
C ALA A 78 0.23 -9.92 7.88
N THR A 79 -0.09 -11.19 7.64
CA THR A 79 -0.27 -11.70 6.29
C THR A 79 -1.68 -12.23 6.11
N LYS A 80 -2.42 -11.63 5.17
CA LYS A 80 -3.80 -12.05 4.92
C LYS A 80 -4.06 -12.11 3.42
N LYS A 81 -4.97 -12.99 3.03
CA LYS A 81 -5.31 -13.15 1.63
C LYS A 81 -6.60 -12.43 1.28
N THR A 82 -6.52 -11.53 0.31
CA THR A 82 -7.68 -10.77 -0.15
C THR A 82 -8.71 -11.70 -0.78
N GLU A 83 -9.96 -11.58 -0.35
CA GLU A 83 -11.04 -12.40 -0.88
C GLU A 83 -12.18 -11.51 -1.34
N GLY A 84 -12.80 -11.87 -2.45
CA GLY A 84 -13.90 -11.08 -2.99
C GLY A 84 -13.38 -9.87 -3.76
N GLY A 85 -12.06 -9.84 -3.96
CA GLY A 85 -11.45 -8.74 -4.70
C GLY A 85 -11.21 -7.54 -3.79
N VAL A 86 -11.47 -7.70 -2.50
CA VAL A 86 -11.27 -6.61 -1.55
C VAL A 86 -10.65 -7.11 -0.25
N ALA A 87 -9.73 -6.32 0.30
CA ALA A 87 -9.06 -6.66 1.55
C ALA A 87 -9.08 -5.46 2.49
N LYS A 88 -9.18 -5.73 3.79
CA LYS A 88 -9.22 -4.63 4.76
C LYS A 88 -8.50 -5.02 6.05
N PHE A 89 -7.65 -4.11 6.54
CA PHE A 89 -6.93 -4.34 7.79
C PHE A 89 -7.40 -3.37 8.86
N ASP A 90 -7.93 -3.92 9.95
CA ASP A 90 -8.41 -3.07 11.04
C ASP A 90 -7.38 -2.97 12.17
N ASN A 91 -7.71 -2.21 13.19
CA ASN A 91 -6.83 -2.04 14.34
C ASN A 91 -5.40 -1.72 13.90
N LEU A 92 -5.23 -0.64 13.14
CA LEU A 92 -3.91 -0.25 12.69
C LEU A 92 -3.35 0.85 13.57
N THR A 93 -2.12 0.67 14.02
CA THR A 93 -1.48 1.68 14.85
C THR A 93 -0.79 2.70 13.95
N PRO A 94 -0.79 3.96 14.30
CA PRO A 94 -0.17 5.01 13.43
C PRO A 94 1.30 4.77 13.17
N ALA A 95 1.63 4.59 11.90
CA ALA A 95 3.01 4.36 11.48
C ALA A 95 3.11 4.31 9.96
N LEU A 96 3.81 3.29 9.45
CA LEU A 96 3.97 3.13 8.01
C LEU A 96 3.71 1.68 7.61
N TYR A 97 2.74 1.48 6.73
CA TYR A 97 2.41 0.15 6.28
C TYR A 97 2.94 -0.08 4.86
N LEU A 98 3.47 -1.28 4.63
CA LEU A 98 4.04 -1.63 3.33
C LEU A 98 3.38 -2.92 2.85
N VAL A 99 2.82 -2.85 1.66
CA VAL A 99 2.15 -4.01 1.09
C VAL A 99 3.04 -4.71 0.08
N VAL A 100 3.26 -6.00 0.34
CA VAL A 100 4.10 -6.82 -0.53
C VAL A 100 3.29 -7.96 -1.14
N GLN A 101 3.32 -8.07 -2.46
CA GLN A 101 2.58 -9.12 -3.14
C GLN A 101 3.34 -10.44 -3.11
N GLU A 102 2.83 -11.42 -2.37
CA GLU A 102 3.47 -12.72 -2.29
C GLU A 102 3.34 -13.46 -3.63
N LEU A 103 4.38 -14.19 -3.99
CA LEU A 103 4.37 -14.94 -5.25
C LEU A 103 3.33 -16.05 -5.20
N ASN A 104 3.23 -16.72 -4.05
CA ASN A 104 2.26 -17.80 -3.91
C ASN A 104 0.92 -17.34 -4.46
N GLY A 105 0.30 -18.18 -5.28
CA GLY A 105 -0.97 -17.82 -5.89
C GLY A 105 -0.73 -16.82 -7.02
N ALA A 106 -1.78 -16.15 -7.47
CA ALA A 106 -1.64 -15.18 -8.54
C ALA A 106 -0.74 -15.74 -9.64
N GLU A 107 -0.90 -17.03 -9.93
CA GLU A 107 -0.09 -17.67 -10.97
C GLU A 107 -0.57 -17.28 -12.36
N ALA A 108 -1.78 -16.75 -12.42
CA ALA A 108 -2.37 -16.33 -13.68
C ALA A 108 -1.89 -14.94 -14.07
N VAL A 109 -1.08 -14.32 -13.20
CA VAL A 109 -0.58 -12.98 -13.45
C VAL A 109 0.93 -12.92 -13.28
N VAL A 110 1.55 -11.89 -13.86
CA VAL A 110 2.98 -11.71 -13.75
C VAL A 110 3.32 -11.00 -12.44
N ARG A 111 4.58 -11.10 -12.02
CA ARG A 111 4.99 -10.46 -10.77
C ARG A 111 4.56 -8.99 -10.76
N SER A 112 3.85 -8.60 -9.70
CA SER A 112 3.38 -7.22 -9.57
C SER A 112 4.28 -6.45 -8.61
N GLN A 113 4.57 -5.19 -8.94
CA GLN A 113 5.43 -4.38 -8.08
C GLN A 113 4.71 -4.02 -6.77
N PRO A 114 5.41 -3.93 -5.67
CA PRO A 114 4.82 -3.57 -4.35
C PRO A 114 4.54 -2.07 -4.23
N PHE A 115 3.80 -1.67 -3.20
CA PHE A 115 3.49 -0.26 -3.01
C PHE A 115 3.54 0.09 -1.52
N LEU A 116 3.82 1.36 -1.22
CA LEU A 116 3.94 1.81 0.17
C LEU A 116 2.92 2.90 0.48
N VAL A 117 2.31 2.83 1.65
CA VAL A 117 1.35 3.85 2.04
C VAL A 117 1.41 4.14 3.54
N ALA A 118 1.39 5.42 3.90
CA ALA A 118 1.43 5.81 5.31
C ALA A 118 0.04 5.71 5.90
N ALA A 119 -0.06 5.25 7.15
CA ALA A 119 -1.38 5.13 7.78
C ALA A 119 -1.33 5.51 9.27
N PRO A 120 -2.07 6.51 9.73
CA PRO A 120 -2.99 7.37 8.90
C PRO A 120 -2.20 8.36 8.06
N GLN A 121 -2.86 8.99 7.10
CA GLN A 121 -2.21 9.96 6.23
C GLN A 121 -2.87 11.33 6.36
N THR A 122 -2.09 12.39 6.17
CA THR A 122 -2.64 13.73 6.28
C THR A 122 -3.56 14.01 5.10
N ASN A 123 -4.51 14.92 5.29
CA ASN A 123 -5.45 15.27 4.23
C ASN A 123 -4.71 16.08 3.15
N PRO A 124 -5.26 16.25 1.97
CA PRO A 124 -4.57 17.01 0.87
C PRO A 124 -4.16 18.43 1.29
N THR A 125 -4.79 18.98 2.32
CA THR A 125 -4.47 20.33 2.77
C THR A 125 -3.37 20.31 3.84
N GLY A 126 -3.01 19.12 4.30
CA GLY A 126 -1.97 18.97 5.31
C GLY A 126 -2.51 19.18 6.72
N ASP A 127 -3.79 19.51 6.82
CA ASP A 127 -4.41 19.73 8.13
C ASP A 127 -5.29 18.53 8.49
N GLY A 128 -5.04 17.96 9.67
CA GLY A 128 -5.83 16.82 10.13
C GLY A 128 -5.30 15.51 9.55
N TRP A 129 -5.91 14.40 9.97
CA TRP A 129 -5.49 13.08 9.50
C TRP A 129 -6.71 12.24 9.13
N LEU A 130 -6.51 11.30 8.20
CA LEU A 130 -7.59 10.44 7.77
C LEU A 130 -7.57 9.13 8.54
N GLN A 131 -8.72 8.76 9.09
CA GLN A 131 -8.84 7.52 9.86
C GLN A 131 -8.84 6.29 8.95
N ASP A 132 -9.26 6.47 7.71
CA ASP A 132 -9.30 5.35 6.77
C ASP A 132 -8.55 5.70 5.49
N VAL A 133 -7.67 4.78 5.09
CA VAL A 133 -6.88 4.97 3.87
C VAL A 133 -7.26 3.92 2.83
N HIS A 134 -7.61 4.38 1.63
CA HIS A 134 -8.00 3.47 0.55
C HIS A 134 -6.90 3.38 -0.50
N VAL A 135 -6.64 2.16 -0.97
CA VAL A 135 -5.62 1.93 -1.98
C VAL A 135 -6.17 1.05 -3.10
N TYR A 136 -5.82 1.36 -4.33
CA TYR A 136 -6.30 0.58 -5.48
C TYR A 136 -5.13 0.13 -6.36
N PRO A 137 -4.33 -0.80 -5.88
CA PRO A 137 -3.17 -1.31 -6.66
C PRO A 137 -3.63 -2.26 -7.75
N LYS A 138 -3.11 -2.06 -8.96
CA LYS A 138 -3.51 -2.91 -10.08
C LYS A 138 -2.51 -4.03 -10.33
N HIS A 139 -2.99 -5.11 -10.95
CA HIS A 139 -2.13 -6.24 -11.25
C HIS A 139 -1.86 -6.28 -12.76
N GLN A 140 -0.76 -6.91 -13.14
CA GLN A 140 -0.40 -7.03 -14.55
C GLN A 140 -0.38 -8.49 -14.98
N ALA A 141 -1.06 -8.79 -16.08
CA ALA A 141 -1.11 -10.16 -16.58
C ALA A 141 0.15 -10.51 -17.35
N LEU A 142 0.51 -11.80 -17.31
CA LEU A 142 1.70 -12.27 -18.01
C LEU A 142 1.40 -12.51 -19.49
N SER A 143 2.46 -12.57 -20.30
CA SER A 143 2.30 -12.79 -21.73
C SER A 143 1.45 -11.68 -22.35
N LYS B 1 4.38 16.63 -1.66
CA LYS B 1 3.78 17.94 -1.27
C LYS B 1 2.39 17.69 -0.67
N ASN B 2 1.69 16.70 -1.21
CA ASN B 2 0.35 16.38 -0.72
C ASN B 2 0.42 15.28 0.34
N ALA B 3 1.64 14.95 0.78
CA ALA B 3 1.83 13.91 1.78
C ALA B 3 1.77 12.54 1.13
N GLY B 4 1.27 11.55 1.87
CA GLY B 4 1.18 10.19 1.34
C GLY B 4 2.56 9.55 1.29
N PHE B 5 2.70 8.51 0.48
CA PHE B 5 3.98 7.83 0.35
C PHE B 5 4.28 7.49 -1.10
N GLU B 6 3.61 6.48 -1.62
CA GLU B 6 3.82 6.07 -3.00
C GLU B 6 2.78 5.04 -3.41
N LEU B 7 1.67 5.55 -3.94
CA LEU B 7 0.58 4.71 -4.40
C LEU B 7 0.15 5.17 -5.80
N PRO B 8 1.08 5.20 -6.72
CA PRO B 8 0.82 5.65 -8.13
C PRO B 8 -0.09 4.70 -8.87
N LEU B 9 -0.21 3.48 -8.36
CA LEU B 9 -1.04 2.47 -9.00
C LEU B 9 -2.48 2.56 -8.52
N THR B 10 -3.36 3.02 -9.40
CA THR B 10 -4.78 3.14 -9.08
C THR B 10 -5.58 2.14 -9.91
N GLU A 1 -10.73 3.99 18.45
CA GLU A 1 -9.73 4.96 17.94
C GLU A 1 -8.58 4.19 17.28
N ARG A 2 -8.77 3.82 16.02
CA ARG A 2 -7.74 3.08 15.29
C ARG A 2 -7.81 3.40 13.80
N THR A 3 -6.72 3.13 13.10
CA THR A 3 -6.65 3.38 11.66
C THR A 3 -6.84 2.08 10.90
N SER A 4 -7.18 2.19 9.62
CA SER A 4 -7.38 1.01 8.79
C SER A 4 -6.93 1.28 7.36
N ILE A 5 -6.44 0.23 6.70
CA ILE A 5 -5.99 0.36 5.32
C ILE A 5 -6.78 -0.58 4.42
N ALA A 6 -7.50 -0.01 3.46
CA ALA A 6 -8.29 -0.80 2.54
C ALA A 6 -7.59 -0.90 1.19
N VAL A 7 -7.15 -2.11 0.84
CA VAL A 7 -6.47 -2.32 -0.44
C VAL A 7 -7.41 -3.03 -1.41
N HIS A 8 -7.75 -2.35 -2.49
CA HIS A 8 -8.64 -2.92 -3.50
C HIS A 8 -7.81 -3.66 -4.54
N ALA A 9 -8.24 -4.88 -4.88
CA ALA A 9 -7.50 -5.66 -5.87
C ALA A 9 -8.05 -5.45 -7.28
N LEU A 10 -7.20 -4.95 -8.16
CA LEU A 10 -7.58 -4.70 -9.55
C LEU A 10 -6.58 -5.35 -10.51
N MET A 11 -7.07 -5.76 -11.67
CA MET A 11 -6.21 -6.40 -12.68
C MET A 11 -6.08 -5.53 -13.93
N GLY A 12 -4.86 -5.46 -14.46
CA GLY A 12 -4.59 -4.68 -15.66
C GLY A 12 -3.91 -3.35 -15.33
N LEU A 13 -3.03 -2.90 -16.21
CA LEU A 13 -2.32 -1.64 -15.99
C LEU A 13 -3.18 -0.46 -16.45
N PRO A 14 -2.94 0.75 -15.94
CA PRO A 14 -3.74 1.94 -16.37
C PRO A 14 -3.74 2.12 -17.88
N THR A 15 -4.88 2.54 -18.42
CA THR A 15 -4.98 2.75 -19.86
C THR A 15 -4.91 4.24 -20.20
N GLY A 16 -3.71 4.80 -20.10
CA GLY A 16 -3.52 6.21 -20.41
C GLY A 16 -4.05 7.11 -19.30
N GLN A 17 -4.30 6.54 -18.12
CA GLN A 17 -4.80 7.32 -17.00
C GLN A 17 -3.65 7.78 -16.09
N PRO A 18 -3.75 8.93 -15.48
CA PRO A 18 -2.68 9.46 -14.58
C PRO A 18 -2.71 8.78 -13.21
N ALA A 19 -1.56 8.76 -12.53
CA ALA A 19 -1.49 8.16 -11.21
C ALA A 19 -2.25 9.03 -10.22
N ASN A 20 -3.09 8.41 -9.39
CA ASN A 20 -3.87 9.15 -8.41
C ASN A 20 -3.52 8.72 -6.98
N GLY A 21 -2.97 9.64 -6.20
CA GLY A 21 -2.59 9.35 -4.83
C GLY A 21 -3.73 9.66 -3.87
N THR A 22 -4.95 9.38 -4.31
CA THR A 22 -6.13 9.63 -3.49
C THR A 22 -7.28 8.75 -3.94
N LYS A 23 -8.42 8.89 -3.29
CA LYS A 23 -9.59 8.09 -3.63
C LYS A 23 -10.02 8.41 -5.06
N LEU A 24 -10.35 7.36 -5.81
CA LEU A 24 -10.78 7.52 -7.19
C LEU A 24 -11.86 6.50 -7.51
N ASP A 25 -12.74 6.84 -8.45
CA ASP A 25 -13.79 5.90 -8.82
C ASP A 25 -13.14 4.64 -9.36
N SER A 26 -13.62 3.49 -8.94
CA SER A 26 -13.04 2.23 -9.39
C SER A 26 -13.34 1.97 -10.85
N ILE A 27 -12.52 1.14 -11.48
CA ILE A 27 -12.70 0.78 -12.87
C ILE A 27 -13.63 -0.40 -12.97
N GLY A 28 -13.53 -1.30 -12.00
CA GLY A 28 -14.37 -2.48 -11.95
C GLY A 28 -13.91 -3.56 -12.92
N LEU A 29 -12.65 -3.50 -13.33
CA LEU A 29 -12.11 -4.50 -14.23
C LEU A 29 -12.05 -5.82 -13.46
N PRO A 30 -12.07 -6.96 -14.11
CA PRO A 30 -12.05 -8.24 -13.35
C PRO A 30 -11.02 -8.20 -12.24
N LYS A 31 -11.49 -8.39 -11.02
CA LYS A 31 -10.61 -8.34 -9.85
C LYS A 31 -10.16 -9.73 -9.46
N VAL A 32 -8.99 -9.80 -8.82
CA VAL A 32 -8.46 -11.08 -8.40
C VAL A 32 -8.66 -11.31 -6.91
N ASP A 33 -9.47 -12.32 -6.59
CA ASP A 33 -9.71 -12.66 -5.20
C ASP A 33 -8.66 -13.66 -4.73
N GLY A 34 -8.65 -13.97 -3.44
CA GLY A 34 -7.68 -14.92 -2.93
C GLY A 34 -6.26 -14.44 -3.23
N MET A 35 -6.08 -13.12 -3.22
CA MET A 35 -4.76 -12.55 -3.49
C MET A 35 -4.01 -12.38 -2.17
N SER A 36 -2.74 -12.75 -2.14
CA SER A 36 -1.98 -12.66 -0.90
C SER A 36 -1.11 -11.42 -0.81
N PHE A 37 -1.36 -10.62 0.23
CA PHE A 37 -0.57 -9.42 0.49
C PHE A 37 -0.09 -9.46 1.93
N THR A 38 1.17 -9.14 2.14
CA THR A 38 1.74 -9.16 3.49
C THR A 38 2.20 -7.76 3.88
N LEU A 39 1.78 -7.32 5.06
CA LEU A 39 2.15 -5.98 5.52
C LEU A 39 3.34 -6.01 6.47
N TYR A 40 4.30 -5.13 6.18
CA TYR A 40 5.49 -5.00 7.01
C TYR A 40 5.60 -3.55 7.46
N ARG A 41 5.79 -3.31 8.77
CA ARG A 41 5.91 -1.93 9.25
C ARG A 41 7.37 -1.49 9.27
N VAL A 42 7.60 -0.28 8.79
CA VAL A 42 8.96 0.25 8.74
C VAL A 42 9.41 0.78 10.10
N ASN A 43 10.40 0.11 10.68
CA ASN A 43 10.94 0.49 11.98
C ASN A 43 11.68 1.83 11.92
N GLU A 44 11.91 2.41 13.09
CA GLU A 44 12.63 3.68 13.21
C GLU A 44 11.85 4.82 12.55
N ILE A 45 10.70 4.51 11.98
CA ILE A 45 9.88 5.54 11.33
C ILE A 45 8.50 5.60 11.99
N ASP A 46 8.16 6.78 12.51
CA ASP A 46 6.87 6.97 13.17
C ASP A 46 6.15 8.18 12.59
N LEU A 47 5.00 7.94 11.97
CA LEU A 47 4.22 9.02 11.39
C LEU A 47 3.32 9.66 12.43
N THR A 48 3.52 9.26 13.68
CA THR A 48 2.74 9.81 14.78
C THR A 48 3.17 11.24 15.06
N THR A 49 4.48 11.47 14.99
CA THR A 49 5.02 12.80 15.22
C THR A 49 5.21 13.52 13.89
N GLN A 50 5.30 14.85 13.94
CA GLN A 50 5.47 15.64 12.73
C GLN A 50 6.80 15.33 12.05
N ALA A 51 7.86 15.16 12.85
CA ALA A 51 9.20 14.87 12.33
C ALA A 51 9.23 13.58 11.51
N GLY A 52 8.21 12.75 11.66
CA GLY A 52 8.16 11.48 10.97
C GLY A 52 8.24 11.66 9.45
N TRP A 53 7.56 12.67 8.92
CA TRP A 53 7.57 12.87 7.48
C TRP A 53 8.98 13.18 6.98
N ASP A 54 9.80 13.79 7.83
CA ASP A 54 11.16 14.12 7.45
C ASP A 54 11.96 12.85 7.19
N ALA A 55 12.09 12.01 8.22
CA ALA A 55 12.83 10.77 8.08
C ALA A 55 12.17 9.82 7.09
N ALA A 56 10.85 9.67 7.23
CA ALA A 56 10.11 8.76 6.36
C ALA A 56 10.17 9.21 4.89
N SER A 57 10.02 10.50 4.64
CA SER A 57 10.07 11.01 3.27
C SER A 57 11.44 10.73 2.66
N LYS A 58 12.42 10.50 3.52
CA LYS A 58 13.76 10.20 3.06
C LYS A 58 13.92 8.71 2.79
N ILE A 59 12.81 8.00 2.85
CA ILE A 59 12.82 6.56 2.61
C ILE A 59 13.04 6.26 1.14
N LYS A 60 13.96 5.32 0.88
CA LYS A 60 14.26 4.93 -0.48
C LYS A 60 14.01 3.44 -0.65
N LEU A 61 13.41 3.06 -1.77
CA LEU A 61 13.13 1.65 -2.03
C LEU A 61 14.41 0.87 -1.86
N GLU A 62 15.51 1.58 -1.99
CA GLU A 62 16.81 0.99 -1.84
C GLU A 62 16.95 0.46 -0.41
N GLU A 63 16.40 1.22 0.53
CA GLU A 63 16.46 0.86 1.95
C GLU A 63 15.46 -0.24 2.32
N LEU A 64 14.29 -0.25 1.68
CA LEU A 64 13.27 -1.27 1.99
C LEU A 64 13.30 -2.39 0.97
N TYR A 65 14.10 -2.21 -0.06
CA TYR A 65 14.20 -3.18 -1.13
C TYR A 65 15.55 -3.05 -1.82
N THR A 66 16.46 -3.97 -1.56
CA THR A 66 17.79 -3.91 -2.17
C THR A 66 18.25 -5.29 -2.63
N ASN A 67 18.07 -6.29 -1.79
CA ASN A 67 18.48 -7.65 -2.14
C ASN A 67 17.32 -8.39 -2.78
N GLY A 68 16.34 -7.64 -3.26
CA GLY A 68 15.16 -8.22 -3.89
C GLY A 68 14.10 -8.55 -2.84
N HIS A 69 14.47 -8.39 -1.58
CA HIS A 69 13.55 -8.65 -0.48
C HIS A 69 13.72 -7.62 0.64
N PRO A 70 12.72 -7.39 1.48
CA PRO A 70 12.84 -6.39 2.59
C PRO A 70 14.02 -6.71 3.52
N THR A 71 14.54 -5.67 4.18
CA THR A 71 15.66 -5.85 5.09
C THR A 71 15.18 -5.86 6.53
N ASP A 72 16.12 -5.77 7.47
CA ASP A 72 15.78 -5.76 8.89
C ASP A 72 15.23 -4.38 9.25
N LYS A 73 15.14 -3.52 8.23
CA LYS A 73 14.64 -2.17 8.41
C LYS A 73 13.11 -2.18 8.41
N VAL A 74 12.54 -3.36 8.27
CA VAL A 74 11.08 -3.52 8.25
C VAL A 74 10.66 -4.60 9.24
N THR A 75 9.43 -4.48 9.73
CA THR A 75 8.90 -5.44 10.70
C THR A 75 7.58 -6.03 10.21
N LYS A 76 7.48 -7.35 10.24
CA LYS A 76 6.25 -8.01 9.79
C LYS A 76 5.09 -7.64 10.68
N VAL A 77 3.99 -7.25 10.04
CA VAL A 77 2.79 -6.85 10.77
C VAL A 77 1.74 -7.96 10.72
N ALA A 78 1.30 -8.31 9.51
CA ALA A 78 0.29 -9.36 9.38
C ALA A 78 0.15 -9.79 7.92
N THR A 79 -0.37 -11.00 7.73
CA THR A 79 -0.57 -11.54 6.39
C THR A 79 -2.04 -11.89 6.19
N LYS A 80 -2.67 -11.31 5.16
CA LYS A 80 -4.08 -11.58 4.90
C LYS A 80 -4.32 -11.79 3.41
N LYS A 81 -5.31 -12.62 3.09
CA LYS A 81 -5.64 -12.90 1.70
C LYS A 81 -6.93 -12.19 1.29
N THR A 82 -6.85 -11.45 0.19
CA THR A 82 -8.00 -10.72 -0.33
C THR A 82 -9.09 -11.69 -0.78
N GLU A 83 -10.33 -11.30 -0.55
CA GLU A 83 -11.48 -12.10 -0.95
C GLU A 83 -12.60 -11.19 -1.44
N GLY A 84 -13.15 -11.50 -2.60
CA GLY A 84 -14.22 -10.68 -3.17
C GLY A 84 -13.64 -9.48 -3.90
N GLY A 85 -12.31 -9.47 -4.06
CA GLY A 85 -11.64 -8.36 -4.74
C GLY A 85 -11.41 -7.18 -3.81
N VAL A 86 -11.57 -7.41 -2.51
CA VAL A 86 -11.37 -6.32 -1.54
C VAL A 86 -10.65 -6.84 -0.29
N ALA A 87 -9.78 -5.99 0.27
CA ALA A 87 -9.04 -6.35 1.47
C ALA A 87 -9.09 -5.21 2.48
N LYS A 88 -9.10 -5.53 3.76
CA LYS A 88 -9.16 -4.51 4.79
C LYS A 88 -8.36 -4.94 6.02
N PHE A 89 -7.49 -4.03 6.50
CA PHE A 89 -6.68 -4.31 7.68
C PHE A 89 -7.13 -3.43 8.83
N ASP A 90 -7.60 -4.04 9.91
CA ASP A 90 -8.06 -3.30 11.06
C ASP A 90 -7.01 -3.24 12.16
N ASN A 91 -7.35 -2.56 13.26
CA ASN A 91 -6.46 -2.42 14.40
C ASN A 91 -5.03 -2.05 13.97
N LEU A 92 -4.91 -0.92 13.27
CA LEU A 92 -3.60 -0.47 12.83
C LEU A 92 -3.11 0.67 13.71
N THR A 93 -1.88 0.56 14.19
CA THR A 93 -1.31 1.60 15.01
C THR A 93 -0.60 2.62 14.11
N PRO A 94 -0.73 3.91 14.37
CA PRO A 94 -0.07 4.94 13.51
C PRO A 94 1.39 4.63 13.21
N ALA A 95 1.72 4.56 11.91
CA ALA A 95 3.10 4.30 11.48
C ALA A 95 3.18 4.31 9.95
N LEU A 96 3.87 3.32 9.39
CA LEU A 96 4.02 3.20 7.95
C LEU A 96 3.87 1.75 7.52
N TYR A 97 2.91 1.49 6.63
CA TYR A 97 2.66 0.14 6.15
C TYR A 97 3.22 -0.06 4.75
N LEU A 98 3.81 -1.24 4.54
CA LEU A 98 4.40 -1.59 3.26
C LEU A 98 3.74 -2.85 2.74
N VAL A 99 3.24 -2.80 1.52
CA VAL A 99 2.56 -3.94 0.93
C VAL A 99 3.46 -4.66 -0.06
N VAL A 100 3.64 -5.97 0.18
CA VAL A 100 4.46 -6.81 -0.67
C VAL A 100 3.60 -7.85 -1.36
N GLN A 101 3.69 -7.90 -2.68
CA GLN A 101 2.90 -8.83 -3.48
C GLN A 101 3.55 -10.22 -3.54
N GLU A 102 3.02 -11.15 -2.75
CA GLU A 102 3.53 -12.52 -2.75
C GLU A 102 3.20 -13.22 -4.06
N LEU A 103 4.13 -14.03 -4.55
CA LEU A 103 3.90 -14.76 -5.80
C LEU A 103 2.96 -15.93 -5.56
N ASN A 104 2.62 -16.18 -4.30
CA ASN A 104 1.73 -17.27 -3.96
C ASN A 104 0.43 -17.12 -4.73
N GLY A 105 0.00 -18.20 -5.37
CA GLY A 105 -1.23 -18.17 -6.15
C GLY A 105 -1.00 -17.36 -7.42
N ALA A 106 -2.06 -16.78 -7.97
CA ALA A 106 -1.92 -15.98 -9.18
C ALA A 106 -1.12 -16.75 -10.24
N GLU A 107 -1.68 -17.85 -10.72
CA GLU A 107 -1.00 -18.68 -11.72
C GLU A 107 -1.08 -18.07 -13.13
N ALA A 108 -2.25 -17.58 -13.52
CA ALA A 108 -2.42 -16.98 -14.84
C ALA A 108 -2.06 -15.50 -14.82
N VAL A 109 -1.61 -15.04 -13.67
CA VAL A 109 -1.25 -13.63 -13.50
C VAL A 109 0.09 -13.49 -12.80
N VAL A 110 0.84 -12.44 -13.16
CA VAL A 110 2.13 -12.21 -12.52
C VAL A 110 2.04 -11.07 -11.53
N ARG A 111 2.86 -11.14 -10.48
CA ARG A 111 2.84 -10.11 -9.44
C ARG A 111 3.39 -8.78 -9.93
N SER A 112 2.74 -7.70 -9.50
CA SER A 112 3.17 -6.35 -9.88
C SER A 112 4.17 -5.83 -8.85
N GLN A 113 4.70 -4.65 -9.09
CA GLN A 113 5.67 -4.05 -8.18
C GLN A 113 4.99 -3.68 -6.86
N PRO A 114 5.70 -3.72 -5.75
CA PRO A 114 5.12 -3.39 -4.41
C PRO A 114 4.88 -1.89 -4.25
N PHE A 115 4.14 -1.51 -3.20
CA PHE A 115 3.86 -0.10 -2.97
C PHE A 115 3.86 0.21 -1.47
N LEU A 116 4.07 1.48 -1.13
CA LEU A 116 4.14 1.92 0.26
C LEU A 116 3.08 2.98 0.53
N VAL A 117 2.46 2.93 1.71
CA VAL A 117 1.45 3.92 2.06
C VAL A 117 1.51 4.26 3.54
N ALA A 118 1.30 5.55 3.85
CA ALA A 118 1.31 6.00 5.24
C ALA A 118 -0.03 5.71 5.89
N ALA A 119 -0.02 5.32 7.17
CA ALA A 119 -1.28 5.02 7.84
C ALA A 119 -1.26 5.45 9.32
N PRO A 120 -2.01 6.46 9.75
CA PRO A 120 -2.94 7.29 8.91
C PRO A 120 -2.17 8.33 8.10
N GLN A 121 -2.87 8.96 7.16
CA GLN A 121 -2.26 9.99 6.34
C GLN A 121 -2.95 11.33 6.63
N THR A 122 -2.25 12.43 6.39
CA THR A 122 -2.84 13.73 6.64
C THR A 122 -3.95 14.00 5.65
N ASN A 123 -4.86 14.91 6.01
CA ASN A 123 -5.97 15.23 5.14
C ASN A 123 -5.50 15.99 3.89
N PRO A 124 -6.23 15.96 2.80
CA PRO A 124 -5.82 16.67 1.55
C PRO A 124 -5.43 18.13 1.80
N THR A 125 -6.04 18.74 2.81
CA THR A 125 -5.74 20.13 3.14
C THR A 125 -4.65 20.22 4.19
N GLY A 126 -4.22 19.06 4.68
CA GLY A 126 -3.16 19.00 5.68
C GLY A 126 -3.72 19.25 7.09
N ASP A 127 -5.02 19.47 7.17
CA ASP A 127 -5.65 19.72 8.46
C ASP A 127 -6.25 18.42 9.01
N GLY A 128 -5.72 17.97 10.14
CA GLY A 128 -6.22 16.74 10.75
C GLY A 128 -5.64 15.51 10.06
N TRP A 129 -6.11 14.33 10.48
CA TRP A 129 -5.64 13.08 9.90
C TRP A 129 -6.82 12.18 9.54
N LEU A 130 -6.65 11.36 8.50
CA LEU A 130 -7.71 10.46 8.08
C LEU A 130 -7.51 9.07 8.70
N GLN A 131 -8.56 8.56 9.32
CA GLN A 131 -8.51 7.27 9.99
C GLN A 131 -8.55 6.10 9.01
N ASP A 132 -8.97 6.34 7.77
CA ASP A 132 -9.03 5.27 6.78
C ASP A 132 -8.28 5.63 5.52
N VAL A 133 -7.40 4.72 5.09
CA VAL A 133 -6.61 4.94 3.88
C VAL A 133 -7.04 3.99 2.77
N HIS A 134 -7.36 4.54 1.61
CA HIS A 134 -7.79 3.73 0.45
C HIS A 134 -6.68 3.57 -0.57
N VAL A 135 -6.51 2.34 -1.08
CA VAL A 135 -5.48 2.08 -2.07
C VAL A 135 -6.04 1.15 -3.16
N TYR A 136 -5.65 1.41 -4.41
CA TYR A 136 -6.13 0.59 -5.54
C TYR A 136 -4.96 0.10 -6.38
N PRO A 137 -4.11 -0.74 -5.83
CA PRO A 137 -2.96 -1.30 -6.58
C PRO A 137 -3.43 -2.30 -7.62
N LYS A 138 -2.96 -2.13 -8.85
CA LYS A 138 -3.37 -3.03 -9.93
C LYS A 138 -2.36 -4.17 -10.10
N HIS A 139 -2.82 -5.27 -10.68
CA HIS A 139 -1.95 -6.41 -10.90
C HIS A 139 -1.56 -6.52 -12.38
N GLN A 140 -0.43 -7.15 -12.64
CA GLN A 140 0.03 -7.34 -14.01
C GLN A 140 -0.21 -8.78 -14.42
N ALA A 141 -1.03 -8.98 -15.44
CA ALA A 141 -1.36 -10.32 -15.89
C ALA A 141 -0.26 -10.94 -16.74
N LEU A 142 -0.30 -12.27 -16.82
CA LEU A 142 0.67 -13.03 -17.59
C LEU A 142 0.42 -12.87 -19.09
N SER A 143 1.44 -12.46 -19.82
CA SER A 143 1.31 -12.26 -21.25
C SER A 143 0.14 -11.35 -21.58
N LYS B 1 1.53 14.67 -4.31
CA LYS B 1 2.28 15.90 -3.89
C LYS B 1 1.83 16.30 -2.48
N ASN B 2 0.53 16.15 -2.22
CA ASN B 2 0.00 16.51 -0.90
C ASN B 2 0.04 15.30 0.03
N ALA B 3 0.97 15.33 0.97
CA ALA B 3 1.12 14.23 1.92
C ALA B 3 1.24 12.91 1.19
N GLY B 4 0.77 11.83 1.82
CA GLY B 4 0.85 10.51 1.22
C GLY B 4 2.26 9.96 1.31
N PHE B 5 2.54 8.90 0.57
CA PHE B 5 3.87 8.29 0.58
C PHE B 5 4.31 7.91 -0.83
N GLU B 6 3.72 6.85 -1.36
CA GLU B 6 4.07 6.39 -2.69
C GLU B 6 3.08 5.32 -3.15
N LEU B 7 1.97 5.78 -3.72
CA LEU B 7 0.93 4.89 -4.21
C LEU B 7 0.47 5.36 -5.59
N PRO B 8 1.39 5.44 -6.53
CA PRO B 8 1.08 5.90 -7.92
C PRO B 8 0.12 4.97 -8.66
N LEU B 9 0.12 3.71 -8.25
CA LEU B 9 -0.74 2.72 -8.89
C LEU B 9 -2.20 2.91 -8.45
N THR B 10 -3.10 2.79 -9.42
CA THR B 10 -4.52 2.94 -9.14
C THR B 10 -5.31 1.90 -9.93
N GLU A 1 -11.00 4.65 17.58
CA GLU A 1 -9.73 4.77 18.34
C GLU A 1 -8.64 3.94 17.66
N ARG A 2 -8.84 3.67 16.37
CA ARG A 2 -7.87 2.89 15.61
C ARG A 2 -7.88 3.29 14.14
N THR A 3 -6.83 2.89 13.43
CA THR A 3 -6.72 3.20 12.00
C THR A 3 -7.10 1.98 11.18
N SER A 4 -7.31 2.18 9.88
CA SER A 4 -7.69 1.08 9.00
C SER A 4 -7.19 1.32 7.57
N ILE A 5 -6.70 0.24 6.95
CA ILE A 5 -6.20 0.32 5.58
C ILE A 5 -7.00 -0.60 4.67
N ALA A 6 -7.62 -0.02 3.66
CA ALA A 6 -8.42 -0.80 2.71
C ALA A 6 -7.72 -0.85 1.35
N VAL A 7 -7.51 -2.07 0.85
CA VAL A 7 -6.86 -2.25 -0.43
C VAL A 7 -7.79 -2.99 -1.39
N HIS A 8 -8.15 -2.33 -2.49
CA HIS A 8 -9.03 -2.95 -3.48
C HIS A 8 -8.21 -3.62 -4.58
N ALA A 9 -8.36 -4.93 -4.70
CA ALA A 9 -7.62 -5.69 -5.71
C ALA A 9 -8.20 -5.49 -7.10
N LEU A 10 -7.36 -5.04 -8.03
CA LEU A 10 -7.79 -4.82 -9.41
C LEU A 10 -6.79 -5.46 -10.37
N MET A 11 -7.27 -5.84 -11.56
CA MET A 11 -6.40 -6.45 -12.56
C MET A 11 -6.38 -5.62 -13.85
N GLY A 12 -5.18 -5.52 -14.44
CA GLY A 12 -5.00 -4.77 -15.67
C GLY A 12 -4.11 -3.55 -15.46
N LEU A 13 -3.26 -3.28 -16.43
CA LEU A 13 -2.35 -2.14 -16.34
C LEU A 13 -3.07 -0.85 -16.76
N PRO A 14 -2.67 0.29 -16.24
CA PRO A 14 -3.33 1.59 -16.59
C PRO A 14 -3.10 1.96 -18.06
N THR A 15 -4.06 2.69 -18.63
CA THR A 15 -3.96 3.08 -20.03
C THR A 15 -3.85 4.60 -20.17
N GLY A 16 -2.66 5.13 -19.92
CA GLY A 16 -2.42 6.55 -20.05
C GLY A 16 -3.15 7.34 -18.96
N GLN A 17 -3.44 6.68 -17.84
CA GLN A 17 -4.13 7.36 -16.75
C GLN A 17 -3.12 7.89 -15.73
N PRO A 18 -3.41 9.01 -15.09
CA PRO A 18 -2.48 9.61 -14.08
C PRO A 18 -2.50 8.86 -12.76
N ALA A 19 -1.39 8.94 -12.02
CA ALA A 19 -1.31 8.30 -10.72
C ALA A 19 -2.16 9.07 -9.72
N ASN A 20 -3.05 8.38 -9.01
CA ASN A 20 -3.92 9.04 -8.04
C ASN A 20 -3.58 8.61 -6.61
N GLY A 21 -2.98 9.50 -5.85
CA GLY A 21 -2.62 9.22 -4.47
C GLY A 21 -3.73 9.64 -3.54
N THR A 22 -4.96 9.52 -4.01
CA THR A 22 -6.13 9.90 -3.22
C THR A 22 -7.31 9.00 -3.56
N LYS A 23 -8.43 9.21 -2.87
CA LYS A 23 -9.62 8.40 -3.13
C LYS A 23 -10.08 8.59 -4.57
N LEU A 24 -10.33 7.47 -5.25
CA LEU A 24 -10.77 7.51 -6.64
C LEU A 24 -11.78 6.41 -6.91
N ASP A 25 -12.77 6.69 -7.75
CA ASP A 25 -13.77 5.68 -8.07
C ASP A 25 -13.06 4.50 -8.74
N SER A 26 -13.46 3.29 -8.38
CA SER A 26 -12.83 2.10 -8.95
C SER A 26 -13.21 1.93 -10.42
N ILE A 27 -12.37 1.21 -11.14
CA ILE A 27 -12.61 0.94 -12.55
C ILE A 27 -13.59 -0.21 -12.70
N GLY A 28 -13.51 -1.15 -11.76
CA GLY A 28 -14.39 -2.31 -11.77
C GLY A 28 -13.91 -3.39 -12.71
N LEU A 29 -12.62 -3.35 -13.05
CA LEU A 29 -12.05 -4.37 -13.93
C LEU A 29 -12.05 -5.70 -13.17
N PRO A 30 -12.05 -6.83 -13.83
CA PRO A 30 -12.07 -8.13 -13.10
C PRO A 30 -11.05 -8.14 -11.97
N LYS A 31 -11.54 -8.40 -10.76
CA LYS A 31 -10.68 -8.42 -9.59
C LYS A 31 -10.21 -9.84 -9.31
N VAL A 32 -9.02 -9.96 -8.76
CA VAL A 32 -8.46 -11.26 -8.44
C VAL A 32 -8.61 -11.56 -6.95
N ASP A 33 -9.39 -12.59 -6.65
CA ASP A 33 -9.60 -12.99 -5.26
C ASP A 33 -8.50 -13.96 -4.83
N GLY A 34 -8.52 -14.35 -3.57
CA GLY A 34 -7.51 -15.26 -3.06
C GLY A 34 -6.13 -14.66 -3.24
N MET A 35 -6.05 -13.34 -3.14
CA MET A 35 -4.78 -12.64 -3.29
C MET A 35 -4.10 -12.48 -1.94
N SER A 36 -2.80 -12.75 -1.88
CA SER A 36 -2.08 -12.66 -0.63
C SER A 36 -1.26 -11.38 -0.53
N PHE A 37 -1.47 -10.65 0.56
CA PHE A 37 -0.74 -9.42 0.82
C PHE A 37 -0.16 -9.47 2.22
N THR A 38 1.05 -8.93 2.39
CA THR A 38 1.69 -8.93 3.70
C THR A 38 2.03 -7.51 4.14
N LEU A 39 1.66 -7.16 5.36
CA LEU A 39 1.94 -5.82 5.87
C LEU A 39 3.26 -5.81 6.61
N TYR A 40 4.07 -4.81 6.28
CA TYR A 40 5.36 -4.63 6.90
C TYR A 40 5.48 -3.22 7.47
N ARG A 41 5.86 -3.11 8.73
CA ARG A 41 5.99 -1.81 9.36
C ARG A 41 7.43 -1.31 9.30
N VAL A 42 7.61 -0.07 8.87
CA VAL A 42 8.96 0.50 8.78
C VAL A 42 9.46 0.96 10.14
N ASN A 43 10.47 0.27 10.65
CA ASN A 43 11.06 0.59 11.94
C ASN A 43 11.79 1.94 11.91
N GLU A 44 12.06 2.48 13.09
CA GLU A 44 12.77 3.76 13.22
C GLU A 44 11.98 4.92 12.64
N ILE A 45 10.80 4.63 12.08
CA ILE A 45 9.96 5.68 11.50
C ILE A 45 8.61 5.74 12.20
N ASP A 46 8.29 6.90 12.74
CA ASP A 46 7.01 7.09 13.43
C ASP A 46 6.25 8.27 12.84
N LEU A 47 5.12 7.97 12.20
CA LEU A 47 4.31 9.02 11.60
C LEU A 47 3.35 9.61 12.61
N THR A 48 3.56 9.26 13.88
CA THR A 48 2.71 9.78 14.94
C THR A 48 3.02 11.25 15.19
N THR A 49 4.31 11.58 15.14
CA THR A 49 4.75 12.96 15.34
C THR A 49 4.87 13.67 13.99
N GLN A 50 4.87 14.99 14.01
CA GLN A 50 4.98 15.75 12.77
C GLN A 50 6.32 15.52 12.08
N ALA A 51 7.37 15.34 12.88
CA ALA A 51 8.72 15.12 12.35
C ALA A 51 8.81 13.82 11.54
N GLY A 52 7.83 12.95 11.73
CA GLY A 52 7.82 11.66 11.05
C GLY A 52 7.84 11.78 9.53
N TRP A 53 7.10 12.72 8.98
CA TRP A 53 7.06 12.86 7.52
C TRP A 53 8.44 13.22 6.97
N ASP A 54 9.23 13.94 7.74
CA ASP A 54 10.56 14.32 7.31
C ASP A 54 11.45 13.11 7.16
N ALA A 55 11.53 12.30 8.20
CA ALA A 55 12.35 11.09 8.17
C ALA A 55 11.81 10.10 7.16
N ALA A 56 10.50 9.85 7.22
CA ALA A 56 9.86 8.90 6.33
C ALA A 56 9.96 9.34 4.86
N SER A 57 9.77 10.62 4.60
CA SER A 57 9.85 11.13 3.23
C SER A 57 11.24 10.93 2.67
N LYS A 58 12.22 10.78 3.55
CA LYS A 58 13.59 10.57 3.13
C LYS A 58 13.84 9.09 2.88
N ILE A 59 12.81 8.28 3.03
CA ILE A 59 12.96 6.84 2.84
C ILE A 59 13.24 6.52 1.38
N LYS A 60 14.16 5.59 1.18
CA LYS A 60 14.54 5.16 -0.14
C LYS A 60 14.29 3.66 -0.28
N LEU A 61 13.66 3.26 -1.38
CA LEU A 61 13.41 1.85 -1.59
C LEU A 61 14.72 1.11 -1.53
N GLU A 62 15.78 1.79 -1.90
CA GLU A 62 17.09 1.20 -1.88
C GLU A 62 17.44 0.83 -0.43
N GLU A 63 16.81 1.52 0.51
CA GLU A 63 17.07 1.28 1.94
C GLU A 63 16.12 0.26 2.57
N LEU A 64 15.04 -0.12 1.89
CA LEU A 64 14.09 -1.10 2.45
C LEU A 64 13.85 -2.28 1.52
N TYR A 65 13.99 -2.04 0.22
CA TYR A 65 13.80 -3.07 -0.79
C TYR A 65 14.72 -2.81 -1.97
N THR A 66 15.70 -3.70 -2.18
CA THR A 66 16.65 -3.51 -3.27
C THR A 66 17.08 -4.85 -3.88
N ASN A 67 17.52 -5.77 -3.03
CA ASN A 67 17.96 -7.08 -3.50
C ASN A 67 16.76 -7.94 -3.86
N GLY A 68 15.63 -7.29 -4.10
CA GLY A 68 14.41 -7.99 -4.46
C GLY A 68 13.72 -8.54 -3.22
N HIS A 69 14.31 -8.25 -2.06
CA HIS A 69 13.74 -8.73 -0.80
C HIS A 69 13.85 -7.66 0.30
N PRO A 70 12.95 -7.65 1.25
CA PRO A 70 12.98 -6.65 2.37
C PRO A 70 14.18 -6.82 3.29
N THR A 71 14.56 -5.72 3.94
CA THR A 71 15.71 -5.74 4.85
C THR A 71 15.24 -5.62 6.29
N ASP A 72 16.18 -5.37 7.19
CA ASP A 72 15.87 -5.22 8.61
C ASP A 72 15.18 -3.88 8.84
N LYS A 73 15.09 -3.08 7.79
CA LYS A 73 14.47 -1.77 7.87
C LYS A 73 12.95 -1.87 7.92
N VAL A 74 12.45 -3.11 7.96
CA VAL A 74 11.01 -3.35 8.02
C VAL A 74 10.67 -4.31 9.15
N THR A 75 9.42 -4.26 9.61
CA THR A 75 8.98 -5.13 10.70
C THR A 75 7.74 -5.91 10.29
N LYS A 76 7.75 -7.21 10.50
CA LYS A 76 6.61 -8.04 10.15
C LYS A 76 5.38 -7.60 10.96
N VAL A 77 4.28 -7.32 10.27
CA VAL A 77 3.07 -6.87 10.94
C VAL A 77 2.01 -7.97 10.89
N ALA A 78 1.55 -8.29 9.68
CA ALA A 78 0.51 -9.31 9.55
C ALA A 78 0.32 -9.72 8.09
N THR A 79 -0.21 -10.92 7.89
CA THR A 79 -0.47 -11.43 6.55
C THR A 79 -1.92 -11.91 6.43
N LYS A 80 -2.63 -11.38 5.44
CA LYS A 80 -4.03 -11.77 5.21
C LYS A 80 -4.31 -11.88 3.73
N LYS A 81 -5.25 -12.75 3.37
CA LYS A 81 -5.60 -12.95 1.97
C LYS A 81 -6.87 -12.20 1.60
N THR A 82 -6.76 -11.33 0.61
CA THR A 82 -7.91 -10.55 0.14
C THR A 82 -8.96 -11.47 -0.48
N GLU A 83 -10.21 -11.31 -0.03
CA GLU A 83 -11.31 -12.11 -0.55
C GLU A 83 -12.36 -11.20 -1.16
N GLY A 84 -12.82 -11.55 -2.36
CA GLY A 84 -13.82 -10.75 -3.05
C GLY A 84 -13.18 -9.57 -3.77
N GLY A 85 -11.85 -9.57 -3.81
CA GLY A 85 -11.12 -8.51 -4.49
C GLY A 85 -10.95 -7.28 -3.60
N VAL A 86 -11.45 -7.37 -2.36
CA VAL A 86 -11.34 -6.26 -1.42
C VAL A 86 -10.80 -6.75 -0.08
N ALA A 87 -9.78 -6.05 0.42
CA ALA A 87 -9.17 -6.41 1.69
C ALA A 87 -9.21 -5.22 2.66
N LYS A 88 -9.35 -5.52 3.95
CA LYS A 88 -9.40 -4.46 4.95
C LYS A 88 -8.65 -4.89 6.22
N PHE A 89 -7.81 -3.98 6.71
CA PHE A 89 -7.03 -4.25 7.92
C PHE A 89 -7.51 -3.40 9.08
N ASP A 90 -7.94 -4.05 10.15
CA ASP A 90 -8.42 -3.34 11.34
C ASP A 90 -7.36 -3.34 12.44
N ASN A 91 -7.67 -2.71 13.56
CA ASN A 91 -6.73 -2.64 14.68
C ASN A 91 -5.34 -2.22 14.22
N LEU A 92 -5.28 -1.12 13.48
CA LEU A 92 -3.99 -0.62 13.00
C LEU A 92 -3.51 0.51 13.88
N THR A 93 -2.24 0.45 14.26
CA THR A 93 -1.64 1.50 15.06
C THR A 93 -0.96 2.51 14.13
N PRO A 94 -0.99 3.79 14.44
CA PRO A 94 -0.40 4.82 13.56
C PRO A 94 1.11 4.63 13.33
N ALA A 95 1.49 4.57 12.06
CA ALA A 95 2.88 4.40 11.68
C ALA A 95 3.01 4.39 10.15
N LEU A 96 3.76 3.43 9.62
CA LEU A 96 3.94 3.30 8.18
C LEU A 96 3.76 1.84 7.76
N TYR A 97 2.81 1.61 6.86
CA TYR A 97 2.53 0.26 6.39
C TYR A 97 3.06 0.06 4.97
N LEU A 98 3.49 -1.17 4.71
CA LEU A 98 4.03 -1.53 3.40
C LEU A 98 3.37 -2.81 2.93
N VAL A 99 2.82 -2.77 1.73
CA VAL A 99 2.13 -3.93 1.17
C VAL A 99 2.98 -4.61 0.10
N VAL A 100 3.24 -5.89 0.29
CA VAL A 100 4.01 -6.67 -0.65
C VAL A 100 3.15 -7.78 -1.25
N GLN A 101 3.05 -7.79 -2.57
CA GLN A 101 2.23 -8.79 -3.26
C GLN A 101 2.99 -10.09 -3.45
N GLU A 102 2.60 -11.11 -2.70
CA GLU A 102 3.25 -12.42 -2.80
C GLU A 102 2.93 -13.07 -4.14
N LEU A 103 3.90 -13.79 -4.69
CA LEU A 103 3.72 -14.47 -5.98
C LEU A 103 2.87 -15.72 -5.80
N ASN A 104 2.39 -15.94 -4.59
CA ASN A 104 1.56 -17.10 -4.32
C ASN A 104 0.39 -17.14 -5.29
N GLY A 105 0.06 -18.33 -5.79
CA GLY A 105 -1.03 -18.47 -6.74
C GLY A 105 -0.73 -17.63 -7.98
N ALA A 106 -1.68 -16.81 -8.39
CA ALA A 106 -1.49 -15.96 -9.56
C ALA A 106 -0.86 -16.76 -10.70
N GLU A 107 -1.49 -17.87 -11.06
CA GLU A 107 -0.98 -18.70 -12.13
C GLU A 107 -1.28 -18.09 -13.50
N ALA A 108 -2.45 -17.45 -13.61
CA ALA A 108 -2.84 -16.83 -14.87
C ALA A 108 -2.26 -15.43 -15.01
N VAL A 109 -1.70 -14.91 -13.91
CA VAL A 109 -1.13 -13.56 -13.93
C VAL A 109 0.26 -13.56 -13.31
N VAL A 110 1.01 -12.50 -13.56
CA VAL A 110 2.35 -12.38 -12.98
C VAL A 110 2.33 -11.36 -11.86
N ARG A 111 3.23 -11.52 -10.90
CA ARG A 111 3.29 -10.62 -9.77
C ARG A 111 3.56 -9.18 -10.20
N SER A 112 2.82 -8.24 -9.62
CA SER A 112 2.99 -6.83 -9.93
C SER A 112 3.91 -6.17 -8.91
N GLN A 113 4.26 -4.91 -9.16
CA GLN A 113 5.15 -4.19 -8.26
C GLN A 113 4.43 -3.85 -6.94
N PRO A 114 5.15 -3.81 -5.83
CA PRO A 114 4.56 -3.48 -4.49
C PRO A 114 4.30 -1.99 -4.32
N PHE A 115 3.59 -1.62 -3.26
CA PHE A 115 3.30 -0.22 -3.01
C PHE A 115 3.43 0.07 -1.51
N LEU A 116 3.68 1.34 -1.17
CA LEU A 116 3.86 1.74 0.21
C LEU A 116 2.93 2.90 0.56
N VAL A 117 2.22 2.78 1.67
CA VAL A 117 1.31 3.84 2.08
C VAL A 117 1.36 4.07 3.59
N ALA A 118 1.18 5.31 4.00
CA ALA A 118 1.19 5.67 5.41
C ALA A 118 -0.17 5.38 6.04
N ALA A 119 -0.17 5.02 7.33
CA ALA A 119 -1.43 4.74 8.02
C ALA A 119 -1.39 5.25 9.47
N PRO A 120 -2.14 6.29 9.83
CA PRO A 120 -3.07 7.06 8.93
C PRO A 120 -2.31 7.96 7.96
N GLN A 121 -3.03 8.52 7.00
CA GLN A 121 -2.43 9.42 6.02
C GLN A 121 -2.95 10.83 6.26
N THR A 122 -2.13 11.82 5.96
CA THR A 122 -2.56 13.20 6.16
C THR A 122 -3.62 13.57 5.15
N ASN A 123 -4.46 14.53 5.50
CA ASN A 123 -5.53 14.97 4.61
C ASN A 123 -4.96 15.71 3.40
N PRO A 124 -5.62 15.67 2.27
CA PRO A 124 -5.13 16.37 1.04
C PRO A 124 -5.00 17.87 1.23
N THR A 125 -5.65 18.39 2.26
CA THR A 125 -5.60 19.82 2.56
C THR A 125 -4.48 20.12 3.54
N GLY A 126 -3.85 19.06 4.05
CA GLY A 126 -2.76 19.21 5.00
C GLY A 126 -3.27 19.44 6.42
N ASP A 127 -4.59 19.47 6.57
CA ASP A 127 -5.19 19.68 7.87
C ASP A 127 -5.85 18.40 8.39
N GLY A 128 -5.44 17.95 9.56
CA GLY A 128 -6.00 16.74 10.15
C GLY A 128 -5.39 15.48 9.54
N TRP A 129 -5.88 14.33 9.98
CA TRP A 129 -5.38 13.04 9.48
C TRP A 129 -6.55 12.13 9.12
N LEU A 130 -6.34 11.25 8.15
CA LEU A 130 -7.38 10.34 7.72
C LEU A 130 -7.25 8.99 8.43
N GLN A 131 -8.32 8.57 9.08
CA GLN A 131 -8.34 7.31 9.82
C GLN A 131 -8.43 6.10 8.89
N ASP A 132 -8.85 6.34 7.65
CA ASP A 132 -8.99 5.25 6.69
C ASP A 132 -8.21 5.55 5.42
N VAL A 133 -7.40 4.57 4.99
CA VAL A 133 -6.59 4.73 3.78
C VAL A 133 -7.11 3.81 2.67
N HIS A 134 -7.41 4.39 1.53
CA HIS A 134 -7.90 3.61 0.39
C HIS A 134 -6.81 3.45 -0.66
N VAL A 135 -6.60 2.22 -1.12
CA VAL A 135 -5.59 1.93 -2.11
C VAL A 135 -6.16 1.04 -3.21
N TYR A 136 -5.80 1.32 -4.45
CA TYR A 136 -6.30 0.54 -5.59
C TYR A 136 -5.14 0.02 -6.43
N PRO A 137 -4.38 -0.90 -5.92
CA PRO A 137 -3.23 -1.48 -6.66
C PRO A 137 -3.70 -2.45 -7.74
N LYS A 138 -3.15 -2.31 -8.93
CA LYS A 138 -3.55 -3.16 -10.04
C LYS A 138 -2.59 -4.34 -10.18
N HIS A 139 -3.07 -5.43 -10.78
CA HIS A 139 -2.23 -6.60 -10.99
C HIS A 139 -1.81 -6.65 -12.46
N GLN A 140 -0.60 -7.13 -12.71
CA GLN A 140 -0.11 -7.22 -14.09
C GLN A 140 -0.16 -8.66 -14.57
N ALA A 141 -0.95 -8.89 -15.62
CA ALA A 141 -1.11 -10.23 -16.17
C ALA A 141 0.07 -10.60 -17.07
N LEU A 142 0.25 -11.90 -17.26
CA LEU A 142 1.34 -12.40 -18.10
C LEU A 142 1.00 -12.21 -19.58
N SER A 143 2.03 -12.26 -20.43
CA SER A 143 1.84 -12.09 -21.85
C SER A 143 1.10 -10.79 -22.14
N LYS B 1 2.70 15.51 -4.45
CA LYS B 1 4.04 15.30 -3.84
C LYS B 1 3.89 15.17 -2.33
N ASN B 2 3.38 16.23 -1.70
CA ASN B 2 3.19 16.22 -0.25
C ASN B 2 2.05 15.28 0.13
N ALA B 3 2.21 14.61 1.27
CA ALA B 3 1.20 13.67 1.74
C ALA B 3 1.30 12.34 1.00
N GLY B 4 1.00 11.26 1.71
CA GLY B 4 1.07 9.93 1.10
C GLY B 4 2.51 9.44 1.07
N PHE B 5 2.73 8.30 0.40
CA PHE B 5 4.07 7.74 0.30
C PHE B 5 4.40 7.40 -1.16
N GLU B 6 3.91 6.27 -1.64
CA GLU B 6 4.15 5.85 -3.01
C GLU B 6 3.08 4.87 -3.46
N LEU B 7 1.94 5.43 -3.88
CA LEU B 7 0.82 4.61 -4.35
C LEU B 7 0.35 5.16 -5.70
N PRO B 8 1.25 5.25 -6.64
CA PRO B 8 0.94 5.77 -8.02
C PRO B 8 -0.03 4.88 -8.76
N LEU B 9 -0.05 3.61 -8.39
CA LEU B 9 -0.93 2.65 -9.03
C LEU B 9 -2.37 2.84 -8.60
N THR B 10 -3.28 2.79 -9.56
CA THR B 10 -4.71 2.94 -9.29
C THR B 10 -5.49 1.98 -10.17
N GLU A 1 -8.24 5.01 19.57
CA GLU A 1 -8.80 4.35 18.34
C GLU A 1 -7.65 3.77 17.52
N ARG A 2 -7.97 3.31 16.31
CA ARG A 2 -6.96 2.73 15.43
C ARG A 2 -7.16 3.20 14.00
N THR A 3 -6.23 2.81 13.14
CA THR A 3 -6.29 3.17 11.74
C THR A 3 -6.77 1.98 10.92
N SER A 4 -6.99 2.18 9.63
CA SER A 4 -7.45 1.11 8.77
C SER A 4 -6.94 1.29 7.34
N ILE A 5 -6.55 0.19 6.71
CA ILE A 5 -6.03 0.24 5.34
C ILE A 5 -6.83 -0.70 4.44
N ALA A 6 -7.38 -0.13 3.36
CA ALA A 6 -8.15 -0.92 2.41
C ALA A 6 -7.42 -0.98 1.07
N VAL A 7 -7.21 -2.20 0.58
CA VAL A 7 -6.53 -2.40 -0.69
C VAL A 7 -7.45 -3.08 -1.69
N HIS A 8 -7.70 -2.41 -2.81
CA HIS A 8 -8.56 -2.95 -3.85
C HIS A 8 -7.72 -3.69 -4.89
N ALA A 9 -7.94 -4.99 -5.01
CA ALA A 9 -7.19 -5.78 -5.98
C ALA A 9 -7.78 -5.64 -7.38
N LEU A 10 -7.01 -5.01 -8.28
CA LEU A 10 -7.46 -4.80 -9.65
C LEU A 10 -6.47 -5.40 -10.65
N MET A 11 -6.98 -5.80 -11.81
CA MET A 11 -6.15 -6.41 -12.85
C MET A 11 -6.10 -5.55 -14.10
N GLY A 12 -4.93 -5.47 -14.71
CA GLY A 12 -4.74 -4.67 -15.93
C GLY A 12 -3.90 -3.43 -15.64
N LEU A 13 -3.02 -3.09 -16.58
CA LEU A 13 -2.15 -1.93 -16.41
C LEU A 13 -2.89 -0.65 -16.82
N PRO A 14 -2.47 0.53 -16.35
CA PRO A 14 -3.16 1.80 -16.72
C PRO A 14 -3.22 2.02 -18.22
N THR A 15 -4.35 2.54 -18.69
CA THR A 15 -4.54 2.80 -20.11
C THR A 15 -4.61 4.31 -20.37
N GLY A 16 -3.45 4.97 -20.25
CA GLY A 16 -3.40 6.41 -20.48
C GLY A 16 -4.00 7.19 -19.31
N GLN A 17 -4.13 6.54 -18.16
CA GLN A 17 -4.70 7.19 -16.99
C GLN A 17 -3.59 7.73 -16.09
N PRO A 18 -3.81 8.82 -15.39
CA PRO A 18 -2.79 9.42 -14.47
C PRO A 18 -2.66 8.64 -13.17
N ALA A 19 -1.52 8.79 -12.51
CA ALA A 19 -1.29 8.12 -11.24
C ALA A 19 -1.84 8.98 -10.11
N ASN A 20 -2.91 8.53 -9.47
CA ASN A 20 -3.52 9.29 -8.38
C ASN A 20 -3.16 8.70 -7.02
N GLY A 21 -2.47 9.50 -6.20
CA GLY A 21 -2.08 9.05 -4.86
C GLY A 21 -3.12 9.48 -3.83
N THR A 22 -4.39 9.21 -4.15
CA THR A 22 -5.48 9.58 -3.25
C THR A 22 -6.70 8.71 -3.53
N LYS A 23 -7.82 9.04 -2.90
CA LYS A 23 -9.04 8.27 -3.11
C LYS A 23 -9.47 8.38 -4.57
N LEU A 24 -9.86 7.24 -5.14
CA LEU A 24 -10.29 7.21 -6.53
C LEU A 24 -11.48 6.27 -6.67
N ASP A 25 -12.42 6.63 -7.55
CA ASP A 25 -13.58 5.79 -7.77
C ASP A 25 -13.13 4.42 -8.29
N SER A 26 -13.83 3.37 -7.88
CA SER A 26 -13.45 2.04 -8.31
C SER A 26 -13.41 1.95 -9.82
N ILE A 27 -12.31 1.41 -10.34
CA ILE A 27 -12.14 1.28 -11.78
C ILE A 27 -13.17 0.30 -12.31
N GLY A 28 -13.37 -0.78 -11.56
CA GLY A 28 -14.35 -1.79 -11.92
C GLY A 28 -13.78 -2.85 -12.86
N LEU A 29 -12.49 -2.79 -13.13
CA LEU A 29 -11.86 -3.79 -13.98
C LEU A 29 -11.87 -5.12 -13.23
N PRO A 30 -11.66 -6.23 -13.88
CA PRO A 30 -11.67 -7.53 -13.17
C PRO A 30 -10.80 -7.50 -11.92
N LYS A 31 -11.40 -7.89 -10.79
CA LYS A 31 -10.67 -7.89 -9.53
C LYS A 31 -10.08 -9.29 -9.31
N VAL A 32 -8.94 -9.37 -8.63
CA VAL A 32 -8.32 -10.68 -8.39
C VAL A 32 -8.62 -11.18 -6.99
N ASP A 33 -9.37 -12.27 -6.91
CA ASP A 33 -9.73 -12.87 -5.63
C ASP A 33 -8.68 -13.88 -5.21
N GLY A 34 -8.57 -14.11 -3.90
CA GLY A 34 -7.60 -15.07 -3.39
C GLY A 34 -6.18 -14.53 -3.53
N MET A 35 -6.04 -13.21 -3.48
CA MET A 35 -4.73 -12.59 -3.62
C MET A 35 -4.12 -12.41 -2.23
N SER A 36 -2.84 -12.76 -2.09
CA SER A 36 -2.18 -12.65 -0.80
C SER A 36 -1.30 -11.42 -0.70
N PHE A 37 -1.51 -10.65 0.36
CA PHE A 37 -0.72 -9.45 0.63
C PHE A 37 -0.20 -9.50 2.05
N THR A 38 1.02 -9.02 2.26
CA THR A 38 1.61 -9.03 3.59
C THR A 38 2.02 -7.63 4.00
N LEU A 39 1.63 -7.22 5.21
CA LEU A 39 1.98 -5.89 5.69
C LEU A 39 3.24 -5.93 6.54
N TYR A 40 4.12 -4.98 6.27
CA TYR A 40 5.35 -4.84 7.00
C TYR A 40 5.48 -3.43 7.54
N ARG A 41 5.85 -3.31 8.82
CA ARG A 41 5.99 -2.00 9.43
C ARG A 41 7.44 -1.50 9.40
N VAL A 42 7.62 -0.27 8.93
CA VAL A 42 8.96 0.30 8.86
C VAL A 42 9.39 0.86 10.22
N ASN A 43 10.49 0.30 10.73
CA ASN A 43 11.02 0.72 12.03
C ASN A 43 11.50 2.17 12.01
N GLU A 44 11.66 2.72 13.22
CA GLU A 44 12.16 4.09 13.43
C GLU A 44 11.21 5.17 12.88
N ILE A 45 10.11 4.77 12.26
CA ILE A 45 9.15 5.74 11.73
C ILE A 45 7.95 5.85 12.66
N ASP A 46 7.65 7.07 13.11
CA ASP A 46 6.51 7.29 13.99
C ASP A 46 5.62 8.40 13.44
N LEU A 47 4.45 8.03 12.93
CA LEU A 47 3.53 9.00 12.38
C LEU A 47 2.69 9.64 13.49
N THR A 48 3.22 9.62 14.71
CA THR A 48 2.52 10.20 15.84
C THR A 48 2.94 11.66 16.01
N THR A 49 3.84 12.11 15.16
CA THR A 49 4.32 13.49 15.22
C THR A 49 4.53 14.05 13.81
N GLN A 50 4.54 15.38 13.71
CA GLN A 50 4.74 16.05 12.43
C GLN A 50 6.10 15.71 11.84
N ALA A 51 7.10 15.62 12.70
CA ALA A 51 8.45 15.30 12.26
C ALA A 51 8.52 13.94 11.56
N GLY A 52 7.73 12.99 12.03
CA GLY A 52 7.75 11.63 11.49
C GLY A 52 7.47 11.55 9.99
N TRP A 53 6.40 12.18 9.49
CA TRP A 53 6.10 12.06 8.07
C TRP A 53 7.21 12.66 7.22
N ASP A 54 7.88 13.68 7.71
CA ASP A 54 8.96 14.31 6.96
C ASP A 54 10.10 13.32 6.71
N ALA A 55 10.57 12.69 7.78
CA ALA A 55 11.65 11.73 7.66
C ALA A 55 11.20 10.50 6.88
N ALA A 56 10.03 9.98 7.23
CA ALA A 56 9.48 8.81 6.58
C ALA A 56 9.22 9.07 5.10
N SER A 57 8.72 10.26 4.78
CA SER A 57 8.41 10.62 3.40
C SER A 57 9.65 10.57 2.52
N LYS A 58 10.79 10.97 3.06
CA LYS A 58 12.02 10.96 2.28
C LYS A 58 12.65 9.57 2.24
N ILE A 59 11.85 8.56 2.59
CA ILE A 59 12.34 7.18 2.60
C ILE A 59 12.63 6.71 1.19
N LYS A 60 13.78 6.06 1.03
CA LYS A 60 14.19 5.54 -0.27
C LYS A 60 14.09 4.02 -0.28
N LEU A 61 13.58 3.49 -1.38
CA LEU A 61 13.45 2.03 -1.51
C LEU A 61 14.80 1.39 -1.30
N GLU A 62 15.85 2.15 -1.56
CA GLU A 62 17.19 1.64 -1.39
C GLU A 62 17.38 1.21 0.06
N GLU A 63 16.52 1.75 0.94
CA GLU A 63 16.58 1.43 2.36
C GLU A 63 15.79 0.16 2.67
N LEU A 64 14.69 -0.07 1.94
CA LEU A 64 13.87 -1.26 2.20
C LEU A 64 14.09 -2.33 1.12
N TYR A 65 13.80 -1.96 -0.11
CA TYR A 65 13.97 -2.85 -1.23
C TYR A 65 15.20 -2.49 -2.05
N THR A 66 16.15 -3.41 -2.14
CA THR A 66 17.36 -3.14 -2.90
C THR A 66 17.79 -4.39 -3.67
N ASN A 67 17.92 -5.50 -2.96
CA ASN A 67 18.32 -6.75 -3.59
C ASN A 67 17.09 -7.52 -4.05
N GLY A 68 15.98 -6.80 -4.24
CA GLY A 68 14.75 -7.41 -4.68
C GLY A 68 14.00 -8.00 -3.50
N HIS A 69 14.54 -7.82 -2.30
CA HIS A 69 13.91 -8.34 -1.09
C HIS A 69 14.05 -7.34 0.07
N PRO A 70 13.12 -7.34 1.00
CA PRO A 70 13.15 -6.39 2.16
C PRO A 70 14.28 -6.69 3.13
N THR A 71 14.68 -5.69 3.91
CA THR A 71 15.77 -5.84 4.87
C THR A 71 15.22 -5.79 6.29
N ASP A 72 16.13 -5.67 7.25
CA ASP A 72 15.75 -5.60 8.66
C ASP A 72 15.15 -4.23 8.96
N LYS A 73 15.11 -3.39 7.91
CA LYS A 73 14.57 -2.05 8.04
C LYS A 73 13.04 -2.09 8.12
N VAL A 74 12.50 -3.29 8.05
CA VAL A 74 11.06 -3.49 8.10
C VAL A 74 10.68 -4.57 9.11
N THR A 75 9.45 -4.52 9.60
CA THR A 75 8.99 -5.49 10.59
C THR A 75 7.71 -6.18 10.14
N LYS A 76 7.69 -7.51 10.24
CA LYS A 76 6.52 -8.28 9.84
C LYS A 76 5.34 -7.89 10.72
N VAL A 77 4.23 -7.49 10.09
CA VAL A 77 3.04 -7.09 10.85
C VAL A 77 1.97 -8.16 10.78
N ALA A 78 1.48 -8.45 9.58
CA ALA A 78 0.44 -9.47 9.44
C ALA A 78 0.25 -9.88 7.97
N THR A 79 -0.29 -11.07 7.78
CA THR A 79 -0.55 -11.59 6.44
C THR A 79 -2.01 -11.97 6.30
N LYS A 80 -2.69 -11.39 5.30
CA LYS A 80 -4.10 -11.67 5.08
C LYS A 80 -4.37 -11.86 3.59
N LYS A 81 -5.35 -12.71 3.26
CA LYS A 81 -5.68 -12.97 1.87
C LYS A 81 -6.92 -12.19 1.44
N THR A 82 -6.73 -11.32 0.45
CA THR A 82 -7.82 -10.52 -0.08
C THR A 82 -8.85 -11.41 -0.77
N GLU A 83 -10.12 -11.23 -0.40
CA GLU A 83 -11.20 -12.01 -0.99
C GLU A 83 -12.34 -11.10 -1.41
N GLY A 84 -13.00 -11.43 -2.50
CA GLY A 84 -14.10 -10.62 -2.99
C GLY A 84 -13.57 -9.42 -3.78
N GLY A 85 -12.26 -9.42 -4.01
CA GLY A 85 -11.63 -8.33 -4.75
C GLY A 85 -11.32 -7.15 -3.84
N VAL A 86 -11.58 -7.31 -2.55
CA VAL A 86 -11.32 -6.24 -1.59
C VAL A 86 -10.73 -6.78 -0.29
N ALA A 87 -9.80 -6.00 0.28
CA ALA A 87 -9.15 -6.39 1.53
C ALA A 87 -9.17 -5.21 2.50
N LYS A 88 -9.28 -5.50 3.79
CA LYS A 88 -9.31 -4.43 4.80
C LYS A 88 -8.54 -4.83 6.04
N PHE A 89 -7.74 -3.89 6.54
CA PHE A 89 -6.95 -4.11 7.74
C PHE A 89 -7.45 -3.24 8.88
N ASP A 90 -7.47 -3.80 10.09
CA ASP A 90 -7.95 -3.07 11.27
C ASP A 90 -6.96 -3.22 12.41
N ASN A 91 -7.25 -2.59 13.55
CA ASN A 91 -6.36 -2.65 14.70
C ASN A 91 -4.96 -2.20 14.29
N LEU A 92 -4.93 -1.16 13.48
CA LEU A 92 -3.68 -0.60 13.00
C LEU A 92 -3.24 0.53 13.91
N THR A 93 -2.02 1.00 13.71
CA THR A 93 -1.50 2.09 14.52
C THR A 93 -0.62 2.99 13.65
N PRO A 94 -0.60 4.29 13.90
CA PRO A 94 0.17 5.26 13.07
C PRO A 94 1.63 4.88 12.85
N ALA A 95 1.99 4.69 11.58
CA ALA A 95 3.35 4.35 11.20
C ALA A 95 3.47 4.27 9.68
N LEU A 96 4.15 3.23 9.19
CA LEU A 96 4.34 3.03 7.76
C LEU A 96 4.00 1.60 7.38
N TYR A 97 3.07 1.44 6.45
CA TYR A 97 2.67 0.12 5.99
C TYR A 97 3.23 -0.15 4.59
N LEU A 98 3.71 -1.37 4.40
CA LEU A 98 4.28 -1.78 3.13
C LEU A 98 3.61 -3.06 2.68
N VAL A 99 3.08 -3.03 1.46
CA VAL A 99 2.40 -4.18 0.91
C VAL A 99 3.27 -4.93 -0.07
N VAL A 100 3.48 -6.21 0.22
CA VAL A 100 4.30 -7.07 -0.63
C VAL A 100 3.42 -8.13 -1.29
N GLN A 101 3.46 -8.17 -2.62
CA GLN A 101 2.65 -9.10 -3.38
C GLN A 101 3.29 -10.49 -3.44
N GLU A 102 2.77 -11.42 -2.64
CA GLU A 102 3.29 -12.78 -2.64
C GLU A 102 2.91 -13.48 -3.95
N LEU A 103 3.80 -14.33 -4.43
CA LEU A 103 3.54 -15.06 -5.67
C LEU A 103 2.52 -16.16 -5.44
N ASN A 104 2.27 -16.49 -4.17
CA ASN A 104 1.31 -17.52 -3.83
C ASN A 104 -0.09 -17.13 -4.32
N GLY A 105 -0.73 -18.03 -5.04
CA GLY A 105 -2.06 -17.77 -5.57
C GLY A 105 -1.97 -16.92 -6.84
N ALA A 106 -3.11 -16.53 -7.38
CA ALA A 106 -3.13 -15.72 -8.59
C ALA A 106 -2.10 -16.25 -9.59
N GLU A 107 -2.33 -17.47 -10.05
CA GLU A 107 -1.42 -18.12 -11.00
C GLU A 107 -1.52 -17.49 -12.39
N ALA A 108 -2.70 -16.99 -12.72
CA ALA A 108 -2.92 -16.36 -14.02
C ALA A 108 -2.45 -14.91 -13.97
N VAL A 109 -1.89 -14.53 -12.83
CA VAL A 109 -1.42 -13.16 -12.63
C VAL A 109 0.09 -13.08 -12.54
N VAL A 110 0.68 -12.21 -13.36
CA VAL A 110 2.12 -12.03 -13.33
C VAL A 110 2.51 -11.20 -12.11
N ARG A 111 3.52 -11.64 -11.38
CA ARG A 111 3.95 -10.92 -10.18
C ARG A 111 4.17 -9.44 -10.52
N SER A 112 3.42 -8.57 -9.86
CA SER A 112 3.53 -7.13 -10.09
C SER A 112 4.46 -6.48 -9.07
N GLN A 113 4.79 -5.21 -9.31
CA GLN A 113 5.69 -4.47 -8.44
C GLN A 113 5.02 -4.06 -7.11
N PRO A 114 5.62 -4.36 -5.96
CA PRO A 114 5.04 -3.95 -4.64
C PRO A 114 4.80 -2.45 -4.54
N PHE A 115 4.08 -2.03 -3.50
CA PHE A 115 3.81 -0.61 -3.30
C PHE A 115 3.84 -0.29 -1.80
N LEU A 116 4.11 0.98 -1.48
CA LEU A 116 4.20 1.41 -0.08
C LEU A 116 3.21 2.54 0.21
N VAL A 117 2.58 2.49 1.37
CA VAL A 117 1.62 3.52 1.75
C VAL A 117 1.68 3.82 3.24
N ALA A 118 1.68 5.12 3.59
CA ALA A 118 1.71 5.52 4.99
C ALA A 118 0.31 5.45 5.58
N ALA A 119 0.21 5.15 6.88
CA ALA A 119 -1.12 5.07 7.51
C ALA A 119 -1.06 5.57 8.96
N PRO A 120 -1.93 6.48 9.38
CA PRO A 120 -3.01 7.11 8.54
C PRO A 120 -2.44 8.13 7.57
N GLN A 121 -3.26 8.64 6.66
CA GLN A 121 -2.82 9.62 5.68
C GLN A 121 -3.45 10.98 5.98
N THR A 122 -2.69 12.05 5.77
CA THR A 122 -3.22 13.39 6.02
C THR A 122 -4.24 13.75 4.96
N ASN A 123 -5.11 14.71 5.27
CA ASN A 123 -6.14 15.13 4.32
C ASN A 123 -5.48 15.90 3.16
N PRO A 124 -6.17 16.12 2.05
CA PRO A 124 -5.57 16.84 0.88
C PRO A 124 -5.02 18.22 1.24
N THR A 125 -5.58 18.86 2.26
CA THR A 125 -5.11 20.19 2.65
C THR A 125 -4.03 20.10 3.73
N GLY A 126 -3.76 18.89 4.20
CA GLY A 126 -2.72 18.69 5.22
C GLY A 126 -3.25 18.97 6.62
N ASP A 127 -4.52 19.34 6.72
CA ASP A 127 -5.14 19.63 8.02
C ASP A 127 -5.94 18.43 8.50
N GLY A 128 -5.56 17.89 9.65
CA GLY A 128 -6.27 16.74 10.20
C GLY A 128 -5.74 15.44 9.58
N TRP A 129 -6.29 14.32 10.01
CA TRP A 129 -5.86 13.02 9.49
C TRP A 129 -7.05 12.12 9.17
N LEU A 130 -6.85 11.25 8.19
CA LEU A 130 -7.91 10.34 7.78
C LEU A 130 -7.74 9.00 8.50
N GLN A 131 -8.84 8.47 9.00
CA GLN A 131 -8.82 7.21 9.74
C GLN A 131 -8.64 6.01 8.82
N ASP A 132 -8.92 6.18 7.53
CA ASP A 132 -8.78 5.06 6.59
C ASP A 132 -7.99 5.43 5.35
N VAL A 133 -7.27 4.45 4.81
CA VAL A 133 -6.45 4.65 3.62
C VAL A 133 -6.92 3.74 2.48
N HIS A 134 -7.16 4.31 1.31
CA HIS A 134 -7.61 3.53 0.16
C HIS A 134 -6.50 3.37 -0.86
N VAL A 135 -6.33 2.16 -1.39
CA VAL A 135 -5.29 1.89 -2.37
C VAL A 135 -5.85 1.01 -3.50
N TYR A 136 -5.45 1.30 -4.73
CA TYR A 136 -5.92 0.53 -5.89
C TYR A 136 -4.74 0.05 -6.72
N PRO A 137 -3.94 -0.86 -6.18
CA PRO A 137 -2.76 -1.39 -6.92
C PRO A 137 -3.19 -2.31 -8.06
N LYS A 138 -2.58 -2.13 -9.21
CA LYS A 138 -2.92 -2.94 -10.37
C LYS A 138 -1.97 -4.13 -10.51
N HIS A 139 -2.45 -5.19 -11.15
CA HIS A 139 -1.64 -6.39 -11.34
C HIS A 139 -1.39 -6.61 -12.83
N GLN A 140 -0.37 -7.40 -13.14
CA GLN A 140 -0.05 -7.72 -14.52
C GLN A 140 -0.50 -9.15 -14.80
N ALA A 141 -1.34 -9.32 -15.82
CA ALA A 141 -1.88 -10.62 -16.15
C ALA A 141 -0.92 -11.51 -16.93
N LEU A 142 -1.04 -12.81 -16.67
CA LEU A 142 -0.22 -13.82 -17.34
C LEU A 142 -0.83 -14.21 -18.68
N SER A 143 -0.07 -14.03 -19.75
CA SER A 143 -0.54 -14.37 -21.09
C SER A 143 -1.84 -13.62 -21.40
N LYS B 1 1.09 18.11 2.95
CA LYS B 1 2.52 18.46 2.68
C LYS B 1 3.26 17.21 2.21
N ASN B 2 3.25 16.97 0.90
CA ASN B 2 3.92 15.81 0.34
C ASN B 2 3.44 14.54 1.03
N ALA B 3 2.14 14.48 1.30
CA ALA B 3 1.56 13.31 1.95
C ALA B 3 1.61 12.10 1.04
N GLY B 4 1.74 10.92 1.62
CA GLY B 4 1.79 9.68 0.85
C GLY B 4 3.22 9.19 0.69
N PHE B 5 3.36 7.92 0.34
CA PHE B 5 4.69 7.33 0.15
C PHE B 5 4.97 7.07 -1.33
N GLU B 6 4.42 5.97 -1.83
CA GLU B 6 4.60 5.60 -3.23
C GLU B 6 3.49 4.65 -3.66
N LEU B 7 2.37 5.24 -4.06
CA LEU B 7 1.23 4.47 -4.54
C LEU B 7 0.76 5.01 -5.88
N PRO B 8 1.67 5.12 -6.82
CA PRO B 8 1.38 5.63 -8.19
C PRO B 8 0.49 4.69 -8.97
N LEU B 9 0.40 3.45 -8.51
CA LEU B 9 -0.40 2.45 -9.20
C LEU B 9 -1.85 2.52 -8.76
N THR B 10 -2.70 2.97 -9.69
CA THR B 10 -4.13 3.08 -9.43
C THR B 10 -4.86 2.10 -10.35
N GLU A 1 -8.59 8.03 16.91
CA GLU A 1 -9.03 6.62 17.07
C GLU A 1 -8.00 5.70 16.39
N ARG A 2 -8.49 4.77 15.57
CA ARG A 2 -7.62 3.83 14.87
C ARG A 2 -7.64 4.08 13.37
N THR A 3 -6.58 3.62 12.70
CA THR A 3 -6.48 3.79 11.26
C THR A 3 -6.69 2.44 10.57
N SER A 4 -7.08 2.49 9.30
CA SER A 4 -7.31 1.27 8.53
C SER A 4 -6.91 1.49 7.07
N ILE A 5 -6.26 0.48 6.49
CA ILE A 5 -5.84 0.56 5.09
C ILE A 5 -6.63 -0.43 4.24
N ALA A 6 -7.37 0.10 3.28
CA ALA A 6 -8.15 -0.75 2.39
C ALA A 6 -7.44 -0.91 1.05
N VAL A 7 -7.04 -2.14 0.74
CA VAL A 7 -6.35 -2.42 -0.51
C VAL A 7 -7.26 -3.16 -1.47
N HIS A 8 -7.58 -2.54 -2.59
CA HIS A 8 -8.44 -3.16 -3.58
C HIS A 8 -7.59 -3.83 -4.67
N ALA A 9 -7.70 -5.15 -4.78
CA ALA A 9 -6.94 -5.88 -5.79
C ALA A 9 -7.61 -5.80 -7.14
N LEU A 10 -6.92 -5.16 -8.10
CA LEU A 10 -7.47 -4.98 -9.44
C LEU A 10 -6.49 -5.53 -10.49
N MET A 11 -7.04 -5.96 -11.64
CA MET A 11 -6.22 -6.52 -12.71
C MET A 11 -6.27 -5.64 -13.97
N GLY A 12 -5.13 -5.52 -14.63
CA GLY A 12 -5.03 -4.72 -15.85
C GLY A 12 -4.23 -3.45 -15.60
N LEU A 13 -3.32 -3.13 -16.53
CA LEU A 13 -2.49 -1.93 -16.38
C LEU A 13 -3.27 -0.68 -16.80
N PRO A 14 -2.92 0.49 -16.30
CA PRO A 14 -3.65 1.75 -16.68
C PRO A 14 -3.71 1.94 -18.19
N THR A 15 -4.87 2.40 -18.67
CA THR A 15 -5.05 2.65 -20.09
C THR A 15 -5.20 4.14 -20.36
N GLY A 16 -4.09 4.86 -20.24
CA GLY A 16 -4.11 6.30 -20.48
C GLY A 16 -4.72 7.05 -19.30
N GLN A 17 -4.83 6.38 -18.16
CA GLN A 17 -5.42 7.00 -16.97
C GLN A 17 -4.31 7.57 -16.06
N PRO A 18 -4.56 8.65 -15.35
CA PRO A 18 -3.56 9.26 -14.45
C PRO A 18 -3.40 8.48 -13.14
N ALA A 19 -2.27 8.67 -12.47
CA ALA A 19 -2.04 8.01 -11.21
C ALA A 19 -2.54 8.90 -10.08
N ASN A 20 -3.57 8.45 -9.37
CA ASN A 20 -4.14 9.24 -8.29
C ASN A 20 -3.67 8.74 -6.93
N GLY A 21 -3.01 9.61 -6.18
CA GLY A 21 -2.53 9.25 -4.86
C GLY A 21 -3.54 9.65 -3.78
N THR A 22 -4.80 9.30 -4.03
CA THR A 22 -5.87 9.62 -3.08
C THR A 22 -7.04 8.68 -3.28
N LYS A 23 -8.14 8.95 -2.58
CA LYS A 23 -9.31 8.11 -2.71
C LYS A 23 -9.84 8.17 -4.13
N LEU A 24 -10.22 7.03 -4.67
CA LEU A 24 -10.73 6.96 -6.03
C LEU A 24 -11.85 5.93 -6.14
N ASP A 25 -12.88 6.25 -6.91
CA ASP A 25 -13.99 5.32 -7.09
C ASP A 25 -13.45 4.04 -7.72
N SER A 26 -13.90 2.90 -7.22
CA SER A 26 -13.43 1.61 -7.73
C SER A 26 -13.27 1.66 -9.24
N ILE A 27 -12.17 1.11 -9.73
CA ILE A 27 -11.91 1.09 -11.15
C ILE A 27 -12.99 0.28 -11.85
N GLY A 28 -13.35 -0.84 -11.25
CA GLY A 28 -14.40 -1.70 -11.78
C GLY A 28 -13.88 -2.78 -12.71
N LEU A 29 -12.58 -2.75 -13.01
CA LEU A 29 -12.01 -3.77 -13.88
C LEU A 29 -12.04 -5.11 -13.16
N PRO A 30 -11.93 -6.22 -13.84
CA PRO A 30 -11.97 -7.55 -13.16
C PRO A 30 -11.02 -7.58 -11.96
N LYS A 31 -11.56 -7.98 -10.82
CA LYS A 31 -10.78 -8.06 -9.59
C LYS A 31 -10.26 -9.48 -9.40
N VAL A 32 -9.08 -9.63 -8.79
CA VAL A 32 -8.52 -10.96 -8.56
C VAL A 32 -8.60 -11.33 -7.09
N ASP A 33 -9.37 -12.38 -6.79
CA ASP A 33 -9.52 -12.83 -5.41
C ASP A 33 -8.44 -13.86 -5.09
N GLY A 34 -8.40 -14.31 -3.84
CA GLY A 34 -7.41 -15.31 -3.45
C GLY A 34 -6.00 -14.77 -3.66
N MET A 35 -5.84 -13.46 -3.51
CA MET A 35 -4.54 -12.84 -3.69
C MET A 35 -3.82 -12.77 -2.35
N SER A 36 -2.51 -13.03 -2.35
CA SER A 36 -1.74 -13.02 -1.11
C SER A 36 -0.91 -11.75 -0.96
N PHE A 37 -1.11 -11.07 0.16
CA PHE A 37 -0.37 -9.86 0.48
C PHE A 37 0.17 -9.92 1.90
N THR A 38 1.39 -9.40 2.09
CA THR A 38 2.00 -9.40 3.41
C THR A 38 2.32 -7.97 3.84
N LEU A 39 1.88 -7.59 5.03
CA LEU A 39 2.11 -6.24 5.52
C LEU A 39 3.33 -6.17 6.42
N TYR A 40 4.18 -5.19 6.14
CA TYR A 40 5.40 -4.97 6.91
C TYR A 40 5.42 -3.55 7.46
N ARG A 41 5.75 -3.40 8.74
CA ARG A 41 5.81 -2.08 9.34
C ARG A 41 7.27 -1.59 9.44
N VAL A 42 7.51 -0.36 8.98
CA VAL A 42 8.87 0.19 9.03
C VAL A 42 9.18 0.78 10.40
N ASN A 43 10.20 0.22 11.04
CA ASN A 43 10.64 0.67 12.36
C ASN A 43 11.21 2.10 12.32
N GLU A 44 11.34 2.69 13.52
CA GLU A 44 11.90 4.04 13.70
C GLU A 44 11.05 5.12 13.05
N ILE A 45 9.94 4.74 12.40
CA ILE A 45 9.06 5.72 11.77
C ILE A 45 7.75 5.84 12.54
N ASP A 46 7.48 7.04 13.05
CA ASP A 46 6.25 7.28 13.82
C ASP A 46 5.50 8.50 13.28
N LEU A 47 4.28 8.28 12.82
CA LEU A 47 3.46 9.38 12.30
C LEU A 47 2.63 10.01 13.41
N THR A 48 3.04 9.80 14.65
CA THR A 48 2.32 10.36 15.79
C THR A 48 2.79 11.79 16.02
N THR A 49 3.85 12.16 15.30
CA THR A 49 4.40 13.50 15.39
C THR A 49 4.64 14.06 13.99
N GLN A 50 4.73 15.36 13.87
CA GLN A 50 4.96 16.00 12.58
C GLN A 50 6.31 15.57 12.01
N ALA A 51 7.31 15.48 12.89
CA ALA A 51 8.67 15.09 12.48
C ALA A 51 8.71 13.71 11.80
N GLY A 52 7.65 12.94 11.97
CA GLY A 52 7.61 11.61 11.40
C GLY A 52 7.80 11.63 9.88
N TRP A 53 7.21 12.60 9.21
CA TRP A 53 7.33 12.67 7.76
C TRP A 53 8.79 12.93 7.36
N ASP A 54 9.54 13.61 8.22
CA ASP A 54 10.94 13.91 7.92
C ASP A 54 11.75 12.63 7.83
N ALA A 55 11.68 11.81 8.87
CA ALA A 55 12.43 10.56 8.89
C ALA A 55 11.92 9.61 7.81
N ALA A 56 10.60 9.47 7.74
CA ALA A 56 9.98 8.59 6.76
C ALA A 56 10.27 9.04 5.32
N SER A 57 10.19 10.34 5.09
CA SER A 57 10.42 10.90 3.76
C SER A 57 11.82 10.60 3.25
N LYS A 58 12.80 10.63 4.13
CA LYS A 58 14.18 10.37 3.72
C LYS A 58 14.45 8.86 3.63
N ILE A 59 13.37 8.08 3.59
CA ILE A 59 13.52 6.63 3.50
C ILE A 59 14.05 6.24 2.13
N LYS A 60 15.02 5.34 2.13
CA LYS A 60 15.60 4.87 0.89
C LYS A 60 15.21 3.42 0.66
N LEU A 61 14.59 3.15 -0.48
CA LEU A 61 14.18 1.78 -0.79
C LEU A 61 15.40 0.89 -0.64
N GLU A 62 16.56 1.51 -0.68
CA GLU A 62 17.80 0.78 -0.51
C GLU A 62 17.79 0.14 0.86
N GLU A 63 17.26 0.89 1.83
CA GLU A 63 17.16 0.42 3.21
C GLU A 63 15.81 -0.23 3.48
N LEU A 64 14.96 -0.29 2.47
CA LEU A 64 13.63 -0.89 2.64
C LEU A 64 13.40 -2.06 1.70
N TYR A 65 13.52 -1.80 0.40
CA TYR A 65 13.30 -2.82 -0.60
C TYR A 65 14.25 -2.59 -1.79
N THR A 66 15.16 -3.52 -2.02
CA THR A 66 16.11 -3.38 -3.12
C THR A 66 16.64 -4.72 -3.59
N ASN A 67 16.78 -5.67 -2.67
CA ASN A 67 17.28 -7.00 -3.02
C ASN A 67 16.13 -7.91 -3.38
N GLY A 68 14.99 -7.30 -3.68
CA GLY A 68 13.80 -8.05 -4.05
C GLY A 68 13.00 -8.46 -2.82
N HIS A 69 13.57 -8.23 -1.64
CA HIS A 69 12.89 -8.58 -0.40
C HIS A 69 13.14 -7.53 0.68
N PRO A 70 12.25 -7.40 1.65
CA PRO A 70 12.41 -6.41 2.76
C PRO A 70 13.70 -6.63 3.55
N THR A 71 14.21 -5.55 4.15
CA THR A 71 15.45 -5.64 4.94
C THR A 71 15.14 -5.72 6.43
N ASP A 72 16.17 -5.54 7.25
CA ASP A 72 15.99 -5.60 8.70
C ASP A 72 15.30 -4.33 9.20
N LYS A 73 15.14 -3.35 8.31
CA LYS A 73 14.51 -2.08 8.66
C LYS A 73 12.98 -2.18 8.64
N VAL A 74 12.46 -3.39 8.47
CA VAL A 74 11.02 -3.60 8.43
C VAL A 74 10.60 -4.65 9.46
N THR A 75 9.35 -4.57 9.92
CA THR A 75 8.84 -5.50 10.91
C THR A 75 7.60 -6.22 10.40
N LYS A 76 7.59 -7.54 10.54
CA LYS A 76 6.45 -8.33 10.10
C LYS A 76 5.20 -7.90 10.85
N VAL A 77 4.13 -7.60 10.11
CA VAL A 77 2.88 -7.19 10.73
C VAL A 77 1.89 -8.33 10.68
N ALA A 78 1.51 -8.71 9.47
CA ALA A 78 0.55 -9.80 9.31
C ALA A 78 0.44 -10.23 7.85
N THR A 79 0.10 -11.50 7.64
CA THR A 79 -0.07 -12.02 6.30
C THR A 79 -1.52 -12.46 6.10
N LYS A 80 -2.22 -11.81 5.16
CA LYS A 80 -3.62 -12.14 4.90
C LYS A 80 -3.88 -12.18 3.40
N LYS A 81 -4.81 -13.02 2.99
CA LYS A 81 -5.14 -13.15 1.59
C LYS A 81 -6.42 -12.37 1.26
N THR A 82 -6.31 -11.45 0.32
CA THR A 82 -7.46 -10.66 -0.09
C THR A 82 -8.55 -11.55 -0.68
N GLU A 83 -9.76 -11.41 -0.16
CA GLU A 83 -10.90 -12.19 -0.62
C GLU A 83 -11.92 -11.29 -1.28
N GLY A 84 -12.36 -11.65 -2.48
CA GLY A 84 -13.34 -10.85 -3.20
C GLY A 84 -12.65 -9.69 -3.93
N GLY A 85 -11.32 -9.72 -3.92
CA GLY A 85 -10.54 -8.68 -4.59
C GLY A 85 -10.38 -7.44 -3.71
N VAL A 86 -10.90 -7.51 -2.48
CA VAL A 86 -10.80 -6.39 -1.55
C VAL A 86 -10.26 -6.85 -0.21
N ALA A 87 -9.21 -6.17 0.27
CA ALA A 87 -8.60 -6.51 1.55
C ALA A 87 -8.61 -5.28 2.47
N LYS A 88 -8.77 -5.51 3.77
CA LYS A 88 -8.81 -4.40 4.72
C LYS A 88 -8.08 -4.77 6.01
N PHE A 89 -7.23 -3.85 6.47
CA PHE A 89 -6.49 -4.06 7.71
C PHE A 89 -6.95 -3.09 8.78
N ASP A 90 -7.41 -3.64 9.91
CA ASP A 90 -7.87 -2.80 11.02
C ASP A 90 -6.83 -2.74 12.13
N ASN A 91 -7.15 -2.00 13.19
CA ASN A 91 -6.24 -1.87 14.33
C ASN A 91 -4.82 -1.53 13.87
N LEU A 92 -4.70 -0.45 13.11
CA LEU A 92 -3.39 -0.02 12.63
C LEU A 92 -2.88 1.15 13.45
N THR A 93 -1.64 1.04 13.93
CA THR A 93 -1.05 2.12 14.69
C THR A 93 -0.32 3.06 13.74
N PRO A 94 -0.41 4.36 13.92
CA PRO A 94 0.26 5.34 13.01
C PRO A 94 1.71 4.95 12.71
N ALA A 95 2.01 4.75 11.42
CA ALA A 95 3.37 4.41 10.99
C ALA A 95 3.44 4.29 9.47
N LEU A 96 4.09 3.23 9.00
CA LEU A 96 4.24 3.01 7.57
C LEU A 96 3.93 1.56 7.22
N TYR A 97 3.04 1.36 6.25
CA TYR A 97 2.68 0.03 5.83
C TYR A 97 3.21 -0.27 4.43
N LEU A 98 3.69 -1.48 4.24
CA LEU A 98 4.25 -1.90 2.97
C LEU A 98 3.61 -3.21 2.54
N VAL A 99 3.14 -3.24 1.30
CA VAL A 99 2.50 -4.42 0.77
C VAL A 99 3.43 -5.13 -0.20
N VAL A 100 3.69 -6.40 0.10
CA VAL A 100 4.56 -7.22 -0.73
C VAL A 100 3.73 -8.30 -1.42
N GLN A 101 3.79 -8.30 -2.75
CA GLN A 101 3.03 -9.28 -3.52
C GLN A 101 3.77 -10.60 -3.63
N GLU A 102 3.21 -11.64 -3.01
CA GLU A 102 3.81 -12.96 -3.06
C GLU A 102 3.59 -13.58 -4.44
N LEU A 103 4.64 -14.20 -5.00
CA LEU A 103 4.52 -14.82 -6.31
C LEU A 103 3.78 -16.14 -6.20
N ASN A 104 3.38 -16.49 -4.98
CA ASN A 104 2.66 -17.73 -4.74
C ASN A 104 1.37 -17.76 -5.57
N GLY A 105 1.11 -18.87 -6.22
CA GLY A 105 -0.08 -19.00 -7.05
C GLY A 105 -0.05 -17.95 -8.16
N ALA A 106 -1.15 -17.22 -8.31
CA ALA A 106 -1.22 -16.19 -9.35
C ALA A 106 -0.78 -16.77 -10.69
N GLU A 107 -1.37 -17.92 -11.04
CA GLU A 107 -1.03 -18.59 -12.29
C GLU A 107 -1.66 -17.89 -13.50
N ALA A 108 -2.89 -17.41 -13.34
CA ALA A 108 -3.58 -16.75 -14.43
C ALA A 108 -3.22 -15.26 -14.49
N VAL A 109 -2.42 -14.82 -13.53
CA VAL A 109 -2.02 -13.42 -13.47
C VAL A 109 -0.52 -13.28 -13.23
N VAL A 110 0.08 -12.33 -13.92
CA VAL A 110 1.51 -12.10 -13.75
C VAL A 110 1.75 -11.38 -12.41
N ARG A 111 2.78 -11.79 -11.69
CA ARG A 111 3.05 -11.20 -10.39
C ARG A 111 3.07 -9.67 -10.49
N SER A 112 2.54 -9.03 -9.46
CA SER A 112 2.48 -7.58 -9.43
C SER A 112 3.60 -7.00 -8.57
N GLN A 113 4.10 -5.83 -8.97
CA GLN A 113 5.17 -5.19 -8.24
C GLN A 113 4.66 -4.65 -6.90
N PRO A 114 5.49 -4.60 -5.88
CA PRO A 114 5.09 -4.10 -4.53
C PRO A 114 4.89 -2.58 -4.52
N PHE A 115 4.20 -2.09 -3.50
CA PHE A 115 3.96 -0.66 -3.38
C PHE A 115 3.98 -0.23 -1.91
N LEU A 116 4.21 1.05 -1.64
CA LEU A 116 4.30 1.55 -0.27
C LEU A 116 3.23 2.59 -0.01
N VAL A 117 2.62 2.53 1.16
CA VAL A 117 1.58 3.49 1.51
C VAL A 117 1.63 3.81 3.01
N ALA A 118 1.89 5.09 3.32
CA ALA A 118 1.95 5.52 4.70
C ALA A 118 0.55 5.74 5.26
N ALA A 119 0.35 5.44 6.54
CA ALA A 119 -0.98 5.63 7.14
C ALA A 119 -0.87 6.06 8.61
N PRO A 120 -1.72 6.96 9.09
CA PRO A 120 -2.80 7.63 8.30
C PRO A 120 -2.26 8.71 7.38
N GLN A 121 -3.12 9.25 6.52
CA GLN A 121 -2.71 10.30 5.59
C GLN A 121 -3.37 11.62 5.98
N THR A 122 -2.64 12.72 5.79
CA THR A 122 -3.17 14.02 6.12
C THR A 122 -4.28 14.36 5.13
N ASN A 123 -5.17 15.26 5.52
CA ASN A 123 -6.28 15.63 4.65
C ASN A 123 -5.79 16.44 3.44
N PRO A 124 -6.51 16.43 2.33
CA PRO A 124 -6.09 17.20 1.11
C PRO A 124 -5.79 18.66 1.44
N THR A 125 -6.45 19.16 2.48
CA THR A 125 -6.26 20.54 2.90
C THR A 125 -5.12 20.64 3.89
N GLY A 126 -4.77 19.50 4.49
CA GLY A 126 -3.69 19.47 5.47
C GLY A 126 -4.22 19.67 6.87
N ASP A 127 -5.53 19.91 6.98
CA ASP A 127 -6.15 20.09 8.28
C ASP A 127 -6.72 18.77 8.78
N GLY A 128 -6.18 18.27 9.88
CA GLY A 128 -6.65 17.00 10.43
C GLY A 128 -6.00 15.82 9.72
N TRP A 129 -6.42 14.62 10.09
CA TRP A 129 -5.87 13.41 9.48
C TRP A 129 -6.99 12.45 9.08
N LEU A 130 -6.75 11.67 8.02
CA LEU A 130 -7.73 10.70 7.55
C LEU A 130 -7.46 9.34 8.19
N GLN A 131 -8.50 8.77 8.81
CA GLN A 131 -8.38 7.49 9.48
C GLN A 131 -8.39 6.31 8.52
N ASP A 132 -8.82 6.51 7.29
CA ASP A 132 -8.85 5.40 6.34
C ASP A 132 -8.11 5.74 5.05
N VAL A 133 -7.18 4.86 4.67
CA VAL A 133 -6.41 5.06 3.44
C VAL A 133 -6.86 4.04 2.38
N HIS A 134 -7.22 4.53 1.20
CA HIS A 134 -7.67 3.65 0.12
C HIS A 134 -6.59 3.47 -0.93
N VAL A 135 -6.41 2.23 -1.39
CA VAL A 135 -5.42 1.95 -2.42
C VAL A 135 -5.99 0.99 -3.47
N TYR A 136 -5.69 1.27 -4.73
CA TYR A 136 -6.19 0.44 -5.83
C TYR A 136 -5.03 0.00 -6.71
N PRO A 137 -4.13 -0.80 -6.18
CA PRO A 137 -2.97 -1.30 -6.96
C PRO A 137 -3.42 -2.29 -8.02
N LYS A 138 -2.94 -2.10 -9.24
CA LYS A 138 -3.30 -2.96 -10.34
C LYS A 138 -2.30 -4.09 -10.52
N HIS A 139 -2.76 -5.22 -11.03
CA HIS A 139 -1.87 -6.36 -11.25
C HIS A 139 -1.62 -6.55 -12.74
N GLN A 140 -0.66 -7.42 -13.06
CA GLN A 140 -0.33 -7.69 -14.45
C GLN A 140 -0.89 -9.04 -14.85
N ALA A 141 -1.67 -9.06 -15.92
CA ALA A 141 -2.28 -10.30 -16.39
C ALA A 141 -1.34 -11.13 -17.23
N LEU A 142 -1.64 -12.42 -17.29
CA LEU A 142 -0.85 -13.37 -18.06
C LEU A 142 -1.16 -13.24 -19.55
N SER A 143 -0.14 -12.92 -20.34
CA SER A 143 -0.31 -12.77 -21.78
C SER A 143 -1.41 -11.75 -22.08
N LYS B 1 1.77 15.84 -3.04
CA LYS B 1 2.05 17.20 -2.53
C LYS B 1 2.08 17.17 -1.00
N ASN B 2 0.92 16.92 -0.40
CA ASN B 2 0.81 16.87 1.05
C ASN B 2 1.03 15.45 1.56
N ALA B 3 2.19 15.22 2.17
CA ALA B 3 2.51 13.90 2.70
C ALA B 3 2.51 12.86 1.60
N GLY B 4 2.09 11.64 1.94
CA GLY B 4 2.05 10.56 0.96
C GLY B 4 3.38 9.80 0.93
N PHE B 5 3.40 8.67 0.25
CA PHE B 5 4.61 7.86 0.14
C PHE B 5 4.83 7.39 -1.29
N GLU B 6 4.10 6.35 -1.69
CA GLU B 6 4.22 5.83 -3.04
C GLU B 6 3.02 4.95 -3.38
N LEU B 7 1.96 5.60 -3.83
CA LEU B 7 0.74 4.92 -4.22
C LEU B 7 0.31 5.40 -5.61
N PRO B 8 1.25 5.41 -6.54
CA PRO B 8 0.99 5.88 -7.94
C PRO B 8 0.04 4.96 -8.70
N LEU B 9 0.01 3.70 -8.30
CA LEU B 9 -0.84 2.73 -8.97
C LEU B 9 -2.29 2.89 -8.56
N THR B 10 -3.18 2.83 -9.55
CA THR B 10 -4.61 2.96 -9.31
C THR B 10 -5.37 1.98 -10.20
N GLU A 1 -11.93 4.55 18.56
CA GLU A 1 -11.66 4.65 17.10
C GLU A 1 -10.30 4.02 16.79
N ARG A 2 -10.15 3.52 15.56
CA ARG A 2 -8.90 2.90 15.16
C ARG A 2 -8.57 3.24 13.71
N THR A 3 -7.36 2.92 13.31
CA THR A 3 -6.90 3.19 11.95
C THR A 3 -6.98 1.91 11.10
N SER A 4 -7.32 2.08 9.83
CA SER A 4 -7.44 0.94 8.93
C SER A 4 -6.92 1.26 7.53
N ILE A 5 -6.35 0.25 6.87
CA ILE A 5 -5.85 0.41 5.51
C ILE A 5 -6.61 -0.53 4.57
N ALA A 6 -7.32 0.05 3.62
CA ALA A 6 -8.10 -0.72 2.67
C ALA A 6 -7.41 -0.75 1.31
N VAL A 7 -7.31 -1.95 0.73
CA VAL A 7 -6.67 -2.11 -0.57
C VAL A 7 -7.62 -2.81 -1.53
N HIS A 8 -7.97 -2.13 -2.62
CA HIS A 8 -8.86 -2.70 -3.62
C HIS A 8 -8.04 -3.36 -4.73
N ALA A 9 -8.10 -4.69 -4.80
CA ALA A 9 -7.35 -5.42 -5.82
C ALA A 9 -7.94 -5.23 -7.21
N LEU A 10 -7.09 -4.85 -8.15
CA LEU A 10 -7.51 -4.64 -9.53
C LEU A 10 -6.53 -5.32 -10.49
N MET A 11 -7.04 -5.89 -11.58
CA MET A 11 -6.20 -6.58 -12.55
C MET A 11 -6.08 -5.77 -13.84
N GLY A 12 -4.91 -5.85 -14.48
CA GLY A 12 -4.67 -5.12 -15.72
C GLY A 12 -3.97 -3.79 -15.44
N LEU A 13 -3.21 -3.31 -16.42
CA LEU A 13 -2.49 -2.05 -16.26
C LEU A 13 -3.39 -0.85 -16.63
N PRO A 14 -3.12 0.34 -16.14
CA PRO A 14 -3.96 1.54 -16.46
C PRO A 14 -4.16 1.71 -17.97
N THR A 15 -5.38 2.09 -18.34
CA THR A 15 -5.69 2.30 -19.76
C THR A 15 -5.75 3.80 -20.08
N GLY A 16 -4.59 4.45 -20.05
CA GLY A 16 -4.51 5.87 -20.35
C GLY A 16 -5.03 6.71 -19.19
N GLN A 17 -5.11 6.12 -18.00
CA GLN A 17 -5.59 6.85 -16.84
C GLN A 17 -4.41 7.41 -16.03
N PRO A 18 -4.56 8.56 -15.40
CA PRO A 18 -3.47 9.17 -14.58
C PRO A 18 -3.32 8.51 -13.23
N ALA A 19 -2.16 8.68 -12.60
CA ALA A 19 -1.92 8.10 -11.29
C ALA A 19 -2.39 9.09 -10.21
N ASN A 20 -3.44 8.71 -9.48
CA ASN A 20 -3.97 9.58 -8.44
C ASN A 20 -3.60 9.06 -7.05
N GLY A 21 -2.92 9.90 -6.27
CA GLY A 21 -2.52 9.51 -4.92
C GLY A 21 -3.56 9.96 -3.90
N THR A 22 -4.83 9.73 -4.24
CA THR A 22 -5.92 10.12 -3.35
C THR A 22 -7.17 9.30 -3.64
N LYS A 23 -8.27 9.66 -2.99
CA LYS A 23 -9.52 8.94 -3.20
C LYS A 23 -9.94 9.01 -4.66
N LEU A 24 -10.15 7.84 -5.27
CA LEU A 24 -10.55 7.77 -6.67
C LEU A 24 -11.65 6.73 -6.82
N ASP A 25 -12.66 7.03 -7.64
CA ASP A 25 -13.74 6.10 -7.86
C ASP A 25 -13.19 4.81 -8.46
N SER A 26 -13.72 3.67 -8.01
CA SER A 26 -13.25 2.39 -8.51
C SER A 26 -13.66 2.17 -9.95
N ILE A 27 -12.95 1.27 -10.64
CA ILE A 27 -13.25 0.96 -12.03
C ILE A 27 -14.10 -0.30 -12.10
N GLY A 28 -13.80 -1.25 -11.23
CA GLY A 28 -14.54 -2.50 -11.19
C GLY A 28 -14.08 -3.48 -12.28
N LEU A 29 -12.87 -3.28 -12.76
CA LEU A 29 -12.31 -4.16 -13.78
C LEU A 29 -12.07 -5.54 -13.14
N PRO A 30 -12.04 -6.61 -13.90
CA PRO A 30 -11.84 -7.95 -13.30
C PRO A 30 -10.75 -7.93 -12.24
N LYS A 31 -11.12 -8.33 -11.04
CA LYS A 31 -10.20 -8.34 -9.91
C LYS A 31 -9.67 -9.75 -9.68
N VAL A 32 -8.52 -9.86 -9.01
CA VAL A 32 -7.94 -11.17 -8.75
C VAL A 32 -8.29 -11.63 -7.34
N ASP A 33 -9.03 -12.73 -7.26
CA ASP A 33 -9.43 -13.29 -5.97
C ASP A 33 -8.33 -14.19 -5.43
N GLY A 34 -8.31 -14.38 -4.11
CA GLY A 34 -7.29 -15.22 -3.50
C GLY A 34 -5.91 -14.59 -3.63
N MET A 35 -5.87 -13.26 -3.49
CA MET A 35 -4.61 -12.54 -3.59
C MET A 35 -3.94 -12.47 -2.23
N SER A 36 -2.61 -12.50 -2.22
CA SER A 36 -1.87 -12.49 -0.96
C SER A 36 -1.08 -11.18 -0.77
N PHE A 37 -1.30 -10.55 0.39
CA PHE A 37 -0.60 -9.32 0.73
C PHE A 37 -0.06 -9.42 2.16
N THR A 38 1.12 -8.88 2.39
CA THR A 38 1.73 -8.91 3.72
C THR A 38 2.14 -7.51 4.15
N LEU A 39 1.77 -7.12 5.36
CA LEU A 39 2.12 -5.80 5.87
C LEU A 39 3.36 -5.85 6.74
N TYR A 40 4.27 -4.90 6.49
CA TYR A 40 5.50 -4.80 7.26
C TYR A 40 5.59 -3.42 7.90
N ARG A 41 5.96 -3.36 9.17
CA ARG A 41 6.08 -2.08 9.87
C ARG A 41 7.51 -1.57 9.85
N VAL A 42 7.70 -0.33 9.43
CA VAL A 42 9.06 0.24 9.38
C VAL A 42 9.46 0.82 10.73
N ASN A 43 10.48 0.21 11.33
CA ASN A 43 11.00 0.65 12.63
C ASN A 43 11.64 2.03 12.58
N GLU A 44 11.87 2.60 13.77
CA GLU A 44 12.50 3.91 13.91
C GLU A 44 11.68 5.03 13.26
N ILE A 45 10.50 4.69 12.75
CA ILE A 45 9.65 5.71 12.11
C ILE A 45 8.29 5.81 12.80
N ASP A 46 7.93 7.03 13.18
CA ASP A 46 6.66 7.28 13.85
C ASP A 46 5.88 8.39 13.13
N LEU A 47 4.75 8.02 12.54
CA LEU A 47 3.95 8.99 11.81
C LEU A 47 3.06 9.81 12.75
N THR A 48 3.45 9.88 14.02
CA THR A 48 2.68 10.64 15.00
C THR A 48 3.19 12.08 15.09
N THR A 49 4.29 12.35 14.38
CA THR A 49 4.87 13.69 14.37
C THR A 49 5.17 14.13 12.95
N GLN A 50 5.29 15.44 12.74
CA GLN A 50 5.59 15.96 11.41
C GLN A 50 6.97 15.49 10.94
N ALA A 51 7.87 15.35 11.90
CA ALA A 51 9.23 14.92 11.62
C ALA A 51 9.27 13.52 11.00
N GLY A 52 8.41 12.63 11.49
CA GLY A 52 8.41 11.24 11.03
C GLY A 52 8.15 11.08 9.52
N TRP A 53 7.11 11.71 8.98
CA TRP A 53 6.83 11.55 7.55
C TRP A 53 7.96 12.14 6.70
N ASP A 54 8.65 13.14 7.22
CA ASP A 54 9.74 13.75 6.48
C ASP A 54 10.83 12.72 6.22
N ALA A 55 11.28 12.07 7.30
CA ALA A 55 12.32 11.04 7.17
C ALA A 55 11.80 9.85 6.38
N ALA A 56 10.58 9.44 6.70
CA ALA A 56 9.96 8.31 6.03
C ALA A 56 9.83 8.55 4.53
N SER A 57 9.45 9.79 4.18
CA SER A 57 9.28 10.16 2.78
C SER A 57 10.62 10.06 2.06
N LYS A 58 11.70 10.20 2.82
CA LYS A 58 13.04 10.14 2.25
C LYS A 58 13.52 8.70 2.14
N ILE A 59 12.64 7.75 2.44
CA ILE A 59 13.04 6.34 2.39
C ILE A 59 13.30 5.88 0.97
N LYS A 60 14.39 5.16 0.81
CA LYS A 60 14.76 4.61 -0.48
C LYS A 60 14.61 3.09 -0.45
N LEU A 61 13.86 2.55 -1.39
CA LEU A 61 13.66 1.10 -1.44
C LEU A 61 15.00 0.42 -1.34
N GLU A 62 16.04 1.17 -1.62
CA GLU A 62 17.37 0.63 -1.57
C GLU A 62 17.68 0.16 -0.15
N GLU A 63 17.19 0.91 0.83
CA GLU A 63 17.44 0.59 2.24
C GLU A 63 16.38 -0.31 2.88
N LEU A 64 15.31 -0.63 2.15
CA LEU A 64 14.26 -1.49 2.72
C LEU A 64 13.94 -2.70 1.82
N TYR A 65 14.00 -2.51 0.51
CA TYR A 65 13.73 -3.59 -0.44
C TYR A 65 14.53 -3.39 -1.72
N THR A 66 15.48 -4.30 -1.98
CA THR A 66 16.32 -4.19 -3.17
C THR A 66 16.85 -5.56 -3.59
N ASN A 67 17.05 -6.43 -2.61
CA ASN A 67 17.57 -7.76 -2.90
C ASN A 67 16.42 -8.73 -3.11
N GLY A 68 15.24 -8.17 -3.38
CA GLY A 68 14.05 -8.96 -3.61
C GLY A 68 13.40 -9.39 -2.30
N HIS A 69 14.03 -9.02 -1.19
CA HIS A 69 13.49 -9.38 0.12
C HIS A 69 13.67 -8.24 1.13
N PRO A 70 12.79 -8.13 2.10
CA PRO A 70 12.88 -7.05 3.14
C PRO A 70 14.08 -7.22 4.06
N THR A 71 14.52 -6.12 4.66
CA THR A 71 15.67 -6.14 5.56
C THR A 71 15.22 -5.95 7.00
N ASP A 72 16.19 -5.81 7.90
CA ASP A 72 15.90 -5.60 9.30
C ASP A 72 15.29 -4.21 9.49
N LYS A 73 15.27 -3.44 8.41
CA LYS A 73 14.74 -2.08 8.45
C LYS A 73 13.21 -2.11 8.52
N VAL A 74 12.62 -3.26 8.23
CA VAL A 74 11.17 -3.42 8.28
C VAL A 74 10.82 -4.65 9.10
N THR A 75 9.66 -4.61 9.76
CA THR A 75 9.21 -5.73 10.60
C THR A 75 7.86 -6.24 10.14
N LYS A 76 7.73 -7.56 9.99
CA LYS A 76 6.46 -8.13 9.53
C LYS A 76 5.36 -7.86 10.54
N VAL A 77 4.22 -7.38 10.03
CA VAL A 77 3.09 -7.06 10.89
C VAL A 77 2.04 -8.18 10.84
N ALA A 78 1.56 -8.47 9.65
CA ALA A 78 0.55 -9.51 9.50
C ALA A 78 0.38 -9.92 8.04
N THR A 79 -0.10 -11.13 7.82
CA THR A 79 -0.31 -11.63 6.46
C THR A 79 -1.77 -12.07 6.28
N LYS A 80 -2.46 -11.46 5.32
CA LYS A 80 -3.85 -11.81 5.06
C LYS A 80 -4.09 -11.89 3.55
N LYS A 81 -5.01 -12.76 3.15
CA LYS A 81 -5.32 -12.94 1.74
C LYS A 81 -6.60 -12.21 1.36
N THR A 82 -6.51 -11.35 0.36
CA THR A 82 -7.67 -10.60 -0.11
C THR A 82 -8.69 -11.55 -0.73
N GLU A 83 -9.94 -11.40 -0.30
CA GLU A 83 -11.03 -12.22 -0.81
C GLU A 83 -12.20 -11.33 -1.24
N GLY A 84 -12.85 -11.69 -2.32
CA GLY A 84 -13.97 -10.89 -2.82
C GLY A 84 -13.46 -9.69 -3.61
N GLY A 85 -12.15 -9.66 -3.86
CA GLY A 85 -11.54 -8.57 -4.60
C GLY A 85 -11.25 -7.37 -3.71
N VAL A 86 -11.47 -7.53 -2.40
CA VAL A 86 -11.22 -6.43 -1.47
C VAL A 86 -10.58 -6.93 -0.18
N ALA A 87 -9.63 -6.14 0.35
CA ALA A 87 -8.95 -6.50 1.59
C ALA A 87 -8.94 -5.31 2.54
N LYS A 88 -9.03 -5.58 3.84
CA LYS A 88 -9.03 -4.50 4.82
C LYS A 88 -8.30 -4.92 6.09
N PHE A 89 -7.44 -4.04 6.59
CA PHE A 89 -6.69 -4.31 7.81
C PHE A 89 -7.17 -3.40 8.94
N ASP A 90 -7.65 -4.01 10.03
CA ASP A 90 -8.13 -3.25 11.16
C ASP A 90 -7.08 -3.18 12.27
N ASN A 91 -7.41 -2.48 13.35
CA ASN A 91 -6.50 -2.36 14.50
C ASN A 91 -5.08 -1.99 14.05
N LEU A 92 -4.97 -0.90 13.31
CA LEU A 92 -3.66 -0.45 12.86
C LEU A 92 -3.15 0.67 13.76
N THR A 93 -1.87 0.62 14.08
CA THR A 93 -1.28 1.64 14.91
C THR A 93 -0.62 2.70 14.02
N PRO A 94 -0.66 3.96 14.38
CA PRO A 94 -0.06 5.04 13.54
C PRO A 94 1.43 4.86 13.32
N ALA A 95 1.80 4.67 12.05
CA ALA A 95 3.20 4.49 11.67
C ALA A 95 3.33 4.41 10.15
N LEU A 96 4.08 3.40 9.68
CA LEU A 96 4.27 3.21 8.24
C LEU A 96 4.04 1.75 7.87
N TYR A 97 3.09 1.53 6.95
CA TYR A 97 2.77 0.18 6.51
C TYR A 97 3.23 -0.05 5.07
N LEU A 98 3.87 -1.19 4.85
CA LEU A 98 4.35 -1.56 3.53
C LEU A 98 3.71 -2.87 3.10
N VAL A 99 3.09 -2.87 1.92
CA VAL A 99 2.43 -4.06 1.42
C VAL A 99 3.24 -4.74 0.32
N VAL A 100 3.44 -6.05 0.51
CA VAL A 100 4.20 -6.84 -0.44
C VAL A 100 3.37 -8.03 -0.92
N GLN A 101 3.16 -8.13 -2.23
CA GLN A 101 2.38 -9.23 -2.78
C GLN A 101 3.25 -10.47 -2.97
N GLU A 102 2.85 -11.56 -2.34
CA GLU A 102 3.61 -12.82 -2.46
C GLU A 102 3.48 -13.37 -3.87
N LEU A 103 4.56 -14.00 -4.34
CA LEU A 103 4.57 -14.59 -5.68
C LEU A 103 3.76 -15.87 -5.70
N ASN A 104 3.27 -16.27 -4.54
CA ASN A 104 2.48 -17.49 -4.44
C ASN A 104 1.31 -17.42 -5.42
N GLY A 105 1.11 -18.48 -6.18
CA GLY A 105 0.04 -18.50 -7.17
C GLY A 105 0.27 -17.39 -8.20
N ALA A 106 -0.75 -16.59 -8.45
CA ALA A 106 -0.63 -15.49 -9.41
C ALA A 106 0.07 -15.99 -10.68
N GLU A 107 -0.32 -17.18 -11.13
CA GLU A 107 0.28 -17.77 -12.32
C GLU A 107 -0.26 -17.13 -13.60
N ALA A 108 -1.54 -16.78 -13.59
CA ALA A 108 -2.17 -16.17 -14.75
C ALA A 108 -1.96 -14.66 -14.76
N VAL A 109 -1.28 -14.15 -13.73
CA VAL A 109 -1.04 -12.72 -13.63
C VAL A 109 0.42 -12.43 -13.33
N VAL A 110 0.95 -11.38 -13.94
CA VAL A 110 2.34 -11.01 -13.70
C VAL A 110 2.45 -10.42 -12.31
N ARG A 111 3.49 -10.78 -11.58
CA ARG A 111 3.68 -10.29 -10.23
C ARG A 111 3.55 -8.78 -10.17
N SER A 112 2.57 -8.31 -9.39
CA SER A 112 2.33 -6.87 -9.24
C SER A 112 3.42 -6.24 -8.37
N GLN A 113 3.81 -5.03 -8.72
CA GLN A 113 4.83 -4.33 -7.95
C GLN A 113 4.27 -3.89 -6.59
N PRO A 114 5.07 -3.91 -5.54
CA PRO A 114 4.61 -3.50 -4.17
C PRO A 114 4.48 -1.98 -4.04
N PHE A 115 3.82 -1.51 -2.98
CA PHE A 115 3.68 -0.07 -2.78
C PHE A 115 3.72 0.30 -1.30
N LEU A 116 4.00 1.57 -1.01
CA LEU A 116 4.12 2.02 0.37
C LEU A 116 3.09 3.08 0.68
N VAL A 117 2.52 3.01 1.88
CA VAL A 117 1.52 3.98 2.28
C VAL A 117 1.62 4.27 3.78
N ALA A 118 1.56 5.56 4.13
CA ALA A 118 1.60 5.95 5.52
C ALA A 118 0.22 5.77 6.14
N ALA A 119 0.16 5.33 7.39
CA ALA A 119 -1.13 5.13 8.05
C ALA A 119 -1.08 5.68 9.49
N PRO A 120 -1.92 6.62 9.88
CA PRO A 120 -2.98 7.24 9.01
C PRO A 120 -2.37 8.18 7.98
N GLN A 121 -3.19 8.61 7.03
CA GLN A 121 -2.71 9.50 5.98
C GLN A 121 -3.32 10.88 6.17
N THR A 122 -2.54 11.92 5.87
CA THR A 122 -3.02 13.28 6.02
C THR A 122 -4.09 13.56 4.96
N ASN A 123 -4.92 14.56 5.23
CA ASN A 123 -5.99 14.90 4.30
C ASN A 123 -5.42 15.55 3.03
N PRO A 124 -6.10 15.45 1.90
CA PRO A 124 -5.61 16.06 0.62
C PRO A 124 -5.19 17.52 0.79
N THR A 125 -5.84 18.22 1.72
CA THR A 125 -5.54 19.62 1.96
C THR A 125 -4.44 19.77 3.02
N GLY A 126 -4.04 18.67 3.61
CA GLY A 126 -2.99 18.68 4.62
C GLY A 126 -3.53 19.06 6.00
N ASP A 127 -4.84 19.31 6.08
CA ASP A 127 -5.46 19.67 7.35
C ASP A 127 -6.17 18.47 7.94
N GLY A 128 -5.77 18.11 9.16
CA GLY A 128 -6.38 16.96 9.84
C GLY A 128 -5.77 15.65 9.33
N TRP A 129 -6.25 14.53 9.85
CA TRP A 129 -5.74 13.23 9.45
C TRP A 129 -6.88 12.27 9.17
N LEU A 130 -6.68 11.38 8.20
CA LEU A 130 -7.71 10.40 7.84
C LEU A 130 -7.48 9.09 8.58
N GLN A 131 -8.52 8.60 9.23
CA GLN A 131 -8.45 7.36 10.00
C GLN A 131 -8.47 6.14 9.09
N ASP A 132 -8.92 6.31 7.85
CA ASP A 132 -8.99 5.20 6.90
C ASP A 132 -8.27 5.56 5.61
N VAL A 133 -7.41 4.65 5.15
CA VAL A 133 -6.65 4.87 3.92
C VAL A 133 -7.15 3.96 2.81
N HIS A 134 -7.49 4.55 1.66
CA HIS A 134 -7.98 3.78 0.52
C HIS A 134 -6.92 3.70 -0.57
N VAL A 135 -6.70 2.49 -1.09
CA VAL A 135 -5.71 2.29 -2.14
C VAL A 135 -6.28 1.37 -3.22
N TYR A 136 -5.98 1.67 -4.48
CA TYR A 136 -6.48 0.87 -5.60
C TYR A 136 -5.32 0.42 -6.49
N PRO A 137 -4.49 -0.47 -6.01
CA PRO A 137 -3.33 -0.96 -6.80
C PRO A 137 -3.79 -1.93 -7.89
N LYS A 138 -3.25 -1.75 -9.08
CA LYS A 138 -3.61 -2.61 -10.19
C LYS A 138 -2.53 -3.66 -10.43
N HIS A 139 -2.93 -4.82 -10.97
CA HIS A 139 -1.98 -5.88 -11.25
C HIS A 139 -1.69 -5.94 -12.75
N GLN A 140 -0.59 -6.59 -13.09
CA GLN A 140 -0.21 -6.72 -14.50
C GLN A 140 -0.49 -8.16 -14.94
N ALA A 141 -1.26 -8.29 -16.01
CA ALA A 141 -1.63 -9.62 -16.53
C ALA A 141 -0.52 -10.27 -17.34
N LEU A 142 -0.59 -11.59 -17.41
CA LEU A 142 0.37 -12.39 -18.14
C LEU A 142 0.09 -12.31 -19.65
N SER A 143 1.10 -11.91 -20.41
CA SER A 143 0.97 -11.78 -21.86
C SER A 143 0.03 -10.62 -22.20
N LYS B 1 1.18 18.03 -1.59
CA LYS B 1 1.90 17.04 -2.46
C LYS B 1 2.93 16.31 -1.61
N ASN B 2 3.46 16.99 -0.60
CA ASN B 2 4.46 16.39 0.28
C ASN B 2 3.86 15.18 1.01
N ALA B 3 2.60 15.30 1.41
CA ALA B 3 1.93 14.22 2.12
C ALA B 3 1.80 12.99 1.23
N GLY B 4 1.80 11.82 1.85
CA GLY B 4 1.69 10.56 1.11
C GLY B 4 3.05 9.88 1.01
N PHE B 5 3.03 8.57 0.75
CA PHE B 5 4.28 7.81 0.65
C PHE B 5 4.58 7.46 -0.80
N GLU B 6 3.83 6.51 -1.36
CA GLU B 6 4.03 6.10 -2.74
C GLU B 6 2.91 5.16 -3.17
N LEU B 7 1.83 5.75 -3.67
CA LEU B 7 0.68 4.99 -4.15
C LEU B 7 0.25 5.52 -5.52
N PRO B 8 1.17 5.53 -6.46
CA PRO B 8 0.91 6.03 -7.84
C PRO B 8 -0.08 5.15 -8.61
N LEU B 9 -0.18 3.90 -8.19
CA LEU B 9 -1.07 2.96 -8.86
C LEU B 9 -2.51 3.15 -8.40
N THR B 10 -3.42 3.15 -9.36
CA THR B 10 -4.85 3.32 -9.07
C THR B 10 -5.68 2.34 -9.88
N GLU A 1 -11.00 4.63 18.25
CA GLU A 1 -10.83 5.16 16.87
C GLU A 1 -9.45 4.76 16.34
N ARG A 2 -9.35 3.53 15.83
CA ARG A 2 -8.08 3.04 15.29
C ARG A 2 -7.97 3.37 13.82
N THR A 3 -6.86 2.95 13.24
CA THR A 3 -6.59 3.19 11.83
C THR A 3 -6.90 1.95 10.99
N SER A 4 -7.12 2.16 9.69
CA SER A 4 -7.43 1.05 8.80
C SER A 4 -6.94 1.31 7.37
N ILE A 5 -6.40 0.28 6.72
CA ILE A 5 -5.92 0.39 5.36
C ILE A 5 -6.67 -0.58 4.45
N ALA A 6 -7.29 -0.04 3.41
CA ALA A 6 -8.04 -0.85 2.46
C ALA A 6 -7.31 -0.94 1.13
N VAL A 7 -7.22 -2.15 0.59
CA VAL A 7 -6.54 -2.36 -0.68
C VAL A 7 -7.45 -3.11 -1.65
N HIS A 8 -7.76 -2.49 -2.77
CA HIS A 8 -8.62 -3.11 -3.77
C HIS A 8 -7.77 -3.78 -4.84
N ALA A 9 -7.82 -5.11 -4.90
CA ALA A 9 -7.05 -5.85 -5.89
C ALA A 9 -7.68 -5.71 -7.27
N LEU A 10 -6.97 -5.03 -8.18
CA LEU A 10 -7.46 -4.82 -9.54
C LEU A 10 -6.45 -5.33 -10.56
N MET A 11 -6.96 -5.76 -11.72
CA MET A 11 -6.09 -6.28 -12.78
C MET A 11 -6.14 -5.39 -14.02
N GLY A 12 -4.98 -5.22 -14.66
CA GLY A 12 -4.89 -4.39 -15.86
C GLY A 12 -4.08 -3.13 -15.59
N LEU A 13 -3.24 -2.76 -16.56
CA LEU A 13 -2.41 -1.56 -16.41
C LEU A 13 -3.22 -0.31 -16.76
N PRO A 14 -2.82 0.87 -16.31
CA PRO A 14 -3.58 2.13 -16.62
C PRO A 14 -3.75 2.35 -18.11
N THR A 15 -4.94 2.81 -18.49
CA THR A 15 -5.23 3.08 -19.91
C THR A 15 -5.24 4.58 -20.16
N GLY A 16 -4.10 5.22 -19.98
CA GLY A 16 -3.98 6.65 -20.20
C GLY A 16 -4.56 7.45 -19.02
N GLN A 17 -4.73 6.78 -17.89
CA GLN A 17 -5.27 7.44 -16.71
C GLN A 17 -4.13 7.92 -15.79
N PRO A 18 -4.32 9.02 -15.08
CA PRO A 18 -3.28 9.56 -14.17
C PRO A 18 -3.19 8.76 -12.87
N ALA A 19 -2.04 8.83 -12.21
CA ALA A 19 -1.86 8.13 -10.95
C ALA A 19 -2.41 8.98 -9.81
N ASN A 20 -3.44 8.49 -9.13
CA ASN A 20 -4.04 9.25 -8.03
C ASN A 20 -3.58 8.69 -6.69
N GLY A 21 -2.88 9.53 -5.93
CA GLY A 21 -2.38 9.13 -4.62
C GLY A 21 -3.39 9.45 -3.52
N THR A 22 -4.66 9.15 -3.79
CA THR A 22 -5.71 9.41 -2.81
C THR A 22 -6.93 8.56 -3.13
N LYS A 23 -8.10 8.99 -2.63
CA LYS A 23 -9.33 8.24 -2.86
C LYS A 23 -9.67 8.26 -4.36
N LEU A 24 -10.09 7.12 -4.88
CA LEU A 24 -10.43 7.01 -6.30
C LEU A 24 -11.62 6.07 -6.48
N ASP A 25 -12.53 6.44 -7.37
CA ASP A 25 -13.69 5.61 -7.64
C ASP A 25 -13.24 4.26 -8.18
N SER A 26 -13.95 3.20 -7.80
CA SER A 26 -13.59 1.86 -8.24
C SER A 26 -13.41 1.83 -9.76
N ILE A 27 -12.30 1.23 -10.20
CA ILE A 27 -12.02 1.15 -11.63
C ILE A 27 -13.06 0.26 -12.29
N GLY A 28 -13.38 -0.84 -11.64
CA GLY A 28 -14.38 -1.76 -12.15
C GLY A 28 -13.78 -2.87 -13.02
N LEU A 29 -12.47 -2.82 -13.25
CA LEU A 29 -11.81 -3.85 -14.04
C LEU A 29 -11.84 -5.16 -13.26
N PRO A 30 -11.62 -6.29 -13.91
CA PRO A 30 -11.65 -7.59 -13.18
C PRO A 30 -10.76 -7.55 -11.94
N LYS A 31 -11.32 -7.97 -10.81
CA LYS A 31 -10.57 -7.97 -9.57
C LYS A 31 -9.96 -9.36 -9.34
N VAL A 32 -8.86 -9.44 -8.60
CA VAL A 32 -8.22 -10.72 -8.36
C VAL A 32 -8.54 -11.23 -6.96
N ASP A 33 -9.25 -12.35 -6.89
CA ASP A 33 -9.63 -12.95 -5.62
C ASP A 33 -8.59 -13.98 -5.19
N GLY A 34 -8.50 -14.23 -3.88
CA GLY A 34 -7.53 -15.21 -3.38
C GLY A 34 -6.11 -14.70 -3.54
N MET A 35 -5.94 -13.39 -3.42
CA MET A 35 -4.63 -12.77 -3.56
C MET A 35 -3.94 -12.69 -2.20
N SER A 36 -2.63 -12.88 -2.18
CA SER A 36 -1.89 -12.83 -0.93
C SER A 36 -1.06 -11.56 -0.80
N PHE A 37 -1.23 -10.86 0.31
CA PHE A 37 -0.47 -9.64 0.58
C PHE A 37 0.09 -9.69 2.00
N THR A 38 1.29 -9.16 2.18
CA THR A 38 1.90 -9.15 3.51
C THR A 38 2.32 -7.74 3.90
N LEU A 39 1.93 -7.33 5.11
CA LEU A 39 2.27 -6.00 5.61
C LEU A 39 3.49 -6.06 6.51
N TYR A 40 4.33 -5.05 6.37
CA TYR A 40 5.54 -4.94 7.17
C TYR A 40 5.63 -3.54 7.77
N ARG A 41 6.03 -3.46 9.03
CA ARG A 41 6.16 -2.14 9.67
C ARG A 41 7.59 -1.63 9.59
N VAL A 42 7.74 -0.41 9.08
CA VAL A 42 9.08 0.18 8.97
C VAL A 42 9.52 0.80 10.29
N ASN A 43 10.60 0.28 10.85
CA ASN A 43 11.15 0.78 12.11
C ASN A 43 11.66 2.22 11.98
N GLU A 44 11.87 2.87 13.12
CA GLU A 44 12.37 4.24 13.18
C GLU A 44 11.42 5.23 12.51
N ILE A 45 10.29 4.75 12.00
CA ILE A 45 9.32 5.63 11.36
C ILE A 45 7.99 5.60 12.10
N ASP A 46 7.61 6.75 12.66
CA ASP A 46 6.36 6.87 13.40
C ASP A 46 5.55 8.07 12.92
N LEU A 47 4.32 7.83 12.47
CA LEU A 47 3.46 8.92 12.00
C LEU A 47 2.67 9.49 13.16
N THR A 48 3.12 9.21 14.38
CA THR A 48 2.44 9.69 15.57
C THR A 48 2.88 11.11 15.89
N THR A 49 3.95 11.54 15.22
CA THR A 49 4.48 12.88 15.42
C THR A 49 4.67 13.56 14.06
N GLN A 50 4.49 14.87 14.03
CA GLN A 50 4.64 15.60 12.78
C GLN A 50 6.02 15.39 12.17
N ALA A 51 7.01 15.13 13.02
CA ALA A 51 8.38 14.89 12.56
C ALA A 51 8.47 13.64 11.66
N GLY A 52 7.46 12.80 11.75
CA GLY A 52 7.44 11.55 11.00
C GLY A 52 7.53 11.77 9.49
N TRP A 53 6.86 12.80 8.97
CA TRP A 53 6.90 13.04 7.52
C TRP A 53 8.32 13.33 7.06
N ASP A 54 9.12 13.95 7.92
CA ASP A 54 10.49 14.27 7.58
C ASP A 54 11.30 13.01 7.38
N ALA A 55 11.25 12.12 8.37
CA ALA A 55 11.99 10.86 8.29
C ALA A 55 11.43 10.00 7.16
N ALA A 56 10.11 9.93 7.09
CA ALA A 56 9.46 9.13 6.06
C ALA A 56 9.79 9.65 4.66
N SER A 57 9.79 10.97 4.50
CA SER A 57 10.07 11.58 3.21
C SER A 57 11.49 11.24 2.77
N LYS A 58 12.33 10.89 3.72
CA LYS A 58 13.72 10.55 3.42
C LYS A 58 13.85 9.06 3.10
N ILE A 59 12.74 8.34 3.11
CA ILE A 59 12.79 6.92 2.83
C ILE A 59 13.20 6.63 1.41
N LYS A 60 14.08 5.67 1.26
CA LYS A 60 14.56 5.26 -0.04
C LYS A 60 14.35 3.76 -0.19
N LEU A 61 13.87 3.34 -1.35
CA LEU A 61 13.62 1.92 -1.58
C LEU A 61 14.89 1.15 -1.30
N GLU A 62 16.02 1.81 -1.45
CA GLU A 62 17.29 1.17 -1.20
C GLU A 62 17.35 0.72 0.25
N GLU A 63 16.51 1.33 1.09
CA GLU A 63 16.46 0.99 2.50
C GLU A 63 15.53 -0.20 2.75
N LEU A 64 14.45 -0.30 1.95
CA LEU A 64 13.51 -1.41 2.14
C LEU A 64 13.74 -2.48 1.08
N TYR A 65 13.56 -2.10 -0.16
CA TYR A 65 13.75 -3.01 -1.29
C TYR A 65 15.12 -2.80 -1.91
N THR A 66 15.99 -3.80 -1.79
CA THR A 66 17.33 -3.68 -2.36
C THR A 66 17.77 -5.00 -3.00
N ASN A 67 17.70 -6.08 -2.22
CA ASN A 67 18.09 -7.39 -2.73
C ASN A 67 16.90 -8.11 -3.35
N GLY A 68 15.88 -7.35 -3.70
CA GLY A 68 14.68 -7.92 -4.29
C GLY A 68 13.67 -8.28 -3.21
N HIS A 69 14.10 -8.17 -1.96
CA HIS A 69 13.23 -8.48 -0.84
C HIS A 69 13.43 -7.49 0.31
N PRO A 70 12.48 -7.31 1.20
CA PRO A 70 12.63 -6.35 2.34
C PRO A 70 13.85 -6.67 3.19
N THR A 71 14.45 -5.62 3.79
CA THR A 71 15.64 -5.80 4.62
C THR A 71 15.28 -5.75 6.10
N ASP A 72 16.28 -5.61 6.95
CA ASP A 72 16.06 -5.55 8.39
C ASP A 72 15.41 -4.22 8.79
N LYS A 73 15.25 -3.34 7.81
CA LYS A 73 14.64 -2.03 8.05
C LYS A 73 13.12 -2.15 8.13
N VAL A 74 12.62 -3.37 8.05
CA VAL A 74 11.18 -3.61 8.10
C VAL A 74 10.85 -4.63 9.19
N THR A 75 9.62 -4.59 9.69
CA THR A 75 9.20 -5.51 10.75
C THR A 75 7.95 -6.28 10.35
N LYS A 76 7.93 -7.58 10.65
CA LYS A 76 6.78 -8.42 10.32
C LYS A 76 5.53 -7.89 11.01
N VAL A 77 4.44 -7.73 10.27
CA VAL A 77 3.19 -7.24 10.86
C VAL A 77 2.11 -8.30 10.78
N ALA A 78 1.67 -8.62 9.55
CA ALA A 78 0.64 -9.62 9.37
C ALA A 78 0.47 -9.99 7.91
N THR A 79 -0.10 -11.17 7.67
CA THR A 79 -0.34 -11.66 6.31
C THR A 79 -1.80 -12.07 6.17
N LYS A 80 -2.49 -11.51 5.18
CA LYS A 80 -3.90 -11.84 4.97
C LYS A 80 -4.18 -12.05 3.48
N LYS A 81 -5.15 -12.89 3.19
CA LYS A 81 -5.53 -13.18 1.81
C LYS A 81 -6.75 -12.38 1.40
N THR A 82 -6.58 -11.51 0.41
CA THR A 82 -7.69 -10.69 -0.08
C THR A 82 -8.76 -11.56 -0.71
N GLU A 83 -10.00 -11.37 -0.27
CA GLU A 83 -11.13 -12.14 -0.80
C GLU A 83 -12.13 -11.19 -1.45
N GLY A 84 -12.55 -11.52 -2.66
CA GLY A 84 -13.51 -10.69 -3.38
C GLY A 84 -12.79 -9.54 -4.07
N GLY A 85 -11.46 -9.58 -4.06
CA GLY A 85 -10.66 -8.54 -4.69
C GLY A 85 -10.49 -7.34 -3.79
N VAL A 86 -11.02 -7.41 -2.57
CA VAL A 86 -10.92 -6.31 -1.61
C VAL A 86 -10.40 -6.80 -0.27
N ALA A 87 -9.37 -6.12 0.24
CA ALA A 87 -8.77 -6.48 1.52
C ALA A 87 -8.81 -5.28 2.48
N LYS A 88 -8.96 -5.56 3.76
CA LYS A 88 -9.02 -4.50 4.75
C LYS A 88 -8.30 -4.91 6.03
N PHE A 89 -7.45 -4.02 6.53
CA PHE A 89 -6.70 -4.28 7.76
C PHE A 89 -7.19 -3.36 8.88
N ASP A 90 -7.68 -3.97 9.95
CA ASP A 90 -8.18 -3.20 11.09
C ASP A 90 -7.16 -3.17 12.22
N ASN A 91 -7.52 -2.47 13.30
CA ASN A 91 -6.66 -2.36 14.48
C ASN A 91 -5.23 -1.98 14.08
N LEU A 92 -5.10 -0.92 13.30
CA LEU A 92 -3.79 -0.45 12.88
C LEU A 92 -3.33 0.65 13.83
N THR A 93 -2.05 1.02 13.73
CA THR A 93 -1.51 2.06 14.58
C THR A 93 -0.60 2.98 13.77
N PRO A 94 -0.59 4.27 14.04
CA PRO A 94 0.26 5.23 13.28
C PRO A 94 1.68 4.73 13.03
N ALA A 95 2.03 4.53 11.76
CA ALA A 95 3.37 4.09 11.39
C ALA A 95 3.53 4.03 9.88
N LEU A 96 4.16 2.95 9.40
CA LEU A 96 4.38 2.76 7.97
C LEU A 96 4.03 1.34 7.56
N TYR A 97 3.06 1.20 6.66
CA TYR A 97 2.65 -0.11 6.17
C TYR A 97 3.13 -0.29 4.74
N LEU A 98 3.88 -1.37 4.53
CA LEU A 98 4.40 -1.70 3.21
C LEU A 98 3.71 -2.96 2.71
N VAL A 99 3.09 -2.84 1.55
CA VAL A 99 2.38 -3.95 0.96
C VAL A 99 3.22 -4.64 -0.10
N VAL A 100 3.46 -5.93 0.10
CA VAL A 100 4.26 -6.72 -0.82
C VAL A 100 3.40 -7.78 -1.49
N GLN A 101 3.42 -7.79 -2.82
CA GLN A 101 2.63 -8.75 -3.57
C GLN A 101 3.36 -10.08 -3.69
N GLU A 102 2.94 -11.04 -2.87
CA GLU A 102 3.56 -12.36 -2.88
C GLU A 102 3.20 -13.11 -4.15
N LEU A 103 4.15 -13.88 -4.67
CA LEU A 103 3.92 -14.66 -5.88
C LEU A 103 3.03 -15.86 -5.58
N ASN A 104 2.67 -16.01 -4.31
CA ASN A 104 1.82 -17.11 -3.89
C ASN A 104 0.51 -17.06 -4.66
N GLY A 105 0.09 -18.21 -5.18
CA GLY A 105 -1.14 -18.26 -5.96
C GLY A 105 -1.01 -17.34 -7.17
N ALA A 106 -2.04 -16.54 -7.43
CA ALA A 106 -2.00 -15.62 -8.56
C ALA A 106 -1.33 -16.29 -9.76
N GLU A 107 -1.73 -17.52 -10.03
CA GLU A 107 -1.17 -18.28 -11.14
C GLU A 107 -1.69 -17.79 -12.48
N ALA A 108 -2.96 -17.39 -12.51
CA ALA A 108 -3.57 -16.90 -13.74
C ALA A 108 -3.25 -15.43 -13.95
N VAL A 109 -2.55 -14.84 -12.99
CA VAL A 109 -2.20 -13.42 -13.07
C VAL A 109 -0.75 -13.19 -12.71
N VAL A 110 -0.11 -12.27 -13.42
CA VAL A 110 1.28 -11.94 -13.16
C VAL A 110 1.40 -10.96 -12.01
N ARG A 111 2.24 -11.27 -11.03
CA ARG A 111 2.43 -10.40 -9.88
C ARG A 111 2.88 -9.01 -10.31
N SER A 112 2.40 -7.99 -9.60
CA SER A 112 2.77 -6.61 -9.92
C SER A 112 3.83 -6.11 -8.95
N GLN A 113 4.34 -4.90 -9.23
CA GLN A 113 5.36 -4.30 -8.38
C GLN A 113 4.77 -3.90 -7.02
N PRO A 114 5.55 -3.93 -5.97
CA PRO A 114 5.06 -3.55 -4.60
C PRO A 114 4.85 -2.04 -4.47
N PHE A 115 4.14 -1.65 -3.42
CA PHE A 115 3.88 -0.22 -3.19
C PHE A 115 3.90 0.08 -1.69
N LEU A 116 4.19 1.34 -1.35
CA LEU A 116 4.28 1.74 0.04
C LEU A 116 3.23 2.77 0.38
N VAL A 117 2.64 2.66 1.57
CA VAL A 117 1.62 3.60 1.97
C VAL A 117 1.72 3.91 3.47
N ALA A 118 1.65 5.19 3.80
CA ALA A 118 1.71 5.63 5.20
C ALA A 118 0.35 5.45 5.84
N ALA A 119 0.32 5.22 7.15
CA ALA A 119 -0.95 5.05 7.85
C ALA A 119 -0.90 5.71 9.24
N PRO A 120 -1.74 6.69 9.56
CA PRO A 120 -2.79 7.27 8.66
C PRO A 120 -2.20 8.26 7.67
N GLN A 121 -2.99 8.70 6.70
CA GLN A 121 -2.50 9.67 5.72
C GLN A 121 -3.19 11.01 5.95
N THR A 122 -2.46 12.09 5.75
CA THR A 122 -3.03 13.40 5.95
C THR A 122 -4.06 13.67 4.85
N ASN A 123 -4.97 14.60 5.11
CA ASN A 123 -6.00 14.93 4.13
C ASN A 123 -5.37 15.55 2.89
N PRO A 124 -5.97 15.39 1.73
CA PRO A 124 -5.43 15.97 0.47
C PRO A 124 -5.32 17.49 0.54
N THR A 125 -6.04 18.08 1.50
CA THR A 125 -6.01 19.52 1.68
C THR A 125 -4.97 19.89 2.73
N GLY A 126 -4.41 18.88 3.38
CA GLY A 126 -3.39 19.09 4.40
C GLY A 126 -4.02 19.44 5.75
N ASP A 127 -5.34 19.47 5.81
CA ASP A 127 -6.04 19.79 7.04
C ASP A 127 -6.60 18.53 7.70
N GLY A 128 -6.16 18.25 8.92
CA GLY A 128 -6.62 17.08 9.65
C GLY A 128 -5.96 15.81 9.15
N TRP A 129 -6.43 14.67 9.64
CA TRP A 129 -5.88 13.37 9.24
C TRP A 129 -6.99 12.41 8.88
N LEU A 130 -6.73 11.54 7.91
CA LEU A 130 -7.71 10.56 7.46
C LEU A 130 -7.43 9.21 8.13
N GLN A 131 -8.45 8.65 8.77
CA GLN A 131 -8.32 7.38 9.47
C GLN A 131 -8.31 6.18 8.54
N ASP A 132 -8.76 6.36 7.30
CA ASP A 132 -8.82 5.24 6.35
C ASP A 132 -8.04 5.56 5.07
N VAL A 133 -7.24 4.58 4.64
CA VAL A 133 -6.42 4.72 3.44
C VAL A 133 -6.90 3.77 2.35
N HIS A 134 -7.17 4.31 1.16
CA HIS A 134 -7.63 3.49 0.05
C HIS A 134 -6.54 3.33 -1.01
N VAL A 135 -6.40 2.11 -1.54
CA VAL A 135 -5.40 1.84 -2.56
C VAL A 135 -5.97 0.91 -3.63
N TYR A 136 -5.50 1.07 -4.87
CA TYR A 136 -5.97 0.23 -5.97
C TYR A 136 -4.79 -0.34 -6.77
N PRO A 137 -4.04 -1.25 -6.20
CA PRO A 137 -2.88 -1.86 -6.92
C PRO A 137 -3.33 -2.57 -8.20
N LYS A 138 -2.57 -2.40 -9.26
CA LYS A 138 -2.90 -3.02 -10.53
C LYS A 138 -2.00 -4.24 -10.77
N HIS A 139 -2.57 -5.28 -11.38
CA HIS A 139 -1.79 -6.49 -11.66
C HIS A 139 -1.75 -6.76 -13.16
N GLN A 140 -0.78 -7.55 -13.57
CA GLN A 140 -0.63 -7.92 -14.97
C GLN A 140 -1.11 -9.35 -15.17
N ALA A 141 -1.82 -9.58 -16.26
CA ALA A 141 -2.35 -10.92 -16.52
C ALA A 141 -1.30 -11.85 -17.10
N LEU A 142 -1.52 -13.15 -16.90
CA LEU A 142 -0.61 -14.17 -17.40
C LEU A 142 -0.79 -14.37 -18.90
N SER A 143 0.30 -14.22 -19.64
CA SER A 143 0.25 -14.40 -21.10
C SER A 143 -0.67 -13.35 -21.72
N LYS B 1 4.28 20.13 3.81
CA LYS B 1 3.34 20.33 2.67
C LYS B 1 3.12 18.99 1.96
N ASN B 2 4.22 18.30 1.67
CA ASN B 2 4.15 17.01 0.99
C ASN B 2 3.56 15.96 1.92
N ALA B 3 2.80 15.02 1.36
CA ALA B 3 2.19 13.96 2.15
C ALA B 3 2.06 12.68 1.33
N GLY B 4 2.00 11.54 2.03
CA GLY B 4 1.88 10.25 1.37
C GLY B 4 3.25 9.64 1.10
N PHE B 5 3.27 8.38 0.72
CA PHE B 5 4.53 7.68 0.44
C PHE B 5 4.73 7.50 -1.06
N GLU B 6 4.09 6.49 -1.61
CA GLU B 6 4.20 6.20 -3.03
C GLU B 6 3.24 5.10 -3.42
N LEU B 7 2.06 5.51 -3.86
CA LEU B 7 1.03 4.57 -4.28
C LEU B 7 0.47 4.99 -5.63
N PRO B 8 1.33 5.20 -6.60
CA PRO B 8 0.93 5.60 -7.98
C PRO B 8 0.20 4.49 -8.71
N LEU B 9 0.39 3.27 -8.22
CA LEU B 9 -0.23 2.10 -8.83
C LEU B 9 -1.73 2.07 -8.57
N THR B 10 -2.47 2.95 -9.24
CA THR B 10 -3.91 2.99 -9.10
C THR B 10 -4.56 2.04 -10.08
N GLU A 1 -8.94 7.38 17.78
CA GLU A 1 -9.42 6.04 17.34
C GLU A 1 -8.28 5.29 16.65
N ARG A 2 -8.63 4.31 15.83
CA ARG A 2 -7.64 3.52 15.12
C ARG A 2 -7.60 3.92 13.65
N THR A 3 -6.87 3.15 12.86
CA THR A 3 -6.77 3.42 11.43
C THR A 3 -6.85 2.12 10.64
N SER A 4 -7.49 2.18 9.47
CA SER A 4 -7.62 0.99 8.64
C SER A 4 -7.12 1.25 7.23
N ILE A 5 -6.47 0.25 6.64
CA ILE A 5 -5.95 0.36 5.29
C ILE A 5 -6.70 -0.57 4.35
N ALA A 6 -7.36 0.00 3.36
CA ALA A 6 -8.13 -0.78 2.40
C ALA A 6 -7.33 -0.92 1.11
N VAL A 7 -7.32 -2.13 0.56
CA VAL A 7 -6.60 -2.37 -0.68
C VAL A 7 -7.54 -3.01 -1.71
N HIS A 8 -7.80 -2.29 -2.78
CA HIS A 8 -8.69 -2.78 -3.83
C HIS A 8 -7.87 -3.50 -4.91
N ALA A 9 -8.00 -4.81 -4.96
CA ALA A 9 -7.26 -5.59 -5.95
C ALA A 9 -7.84 -5.36 -7.34
N LEU A 10 -6.97 -4.95 -8.27
CA LEU A 10 -7.38 -4.69 -9.64
C LEU A 10 -6.49 -5.43 -10.63
N MET A 11 -7.07 -5.87 -11.75
CA MET A 11 -6.32 -6.61 -12.75
C MET A 11 -6.13 -5.78 -14.03
N GLY A 12 -4.91 -5.83 -14.58
CA GLY A 12 -4.61 -5.09 -15.80
C GLY A 12 -3.84 -3.81 -15.48
N LEU A 13 -2.88 -3.46 -16.33
CA LEU A 13 -2.08 -2.25 -16.09
C LEU A 13 -2.83 -1.01 -16.61
N PRO A 14 -2.57 0.16 -16.07
CA PRO A 14 -3.26 1.41 -16.53
C PRO A 14 -3.17 1.60 -18.04
N THR A 15 -4.27 2.05 -18.64
CA THR A 15 -4.31 2.27 -20.08
C THR A 15 -4.27 3.76 -20.40
N GLY A 16 -3.13 4.39 -20.15
CA GLY A 16 -2.98 5.81 -20.41
C GLY A 16 -3.71 6.66 -19.37
N GLN A 17 -4.00 6.06 -18.22
CA GLN A 17 -4.69 6.78 -17.16
C GLN A 17 -3.69 7.34 -16.14
N PRO A 18 -3.99 8.47 -15.52
CA PRO A 18 -3.08 9.10 -14.52
C PRO A 18 -3.11 8.37 -13.18
N ALA A 19 -2.05 8.52 -12.40
CA ALA A 19 -1.97 7.89 -11.09
C ALA A 19 -2.64 8.79 -10.06
N ASN A 20 -3.86 8.43 -9.67
CA ASN A 20 -4.61 9.22 -8.70
C ASN A 20 -4.59 8.58 -7.32
N GLY A 21 -3.54 8.86 -6.55
CA GLY A 21 -3.42 8.30 -5.21
C GLY A 21 -4.59 8.77 -4.35
N THR A 22 -5.33 9.73 -4.85
CA THR A 22 -6.48 10.28 -4.14
C THR A 22 -7.69 9.39 -4.34
N LYS A 23 -8.72 9.60 -3.53
CA LYS A 23 -9.94 8.80 -3.65
C LYS A 23 -10.64 9.08 -4.97
N LEU A 24 -10.92 8.02 -5.73
CA LEU A 24 -11.60 8.16 -7.01
C LEU A 24 -12.55 6.99 -7.26
N ASP A 25 -13.44 7.14 -8.22
CA ASP A 25 -14.39 6.07 -8.53
C ASP A 25 -13.63 4.83 -9.00
N SER A 26 -14.08 3.67 -8.55
CA SER A 26 -13.42 2.42 -8.94
C SER A 26 -13.88 1.96 -10.32
N ILE A 27 -12.94 1.46 -11.12
CA ILE A 27 -13.27 0.98 -12.45
C ILE A 27 -14.21 -0.22 -12.32
N GLY A 28 -13.86 -1.12 -11.40
CA GLY A 28 -14.67 -2.31 -11.15
C GLY A 28 -14.48 -3.39 -12.22
N LEU A 29 -13.38 -3.31 -12.96
CA LEU A 29 -13.10 -4.32 -13.98
C LEU A 29 -12.78 -5.63 -13.25
N PRO A 30 -12.79 -6.77 -13.90
CA PRO A 30 -12.52 -8.05 -13.18
C PRO A 30 -11.30 -7.96 -12.27
N LYS A 31 -11.50 -8.35 -11.02
CA LYS A 31 -10.45 -8.32 -10.01
C LYS A 31 -9.93 -9.72 -9.74
N VAL A 32 -8.73 -9.82 -9.18
CA VAL A 32 -8.15 -11.12 -8.87
C VAL A 32 -8.32 -11.46 -7.39
N ASP A 33 -9.10 -12.50 -7.11
CA ASP A 33 -9.33 -12.92 -5.74
C ASP A 33 -8.24 -13.90 -5.31
N GLY A 34 -8.29 -14.33 -4.05
CA GLY A 34 -7.29 -15.27 -3.56
C GLY A 34 -5.89 -14.66 -3.67
N MET A 35 -5.81 -13.35 -3.49
CA MET A 35 -4.53 -12.66 -3.59
C MET A 35 -3.90 -12.55 -2.22
N SER A 36 -2.60 -12.82 -2.13
CA SER A 36 -1.91 -12.76 -0.84
C SER A 36 -1.09 -11.48 -0.70
N PHE A 37 -1.34 -10.78 0.40
CA PHE A 37 -0.62 -9.55 0.70
C PHE A 37 -0.05 -9.62 2.12
N THR A 38 1.14 -9.08 2.32
CA THR A 38 1.77 -9.09 3.63
C THR A 38 2.12 -7.68 4.10
N LEU A 39 1.70 -7.34 5.32
CA LEU A 39 1.99 -6.01 5.85
C LEU A 39 3.28 -6.03 6.66
N TYR A 40 4.09 -5.02 6.41
CA TYR A 40 5.37 -4.85 7.09
C TYR A 40 5.49 -3.43 7.63
N ARG A 41 5.72 -3.30 8.94
CA ARG A 41 5.85 -1.97 9.53
C ARG A 41 7.32 -1.57 9.65
N VAL A 42 7.62 -0.36 9.20
CA VAL A 42 8.99 0.16 9.27
C VAL A 42 9.30 0.71 10.66
N ASN A 43 10.32 0.13 11.29
CA ASN A 43 10.75 0.55 12.63
C ASN A 43 11.29 1.98 12.66
N GLU A 44 11.39 2.53 13.87
CA GLU A 44 11.92 3.89 14.08
C GLU A 44 11.05 4.97 13.43
N ILE A 45 9.99 4.56 12.76
CA ILE A 45 9.11 5.54 12.11
C ILE A 45 7.87 5.78 12.97
N ASP A 46 7.68 7.02 13.40
CA ASP A 46 6.53 7.37 14.24
C ASP A 46 5.77 8.57 13.67
N LEU A 47 4.49 8.38 13.38
CA LEU A 47 3.66 9.47 12.85
C LEU A 47 3.10 10.31 14.00
N THR A 48 3.67 10.15 15.18
CA THR A 48 3.21 10.88 16.35
C THR A 48 3.89 12.25 16.43
N THR A 49 4.78 12.51 15.49
CA THR A 49 5.50 13.77 15.45
C THR A 49 5.67 14.25 14.01
N GLN A 50 5.80 15.55 13.84
CA GLN A 50 5.96 16.13 12.50
C GLN A 50 7.25 15.60 11.86
N ALA A 51 8.30 15.47 12.66
CA ALA A 51 9.57 14.96 12.15
C ALA A 51 9.39 13.59 11.51
N GLY A 52 8.40 12.85 11.97
CA GLY A 52 8.17 11.50 11.47
C GLY A 52 7.89 11.44 9.97
N TRP A 53 6.96 12.25 9.47
CA TRP A 53 6.66 12.20 8.04
C TRP A 53 7.86 12.63 7.22
N ASP A 54 8.69 13.51 7.78
CA ASP A 54 9.87 13.99 7.05
C ASP A 54 10.80 12.83 6.73
N ALA A 55 11.16 12.05 7.75
CA ALA A 55 12.04 10.90 7.55
C ALA A 55 11.34 9.84 6.71
N ALA A 56 10.06 9.62 7.01
CA ALA A 56 9.29 8.62 6.29
C ALA A 56 9.22 8.94 4.79
N SER A 57 8.91 10.20 4.48
CA SER A 57 8.84 10.64 3.09
C SER A 57 10.22 10.58 2.46
N LYS A 58 11.24 10.61 3.31
CA LYS A 58 12.62 10.57 2.87
C LYS A 58 13.15 9.14 2.85
N ILE A 59 12.24 8.17 2.91
CA ILE A 59 12.64 6.77 2.89
C ILE A 59 13.13 6.37 1.51
N LYS A 60 14.28 5.72 1.49
CA LYS A 60 14.85 5.26 0.25
C LYS A 60 14.69 3.75 0.19
N LEU A 61 14.09 3.26 -0.90
CA LEU A 61 13.90 1.82 -1.03
C LEU A 61 15.23 1.12 -0.90
N GLU A 62 16.30 1.85 -1.15
CA GLU A 62 17.62 1.30 -1.04
C GLU A 62 17.86 0.85 0.40
N GLU A 63 17.09 1.44 1.32
CA GLU A 63 17.22 1.13 2.74
C GLU A 63 16.31 -0.03 3.19
N LEU A 64 15.14 -0.19 2.55
CA LEU A 64 14.21 -1.25 2.97
C LEU A 64 14.05 -2.36 1.92
N TYR A 65 14.22 -2.02 0.64
CA TYR A 65 14.09 -3.00 -0.43
C TYR A 65 15.05 -2.67 -1.57
N THR A 66 16.05 -3.52 -1.78
CA THR A 66 17.04 -3.28 -2.84
C THR A 66 17.49 -4.57 -3.51
N ASN A 67 17.86 -5.56 -2.70
CA ASN A 67 18.33 -6.82 -3.23
C ASN A 67 17.16 -7.70 -3.66
N GLY A 68 16.02 -7.06 -3.90
CA GLY A 68 14.83 -7.79 -4.32
C GLY A 68 14.12 -8.40 -3.12
N HIS A 69 14.67 -8.16 -1.93
CA HIS A 69 14.08 -8.70 -0.71
C HIS A 69 14.14 -7.68 0.43
N PRO A 70 13.21 -7.73 1.36
CA PRO A 70 13.18 -6.78 2.53
C PRO A 70 14.36 -6.97 3.48
N THR A 71 14.70 -5.89 4.18
CA THR A 71 15.82 -5.93 5.13
C THR A 71 15.29 -5.90 6.57
N ASP A 72 16.21 -5.68 7.51
CA ASP A 72 15.82 -5.61 8.91
C ASP A 72 15.15 -4.28 9.20
N LYS A 73 15.00 -3.47 8.16
CA LYS A 73 14.37 -2.16 8.28
C LYS A 73 12.85 -2.29 8.31
N VAL A 74 12.38 -3.54 8.28
CA VAL A 74 10.95 -3.81 8.29
C VAL A 74 10.61 -4.84 9.37
N THR A 75 9.35 -4.85 9.81
CA THR A 75 8.93 -5.78 10.85
C THR A 75 7.67 -6.54 10.41
N LYS A 76 7.68 -7.86 10.61
CA LYS A 76 6.52 -8.68 10.25
C LYS A 76 5.30 -8.25 11.04
N VAL A 77 4.25 -7.83 10.33
CA VAL A 77 3.03 -7.39 11.00
C VAL A 77 1.94 -8.43 10.86
N ALA A 78 1.50 -8.68 9.64
CA ALA A 78 0.44 -9.66 9.42
C ALA A 78 0.30 -10.04 7.95
N THR A 79 -0.25 -11.22 7.72
CA THR A 79 -0.47 -11.71 6.36
C THR A 79 -1.92 -12.12 6.18
N LYS A 80 -2.60 -11.50 5.22
CA LYS A 80 -4.00 -11.82 4.96
C LYS A 80 -4.25 -11.93 3.46
N LYS A 81 -5.17 -12.81 3.08
CA LYS A 81 -5.47 -12.99 1.66
C LYS A 81 -6.74 -12.25 1.26
N THR A 82 -6.61 -11.37 0.28
CA THR A 82 -7.75 -10.60 -0.21
C THR A 82 -8.78 -11.53 -0.84
N GLU A 83 -10.03 -11.36 -0.46
CA GLU A 83 -11.11 -12.16 -1.00
C GLU A 83 -12.32 -11.27 -1.25
N GLY A 84 -13.08 -11.61 -2.29
CA GLY A 84 -14.25 -10.82 -2.64
C GLY A 84 -13.82 -9.60 -3.46
N GLY A 85 -12.55 -9.58 -3.83
CA GLY A 85 -12.00 -8.48 -4.62
C GLY A 85 -11.60 -7.30 -3.73
N VAL A 86 -11.77 -7.44 -2.41
CA VAL A 86 -11.41 -6.36 -1.50
C VAL A 86 -10.79 -6.90 -0.21
N ALA A 87 -9.80 -6.16 0.30
CA ALA A 87 -9.12 -6.54 1.54
C ALA A 87 -9.13 -5.36 2.49
N LYS A 88 -9.22 -5.61 3.79
CA LYS A 88 -9.24 -4.52 4.76
C LYS A 88 -8.47 -4.88 6.03
N PHE A 89 -7.66 -3.93 6.49
CA PHE A 89 -6.88 -4.12 7.70
C PHE A 89 -7.34 -3.15 8.77
N ASP A 90 -7.40 -3.60 10.02
CA ASP A 90 -7.85 -2.75 11.12
C ASP A 90 -6.85 -2.79 12.28
N ASN A 91 -7.16 -2.05 13.34
CA ASN A 91 -6.28 -2.01 14.51
C ASN A 91 -4.85 -1.67 14.09
N LEU A 92 -4.72 -0.61 13.31
CA LEU A 92 -3.40 -0.19 12.83
C LEU A 92 -2.91 0.98 13.66
N THR A 93 -1.72 0.86 14.21
CA THR A 93 -1.15 1.94 14.99
C THR A 93 -0.41 2.90 14.07
N PRO A 94 -0.49 4.20 14.29
CA PRO A 94 0.19 5.18 13.40
C PRO A 94 1.65 4.81 13.11
N ALA A 95 1.96 4.65 11.83
CA ALA A 95 3.33 4.33 11.40
C ALA A 95 3.42 4.30 9.88
N LEU A 96 4.08 3.26 9.36
CA LEU A 96 4.24 3.10 7.91
C LEU A 96 4.00 1.64 7.54
N TYR A 97 3.02 1.42 6.66
CA TYR A 97 2.69 0.06 6.22
C TYR A 97 3.24 -0.20 4.84
N LEU A 98 3.71 -1.43 4.63
CA LEU A 98 4.26 -1.84 3.36
C LEU A 98 3.56 -3.11 2.88
N VAL A 99 3.03 -3.05 1.68
CA VAL A 99 2.32 -4.18 1.12
C VAL A 99 3.18 -4.89 0.08
N VAL A 100 3.42 -6.18 0.30
CA VAL A 100 4.23 -6.98 -0.61
C VAL A 100 3.37 -8.05 -1.28
N GLN A 101 3.37 -8.06 -2.60
CA GLN A 101 2.59 -9.04 -3.35
C GLN A 101 3.36 -10.34 -3.51
N GLU A 102 2.92 -11.39 -2.83
CA GLU A 102 3.58 -12.68 -2.92
C GLU A 102 3.38 -13.30 -4.30
N LEU A 103 4.46 -13.88 -4.83
CA LEU A 103 4.41 -14.51 -6.15
C LEU A 103 3.71 -15.86 -6.06
N ASN A 104 3.33 -16.24 -4.85
CA ASN A 104 2.65 -17.52 -4.65
C ASN A 104 1.43 -17.61 -5.54
N GLY A 105 1.25 -18.76 -6.18
CA GLY A 105 0.12 -18.94 -7.08
C GLY A 105 0.21 -17.94 -8.23
N ALA A 106 -0.88 -17.21 -8.48
CA ALA A 106 -0.87 -16.22 -9.55
C ALA A 106 -0.39 -16.86 -10.86
N GLU A 107 -1.02 -17.99 -11.21
CA GLU A 107 -0.66 -18.69 -12.43
C GLU A 107 -1.22 -18.01 -13.66
N ALA A 108 -2.46 -17.53 -13.56
CA ALA A 108 -3.10 -16.85 -14.68
C ALA A 108 -2.79 -15.36 -14.68
N VAL A 109 -2.11 -14.90 -13.63
CA VAL A 109 -1.77 -13.49 -13.52
C VAL A 109 -0.28 -13.32 -13.17
N VAL A 110 0.30 -12.23 -13.65
CA VAL A 110 1.70 -11.97 -13.40
C VAL A 110 1.88 -11.05 -12.18
N ARG A 111 2.76 -11.45 -11.27
CA ARG A 111 3.00 -10.67 -10.06
C ARG A 111 3.42 -9.24 -10.40
N SER A 112 2.88 -8.28 -9.65
CA SER A 112 3.20 -6.88 -9.87
C SER A 112 4.19 -6.37 -8.83
N GLN A 113 4.71 -5.17 -9.04
CA GLN A 113 5.67 -4.59 -8.11
C GLN A 113 4.97 -4.18 -6.80
N PRO A 114 5.66 -4.20 -5.69
CA PRO A 114 5.06 -3.82 -4.37
C PRO A 114 4.84 -2.31 -4.25
N PHE A 115 4.09 -1.91 -3.23
CA PHE A 115 3.83 -0.48 -3.02
C PHE A 115 3.84 -0.14 -1.54
N LEU A 116 4.09 1.12 -1.22
CA LEU A 116 4.16 1.57 0.17
C LEU A 116 3.14 2.66 0.46
N VAL A 117 2.51 2.60 1.63
CA VAL A 117 1.53 3.61 1.98
C VAL A 117 1.59 3.93 3.49
N ALA A 118 1.51 5.22 3.81
CA ALA A 118 1.55 5.64 5.22
C ALA A 118 0.18 5.44 5.86
N ALA A 119 0.16 5.12 7.16
CA ALA A 119 -1.12 4.92 7.83
C ALA A 119 -1.07 5.43 9.29
N PRO A 120 -1.84 6.46 9.67
CA PRO A 120 -2.79 7.22 8.79
C PRO A 120 -2.06 8.23 7.91
N GLN A 121 -2.75 8.77 6.92
CA GLN A 121 -2.15 9.75 6.03
C GLN A 121 -2.77 11.11 6.27
N THR A 122 -1.98 12.17 6.18
CA THR A 122 -2.49 13.50 6.40
C THR A 122 -3.40 13.91 5.24
N ASN A 123 -4.31 14.85 5.50
CA ASN A 123 -5.23 15.31 4.47
C ASN A 123 -4.46 16.12 3.43
N PRO A 124 -4.94 16.20 2.21
CA PRO A 124 -4.24 16.97 1.12
C PRO A 124 -4.02 18.45 1.49
N THR A 125 -4.79 18.97 2.44
CA THR A 125 -4.63 20.36 2.84
C THR A 125 -3.73 20.47 4.08
N GLY A 126 -3.34 19.32 4.62
CA GLY A 126 -2.45 19.28 5.78
C GLY A 126 -3.20 19.48 7.10
N ASP A 127 -4.51 19.65 7.02
CA ASP A 127 -5.30 19.84 8.24
C ASP A 127 -5.93 18.53 8.70
N GLY A 128 -5.52 18.06 9.89
CA GLY A 128 -6.06 16.84 10.44
C GLY A 128 -5.44 15.59 9.79
N TRP A 129 -5.99 14.42 10.14
CA TRP A 129 -5.50 13.16 9.61
C TRP A 129 -6.67 12.28 9.18
N LEU A 130 -6.41 11.40 8.22
CA LEU A 130 -7.45 10.49 7.73
C LEU A 130 -7.38 9.16 8.46
N GLN A 131 -8.52 8.74 9.00
CA GLN A 131 -8.60 7.49 9.75
C GLN A 131 -8.59 6.27 8.82
N ASP A 132 -8.96 6.48 7.55
CA ASP A 132 -8.99 5.37 6.60
C ASP A 132 -8.19 5.69 5.35
N VAL A 133 -7.31 4.76 4.98
CA VAL A 133 -6.48 4.93 3.79
C VAL A 133 -6.91 3.94 2.70
N HIS A 134 -7.20 4.46 1.51
CA HIS A 134 -7.62 3.62 0.39
C HIS A 134 -6.49 3.46 -0.63
N VAL A 135 -6.32 2.24 -1.12
CA VAL A 135 -5.27 1.96 -2.09
C VAL A 135 -5.85 1.10 -3.23
N TYR A 136 -5.47 1.43 -4.47
CA TYR A 136 -5.97 0.69 -5.63
C TYR A 136 -4.82 0.19 -6.49
N PRO A 137 -4.06 -0.77 -6.02
CA PRO A 137 -2.91 -1.32 -6.79
C PRO A 137 -3.40 -2.27 -7.86
N LYS A 138 -2.98 -2.05 -9.10
CA LYS A 138 -3.41 -2.89 -10.20
C LYS A 138 -2.41 -4.01 -10.45
N HIS A 139 -2.89 -5.10 -11.05
CA HIS A 139 -2.02 -6.24 -11.35
C HIS A 139 -1.84 -6.38 -12.86
N GLN A 140 -0.78 -7.06 -13.26
CA GLN A 140 -0.52 -7.30 -14.68
C GLN A 140 -0.84 -8.76 -14.98
N ALA A 141 -1.78 -8.97 -15.89
CA ALA A 141 -2.20 -10.32 -16.24
C ALA A 141 -1.22 -11.04 -17.14
N LEU A 142 -1.33 -12.36 -17.14
CA LEU A 142 -0.47 -13.22 -17.95
C LEU A 142 -0.91 -13.18 -19.41
N SER A 143 0.02 -12.83 -20.29
CA SER A 143 -0.28 -12.76 -21.72
C SER A 143 -1.35 -11.71 -21.98
N LYS B 1 2.02 19.47 -0.81
CA LYS B 1 0.86 19.62 0.11
C LYS B 1 0.25 18.26 0.40
N ASN B 2 0.27 17.38 -0.61
CA ASN B 2 -0.29 16.04 -0.46
C ASN B 2 0.78 15.08 0.04
N ALA B 3 0.66 14.67 1.30
CA ALA B 3 1.62 13.73 1.89
C ALA B 3 1.67 12.45 1.07
N GLY B 4 1.16 11.37 1.64
CA GLY B 4 1.16 10.08 0.96
C GLY B 4 2.53 9.43 1.02
N PHE B 5 2.72 8.36 0.28
CA PHE B 5 4.00 7.65 0.27
C PHE B 5 4.42 7.26 -1.15
N GLU B 6 3.94 6.11 -1.61
CA GLU B 6 4.26 5.64 -2.95
C GLU B 6 3.16 4.71 -3.44
N LEU B 7 2.10 5.31 -3.96
CA LEU B 7 0.97 4.55 -4.49
C LEU B 7 0.66 5.04 -5.90
N PRO B 8 1.63 5.00 -6.78
CA PRO B 8 1.46 5.46 -8.19
C PRO B 8 0.48 4.60 -8.97
N LEU B 9 0.24 3.39 -8.46
CA LEU B 9 -0.67 2.47 -9.12
C LEU B 9 -2.11 2.70 -8.65
N THR B 10 -3.01 2.89 -9.61
CA THR B 10 -4.41 3.10 -9.31
C THR B 10 -5.26 2.08 -10.06
N GLU A 1 -11.38 5.48 18.70
CA GLU A 1 -11.53 4.61 17.50
C GLU A 1 -10.18 4.04 17.10
N ARG A 2 -10.10 3.49 15.89
CA ARG A 2 -8.86 2.93 15.40
C ARG A 2 -8.63 3.30 13.93
N THR A 3 -7.43 3.00 13.44
CA THR A 3 -7.09 3.31 12.06
C THR A 3 -7.20 2.04 11.19
N SER A 4 -7.32 2.24 9.89
CA SER A 4 -7.45 1.10 8.98
C SER A 4 -6.89 1.41 7.60
N ILE A 5 -6.50 0.36 6.88
CA ILE A 5 -5.98 0.50 5.52
C ILE A 5 -6.75 -0.40 4.57
N ALA A 6 -7.42 0.20 3.59
CA ALA A 6 -8.19 -0.56 2.62
C ALA A 6 -7.45 -0.64 1.30
N VAL A 7 -7.24 -1.86 0.82
CA VAL A 7 -6.53 -2.08 -0.44
C VAL A 7 -7.45 -2.77 -1.45
N HIS A 8 -7.71 -2.10 -2.56
CA HIS A 8 -8.56 -2.67 -3.61
C HIS A 8 -7.71 -3.38 -4.64
N ALA A 9 -8.02 -4.64 -4.92
CA ALA A 9 -7.26 -5.41 -5.90
C ALA A 9 -7.81 -5.20 -7.30
N LEU A 10 -6.95 -4.71 -8.21
CA LEU A 10 -7.34 -4.47 -9.59
C LEU A 10 -6.39 -5.18 -10.55
N MET A 11 -6.94 -5.65 -11.67
CA MET A 11 -6.15 -6.37 -12.67
C MET A 11 -5.82 -5.51 -13.89
N GLY A 12 -4.64 -5.74 -14.47
CA GLY A 12 -4.21 -4.99 -15.66
C GLY A 12 -3.37 -3.78 -15.28
N LEU A 13 -2.56 -3.32 -16.24
CA LEU A 13 -1.70 -2.16 -16.00
C LEU A 13 -2.45 -0.87 -16.34
N PRO A 14 -2.05 0.27 -15.80
CA PRO A 14 -2.75 1.56 -16.10
C PRO A 14 -2.91 1.78 -17.60
N THR A 15 -4.08 2.25 -18.00
CA THR A 15 -4.36 2.50 -19.42
C THR A 15 -4.51 3.99 -19.68
N GLY A 16 -3.41 4.72 -19.56
CA GLY A 16 -3.44 6.17 -19.80
C GLY A 16 -4.10 6.90 -18.65
N GLN A 17 -4.19 6.25 -17.49
CA GLN A 17 -4.82 6.88 -16.34
C GLN A 17 -3.74 7.51 -15.44
N PRO A 18 -4.05 8.60 -14.76
CA PRO A 18 -3.08 9.29 -13.87
C PRO A 18 -2.86 8.53 -12.55
N ALA A 19 -1.72 8.77 -11.92
CA ALA A 19 -1.43 8.13 -10.65
C ALA A 19 -1.99 8.98 -9.52
N ASN A 20 -3.16 8.61 -9.02
CA ASN A 20 -3.79 9.37 -7.96
C ASN A 20 -3.65 8.68 -6.61
N GLY A 21 -3.02 9.37 -5.66
CA GLY A 21 -2.82 8.82 -4.33
C GLY A 21 -3.96 9.23 -3.40
N THR A 22 -5.20 9.06 -3.89
CA THR A 22 -6.37 9.42 -3.11
C THR A 22 -7.59 8.65 -3.60
N LYS A 23 -8.74 8.91 -2.96
CA LYS A 23 -9.97 8.24 -3.35
C LYS A 23 -10.38 8.62 -4.78
N LEU A 24 -10.70 7.61 -5.57
CA LEU A 24 -11.13 7.84 -6.96
C LEU A 24 -12.18 6.81 -7.35
N ASP A 25 -12.87 7.07 -8.46
CA ASP A 25 -13.89 6.14 -8.92
C ASP A 25 -13.23 4.85 -9.38
N SER A 26 -13.52 3.75 -8.68
CA SER A 26 -12.94 2.46 -9.03
C SER A 26 -13.37 2.02 -10.42
N ILE A 27 -12.42 1.48 -11.16
CA ILE A 27 -12.70 1.02 -12.52
C ILE A 27 -13.71 -0.12 -12.46
N GLY A 28 -13.48 -1.04 -11.54
CA GLY A 28 -14.39 -2.17 -11.35
C GLY A 28 -14.17 -3.28 -12.39
N LEU A 29 -13.02 -3.27 -13.06
CA LEU A 29 -12.72 -4.31 -14.03
C LEU A 29 -12.51 -5.62 -13.27
N PRO A 30 -12.52 -6.77 -13.90
CA PRO A 30 -12.35 -8.05 -13.16
C PRO A 30 -11.14 -8.00 -12.23
N LYS A 31 -11.38 -8.23 -10.95
CA LYS A 31 -10.34 -8.21 -9.94
C LYS A 31 -9.81 -9.62 -9.70
N VAL A 32 -8.63 -9.70 -9.09
CA VAL A 32 -8.04 -11.02 -8.81
C VAL A 32 -8.37 -11.46 -7.39
N ASP A 33 -9.11 -12.56 -7.30
CA ASP A 33 -9.50 -13.10 -6.00
C ASP A 33 -8.43 -14.03 -5.47
N GLY A 34 -8.36 -14.20 -4.16
CA GLY A 34 -7.36 -15.07 -3.57
C GLY A 34 -5.97 -14.47 -3.70
N MET A 35 -5.90 -13.14 -3.63
CA MET A 35 -4.61 -12.45 -3.75
C MET A 35 -4.03 -12.26 -2.35
N SER A 36 -2.75 -12.57 -2.19
CA SER A 36 -2.10 -12.46 -0.89
C SER A 36 -1.25 -11.21 -0.75
N PHE A 37 -1.47 -10.50 0.35
CA PHE A 37 -0.71 -9.29 0.67
C PHE A 37 -0.22 -9.37 2.11
N THR A 38 1.00 -8.92 2.34
CA THR A 38 1.57 -8.95 3.69
C THR A 38 2.03 -7.54 4.10
N LEU A 39 1.64 -7.12 5.30
CA LEU A 39 2.01 -5.80 5.79
C LEU A 39 3.23 -5.86 6.69
N TYR A 40 4.11 -4.88 6.51
CA TYR A 40 5.31 -4.79 7.31
C TYR A 40 5.43 -3.36 7.86
N ARG A 41 5.78 -3.22 9.13
CA ARG A 41 5.91 -1.89 9.70
C ARG A 41 7.36 -1.42 9.68
N VAL A 42 7.58 -0.22 9.14
CA VAL A 42 8.93 0.33 9.07
C VAL A 42 9.33 0.99 10.38
N ASN A 43 10.34 0.40 11.03
CA ASN A 43 10.84 0.91 12.31
C ASN A 43 11.52 2.28 12.16
N GLU A 44 11.73 2.94 13.30
CA GLU A 44 12.40 4.23 13.32
C GLU A 44 11.55 5.34 12.71
N ILE A 45 10.38 5.00 12.19
CA ILE A 45 9.49 6.00 11.59
C ILE A 45 8.17 6.10 12.36
N ASP A 46 7.87 7.31 12.82
CA ASP A 46 6.65 7.56 13.57
C ASP A 46 5.78 8.58 12.87
N LEU A 47 4.54 8.19 12.53
CA LEU A 47 3.63 9.11 11.87
C LEU A 47 2.90 9.98 12.90
N THR A 48 3.29 9.82 14.17
CA THR A 48 2.69 10.61 15.23
C THR A 48 3.45 11.92 15.38
N THR A 49 4.54 12.02 14.63
CA THR A 49 5.37 13.21 14.63
C THR A 49 5.46 13.77 13.22
N GLN A 50 5.32 15.09 13.10
CA GLN A 50 5.36 15.73 11.79
C GLN A 50 6.71 15.46 11.13
N ALA A 51 7.77 15.49 11.92
CA ALA A 51 9.13 15.25 11.42
C ALA A 51 9.27 13.88 10.75
N GLY A 52 8.33 13.00 11.02
CA GLY A 52 8.39 11.64 10.48
C GLY A 52 8.43 11.63 8.96
N TRP A 53 7.66 12.49 8.30
CA TRP A 53 7.65 12.52 6.85
C TRP A 53 9.03 12.87 6.30
N ASP A 54 9.79 13.66 7.05
CA ASP A 54 11.13 14.05 6.62
C ASP A 54 12.03 12.83 6.56
N ALA A 55 12.06 12.06 7.64
CA ALA A 55 12.89 10.86 7.68
C ALA A 55 12.38 9.85 6.67
N ALA A 56 11.07 9.67 6.64
CA ALA A 56 10.46 8.72 5.71
C ALA A 56 10.72 9.11 4.26
N SER A 57 10.63 10.41 3.98
CA SER A 57 10.85 10.90 2.62
C SER A 57 12.27 10.59 2.19
N LYS A 58 13.12 10.33 3.18
CA LYS A 58 14.52 10.02 2.92
C LYS A 58 14.67 8.54 2.59
N ILE A 59 13.58 7.79 2.72
CA ILE A 59 13.62 6.35 2.46
C ILE A 59 13.84 6.05 1.00
N LYS A 60 14.68 5.07 0.75
CA LYS A 60 14.95 4.62 -0.61
C LYS A 60 14.66 3.13 -0.72
N LEU A 61 13.86 2.76 -1.71
CA LEU A 61 13.53 1.35 -1.89
C LEU A 61 14.80 0.53 -1.85
N GLU A 62 15.93 1.19 -2.03
CA GLU A 62 17.20 0.51 -1.99
C GLU A 62 17.39 -0.10 -0.60
N GLU A 63 16.96 0.64 0.41
CA GLU A 63 17.06 0.19 1.80
C GLU A 63 15.80 -0.53 2.25
N LEU A 64 14.89 -0.75 1.32
CA LEU A 64 13.64 -1.45 1.64
C LEU A 64 13.43 -2.63 0.71
N TYR A 65 14.15 -2.63 -0.39
CA TYR A 65 14.05 -3.68 -1.38
C TYR A 65 15.33 -3.71 -2.21
N THR A 66 16.19 -4.71 -1.96
CA THR A 66 17.45 -4.79 -2.70
C THR A 66 17.74 -6.24 -3.11
N ASN A 67 17.52 -7.16 -2.18
CA ASN A 67 17.77 -8.57 -2.48
C ASN A 67 16.50 -9.21 -3.02
N GLY A 68 15.60 -8.37 -3.51
CA GLY A 68 14.34 -8.83 -4.07
C GLY A 68 13.31 -9.04 -2.96
N HIS A 69 13.74 -8.83 -1.73
CA HIS A 69 12.86 -8.99 -0.59
C HIS A 69 13.13 -7.91 0.48
N PRO A 70 12.18 -7.62 1.35
CA PRO A 70 12.38 -6.57 2.39
C PRO A 70 13.59 -6.85 3.28
N THR A 71 14.20 -5.78 3.82
CA THR A 71 15.37 -5.92 4.68
C THR A 71 14.98 -5.79 6.15
N ASP A 72 15.99 -5.63 7.00
CA ASP A 72 15.74 -5.50 8.45
C ASP A 72 15.17 -4.13 8.77
N LYS A 73 14.96 -3.32 7.74
CA LYS A 73 14.40 -1.97 7.91
C LYS A 73 12.88 -2.05 8.03
N VAL A 74 12.35 -3.26 7.95
CA VAL A 74 10.91 -3.47 8.04
C VAL A 74 10.59 -4.53 9.10
N THR A 75 9.40 -4.46 9.68
CA THR A 75 9.00 -5.41 10.72
C THR A 75 7.70 -6.11 10.34
N LYS A 76 7.69 -7.44 10.50
CA LYS A 76 6.50 -8.22 10.18
C LYS A 76 5.30 -7.75 11.01
N VAL A 77 4.19 -7.47 10.34
CA VAL A 77 2.98 -7.02 11.03
C VAL A 77 1.90 -8.09 10.98
N ALA A 78 1.42 -8.38 9.77
CA ALA A 78 0.38 -9.39 9.61
C ALA A 78 0.23 -9.78 8.14
N THR A 79 -0.30 -10.99 7.92
CA THR A 79 -0.51 -11.48 6.55
C THR A 79 -1.97 -11.88 6.37
N LYS A 80 -2.63 -11.30 5.38
CA LYS A 80 -4.03 -11.62 5.12
C LYS A 80 -4.26 -11.78 3.62
N LYS A 81 -5.21 -12.64 3.27
CA LYS A 81 -5.52 -12.87 1.86
C LYS A 81 -6.76 -12.11 1.42
N THR A 82 -6.59 -11.27 0.41
CA THR A 82 -7.70 -10.49 -0.13
C THR A 82 -8.71 -11.40 -0.79
N GLU A 83 -9.98 -11.26 -0.42
CA GLU A 83 -11.05 -12.06 -0.99
C GLU A 83 -12.18 -11.15 -1.46
N GLY A 84 -12.79 -11.51 -2.59
CA GLY A 84 -13.89 -10.71 -3.12
C GLY A 84 -13.36 -9.50 -3.87
N GLY A 85 -12.03 -9.47 -4.06
CA GLY A 85 -11.40 -8.36 -4.77
C GLY A 85 -11.16 -7.17 -3.83
N VAL A 86 -11.42 -7.37 -2.55
CA VAL A 86 -11.23 -6.30 -1.57
C VAL A 86 -10.61 -6.81 -0.28
N ALA A 87 -9.69 -6.02 0.29
CA ALA A 87 -9.03 -6.39 1.53
C ALA A 87 -9.06 -5.22 2.50
N LYS A 88 -9.15 -5.51 3.80
CA LYS A 88 -9.18 -4.43 4.79
C LYS A 88 -8.43 -4.83 6.05
N PHE A 89 -7.64 -3.89 6.56
CA PHE A 89 -6.87 -4.12 7.77
C PHE A 89 -7.38 -3.22 8.89
N ASP A 90 -7.44 -3.75 10.10
CA ASP A 90 -7.94 -2.99 11.25
C ASP A 90 -6.94 -3.04 12.40
N ASN A 91 -7.22 -2.27 13.46
CA ASN A 91 -6.33 -2.23 14.61
C ASN A 91 -4.93 -1.83 14.19
N LEU A 92 -4.85 -0.79 13.38
CA LEU A 92 -3.57 -0.30 12.89
C LEU A 92 -3.12 0.87 13.75
N THR A 93 -1.85 0.86 14.15
CA THR A 93 -1.31 1.95 14.94
C THR A 93 -0.57 2.94 14.03
N PRO A 94 -0.68 4.23 14.26
CA PRO A 94 0.00 5.25 13.40
C PRO A 94 1.46 4.89 13.13
N ALA A 95 1.80 4.75 11.85
CA ALA A 95 3.17 4.44 11.44
C ALA A 95 3.26 4.37 9.91
N LEU A 96 3.95 3.34 9.43
CA LEU A 96 4.11 3.15 7.99
C LEU A 96 3.89 1.68 7.63
N TYR A 97 2.99 1.44 6.68
CA TYR A 97 2.68 0.10 6.25
C TYR A 97 3.19 -0.15 4.83
N LEU A 98 3.78 -1.32 4.62
CA LEU A 98 4.32 -1.69 3.33
C LEU A 98 3.62 -2.95 2.84
N VAL A 99 3.03 -2.86 1.65
CA VAL A 99 2.30 -3.98 1.09
C VAL A 99 3.12 -4.69 0.02
N VAL A 100 3.30 -5.99 0.20
CA VAL A 100 4.06 -6.81 -0.74
C VAL A 100 3.22 -7.98 -1.23
N GLN A 101 3.07 -8.11 -2.54
CA GLN A 101 2.29 -9.21 -3.10
C GLN A 101 3.14 -10.48 -3.18
N GLU A 102 2.69 -11.53 -2.51
CA GLU A 102 3.42 -12.79 -2.53
C GLU A 102 3.35 -13.42 -3.92
N LEU A 103 4.44 -14.07 -4.33
CA LEU A 103 4.48 -14.72 -5.63
C LEU A 103 3.66 -16.00 -5.62
N ASN A 104 3.19 -16.37 -4.44
CA ASN A 104 2.38 -17.58 -4.31
C ASN A 104 1.16 -17.47 -5.22
N GLY A 105 0.79 -18.58 -5.84
CA GLY A 105 -0.35 -18.56 -6.76
C GLY A 105 -0.05 -17.60 -7.90
N ALA A 106 -0.99 -16.70 -8.19
CA ALA A 106 -0.79 -15.72 -9.24
C ALA A 106 -0.15 -16.39 -10.45
N GLU A 107 -0.62 -17.59 -10.77
CA GLU A 107 -0.08 -18.35 -11.90
C GLU A 107 -0.58 -17.80 -13.23
N ALA A 108 -1.83 -17.34 -13.26
CA ALA A 108 -2.40 -16.80 -14.49
C ALA A 108 -2.10 -15.32 -14.65
N VAL A 109 -1.37 -14.75 -13.68
CA VAL A 109 -1.04 -13.34 -13.73
C VAL A 109 0.46 -13.11 -13.54
N VAL A 110 0.90 -11.91 -13.87
CA VAL A 110 2.31 -11.57 -13.72
C VAL A 110 2.51 -10.81 -12.41
N ARG A 111 3.47 -11.26 -11.60
CA ARG A 111 3.74 -10.59 -10.33
C ARG A 111 3.92 -9.09 -10.55
N SER A 112 3.27 -8.30 -9.70
CA SER A 112 3.35 -6.84 -9.81
C SER A 112 4.33 -6.27 -8.79
N GLN A 113 4.75 -5.04 -9.02
CA GLN A 113 5.70 -4.38 -8.12
C GLN A 113 4.99 -3.97 -6.82
N PRO A 114 5.69 -3.95 -5.71
CA PRO A 114 5.09 -3.55 -4.39
C PRO A 114 4.85 -2.05 -4.29
N PHE A 115 4.12 -1.65 -3.25
CA PHE A 115 3.82 -0.23 -3.04
C PHE A 115 3.82 0.08 -1.55
N LEU A 116 4.05 1.35 -1.19
CA LEU A 116 4.11 1.73 0.22
C LEU A 116 3.10 2.84 0.53
N VAL A 117 2.46 2.75 1.68
CA VAL A 117 1.49 3.77 2.07
C VAL A 117 1.51 4.03 3.57
N ALA A 118 1.54 5.30 3.96
CA ALA A 118 1.56 5.68 5.36
C ALA A 118 0.14 5.65 5.94
N ALA A 119 0.00 5.29 7.21
CA ALA A 119 -1.32 5.25 7.82
C ALA A 119 -1.26 5.70 9.30
N PRO A 120 -2.07 6.65 9.73
CA PRO A 120 -3.08 7.38 8.89
C PRO A 120 -2.42 8.39 7.97
N GLN A 121 -3.16 8.91 7.02
CA GLN A 121 -2.63 9.90 6.10
C GLN A 121 -3.28 11.25 6.36
N THR A 122 -2.59 12.33 5.99
CA THR A 122 -3.15 13.66 6.20
C THR A 122 -4.34 13.86 5.27
N ASN A 123 -5.21 14.79 5.62
CA ASN A 123 -6.39 15.05 4.81
C ASN A 123 -6.00 15.73 3.49
N PRO A 124 -6.79 15.59 2.44
CA PRO A 124 -6.47 16.22 1.12
C PRO A 124 -6.13 17.71 1.25
N THR A 125 -6.69 18.36 2.26
CA THR A 125 -6.45 19.79 2.46
C THR A 125 -5.26 20.01 3.40
N GLY A 126 -4.73 18.91 3.93
CA GLY A 126 -3.59 19.00 4.83
C GLY A 126 -4.02 19.33 6.25
N ASP A 127 -5.32 19.48 6.44
CA ASP A 127 -5.85 19.80 7.77
C ASP A 127 -6.45 18.55 8.41
N GLY A 128 -5.88 18.15 9.54
CA GLY A 128 -6.37 16.96 10.24
C GLY A 128 -5.80 15.68 9.62
N TRP A 129 -6.26 14.55 10.12
CA TRP A 129 -5.81 13.25 9.61
C TRP A 129 -6.98 12.33 9.34
N LEU A 130 -6.82 11.46 8.35
CA LEU A 130 -7.88 10.53 8.00
C LEU A 130 -7.68 9.21 8.75
N GLN A 131 -8.77 8.71 9.32
CA GLN A 131 -8.73 7.48 10.10
C GLN A 131 -8.55 6.26 9.20
N ASP A 132 -8.89 6.39 7.92
CA ASP A 132 -8.75 5.27 6.99
C ASP A 132 -7.99 5.70 5.74
N VAL A 133 -7.31 4.74 5.12
CA VAL A 133 -6.54 5.00 3.91
C VAL A 133 -6.98 4.08 2.77
N HIS A 134 -7.25 4.68 1.61
CA HIS A 134 -7.69 3.91 0.45
C HIS A 134 -6.55 3.74 -0.55
N VAL A 135 -6.38 2.52 -1.04
CA VAL A 135 -5.34 2.23 -2.03
C VAL A 135 -5.90 1.33 -3.12
N TYR A 136 -5.44 1.54 -4.35
CA TYR A 136 -5.93 0.73 -5.48
C TYR A 136 -4.78 0.17 -6.33
N PRO A 137 -3.96 -0.70 -5.78
CA PRO A 137 -2.84 -1.31 -6.55
C PRO A 137 -3.36 -2.10 -7.74
N LYS A 138 -2.72 -1.94 -8.90
CA LYS A 138 -3.13 -2.67 -10.08
C LYS A 138 -2.18 -3.82 -10.34
N HIS A 139 -2.71 -4.93 -10.83
CA HIS A 139 -1.88 -6.09 -11.11
C HIS A 139 -1.68 -6.25 -12.61
N GLN A 140 -0.61 -6.93 -13.00
CA GLN A 140 -0.32 -7.16 -14.41
C GLN A 140 -0.61 -8.62 -14.75
N ALA A 141 -1.57 -8.83 -15.64
CA ALA A 141 -1.97 -10.18 -16.02
C ALA A 141 -1.00 -10.80 -17.02
N LEU A 142 -1.06 -12.13 -17.07
CA LEU A 142 -0.21 -12.90 -17.98
C LEU A 142 -0.74 -12.82 -19.41
N SER A 143 0.11 -12.37 -20.33
CA SER A 143 -0.28 -12.24 -21.72
C SER A 143 -1.47 -11.29 -21.86
N LYS B 1 0.89 19.88 1.13
CA LYS B 1 -0.25 19.46 2.01
C LYS B 1 -0.40 17.95 1.94
N ASN B 2 -0.44 17.41 0.72
CA ASN B 2 -0.58 15.98 0.53
C ASN B 2 0.72 15.25 0.90
N ALA B 3 0.59 14.09 1.55
CA ALA B 3 1.75 13.32 1.95
C ALA B 3 1.83 12.01 1.16
N GLY B 4 1.36 10.93 1.77
CA GLY B 4 1.39 9.62 1.12
C GLY B 4 2.77 8.98 1.24
N PHE B 5 2.93 7.81 0.63
CA PHE B 5 4.20 7.10 0.69
C PHE B 5 4.48 6.40 -0.64
N GLU B 6 4.07 7.02 -1.73
CA GLU B 6 4.29 6.44 -3.04
C GLU B 6 3.28 5.33 -3.32
N LEU B 7 2.14 5.74 -3.87
CA LEU B 7 1.07 4.81 -4.23
C LEU B 7 0.54 5.19 -5.61
N PRO B 8 1.41 5.33 -6.57
CA PRO B 8 1.03 5.71 -7.96
C PRO B 8 0.20 4.64 -8.65
N LEU B 9 0.33 3.42 -8.17
CA LEU B 9 -0.41 2.30 -8.74
C LEU B 9 -1.87 2.37 -8.34
N THR B 10 -2.65 3.14 -9.10
CA THR B 10 -4.07 3.28 -8.83
C THR B 10 -4.87 2.34 -9.72
N GLU A 1 -11.35 4.08 18.83
CA GLU A 1 -10.80 4.89 17.70
C GLU A 1 -9.50 4.27 17.20
N ARG A 2 -9.55 3.68 16.01
CA ARG A 2 -8.37 3.05 15.43
C ARG A 2 -8.25 3.39 13.94
N THR A 3 -7.12 3.02 13.37
CA THR A 3 -6.86 3.28 11.97
C THR A 3 -7.09 2.01 11.14
N SER A 4 -7.31 2.20 9.84
CA SER A 4 -7.55 1.06 8.96
C SER A 4 -7.05 1.34 7.54
N ILE A 5 -6.50 0.31 6.90
CA ILE A 5 -6.00 0.43 5.54
C ILE A 5 -6.79 -0.48 4.61
N ALA A 6 -7.45 0.12 3.63
CA ALA A 6 -8.25 -0.64 2.67
C ALA A 6 -7.55 -0.69 1.32
N VAL A 7 -7.37 -1.90 0.80
CA VAL A 7 -6.72 -2.07 -0.50
C VAL A 7 -7.65 -2.82 -1.45
N HIS A 8 -8.00 -2.16 -2.55
CA HIS A 8 -8.89 -2.77 -3.54
C HIS A 8 -8.07 -3.59 -4.53
N ALA A 9 -8.59 -4.75 -4.91
CA ALA A 9 -7.87 -5.61 -5.84
C ALA A 9 -8.41 -5.47 -7.26
N LEU A 10 -7.56 -4.93 -8.14
CA LEU A 10 -7.92 -4.76 -9.55
C LEU A 10 -6.87 -5.42 -10.44
N MET A 11 -7.28 -5.85 -11.63
CA MET A 11 -6.34 -6.50 -12.55
C MET A 11 -6.23 -5.74 -13.87
N GLY A 12 -5.04 -5.77 -14.46
CA GLY A 12 -4.79 -5.08 -15.73
C GLY A 12 -3.97 -3.82 -15.51
N LEU A 13 -3.07 -3.53 -16.45
CA LEU A 13 -2.23 -2.35 -16.36
C LEU A 13 -2.99 -1.11 -16.82
N PRO A 14 -2.66 0.06 -16.31
CA PRO A 14 -3.37 1.33 -16.71
C PRO A 14 -3.12 1.67 -18.17
N THR A 15 -4.11 2.33 -18.78
CA THR A 15 -4.02 2.71 -20.18
C THR A 15 -3.93 4.23 -20.34
N GLY A 16 -2.74 4.77 -20.10
CA GLY A 16 -2.54 6.20 -20.23
C GLY A 16 -3.28 6.97 -19.13
N GLN A 17 -3.54 6.30 -18.01
CA GLN A 17 -4.23 6.95 -16.91
C GLN A 17 -3.23 7.50 -15.90
N PRO A 18 -3.54 8.61 -15.24
CA PRO A 18 -2.62 9.22 -14.24
C PRO A 18 -2.60 8.46 -12.93
N ALA A 19 -1.51 8.61 -12.18
CA ALA A 19 -1.39 7.95 -10.89
C ALA A 19 -2.04 8.83 -9.82
N ASN A 20 -3.11 8.34 -9.22
CA ASN A 20 -3.82 9.10 -8.20
C ASN A 20 -3.43 8.67 -6.80
N GLY A 21 -2.77 9.55 -6.07
CA GLY A 21 -2.35 9.26 -4.71
C GLY A 21 -3.44 9.62 -3.71
N THR A 22 -4.69 9.46 -4.16
CA THR A 22 -5.84 9.76 -3.31
C THR A 22 -7.00 8.83 -3.64
N LYS A 23 -8.14 9.02 -2.97
CA LYS A 23 -9.30 8.19 -3.22
C LYS A 23 -9.76 8.31 -4.67
N LEU A 24 -10.09 7.17 -5.26
CA LEU A 24 -10.56 7.14 -6.64
C LEU A 24 -11.68 6.11 -6.76
N ASP A 25 -12.66 6.40 -7.60
CA ASP A 25 -13.77 5.47 -7.78
C ASP A 25 -13.23 4.15 -8.31
N SER A 26 -13.82 3.04 -7.86
CA SER A 26 -13.37 1.74 -8.29
C SER A 26 -13.39 1.64 -9.80
N ILE A 27 -12.31 1.09 -10.37
CA ILE A 27 -12.22 0.94 -11.81
C ILE A 27 -13.27 -0.07 -12.27
N GLY A 28 -13.41 -1.14 -11.48
CA GLY A 28 -14.38 -2.17 -11.78
C GLY A 28 -13.90 -3.19 -12.80
N LEU A 29 -12.62 -3.09 -13.16
CA LEU A 29 -12.05 -4.04 -14.11
C LEU A 29 -11.98 -5.42 -13.46
N PRO A 30 -11.81 -6.48 -14.20
CA PRO A 30 -11.74 -7.84 -13.61
C PRO A 30 -10.83 -7.87 -12.40
N LYS A 31 -11.35 -8.36 -11.29
CA LYS A 31 -10.60 -8.44 -10.05
C LYS A 31 -10.05 -9.84 -9.80
N VAL A 32 -8.92 -9.92 -9.12
CA VAL A 32 -8.31 -11.21 -8.82
C VAL A 32 -8.53 -11.57 -7.36
N ASP A 33 -9.26 -12.66 -7.13
CA ASP A 33 -9.53 -13.10 -5.76
C ASP A 33 -8.40 -14.00 -5.28
N GLY A 34 -8.44 -14.37 -4.00
CA GLY A 34 -7.40 -15.24 -3.46
C GLY A 34 -6.03 -14.62 -3.66
N MET A 35 -5.95 -13.30 -3.50
CA MET A 35 -4.68 -12.60 -3.67
C MET A 35 -3.97 -12.50 -2.33
N SER A 36 -2.64 -12.64 -2.35
CA SER A 36 -1.87 -12.59 -1.11
C SER A 36 -1.12 -11.27 -0.94
N PHE A 37 -1.34 -10.62 0.20
CA PHE A 37 -0.64 -9.38 0.54
C PHE A 37 -0.13 -9.47 1.97
N THR A 38 1.08 -8.94 2.19
CA THR A 38 1.66 -8.96 3.53
C THR A 38 2.06 -7.56 3.97
N LEU A 39 1.67 -7.19 5.19
CA LEU A 39 2.01 -5.88 5.70
C LEU A 39 3.27 -5.94 6.56
N TYR A 40 4.12 -4.95 6.33
CA TYR A 40 5.37 -4.83 7.06
C TYR A 40 5.46 -3.44 7.67
N ARG A 41 5.89 -3.37 8.93
CA ARG A 41 6.01 -2.08 9.62
C ARG A 41 7.46 -1.61 9.63
N VAL A 42 7.67 -0.36 9.21
CA VAL A 42 9.02 0.19 9.19
C VAL A 42 9.43 0.71 10.58
N ASN A 43 10.46 0.10 11.13
CA ASN A 43 10.97 0.48 12.45
C ASN A 43 11.60 1.88 12.45
N GLU A 44 11.81 2.41 13.65
CA GLU A 44 12.44 3.73 13.83
C GLU A 44 11.63 4.86 13.19
N ILE A 45 10.46 4.54 12.67
CA ILE A 45 9.61 5.57 12.04
C ILE A 45 8.28 5.70 12.79
N ASP A 46 7.96 6.94 13.19
CA ASP A 46 6.72 7.20 13.92
C ASP A 46 5.91 8.30 13.24
N LEU A 47 4.67 7.98 12.87
CA LEU A 47 3.80 8.96 12.22
C LEU A 47 3.10 9.84 13.25
N THR A 48 3.55 9.77 14.49
CA THR A 48 2.94 10.57 15.56
C THR A 48 3.64 11.92 15.71
N THR A 49 4.75 12.08 14.98
CA THR A 49 5.52 13.33 15.04
C THR A 49 5.75 13.87 13.63
N GLN A 50 5.59 15.19 13.47
CA GLN A 50 5.79 15.79 12.17
C GLN A 50 7.15 15.41 11.60
N ALA A 51 8.13 15.29 12.47
CA ALA A 51 9.49 14.91 12.07
C ALA A 51 9.52 13.54 11.40
N GLY A 52 8.71 12.63 11.90
CA GLY A 52 8.69 11.26 11.39
C GLY A 52 8.37 11.18 9.90
N TRP A 53 7.30 11.82 9.44
CA TRP A 53 6.97 11.74 8.02
C TRP A 53 8.03 12.39 7.17
N ASP A 54 8.79 13.33 7.74
CA ASP A 54 9.83 13.98 6.98
C ASP A 54 10.88 12.94 6.56
N ALA A 55 11.36 12.17 7.53
CA ALA A 55 12.31 11.10 7.26
C ALA A 55 11.66 10.00 6.45
N ALA A 56 10.43 9.66 6.82
CA ALA A 56 9.70 8.60 6.14
C ALA A 56 9.51 8.93 4.66
N SER A 57 9.15 10.18 4.38
CA SER A 57 8.93 10.61 3.00
C SER A 57 10.24 10.58 2.23
N LYS A 58 11.35 10.67 2.96
CA LYS A 58 12.67 10.67 2.34
C LYS A 58 13.18 9.22 2.28
N ILE A 59 12.26 8.27 2.45
CA ILE A 59 12.63 6.87 2.41
C ILE A 59 13.04 6.45 1.01
N LYS A 60 14.07 5.60 0.95
CA LYS A 60 14.57 5.12 -0.32
C LYS A 60 14.22 3.65 -0.48
N LEU A 61 13.63 3.29 -1.61
CA LEU A 61 13.25 1.90 -1.84
C LEU A 61 14.47 1.03 -1.69
N GLU A 62 15.63 1.64 -1.80
CA GLU A 62 16.87 0.93 -1.66
C GLU A 62 16.95 0.35 -0.24
N GLU A 63 16.44 1.13 0.71
CA GLU A 63 16.46 0.72 2.12
C GLU A 63 15.42 -0.37 2.42
N LEU A 64 14.25 -0.31 1.76
CA LEU A 64 13.21 -1.30 2.01
C LEU A 64 13.18 -2.36 0.91
N TYR A 65 14.00 -2.14 -0.10
CA TYR A 65 14.05 -3.04 -1.23
C TYR A 65 15.41 -2.92 -1.93
N THR A 66 16.27 -3.92 -1.74
CA THR A 66 17.60 -3.87 -2.36
C THR A 66 17.97 -5.22 -2.96
N ASN A 67 17.80 -6.29 -2.19
CA ASN A 67 18.14 -7.63 -2.67
C ASN A 67 16.92 -8.29 -3.31
N GLY A 68 15.94 -7.46 -3.68
CA GLY A 68 14.73 -7.96 -4.30
C GLY A 68 13.69 -8.29 -3.24
N HIS A 69 14.10 -8.23 -1.98
CA HIS A 69 13.20 -8.51 -0.88
C HIS A 69 13.43 -7.54 0.28
N PRO A 70 12.48 -7.32 1.16
CA PRO A 70 12.65 -6.39 2.31
C PRO A 70 13.86 -6.74 3.18
N THR A 71 14.45 -5.72 3.79
CA THR A 71 15.62 -5.91 4.63
C THR A 71 15.23 -5.83 6.11
N ASP A 72 16.22 -5.70 6.99
CA ASP A 72 15.96 -5.64 8.43
C ASP A 72 15.36 -4.29 8.81
N LYS A 73 15.15 -3.43 7.80
CA LYS A 73 14.59 -2.10 8.03
C LYS A 73 13.07 -2.17 8.11
N VAL A 74 12.53 -3.39 8.08
CA VAL A 74 11.09 -3.60 8.13
C VAL A 74 10.72 -4.59 9.23
N THR A 75 9.48 -4.52 9.70
CA THR A 75 9.00 -5.42 10.75
C THR A 75 7.78 -6.21 10.31
N LYS A 76 7.80 -7.52 10.54
CA LYS A 76 6.68 -8.36 10.16
C LYS A 76 5.45 -7.96 10.97
N VAL A 77 4.35 -7.70 10.28
CA VAL A 77 3.11 -7.30 10.95
C VAL A 77 2.05 -8.38 10.84
N ALA A 78 1.60 -8.64 9.62
CA ALA A 78 0.57 -9.66 9.42
C ALA A 78 0.41 -10.01 7.94
N THR A 79 -0.12 -11.21 7.69
CA THR A 79 -0.34 -11.66 6.32
C THR A 79 -1.79 -12.12 6.13
N LYS A 80 -2.48 -11.51 5.19
CA LYS A 80 -3.86 -11.88 4.90
C LYS A 80 -4.11 -11.82 3.40
N LYS A 81 -5.01 -12.66 2.91
CA LYS A 81 -5.31 -12.67 1.48
C LYS A 81 -6.60 -11.95 1.16
N THR A 82 -6.54 -11.08 0.16
CA THR A 82 -7.73 -10.33 -0.26
C THR A 82 -8.78 -11.30 -0.82
N GLU A 83 -10.00 -11.17 -0.33
CA GLU A 83 -11.10 -12.02 -0.76
C GLU A 83 -12.24 -11.16 -1.31
N GLY A 84 -12.73 -11.52 -2.49
CA GLY A 84 -13.81 -10.75 -3.10
C GLY A 84 -13.26 -9.54 -3.85
N GLY A 85 -11.94 -9.47 -3.97
CA GLY A 85 -11.30 -8.36 -4.66
C GLY A 85 -11.13 -7.16 -3.73
N VAL A 86 -11.42 -7.35 -2.44
CA VAL A 86 -11.29 -6.27 -1.48
C VAL A 86 -10.66 -6.78 -0.17
N ALA A 87 -9.73 -5.99 0.36
CA ALA A 87 -9.06 -6.36 1.61
C ALA A 87 -9.09 -5.18 2.57
N LYS A 88 -9.18 -5.45 3.87
CA LYS A 88 -9.24 -4.39 4.85
C LYS A 88 -8.48 -4.78 6.12
N PHE A 89 -7.69 -3.84 6.63
CA PHE A 89 -6.92 -4.06 7.84
C PHE A 89 -7.43 -3.14 8.96
N ASP A 90 -7.50 -3.68 10.18
CA ASP A 90 -7.97 -2.90 11.32
C ASP A 90 -7.01 -3.00 12.50
N ASN A 91 -7.33 -2.30 13.58
CA ASN A 91 -6.47 -2.31 14.75
C ASN A 91 -5.06 -1.86 14.39
N LEU A 92 -5.00 -0.82 13.58
CA LEU A 92 -3.73 -0.26 13.14
C LEU A 92 -3.32 0.87 14.07
N THR A 93 -2.07 1.31 13.95
CA THR A 93 -1.59 2.39 14.78
C THR A 93 -0.63 3.29 13.98
N PRO A 94 -0.63 4.58 14.23
CA PRO A 94 0.24 5.52 13.48
C PRO A 94 1.65 4.99 13.26
N ALA A 95 2.01 4.81 11.98
CA ALA A 95 3.32 4.32 11.62
C ALA A 95 3.45 4.24 10.08
N LEU A 96 3.99 3.14 9.58
CA LEU A 96 4.14 2.97 8.14
C LEU A 96 3.88 1.52 7.74
N TYR A 97 2.88 1.31 6.90
CA TYR A 97 2.54 -0.04 6.45
C TYR A 97 2.99 -0.26 5.01
N LEU A 98 3.92 -1.20 4.85
CA LEU A 98 4.42 -1.54 3.53
C LEU A 98 3.74 -2.81 3.04
N VAL A 99 3.17 -2.74 1.84
CA VAL A 99 2.47 -3.87 1.28
C VAL A 99 3.27 -4.50 0.15
N VAL A 100 3.48 -5.81 0.26
CA VAL A 100 4.24 -6.57 -0.72
C VAL A 100 3.36 -7.63 -1.36
N GLN A 101 3.37 -7.68 -2.69
CA GLN A 101 2.56 -8.65 -3.41
C GLN A 101 3.26 -10.01 -3.40
N GLU A 102 2.78 -10.92 -2.56
CA GLU A 102 3.37 -12.25 -2.47
C GLU A 102 3.14 -13.04 -3.75
N LEU A 103 4.07 -13.94 -4.05
CA LEU A 103 3.98 -14.77 -5.25
C LEU A 103 2.78 -15.71 -5.16
N ASN A 104 2.55 -16.27 -3.98
CA ASN A 104 1.43 -17.19 -3.79
C ASN A 104 0.13 -16.52 -4.24
N GLY A 105 -0.68 -17.27 -4.98
CA GLY A 105 -1.94 -16.74 -5.49
C GLY A 105 -1.70 -16.05 -6.83
N ALA A 106 -2.76 -15.83 -7.59
CA ALA A 106 -2.64 -15.17 -8.88
C ALA A 106 -1.42 -15.72 -9.62
N GLU A 107 -1.39 -17.04 -9.77
CA GLU A 107 -0.27 -17.69 -10.45
C GLU A 107 -0.36 -17.52 -11.97
N ALA A 108 -1.56 -17.28 -12.47
CA ALA A 108 -1.75 -17.12 -13.91
C ALA A 108 -1.43 -15.70 -14.36
N VAL A 109 -1.13 -14.81 -13.40
CA VAL A 109 -0.82 -13.43 -13.74
C VAL A 109 0.68 -13.17 -13.67
N VAL A 110 1.07 -11.94 -13.95
CA VAL A 110 2.47 -11.56 -13.92
C VAL A 110 2.78 -10.79 -12.64
N ARG A 111 3.87 -11.14 -11.98
CA ARG A 111 4.25 -10.48 -10.74
C ARG A 111 4.22 -8.96 -10.92
N SER A 112 3.51 -8.28 -10.02
CA SER A 112 3.40 -6.84 -10.06
C SER A 112 4.32 -6.20 -9.02
N GLN A 113 4.71 -4.96 -9.26
CA GLN A 113 5.60 -4.26 -8.35
C GLN A 113 4.87 -3.91 -7.03
N PRO A 114 5.56 -3.92 -5.91
CA PRO A 114 4.95 -3.59 -4.58
C PRO A 114 4.77 -2.08 -4.40
N PHE A 115 4.03 -1.70 -3.36
CA PHE A 115 3.81 -0.27 -3.10
C PHE A 115 3.82 -0.01 -1.60
N LEU A 116 4.09 1.23 -1.22
CA LEU A 116 4.17 1.59 0.20
C LEU A 116 3.19 2.69 0.54
N VAL A 117 2.56 2.61 1.71
CA VAL A 117 1.62 3.62 2.11
C VAL A 117 1.67 3.88 3.62
N ALA A 118 1.78 5.16 3.99
CA ALA A 118 1.83 5.55 5.40
C ALA A 118 0.42 5.58 5.99
N ALA A 119 0.29 5.31 7.28
CA ALA A 119 -1.04 5.34 7.89
C ALA A 119 -0.98 5.85 9.34
N PRO A 120 -1.85 6.77 9.76
CA PRO A 120 -2.92 7.39 8.92
C PRO A 120 -2.32 8.41 7.94
N GLN A 121 -3.13 8.88 7.00
CA GLN A 121 -2.65 9.86 6.02
C GLN A 121 -3.28 11.22 6.28
N THR A 122 -2.47 12.27 6.17
CA THR A 122 -2.97 13.62 6.39
C THR A 122 -3.90 14.02 5.25
N ASN A 123 -4.79 14.97 5.51
CA ASN A 123 -5.73 15.42 4.49
C ASN A 123 -4.99 16.22 3.41
N PRO A 124 -5.56 16.39 2.23
CA PRO A 124 -4.89 17.17 1.13
C PRO A 124 -4.47 18.58 1.55
N THR A 125 -5.21 19.18 2.48
CA THR A 125 -4.90 20.54 2.92
C THR A 125 -3.99 20.53 4.15
N GLY A 126 -3.70 19.34 4.67
CA GLY A 126 -2.82 19.21 5.83
C GLY A 126 -3.55 19.45 7.14
N ASP A 127 -4.85 19.71 7.07
CA ASP A 127 -5.65 19.93 8.28
C ASP A 127 -6.35 18.64 8.70
N GLY A 128 -6.03 18.16 9.89
CA GLY A 128 -6.64 16.94 10.40
C GLY A 128 -5.96 15.71 9.80
N TRP A 129 -6.46 14.53 10.17
CA TRP A 129 -5.90 13.28 9.68
C TRP A 129 -7.00 12.33 9.24
N LEU A 130 -6.70 11.47 8.27
CA LEU A 130 -7.69 10.52 7.79
C LEU A 130 -7.51 9.18 8.50
N GLN A 131 -8.61 8.66 9.02
CA GLN A 131 -8.58 7.40 9.75
C GLN A 131 -8.53 6.19 8.82
N ASP A 132 -8.90 6.39 7.56
CA ASP A 132 -8.89 5.28 6.60
C ASP A 132 -8.09 5.61 5.35
N VAL A 133 -7.21 4.69 4.96
CA VAL A 133 -6.37 4.86 3.77
C VAL A 133 -6.88 3.95 2.65
N HIS A 134 -7.13 4.53 1.48
CA HIS A 134 -7.63 3.76 0.34
C HIS A 134 -6.57 3.58 -0.73
N VAL A 135 -6.49 2.38 -1.30
CA VAL A 135 -5.52 2.11 -2.36
C VAL A 135 -6.14 1.19 -3.41
N TYR A 136 -5.75 1.40 -4.68
CA TYR A 136 -6.27 0.59 -5.77
C TYR A 136 -5.12 0.05 -6.61
N PRO A 137 -4.28 -0.79 -6.06
CA PRO A 137 -3.14 -1.38 -6.82
C PRO A 137 -3.63 -2.36 -7.87
N LYS A 138 -3.09 -2.28 -9.07
CA LYS A 138 -3.50 -3.16 -10.15
C LYS A 138 -2.52 -4.32 -10.33
N HIS A 139 -2.99 -5.38 -10.99
CA HIS A 139 -2.14 -6.55 -11.23
C HIS A 139 -1.80 -6.62 -12.71
N GLN A 140 -0.67 -7.23 -13.04
CA GLN A 140 -0.27 -7.36 -14.43
C GLN A 140 -0.53 -8.79 -14.89
N ALA A 141 -1.41 -8.93 -15.88
CA ALA A 141 -1.76 -10.25 -16.40
C ALA A 141 -0.76 -10.75 -17.43
N LEU A 142 -0.78 -12.07 -17.64
CA LEU A 142 0.11 -12.71 -18.60
C LEU A 142 -0.36 -12.45 -20.02
N SER A 143 0.61 -12.32 -20.93
CA SER A 143 0.30 -12.06 -22.33
C SER A 143 -0.61 -10.84 -22.47
N LYS B 1 -2.36 15.36 -2.46
CA LYS B 1 -0.93 15.22 -2.86
C LYS B 1 -0.05 15.41 -1.63
N ASN B 2 -0.62 15.96 -0.57
CA ASN B 2 0.13 16.20 0.66
C ASN B 2 0.57 14.87 1.28
N ALA B 3 1.86 14.79 1.61
CA ALA B 3 2.41 13.58 2.20
C ALA B 3 2.32 12.40 1.23
N GLY B 4 2.06 11.21 1.77
CA GLY B 4 1.96 10.02 0.93
C GLY B 4 3.33 9.37 0.74
N PHE B 5 3.34 8.20 0.13
CA PHE B 5 4.59 7.48 -0.11
C PHE B 5 4.76 7.15 -1.59
N GLU B 6 4.12 6.09 -2.03
CA GLU B 6 4.20 5.68 -3.42
C GLU B 6 3.11 4.65 -3.72
N LEU B 7 1.95 5.17 -4.12
CA LEU B 7 0.82 4.33 -4.47
C LEU B 7 0.27 4.78 -5.83
N PRO B 8 1.14 4.93 -6.79
CA PRO B 8 0.78 5.36 -8.18
C PRO B 8 -0.12 4.37 -8.89
N LEU B 9 -0.07 3.12 -8.46
CA LEU B 9 -0.84 2.07 -9.07
C LEU B 9 -2.31 2.18 -8.67
N THR B 10 -3.13 2.70 -9.57
CA THR B 10 -4.56 2.85 -9.32
C THR B 10 -5.35 1.86 -10.16
N GLU A 1 -8.69 7.35 18.14
CA GLU A 1 -9.43 6.39 17.29
C GLU A 1 -8.44 5.48 16.56
N ARG A 2 -8.95 4.41 15.96
CA ARG A 2 -8.09 3.48 15.24
C ARG A 2 -8.09 3.77 13.75
N THR A 3 -7.03 3.31 13.08
CA THR A 3 -6.90 3.53 11.65
C THR A 3 -7.13 2.22 10.91
N SER A 4 -7.52 2.32 9.63
CA SER A 4 -7.77 1.13 8.82
C SER A 4 -7.28 1.34 7.41
N ILE A 5 -6.66 0.30 6.84
CA ILE A 5 -6.15 0.39 5.47
C ILE A 5 -6.94 -0.54 4.56
N ALA A 6 -7.59 0.05 3.55
CA ALA A 6 -8.37 -0.72 2.60
C ALA A 6 -7.66 -0.81 1.26
N VAL A 7 -7.36 -2.04 0.85
CA VAL A 7 -6.69 -2.26 -0.43
C VAL A 7 -7.63 -3.00 -1.37
N HIS A 8 -8.00 -2.35 -2.47
CA HIS A 8 -8.89 -2.96 -3.45
C HIS A 8 -8.07 -3.62 -4.55
N ALA A 9 -8.16 -4.93 -4.66
CA ALA A 9 -7.41 -5.66 -5.68
C ALA A 9 -8.02 -5.44 -7.07
N LEU A 10 -7.17 -5.00 -7.99
CA LEU A 10 -7.60 -4.76 -9.37
C LEU A 10 -6.62 -5.39 -10.36
N MET A 11 -7.11 -5.74 -11.54
CA MET A 11 -6.27 -6.35 -12.57
C MET A 11 -6.23 -5.48 -13.82
N GLY A 12 -5.09 -5.46 -14.49
CA GLY A 12 -4.93 -4.66 -15.71
C GLY A 12 -4.22 -3.34 -15.41
N LEU A 13 -3.41 -2.88 -16.34
CA LEU A 13 -2.68 -1.62 -16.17
C LEU A 13 -3.54 -0.43 -16.59
N PRO A 14 -3.26 0.77 -16.10
CA PRO A 14 -4.07 1.98 -16.47
C PRO A 14 -4.13 2.17 -17.99
N THR A 15 -5.28 2.61 -18.47
CA THR A 15 -5.47 2.84 -19.90
C THR A 15 -5.39 4.33 -20.23
N GLY A 16 -4.18 4.87 -20.20
CA GLY A 16 -3.98 6.29 -20.50
C GLY A 16 -4.42 7.17 -19.34
N GLN A 17 -4.63 6.57 -18.16
CA GLN A 17 -5.05 7.34 -17.00
C GLN A 17 -3.84 7.71 -16.13
N PRO A 18 -3.86 8.84 -15.46
CA PRO A 18 -2.73 9.27 -14.58
C PRO A 18 -2.71 8.51 -13.27
N ALA A 19 -1.54 8.47 -12.64
CA ALA A 19 -1.41 7.78 -11.36
C ALA A 19 -1.87 8.72 -10.24
N ASN A 20 -2.96 8.36 -9.57
CA ASN A 20 -3.48 9.18 -8.49
C ASN A 20 -3.21 8.54 -7.13
N GLY A 21 -2.45 9.25 -6.30
CA GLY A 21 -2.12 8.75 -4.97
C GLY A 21 -3.14 9.24 -3.94
N THR A 22 -4.40 9.27 -4.36
CA THR A 22 -5.48 9.74 -3.49
C THR A 22 -6.76 8.98 -3.80
N LYS A 23 -7.86 9.39 -3.16
CA LYS A 23 -9.14 8.73 -3.40
C LYS A 23 -9.52 8.84 -4.87
N LEU A 24 -9.86 7.70 -5.46
CA LEU A 24 -10.25 7.66 -6.87
C LEU A 24 -11.45 6.75 -7.06
N ASP A 25 -12.35 7.12 -7.97
CA ASP A 25 -13.52 6.31 -8.22
C ASP A 25 -13.07 4.94 -8.72
N SER A 26 -13.58 3.88 -8.07
CA SER A 26 -13.20 2.52 -8.44
C SER A 26 -13.56 2.23 -9.89
N ILE A 27 -12.63 1.59 -10.59
CA ILE A 27 -12.83 1.23 -11.99
C ILE A 27 -13.79 0.05 -12.09
N GLY A 28 -13.60 -0.90 -11.18
CA GLY A 28 -14.45 -2.09 -11.14
C GLY A 28 -14.06 -3.09 -12.22
N LEU A 29 -12.86 -2.95 -12.77
CA LEU A 29 -12.39 -3.88 -13.79
C LEU A 29 -12.19 -5.25 -13.15
N PRO A 30 -11.97 -6.29 -13.90
CA PRO A 30 -11.80 -7.65 -13.32
C PRO A 30 -10.80 -7.63 -12.16
N LYS A 31 -11.23 -8.17 -11.03
CA LYS A 31 -10.39 -8.20 -9.84
C LYS A 31 -9.86 -9.61 -9.59
N VAL A 32 -8.72 -9.70 -8.90
CA VAL A 32 -8.13 -11.00 -8.62
C VAL A 32 -8.47 -11.45 -7.20
N ASP A 33 -9.23 -12.53 -7.11
CA ASP A 33 -9.63 -13.08 -5.80
C ASP A 33 -8.56 -14.04 -5.28
N GLY A 34 -8.52 -14.22 -3.97
CA GLY A 34 -7.55 -15.12 -3.37
C GLY A 34 -6.14 -14.55 -3.49
N MET A 35 -6.03 -13.23 -3.40
CA MET A 35 -4.72 -12.57 -3.50
C MET A 35 -4.09 -12.46 -2.12
N SER A 36 -2.80 -12.73 -2.03
CA SER A 36 -2.11 -12.67 -0.74
C SER A 36 -1.29 -11.40 -0.58
N PHE A 37 -1.50 -10.73 0.54
CA PHE A 37 -0.76 -9.50 0.85
C PHE A 37 -0.20 -9.59 2.27
N THR A 38 1.00 -9.05 2.47
CA THR A 38 1.62 -9.07 3.80
C THR A 38 1.99 -7.66 4.23
N LEU A 39 1.61 -7.29 5.45
CA LEU A 39 1.91 -5.97 5.95
C LEU A 39 3.20 -5.97 6.76
N TYR A 40 4.04 -5.00 6.47
CA TYR A 40 5.32 -4.85 7.17
C TYR A 40 5.42 -3.43 7.72
N ARG A 41 5.76 -3.32 9.00
CA ARG A 41 5.89 -2.01 9.62
C ARG A 41 7.32 -1.51 9.59
N VAL A 42 7.51 -0.26 9.16
CA VAL A 42 8.85 0.31 9.09
C VAL A 42 9.29 0.84 10.45
N ASN A 43 10.24 0.13 11.06
CA ASN A 43 10.77 0.51 12.36
C ASN A 43 11.55 1.84 12.30
N GLU A 44 11.80 2.41 13.46
CA GLU A 44 12.56 3.67 13.56
C GLU A 44 11.79 4.85 13.00
N ILE A 45 10.60 4.61 12.47
CA ILE A 45 9.79 5.69 11.91
C ILE A 45 8.44 5.79 12.62
N ASP A 46 8.13 7.01 13.07
CA ASP A 46 6.87 7.26 13.78
C ASP A 46 6.14 8.44 13.13
N LEU A 47 5.04 8.16 12.44
CA LEU A 47 4.27 9.22 11.78
C LEU A 47 3.34 9.92 12.75
N THR A 48 3.65 9.84 14.04
CA THR A 48 2.83 10.48 15.06
C THR A 48 3.33 11.90 15.29
N THR A 49 4.44 12.25 14.63
CA THR A 49 5.03 13.57 14.76
C THR A 49 5.30 14.17 13.39
N GLN A 50 5.46 15.49 13.34
CA GLN A 50 5.74 16.19 12.09
C GLN A 50 7.07 15.72 11.50
N ALA A 51 8.05 15.53 12.37
CA ALA A 51 9.38 15.10 11.95
C ALA A 51 9.37 13.74 11.26
N GLY A 52 8.55 12.82 11.76
CA GLY A 52 8.51 11.45 11.24
C GLY A 52 8.17 11.36 9.75
N TRP A 53 7.09 12.00 9.30
CA TRP A 53 6.72 11.88 7.88
C TRP A 53 7.79 12.48 6.98
N ASP A 54 8.52 13.48 7.48
CA ASP A 54 9.57 14.10 6.70
C ASP A 54 10.67 13.09 6.37
N ALA A 55 11.18 12.42 7.41
CA ALA A 55 12.21 11.41 7.22
C ALA A 55 11.65 10.25 6.41
N ALA A 56 10.44 9.83 6.77
CA ALA A 56 9.79 8.73 6.09
C ALA A 56 9.58 9.04 4.61
N SER A 57 9.19 10.29 4.33
CA SER A 57 8.97 10.71 2.95
C SER A 57 10.26 10.61 2.15
N LYS A 58 11.37 10.65 2.87
CA LYS A 58 12.69 10.55 2.23
C LYS A 58 13.13 9.10 2.11
N ILE A 59 12.25 8.18 2.47
CA ILE A 59 12.61 6.77 2.41
C ILE A 59 12.86 6.32 0.98
N LYS A 60 13.95 5.60 0.80
CA LYS A 60 14.32 5.10 -0.51
C LYS A 60 14.13 3.59 -0.55
N LEU A 61 13.57 3.09 -1.64
CA LEU A 61 13.34 1.65 -1.77
C LEU A 61 14.66 0.92 -1.60
N GLU A 62 15.75 1.63 -1.87
CA GLU A 62 17.07 1.05 -1.72
C GLU A 62 17.27 0.63 -0.27
N GLU A 63 16.51 1.27 0.63
CA GLU A 63 16.61 0.97 2.05
C GLU A 63 15.71 -0.20 2.44
N LEU A 64 14.56 -0.33 1.76
CA LEU A 64 13.63 -1.43 2.08
C LEU A 64 13.81 -2.57 1.11
N TYR A 65 13.57 -2.26 -0.16
CA TYR A 65 13.70 -3.24 -1.23
C TYR A 65 15.04 -3.08 -1.94
N THR A 66 15.95 -4.03 -1.74
CA THR A 66 17.26 -3.94 -2.38
C THR A 66 17.69 -5.31 -2.90
N ASN A 67 17.61 -6.33 -2.05
CA ASN A 67 18.01 -7.68 -2.46
C ASN A 67 16.81 -8.43 -3.02
N GLY A 68 15.79 -7.68 -3.43
CA GLY A 68 14.59 -8.26 -3.99
C GLY A 68 13.58 -8.57 -2.90
N HIS A 69 14.00 -8.40 -1.65
CA HIS A 69 13.11 -8.65 -0.51
C HIS A 69 13.35 -7.61 0.58
N PRO A 70 12.39 -7.36 1.45
CA PRO A 70 12.55 -6.36 2.55
C PRO A 70 13.75 -6.69 3.45
N THR A 71 14.35 -5.66 4.03
CA THR A 71 15.52 -5.85 4.90
C THR A 71 15.10 -5.75 6.37
N ASP A 72 16.09 -5.61 7.25
CA ASP A 72 15.82 -5.51 8.68
C ASP A 72 15.24 -4.15 9.04
N LYS A 73 15.05 -3.31 8.02
CA LYS A 73 14.49 -1.98 8.23
C LYS A 73 12.97 -2.05 8.32
N VAL A 74 12.44 -3.26 8.21
CA VAL A 74 11.00 -3.47 8.27
C VAL A 74 10.65 -4.56 9.28
N THR A 75 9.42 -4.52 9.78
CA THR A 75 8.97 -5.50 10.75
C THR A 75 7.68 -6.17 10.29
N LYS A 76 7.65 -7.51 10.33
CA LYS A 76 6.46 -8.24 9.92
C LYS A 76 5.30 -7.88 10.82
N VAL A 77 4.17 -7.51 10.21
CA VAL A 77 3.00 -7.13 10.99
C VAL A 77 1.94 -8.22 10.94
N ALA A 78 1.44 -8.51 9.75
CA ALA A 78 0.41 -9.53 9.60
C ALA A 78 0.20 -9.91 8.14
N THR A 79 -0.36 -11.10 7.92
CA THR A 79 -0.62 -11.58 6.56
C THR A 79 -2.06 -12.03 6.41
N LYS A 80 -2.75 -11.49 5.41
CA LYS A 80 -4.14 -11.85 5.16
C LYS A 80 -4.39 -11.95 3.66
N LYS A 81 -5.32 -12.81 3.26
CA LYS A 81 -5.64 -12.99 1.85
C LYS A 81 -6.90 -12.23 1.46
N THR A 82 -6.76 -11.32 0.49
CA THR A 82 -7.89 -10.54 0.02
C THR A 82 -8.92 -11.44 -0.66
N GLU A 83 -10.17 -11.31 -0.23
CA GLU A 83 -11.26 -12.10 -0.79
C GLU A 83 -12.29 -11.20 -1.45
N GLY A 84 -12.67 -11.54 -2.67
CA GLY A 84 -13.64 -10.73 -3.40
C GLY A 84 -12.97 -9.54 -4.07
N GLY A 85 -11.65 -9.53 -4.05
CA GLY A 85 -10.88 -8.45 -4.66
C GLY A 85 -10.77 -7.24 -3.74
N VAL A 86 -11.32 -7.37 -2.53
CA VAL A 86 -11.27 -6.26 -1.57
C VAL A 86 -10.75 -6.76 -0.21
N ALA A 87 -9.75 -6.05 0.32
CA ALA A 87 -9.16 -6.40 1.61
C ALA A 87 -9.22 -5.21 2.55
N LYS A 88 -9.38 -5.48 3.85
CA LYS A 88 -9.45 -4.40 4.83
C LYS A 88 -8.68 -4.76 6.10
N PHE A 89 -7.90 -3.81 6.59
CA PHE A 89 -7.12 -4.01 7.81
C PHE A 89 -7.63 -3.10 8.91
N ASP A 90 -7.69 -3.61 10.14
CA ASP A 90 -8.18 -2.84 11.27
C ASP A 90 -7.22 -2.94 12.44
N ASN A 91 -7.52 -2.22 13.52
CA ASN A 91 -6.65 -2.23 14.70
C ASN A 91 -5.23 -1.85 14.30
N LEU A 92 -5.13 -0.79 13.51
CA LEU A 92 -3.83 -0.32 13.05
C LEU A 92 -3.34 0.83 13.90
N THR A 93 -2.14 0.70 14.44
CA THR A 93 -1.57 1.75 15.26
C THR A 93 -0.80 2.72 14.35
N PRO A 94 -0.87 4.01 14.60
CA PRO A 94 -0.15 5.00 13.73
C PRO A 94 1.29 4.61 13.45
N ALA A 95 1.63 4.53 12.16
CA ALA A 95 2.99 4.18 11.75
C ALA A 95 3.09 4.19 10.21
N LEU A 96 3.73 3.16 9.68
CA LEU A 96 3.91 3.04 8.23
C LEU A 96 3.70 1.59 7.81
N TYR A 97 2.76 1.38 6.89
CA TYR A 97 2.47 0.02 6.43
C TYR A 97 3.03 -0.21 5.03
N LEU A 98 3.59 -1.39 4.83
CA LEU A 98 4.16 -1.78 3.55
C LEU A 98 3.51 -3.05 3.09
N VAL A 99 2.92 -3.00 1.90
CA VAL A 99 2.22 -4.14 1.35
C VAL A 99 3.09 -4.85 0.32
N VAL A 100 3.30 -6.14 0.55
CA VAL A 100 4.11 -6.94 -0.37
C VAL A 100 3.25 -8.01 -1.03
N GLN A 101 3.18 -7.96 -2.35
CA GLN A 101 2.38 -8.92 -3.11
C GLN A 101 3.18 -10.19 -3.37
N GLU A 102 2.70 -11.30 -2.85
CA GLU A 102 3.38 -12.58 -3.02
C GLU A 102 3.31 -13.04 -4.48
N LEU A 103 4.47 -13.38 -5.04
CA LEU A 103 4.53 -13.86 -6.42
C LEU A 103 4.11 -15.31 -6.49
N ASN A 104 3.87 -15.91 -5.33
CA ASN A 104 3.47 -17.31 -5.27
C ASN A 104 2.25 -17.53 -6.14
N GLY A 105 2.23 -18.65 -6.86
CA GLY A 105 1.11 -18.94 -7.75
C GLY A 105 1.03 -17.88 -8.83
N ALA A 106 -0.13 -17.25 -8.95
CA ALA A 106 -0.32 -16.21 -9.96
C ALA A 106 -0.26 -16.80 -11.36
N GLU A 107 -1.06 -17.83 -11.60
CA GLU A 107 -1.08 -18.48 -12.90
C GLU A 107 -1.87 -17.63 -13.90
N ALA A 108 -2.89 -16.95 -13.41
CA ALA A 108 -3.71 -16.10 -14.28
C ALA A 108 -3.05 -14.73 -14.48
N VAL A 109 -2.29 -14.29 -13.49
CA VAL A 109 -1.62 -12.99 -13.59
C VAL A 109 -0.15 -13.11 -13.23
N VAL A 110 0.63 -12.11 -13.65
CA VAL A 110 2.05 -12.10 -13.36
C VAL A 110 2.27 -11.47 -11.98
N ARG A 111 3.44 -11.71 -11.40
CA ARG A 111 3.74 -11.14 -10.09
C ARG A 111 3.53 -9.63 -10.12
N SER A 112 2.95 -9.09 -9.06
CA SER A 112 2.68 -7.66 -8.98
C SER A 112 3.76 -6.93 -8.19
N GLN A 113 4.07 -5.70 -8.61
CA GLN A 113 5.10 -4.91 -7.95
C GLN A 113 4.63 -4.40 -6.57
N PRO A 114 5.39 -4.61 -5.50
CA PRO A 114 5.00 -4.11 -4.15
C PRO A 114 4.77 -2.59 -4.11
N PHE A 115 4.00 -2.14 -3.14
CA PHE A 115 3.74 -0.71 -2.98
C PHE A 115 3.75 -0.35 -1.49
N LEU A 116 4.05 0.91 -1.19
CA LEU A 116 4.16 1.36 0.20
C LEU A 116 3.17 2.49 0.48
N VAL A 117 2.55 2.44 1.66
CA VAL A 117 1.60 3.48 2.02
C VAL A 117 1.66 3.78 3.52
N ALA A 118 1.75 5.06 3.86
CA ALA A 118 1.79 5.49 5.26
C ALA A 118 0.39 5.54 5.83
N ALA A 119 0.23 5.22 7.12
CA ALA A 119 -1.10 5.26 7.73
C ALA A 119 -1.04 5.69 9.20
N PRO A 120 -1.90 6.59 9.66
CA PRO A 120 -2.94 7.29 8.84
C PRO A 120 -2.32 8.34 7.92
N GLN A 121 -3.12 8.87 7.00
CA GLN A 121 -2.62 9.89 6.07
C GLN A 121 -3.25 11.23 6.38
N THR A 122 -2.46 12.30 6.26
CA THR A 122 -2.98 13.63 6.55
C THR A 122 -3.95 14.04 5.44
N ASN A 123 -4.84 14.98 5.76
CA ASN A 123 -5.82 15.45 4.80
C ASN A 123 -5.14 16.28 3.69
N PRO A 124 -5.76 16.45 2.53
CA PRO A 124 -5.14 17.25 1.42
C PRO A 124 -4.76 18.66 1.86
N THR A 125 -5.48 19.17 2.86
CA THR A 125 -5.22 20.52 3.36
C THR A 125 -4.13 20.50 4.44
N GLY A 126 -3.94 19.35 5.07
CA GLY A 126 -2.94 19.21 6.11
C GLY A 126 -3.54 19.38 7.49
N ASP A 127 -4.83 19.66 7.55
CA ASP A 127 -5.51 19.84 8.83
C ASP A 127 -6.20 18.54 9.24
N GLY A 128 -5.79 17.99 10.38
CA GLY A 128 -6.37 16.75 10.87
C GLY A 128 -5.76 15.54 10.17
N TRP A 129 -6.25 14.36 10.51
CA TRP A 129 -5.75 13.11 9.91
C TRP A 129 -6.89 12.22 9.50
N LEU A 130 -6.65 11.39 8.49
CA LEU A 130 -7.68 10.48 8.00
C LEU A 130 -7.56 9.13 8.69
N GLN A 131 -8.71 8.63 9.17
CA GLN A 131 -8.75 7.36 9.88
C GLN A 131 -8.70 6.16 8.93
N ASP A 132 -9.01 6.39 7.65
CA ASP A 132 -9.00 5.29 6.69
C ASP A 132 -8.20 5.65 5.44
N VAL A 133 -7.29 4.74 5.07
CA VAL A 133 -6.46 4.93 3.89
C VAL A 133 -6.91 3.99 2.77
N HIS A 134 -7.18 4.55 1.59
CA HIS A 134 -7.62 3.75 0.45
C HIS A 134 -6.49 3.51 -0.54
N VAL A 135 -6.38 2.28 -1.03
CA VAL A 135 -5.33 1.95 -2.00
C VAL A 135 -5.91 1.06 -3.11
N TYR A 136 -5.51 1.34 -4.35
CA TYR A 136 -6.00 0.56 -5.50
C TYR A 136 -4.84 0.04 -6.34
N PRO A 137 -4.09 -0.91 -5.84
CA PRO A 137 -2.95 -1.50 -6.60
C PRO A 137 -3.45 -2.45 -7.67
N LYS A 138 -2.95 -2.27 -8.89
CA LYS A 138 -3.38 -3.11 -10.00
C LYS A 138 -2.40 -4.26 -10.25
N HIS A 139 -2.89 -5.31 -10.90
CA HIS A 139 -2.06 -6.47 -11.21
C HIS A 139 -1.75 -6.48 -12.71
N GLN A 140 -0.65 -7.12 -13.09
CA GLN A 140 -0.26 -7.20 -14.50
C GLN A 140 -0.37 -8.64 -14.99
N ALA A 141 -0.84 -8.80 -16.22
CA ALA A 141 -1.01 -10.15 -16.78
C ALA A 141 0.29 -10.73 -17.29
N LEU A 142 0.43 -12.05 -17.13
CA LEU A 142 1.61 -12.76 -17.58
C LEU A 142 1.50 -13.13 -19.05
N SER A 143 2.63 -13.42 -19.68
CA SER A 143 2.64 -13.78 -21.09
C SER A 143 2.03 -12.66 -21.93
N LYS B 1 -1.44 16.75 -1.90
CA LYS B 1 -0.49 15.96 -2.73
C LYS B 1 0.87 15.90 -2.04
N ASN B 2 0.98 16.60 -0.91
CA ASN B 2 2.22 16.63 -0.15
C ASN B 2 2.24 15.52 0.90
N ALA B 3 1.24 14.66 0.84
CA ALA B 3 1.13 13.55 1.79
C ALA B 3 0.98 12.23 1.05
N GLY B 4 1.56 11.17 1.61
CA GLY B 4 1.49 9.86 0.99
C GLY B 4 2.87 9.20 1.01
N PHE B 5 3.01 8.11 0.26
CA PHE B 5 4.30 7.42 0.20
C PHE B 5 4.65 7.03 -1.24
N GLU B 6 4.14 5.89 -1.69
CA GLU B 6 4.39 5.43 -3.05
C GLU B 6 3.29 4.47 -3.49
N LEU B 7 2.21 5.06 -3.96
CA LEU B 7 1.07 4.29 -4.45
C LEU B 7 0.68 4.79 -5.84
N PRO B 8 1.61 4.76 -6.75
CA PRO B 8 1.38 5.25 -8.16
C PRO B 8 0.37 4.39 -8.91
N LEU B 9 0.18 3.17 -8.44
CA LEU B 9 -0.75 2.25 -9.08
C LEU B 9 -2.17 2.48 -8.59
N THR B 10 -3.06 2.80 -9.52
CA THR B 10 -4.46 3.04 -9.18
C THR B 10 -5.34 2.04 -9.92
N GLU A 1 -10.50 5.92 16.48
CA GLU A 1 -9.64 5.30 17.52
C GLU A 1 -8.63 4.37 16.86
N ARG A 2 -8.87 4.07 15.59
CA ARG A 2 -7.97 3.19 14.85
C ARG A 2 -7.97 3.54 13.35
N THR A 3 -6.97 3.03 12.64
CA THR A 3 -6.85 3.30 11.21
C THR A 3 -6.94 1.99 10.43
N SER A 4 -7.61 2.02 9.28
CA SER A 4 -7.75 0.82 8.47
C SER A 4 -7.28 1.07 7.04
N ILE A 5 -6.61 0.08 6.46
CA ILE A 5 -6.11 0.19 5.10
C ILE A 5 -6.87 -0.76 4.20
N ALA A 6 -7.57 -0.20 3.22
CA ALA A 6 -8.34 -1.02 2.29
C ALA A 6 -7.62 -1.13 0.96
N VAL A 7 -7.20 -2.35 0.62
CA VAL A 7 -6.50 -2.58 -0.65
C VAL A 7 -7.43 -3.30 -1.62
N HIS A 8 -7.76 -2.65 -2.71
CA HIS A 8 -8.64 -3.24 -3.72
C HIS A 8 -7.81 -3.92 -4.79
N ALA A 9 -7.88 -5.24 -4.86
CA ALA A 9 -7.12 -5.99 -5.86
C ALA A 9 -7.76 -5.82 -7.23
N LEU A 10 -7.01 -5.21 -8.15
CA LEU A 10 -7.51 -4.97 -9.51
C LEU A 10 -6.49 -5.44 -10.55
N MET A 11 -6.98 -5.80 -11.73
CA MET A 11 -6.11 -6.27 -12.80
C MET A 11 -6.22 -5.36 -14.03
N GLY A 12 -5.08 -5.16 -14.69
CA GLY A 12 -5.04 -4.30 -15.88
C GLY A 12 -4.20 -3.06 -15.62
N LEU A 13 -3.34 -2.72 -16.56
CA LEU A 13 -2.46 -1.55 -16.40
C LEU A 13 -3.23 -0.26 -16.73
N PRO A 14 -2.82 0.88 -16.22
CA PRO A 14 -3.53 2.17 -16.50
C PRO A 14 -3.67 2.43 -18.01
N THR A 15 -4.84 2.94 -18.39
CA THR A 15 -5.10 3.25 -19.80
C THR A 15 -5.14 4.75 -20.02
N GLY A 16 -3.99 5.40 -19.82
CA GLY A 16 -3.90 6.84 -20.00
C GLY A 16 -4.52 7.58 -18.83
N GLN A 17 -4.68 6.90 -17.69
CA GLN A 17 -5.25 7.53 -16.51
C GLN A 17 -4.16 8.06 -15.58
N PRO A 18 -4.40 9.13 -14.87
CA PRO A 18 -3.40 9.71 -13.94
C PRO A 18 -3.29 8.92 -12.64
N ALA A 19 -2.17 9.05 -11.95
CA ALA A 19 -1.97 8.36 -10.69
C ALA A 19 -2.58 9.19 -9.56
N ASN A 20 -3.62 8.65 -8.92
CA ASN A 20 -4.29 9.38 -7.84
C ASN A 20 -3.88 8.82 -6.47
N GLY A 21 -3.26 9.67 -5.66
CA GLY A 21 -2.84 9.27 -4.33
C GLY A 21 -3.92 9.56 -3.30
N THR A 22 -5.17 9.36 -3.72
CA THR A 22 -6.31 9.61 -2.84
C THR A 22 -7.44 8.66 -3.16
N LYS A 23 -8.58 8.82 -2.49
CA LYS A 23 -9.72 7.95 -2.72
C LYS A 23 -10.16 8.03 -4.18
N LEU A 24 -10.22 6.88 -4.83
CA LEU A 24 -10.63 6.80 -6.23
C LEU A 24 -11.70 5.72 -6.38
N ASP A 25 -12.69 5.98 -7.22
CA ASP A 25 -13.75 5.00 -7.41
C ASP A 25 -13.15 3.72 -7.97
N SER A 26 -13.92 2.63 -7.88
CA SER A 26 -13.43 1.35 -8.36
C SER A 26 -13.13 1.42 -9.86
N ILE A 27 -12.02 0.81 -10.26
CA ILE A 27 -11.63 0.81 -11.67
C ILE A 27 -12.69 0.04 -12.44
N GLY A 28 -13.13 -1.07 -11.86
CA GLY A 28 -14.17 -1.90 -12.46
C GLY A 28 -13.60 -3.01 -13.33
N LEU A 29 -12.29 -3.01 -13.55
CA LEU A 29 -11.68 -4.06 -14.35
C LEU A 29 -11.75 -5.36 -13.57
N PRO A 30 -11.62 -6.50 -14.19
CA PRO A 30 -11.71 -7.78 -13.46
C PRO A 30 -10.82 -7.77 -12.22
N LYS A 31 -11.41 -8.12 -11.08
CA LYS A 31 -10.68 -8.14 -9.82
C LYS A 31 -10.08 -9.52 -9.62
N VAL A 32 -8.91 -9.60 -8.97
CA VAL A 32 -8.28 -10.91 -8.75
C VAL A 32 -8.55 -11.41 -7.34
N ASP A 33 -9.27 -12.54 -7.27
CA ASP A 33 -9.60 -13.15 -6.00
C ASP A 33 -8.50 -14.12 -5.58
N GLY A 34 -8.36 -14.34 -4.27
CA GLY A 34 -7.33 -15.24 -3.78
C GLY A 34 -5.94 -14.64 -3.99
N MET A 35 -5.87 -13.32 -3.91
CA MET A 35 -4.59 -12.63 -4.09
C MET A 35 -3.90 -12.50 -2.74
N SER A 36 -2.57 -12.62 -2.72
CA SER A 36 -1.83 -12.55 -1.46
C SER A 36 -1.16 -11.20 -1.24
N PHE A 37 -1.42 -10.62 -0.07
CA PHE A 37 -0.83 -9.35 0.34
C PHE A 37 -0.40 -9.44 1.79
N THR A 38 0.73 -8.81 2.11
CA THR A 38 1.21 -8.82 3.49
C THR A 38 1.68 -7.44 3.93
N LEU A 39 1.49 -7.14 5.21
CA LEU A 39 1.89 -5.84 5.74
C LEU A 39 3.19 -5.92 6.52
N TYR A 40 4.04 -4.92 6.30
CA TYR A 40 5.31 -4.82 6.98
C TYR A 40 5.44 -3.43 7.59
N ARG A 41 5.78 -3.36 8.88
CA ARG A 41 5.92 -2.07 9.54
C ARG A 41 7.36 -1.59 9.56
N VAL A 42 7.58 -0.36 9.10
CA VAL A 42 8.92 0.22 9.07
C VAL A 42 9.30 0.79 10.45
N ASN A 43 10.34 0.19 11.05
CA ASN A 43 10.82 0.64 12.35
C ASN A 43 11.43 2.03 12.28
N GLU A 44 11.56 2.65 13.45
CA GLU A 44 12.19 3.97 13.58
C GLU A 44 11.32 5.09 12.99
N ILE A 45 10.20 4.74 12.36
CA ILE A 45 9.32 5.76 11.80
C ILE A 45 8.09 5.92 12.68
N ASP A 46 7.89 7.12 13.20
CA ASP A 46 6.74 7.40 14.04
C ASP A 46 5.99 8.65 13.56
N LEU A 47 4.75 8.46 13.11
CA LEU A 47 3.97 9.59 12.63
C LEU A 47 3.28 10.30 13.78
N THR A 48 3.86 10.20 14.97
CA THR A 48 3.30 10.85 16.15
C THR A 48 3.83 12.27 16.26
N THR A 49 4.76 12.61 15.37
CA THR A 49 5.35 13.94 15.34
C THR A 49 5.59 14.38 13.90
N GLN A 50 5.63 15.69 13.68
CA GLN A 50 5.85 16.21 12.34
C GLN A 50 7.21 15.75 11.80
N ALA A 51 8.15 15.55 12.71
CA ALA A 51 9.50 15.12 12.34
C ALA A 51 9.49 13.75 11.64
N GLY A 52 8.63 12.86 12.11
CA GLY A 52 8.58 11.51 11.57
C GLY A 52 8.29 11.44 10.07
N TRP A 53 7.25 12.13 9.61
CA TRP A 53 6.93 12.08 8.19
C TRP A 53 8.04 12.70 7.35
N ASP A 54 8.79 13.63 7.94
CA ASP A 54 9.88 14.26 7.20
C ASP A 54 10.92 13.21 6.81
N ALA A 55 11.39 12.46 7.80
CA ALA A 55 12.37 11.40 7.55
C ALA A 55 11.74 10.25 6.78
N ALA A 56 10.53 9.87 7.19
CA ALA A 56 9.83 8.77 6.53
C ALA A 56 9.57 9.08 5.07
N SER A 57 9.17 10.32 4.78
CA SER A 57 8.91 10.72 3.41
C SER A 57 10.21 10.66 2.61
N LYS A 58 11.31 10.70 3.34
CA LYS A 58 12.64 10.64 2.72
C LYS A 58 13.10 9.19 2.61
N ILE A 59 12.21 8.25 2.90
CA ILE A 59 12.58 6.85 2.83
C ILE A 59 12.87 6.44 1.41
N LYS A 60 13.98 5.73 1.23
CA LYS A 60 14.39 5.28 -0.08
C LYS A 60 14.16 3.78 -0.20
N LEU A 61 13.61 3.34 -1.32
CA LEU A 61 13.37 1.92 -1.52
C LEU A 61 14.66 1.17 -1.35
N GLU A 62 15.75 1.85 -1.60
CA GLU A 62 17.06 1.25 -1.47
C GLU A 62 17.27 0.78 -0.03
N GLU A 63 16.48 1.35 0.88
CA GLU A 63 16.57 0.98 2.29
C GLU A 63 15.68 -0.22 2.61
N LEU A 64 14.52 -0.31 1.95
CA LEU A 64 13.61 -1.43 2.21
C LEU A 64 13.77 -2.51 1.14
N TYR A 65 13.52 -2.13 -0.10
CA TYR A 65 13.62 -3.05 -1.21
C TYR A 65 14.86 -2.75 -2.04
N THR A 66 15.78 -3.72 -2.12
CA THR A 66 17.00 -3.53 -2.89
C THR A 66 17.33 -4.79 -3.67
N ASN A 67 17.37 -5.92 -2.97
CA ASN A 67 17.67 -7.19 -3.61
C ASN A 67 16.38 -7.88 -4.02
N GLY A 68 15.31 -7.09 -4.12
CA GLY A 68 14.01 -7.62 -4.50
C GLY A 68 13.28 -8.17 -3.28
N HIS A 69 13.89 -8.01 -2.11
CA HIS A 69 13.29 -8.51 -0.88
C HIS A 69 13.51 -7.51 0.27
N PRO A 70 12.62 -7.46 1.23
CA PRO A 70 12.73 -6.52 2.39
C PRO A 70 13.91 -6.85 3.30
N THR A 71 14.38 -5.84 4.03
CA THR A 71 15.53 -6.02 4.93
C THR A 71 15.06 -6.04 6.39
N ASP A 72 16.02 -5.95 7.30
CA ASP A 72 15.70 -5.95 8.73
C ASP A 72 15.17 -4.59 9.18
N LYS A 73 15.06 -3.67 8.23
CA LYS A 73 14.57 -2.33 8.52
C LYS A 73 13.04 -2.30 8.59
N VAL A 74 12.44 -3.47 8.38
CA VAL A 74 10.99 -3.58 8.42
C VAL A 74 10.58 -4.69 9.37
N THR A 75 9.37 -4.60 9.90
CA THR A 75 8.86 -5.58 10.84
C THR A 75 7.60 -6.25 10.31
N LYS A 76 7.60 -7.58 10.34
CA LYS A 76 6.45 -8.34 9.86
C LYS A 76 5.22 -7.97 10.70
N VAL A 77 4.13 -7.59 10.03
CA VAL A 77 2.92 -7.22 10.74
C VAL A 77 1.88 -8.33 10.61
N ALA A 78 1.45 -8.61 9.39
CA ALA A 78 0.46 -9.66 9.18
C ALA A 78 0.34 -10.03 7.70
N THR A 79 0.03 -11.30 7.45
CA THR A 79 -0.15 -11.77 6.07
C THR A 79 -1.55 -12.31 5.89
N LYS A 80 -2.31 -11.71 4.97
CA LYS A 80 -3.68 -12.14 4.71
C LYS A 80 -3.94 -12.18 3.22
N LYS A 81 -4.83 -13.07 2.79
CA LYS A 81 -5.15 -13.18 1.38
C LYS A 81 -6.44 -12.44 1.05
N THR A 82 -6.35 -11.50 0.12
CA THR A 82 -7.51 -10.74 -0.31
C THR A 82 -8.54 -11.64 -0.98
N GLU A 83 -9.79 -11.52 -0.54
CA GLU A 83 -10.88 -12.32 -1.11
C GLU A 83 -12.02 -11.41 -1.55
N GLY A 84 -12.65 -11.77 -2.65
CA GLY A 84 -13.75 -10.97 -3.18
C GLY A 84 -13.23 -9.76 -3.95
N GLY A 85 -11.92 -9.73 -4.17
CA GLY A 85 -11.29 -8.63 -4.90
C GLY A 85 -11.04 -7.44 -3.99
N VAL A 86 -11.31 -7.61 -2.69
CA VAL A 86 -11.11 -6.52 -1.74
C VAL A 86 -10.52 -7.04 -0.43
N ALA A 87 -9.58 -6.28 0.13
CA ALA A 87 -8.94 -6.65 1.39
C ALA A 87 -8.98 -5.48 2.35
N LYS A 88 -9.10 -5.75 3.65
CA LYS A 88 -9.17 -4.68 4.63
C LYS A 88 -8.41 -5.04 5.90
N PHE A 89 -7.60 -4.10 6.38
CA PHE A 89 -6.83 -4.29 7.61
C PHE A 89 -7.34 -3.33 8.67
N ASP A 90 -7.41 -3.81 9.92
CA ASP A 90 -7.89 -2.96 11.01
C ASP A 90 -6.94 -3.03 12.20
N ASN A 91 -7.27 -2.29 13.26
CA ASN A 91 -6.44 -2.26 14.46
C ASN A 91 -5.00 -1.86 14.09
N LEU A 92 -4.89 -0.80 13.31
CA LEU A 92 -3.57 -0.33 12.88
C LEU A 92 -3.15 0.86 13.75
N THR A 93 -1.97 0.76 14.35
CA THR A 93 -1.48 1.86 15.18
C THR A 93 -0.70 2.86 14.32
N PRO A 94 -0.79 4.14 14.59
CA PRO A 94 -0.07 5.17 13.79
C PRO A 94 1.39 4.81 13.53
N ALA A 95 1.73 4.69 12.23
CA ALA A 95 3.10 4.37 11.83
C ALA A 95 3.22 4.36 10.31
N LEU A 96 3.90 3.34 9.77
CA LEU A 96 4.06 3.22 8.33
C LEU A 96 3.86 1.77 7.89
N TYR A 97 2.92 1.57 6.97
CA TYR A 97 2.63 0.24 6.47
C TYR A 97 3.16 0.06 5.06
N LEU A 98 3.58 -1.17 4.77
CA LEU A 98 4.12 -1.51 3.46
C LEU A 98 3.46 -2.78 2.95
N VAL A 99 2.88 -2.69 1.76
CA VAL A 99 2.19 -3.82 1.16
C VAL A 99 3.09 -4.51 0.15
N VAL A 100 3.29 -5.81 0.34
CA VAL A 100 4.12 -6.59 -0.55
C VAL A 100 3.31 -7.68 -1.25
N GLN A 101 3.44 -7.72 -2.57
CA GLN A 101 2.72 -8.72 -3.37
C GLN A 101 3.46 -10.05 -3.36
N GLU A 102 2.97 -11.00 -2.58
CA GLU A 102 3.58 -12.31 -2.53
C GLU A 102 3.32 -13.07 -3.83
N LEU A 103 4.31 -13.82 -4.29
CA LEU A 103 4.17 -14.58 -5.52
C LEU A 103 3.27 -15.80 -5.30
N ASN A 104 2.80 -15.95 -4.06
CA ASN A 104 1.93 -17.07 -3.73
C ASN A 104 0.70 -17.04 -4.63
N GLY A 105 0.38 -18.17 -5.24
CA GLY A 105 -0.77 -18.23 -6.14
C GLY A 105 -0.56 -17.26 -7.29
N ALA A 106 -1.58 -16.46 -7.60
CA ALA A 106 -1.47 -15.49 -8.68
C ALA A 106 -0.72 -16.10 -9.85
N GLU A 107 -1.05 -17.35 -10.17
CA GLU A 107 -0.39 -18.05 -11.27
C GLU A 107 -0.89 -17.56 -12.62
N ALA A 108 -2.15 -17.20 -12.70
CA ALA A 108 -2.73 -16.72 -13.96
C ALA A 108 -2.48 -15.22 -14.12
N VAL A 109 -1.85 -14.61 -13.12
CA VAL A 109 -1.56 -13.19 -13.16
C VAL A 109 -0.12 -12.92 -12.77
N VAL A 110 0.50 -11.93 -13.42
CA VAL A 110 1.87 -11.59 -13.10
C VAL A 110 1.92 -10.86 -11.76
N ARG A 111 2.88 -11.24 -10.92
CA ARG A 111 3.00 -10.62 -9.61
C ARG A 111 3.01 -9.09 -9.72
N SER A 112 2.05 -8.46 -9.04
CA SER A 112 1.94 -7.01 -9.04
C SER A 112 3.08 -6.37 -8.25
N GLN A 113 3.51 -5.18 -8.67
CA GLN A 113 4.58 -4.49 -7.98
C GLN A 113 4.11 -4.00 -6.60
N PRO A 114 4.99 -3.92 -5.63
CA PRO A 114 4.63 -3.46 -4.25
C PRO A 114 4.42 -1.94 -4.17
N PHE A 115 3.79 -1.51 -3.09
CA PHE A 115 3.53 -0.08 -2.88
C PHE A 115 3.58 0.25 -1.39
N LEU A 116 3.83 1.52 -1.05
CA LEU A 116 3.95 1.93 0.34
C LEU A 116 2.91 3.00 0.67
N VAL A 117 2.32 2.91 1.87
CA VAL A 117 1.33 3.90 2.28
C VAL A 117 1.42 4.18 3.78
N ALA A 118 1.20 5.44 4.16
CA ALA A 118 1.23 5.83 5.57
C ALA A 118 -0.07 5.42 6.27
N ALA A 119 0.01 5.09 7.56
CA ALA A 119 -1.18 4.69 8.30
C ALA A 119 -1.21 5.30 9.71
N PRO A 120 -1.98 6.34 9.97
CA PRO A 120 -2.88 7.04 9.01
C PRO A 120 -2.10 7.93 8.05
N GLN A 121 -2.77 8.43 7.02
CA GLN A 121 -2.12 9.31 6.05
C GLN A 121 -2.69 10.71 6.19
N THR A 122 -1.83 11.72 6.07
CA THR A 122 -2.29 13.10 6.21
C THR A 122 -3.16 13.48 5.01
N ASN A 123 -3.98 14.50 5.20
CA ASN A 123 -4.87 14.96 4.13
C ASN A 123 -4.07 15.63 3.01
N PRO A 124 -4.55 15.58 1.79
CA PRO A 124 -3.83 16.20 0.63
C PRO A 124 -3.68 17.71 0.81
N THR A 125 -4.47 18.26 1.72
CA THR A 125 -4.43 19.69 2.00
C THR A 125 -3.41 19.96 3.11
N GLY A 126 -3.09 18.94 3.88
CA GLY A 126 -2.14 19.06 4.98
C GLY A 126 -2.84 19.38 6.29
N ASP A 127 -4.16 19.57 6.21
CA ASP A 127 -4.95 19.88 7.41
C ASP A 127 -5.75 18.64 7.84
N GLY A 128 -5.45 18.14 9.02
CA GLY A 128 -6.15 16.98 9.55
C GLY A 128 -5.50 15.68 9.08
N TRP A 129 -6.02 14.56 9.58
CA TRP A 129 -5.49 13.25 9.21
C TRP A 129 -6.62 12.32 8.78
N LEU A 130 -6.32 11.45 7.81
CA LEU A 130 -7.32 10.50 7.32
C LEU A 130 -7.20 9.17 8.06
N GLN A 131 -8.29 8.76 8.69
CA GLN A 131 -8.31 7.53 9.46
C GLN A 131 -8.37 6.29 8.57
N ASP A 132 -8.78 6.45 7.32
CA ASP A 132 -8.87 5.31 6.42
C ASP A 132 -8.10 5.55 5.13
N VAL A 133 -7.25 4.59 4.77
CA VAL A 133 -6.45 4.69 3.56
C VAL A 133 -6.97 3.74 2.47
N HIS A 134 -7.28 4.30 1.30
CA HIS A 134 -7.78 3.49 0.18
C HIS A 134 -6.70 3.31 -0.88
N VAL A 135 -6.58 2.09 -1.39
CA VAL A 135 -5.60 1.80 -2.43
C VAL A 135 -6.18 0.86 -3.48
N TYR A 136 -5.77 1.06 -4.74
CA TYR A 136 -6.24 0.24 -5.85
C TYR A 136 -5.07 -0.27 -6.69
N PRO A 137 -4.23 -1.14 -6.14
CA PRO A 137 -3.07 -1.69 -6.90
C PRO A 137 -3.51 -2.43 -8.14
N LYS A 138 -2.79 -2.23 -9.23
CA LYS A 138 -3.12 -2.89 -10.48
C LYS A 138 -2.15 -4.04 -10.74
N HIS A 139 -2.67 -5.14 -11.27
CA HIS A 139 -1.85 -6.31 -11.56
C HIS A 139 -1.75 -6.51 -13.07
N GLN A 140 -0.71 -7.21 -13.50
CA GLN A 140 -0.52 -7.50 -14.91
C GLN A 140 -0.81 -8.97 -15.17
N ALA A 141 -1.57 -9.24 -16.20
CA ALA A 141 -1.95 -10.62 -16.52
C ALA A 141 -0.81 -11.41 -17.14
N LEU A 142 -0.87 -12.72 -16.92
CA LEU A 142 0.14 -13.64 -17.44
C LEU A 142 -0.06 -13.86 -18.92
N SER A 143 0.99 -13.63 -19.70
CA SER A 143 0.92 -13.81 -21.15
C SER A 143 2.31 -14.07 -21.72
N LYS B 1 -0.53 15.41 -3.36
CA LYS B 1 0.93 15.39 -3.68
C LYS B 1 1.73 15.56 -2.41
N ASN B 2 1.31 16.49 -1.55
CA ASN B 2 2.00 16.74 -0.30
C ASN B 2 1.79 15.57 0.66
N ALA B 3 2.83 15.25 1.43
CA ALA B 3 2.76 14.16 2.39
C ALA B 3 2.56 12.83 1.68
N GLY B 4 2.07 11.83 2.40
CA GLY B 4 1.84 10.51 1.83
C GLY B 4 3.16 9.77 1.66
N PHE B 5 3.13 8.69 0.89
CA PHE B 5 4.33 7.90 0.64
C PHE B 5 4.51 7.63 -0.85
N GLU B 6 3.82 6.62 -1.36
CA GLU B 6 3.92 6.28 -2.77
C GLU B 6 2.90 5.22 -3.15
N LEU B 7 1.74 5.68 -3.59
CA LEU B 7 0.67 4.78 -4.02
C LEU B 7 0.14 5.25 -5.38
N PRO B 8 1.02 5.42 -6.33
CA PRO B 8 0.65 5.89 -7.71
C PRO B 8 -0.14 4.84 -8.48
N LEU B 9 -0.02 3.59 -8.06
CA LEU B 9 -0.69 2.50 -8.73
C LEU B 9 -2.18 2.47 -8.37
N THR B 10 -3.00 3.05 -9.23
CA THR B 10 -4.44 3.08 -9.01
C THR B 10 -5.11 2.14 -10.00
N GLU A 1 -8.66 5.99 19.06
CA GLU A 1 -9.12 5.60 17.70
C GLU A 1 -8.06 4.73 17.03
N ARG A 2 -8.40 4.18 15.87
CA ARG A 2 -7.47 3.32 15.15
C ARG A 2 -7.55 3.59 13.64
N THR A 3 -6.49 3.24 12.93
CA THR A 3 -6.44 3.46 11.49
C THR A 3 -6.73 2.15 10.75
N SER A 4 -7.10 2.25 9.49
CA SER A 4 -7.40 1.06 8.70
C SER A 4 -6.92 1.25 7.26
N ILE A 5 -6.30 0.21 6.70
CA ILE A 5 -5.80 0.27 5.33
C ILE A 5 -6.59 -0.67 4.44
N ALA A 6 -7.25 -0.10 3.43
CA ALA A 6 -8.04 -0.89 2.50
C ALA A 6 -7.36 -0.96 1.14
N VAL A 7 -6.99 -2.17 0.73
CA VAL A 7 -6.34 -2.36 -0.56
C VAL A 7 -7.32 -2.98 -1.55
N HIS A 8 -7.63 -2.25 -2.61
CA HIS A 8 -8.56 -2.74 -3.62
C HIS A 8 -7.80 -3.46 -4.73
N ALA A 9 -8.03 -4.75 -4.86
CA ALA A 9 -7.35 -5.54 -5.87
C ALA A 9 -8.02 -5.36 -7.23
N LEU A 10 -7.24 -4.95 -8.23
CA LEU A 10 -7.76 -4.75 -9.58
C LEU A 10 -6.83 -5.39 -10.61
N MET A 11 -7.40 -5.81 -11.74
CA MET A 11 -6.63 -6.43 -12.80
C MET A 11 -6.60 -5.56 -14.04
N GLY A 12 -5.41 -5.42 -14.63
CA GLY A 12 -5.25 -4.61 -15.83
C GLY A 12 -4.44 -3.35 -15.54
N LEU A 13 -3.62 -2.94 -16.50
CA LEU A 13 -2.79 -1.75 -16.35
C LEU A 13 -3.58 -0.49 -16.72
N PRO A 14 -3.23 0.68 -16.24
CA PRO A 14 -3.96 1.94 -16.58
C PRO A 14 -4.05 2.15 -18.09
N THR A 15 -5.19 2.67 -18.54
CA THR A 15 -5.39 2.90 -19.96
C THR A 15 -5.23 4.38 -20.30
N GLY A 16 -3.99 4.86 -20.26
CA GLY A 16 -3.71 6.26 -20.58
C GLY A 16 -4.12 7.19 -19.43
N GLN A 17 -4.37 6.62 -18.26
CA GLN A 17 -4.77 7.42 -17.10
C GLN A 17 -3.55 7.75 -16.24
N PRO A 18 -3.53 8.90 -15.59
CA PRO A 18 -2.38 9.30 -14.72
C PRO A 18 -2.39 8.57 -13.38
N ALA A 19 -1.23 8.51 -12.75
CA ALA A 19 -1.12 7.85 -11.45
C ALA A 19 -1.59 8.80 -10.35
N ASN A 20 -2.67 8.44 -9.66
CA ASN A 20 -3.20 9.29 -8.60
C ASN A 20 -2.99 8.65 -7.22
N GLY A 21 -2.36 9.41 -6.32
CA GLY A 21 -2.11 8.91 -4.97
C GLY A 21 -3.22 9.31 -4.02
N THR A 22 -4.46 9.14 -4.47
CA THR A 22 -5.62 9.49 -3.66
C THR A 22 -6.85 8.71 -4.12
N LYS A 23 -8.00 9.03 -3.53
CA LYS A 23 -9.23 8.34 -3.91
C LYS A 23 -9.55 8.58 -5.38
N LEU A 24 -9.89 7.50 -6.08
CA LEU A 24 -10.19 7.60 -7.51
C LEU A 24 -11.36 6.68 -7.84
N ASP A 25 -12.19 7.10 -8.79
CA ASP A 25 -13.32 6.27 -9.19
C ASP A 25 -12.79 4.95 -9.73
N SER A 26 -13.17 3.86 -9.09
CA SER A 26 -12.71 2.54 -9.50
C SER A 26 -13.19 2.19 -10.89
N ILE A 27 -12.32 1.53 -11.65
CA ILE A 27 -12.64 1.10 -13.00
C ILE A 27 -13.67 -0.01 -12.93
N GLY A 28 -13.48 -0.88 -11.95
CA GLY A 28 -14.39 -2.00 -11.74
C GLY A 28 -14.12 -3.15 -12.68
N LEU A 29 -12.91 -3.20 -13.24
CA LEU A 29 -12.53 -4.28 -14.14
C LEU A 29 -12.46 -5.56 -13.31
N PRO A 30 -12.64 -6.73 -13.88
CA PRO A 30 -12.60 -8.00 -13.08
C PRO A 30 -11.45 -8.03 -12.08
N LYS A 31 -11.77 -8.39 -10.84
CA LYS A 31 -10.77 -8.43 -9.77
C LYS A 31 -10.20 -9.83 -9.62
N VAL A 32 -9.06 -9.93 -8.94
CA VAL A 32 -8.43 -11.23 -8.71
C VAL A 32 -8.53 -11.60 -7.24
N ASP A 33 -9.24 -12.69 -6.95
CA ASP A 33 -9.38 -13.13 -5.58
C ASP A 33 -8.22 -14.02 -5.18
N GLY A 34 -8.16 -14.40 -3.91
CA GLY A 34 -7.10 -15.27 -3.44
C GLY A 34 -5.74 -14.61 -3.68
N MET A 35 -5.69 -13.28 -3.58
CA MET A 35 -4.45 -12.56 -3.81
C MET A 35 -3.73 -12.38 -2.48
N SER A 36 -2.41 -12.52 -2.49
CA SER A 36 -1.64 -12.43 -1.25
C SER A 36 -0.94 -11.09 -1.07
N PHE A 37 -1.17 -10.49 0.10
CA PHE A 37 -0.54 -9.23 0.48
C PHE A 37 -0.04 -9.33 1.91
N THR A 38 1.16 -8.80 2.16
CA THR A 38 1.74 -8.85 3.50
C THR A 38 2.14 -7.45 3.96
N LEU A 39 1.77 -7.10 5.19
CA LEU A 39 2.12 -5.78 5.73
C LEU A 39 3.38 -5.82 6.56
N TYR A 40 4.23 -4.82 6.34
CA TYR A 40 5.47 -4.66 7.06
C TYR A 40 5.57 -3.25 7.59
N ARG A 41 5.99 -3.14 8.83
CA ARG A 41 6.11 -1.84 9.45
C ARG A 41 7.55 -1.37 9.47
N VAL A 42 7.79 -0.15 8.99
CA VAL A 42 9.14 0.39 8.96
C VAL A 42 9.54 0.97 10.32
N ASN A 43 10.60 0.41 10.89
CA ASN A 43 11.12 0.82 12.19
C ASN A 43 11.68 2.24 12.17
N GLU A 44 11.88 2.79 13.37
CA GLU A 44 12.45 4.13 13.52
C GLU A 44 11.52 5.23 13.01
N ILE A 45 10.38 4.84 12.45
CA ILE A 45 9.41 5.81 11.94
C ILE A 45 8.12 5.77 12.75
N ASP A 46 7.76 6.90 13.34
CA ASP A 46 6.54 6.99 14.15
C ASP A 46 5.66 8.14 13.68
N LEU A 47 4.53 7.81 13.09
CA LEU A 47 3.60 8.83 12.63
C LEU A 47 2.69 9.28 13.77
N THR A 48 3.18 9.11 14.99
CA THR A 48 2.43 9.50 16.17
C THR A 48 2.70 10.98 16.47
N THR A 49 3.71 11.50 15.78
CA THR A 49 4.09 12.90 15.94
C THR A 49 4.20 13.55 14.56
N GLN A 50 4.15 14.87 14.54
CA GLN A 50 4.24 15.61 13.29
C GLN A 50 5.60 15.35 12.62
N ALA A 51 6.65 15.31 13.43
CA ALA A 51 8.02 15.08 12.94
C ALA A 51 8.17 13.75 12.18
N GLY A 52 7.22 12.85 12.39
CA GLY A 52 7.30 11.53 11.77
C GLY A 52 7.36 11.60 10.25
N TRP A 53 6.61 12.50 9.63
CA TRP A 53 6.62 12.58 8.17
C TRP A 53 8.00 13.01 7.65
N ASP A 54 8.73 13.80 8.42
CA ASP A 54 10.06 14.24 8.01
C ASP A 54 11.00 13.06 7.91
N ALA A 55 11.07 12.27 8.98
CA ALA A 55 11.94 11.10 8.99
C ALA A 55 11.47 10.09 7.96
N ALA A 56 10.16 9.87 7.92
CA ALA A 56 9.60 8.92 6.97
C ALA A 56 9.85 9.38 5.53
N SER A 57 9.69 10.67 5.28
CA SER A 57 9.90 11.22 3.95
C SER A 57 11.34 10.99 3.49
N LYS A 58 12.23 10.78 4.46
CA LYS A 58 13.62 10.54 4.14
C LYS A 58 13.86 9.07 3.82
N ILE A 59 12.83 8.25 3.98
CA ILE A 59 12.97 6.83 3.69
C ILE A 59 13.14 6.59 2.21
N LYS A 60 14.09 5.74 1.89
CA LYS A 60 14.36 5.39 0.51
C LYS A 60 13.79 4.01 0.26
N LEU A 61 12.66 3.94 -0.44
CA LEU A 61 12.03 2.66 -0.72
C LEU A 61 13.11 1.65 -1.15
N GLU A 62 14.23 2.18 -1.64
CA GLU A 62 15.35 1.36 -2.05
C GLU A 62 15.88 0.56 -0.85
N GLU A 63 15.87 1.19 0.31
CA GLU A 63 16.35 0.56 1.53
C GLU A 63 15.37 -0.51 2.00
N LEU A 64 14.13 -0.42 1.55
CA LEU A 64 13.12 -1.40 1.93
C LEU A 64 13.05 -2.52 0.91
N TYR A 65 13.43 -2.22 -0.32
CA TYR A 65 13.38 -3.21 -1.37
C TYR A 65 14.41 -2.90 -2.46
N THR A 66 15.50 -3.68 -2.49
CA THR A 66 16.55 -3.46 -3.48
C THR A 66 16.93 -4.77 -4.17
N ASN A 67 17.16 -5.80 -3.37
CA ASN A 67 17.53 -7.10 -3.92
C ASN A 67 16.29 -7.95 -4.18
N GLY A 68 15.14 -7.29 -4.26
CA GLY A 68 13.90 -8.00 -4.51
C GLY A 68 13.34 -8.59 -3.22
N HIS A 69 14.00 -8.30 -2.10
CA HIS A 69 13.56 -8.81 -0.82
C HIS A 69 13.73 -7.75 0.29
N PRO A 70 12.90 -7.77 1.30
CA PRO A 70 12.98 -6.76 2.42
C PRO A 70 14.23 -6.92 3.28
N THR A 71 14.61 -5.82 3.96
CA THR A 71 15.79 -5.83 4.81
C THR A 71 15.40 -5.70 6.28
N ASP A 72 16.39 -5.43 7.13
CA ASP A 72 16.14 -5.28 8.56
C ASP A 72 15.50 -3.93 8.84
N LYS A 73 15.25 -3.17 7.77
CA LYS A 73 14.64 -1.86 7.88
C LYS A 73 13.12 -1.98 8.02
N VAL A 74 12.64 -3.21 8.08
CA VAL A 74 11.21 -3.47 8.18
C VAL A 74 10.88 -4.45 9.31
N THR A 75 9.64 -4.41 9.78
CA THR A 75 9.19 -5.30 10.84
C THR A 75 7.94 -6.07 10.42
N LYS A 76 7.96 -7.37 10.61
CA LYS A 76 6.82 -8.22 10.23
C LYS A 76 5.58 -7.81 11.02
N VAL A 77 4.47 -7.56 10.31
CA VAL A 77 3.22 -7.18 10.95
C VAL A 77 2.19 -8.29 10.84
N ALA A 78 1.77 -8.58 9.60
CA ALA A 78 0.77 -9.63 9.40
C ALA A 78 0.63 -10.00 7.91
N THR A 79 0.11 -11.20 7.66
CA THR A 79 -0.09 -11.66 6.28
C THR A 79 -1.53 -12.12 6.08
N LYS A 80 -2.22 -11.49 5.12
CA LYS A 80 -3.59 -11.85 4.82
C LYS A 80 -3.82 -11.77 3.31
N LYS A 81 -4.71 -12.63 2.79
CA LYS A 81 -4.99 -12.63 1.36
C LYS A 81 -6.31 -11.94 1.06
N THR A 82 -6.30 -11.07 0.06
CA THR A 82 -7.50 -10.35 -0.34
C THR A 82 -8.54 -11.32 -0.88
N GLU A 83 -9.77 -11.21 -0.38
CA GLU A 83 -10.86 -12.06 -0.83
C GLU A 83 -12.06 -11.20 -1.17
N GLY A 84 -12.76 -11.57 -2.24
CA GLY A 84 -13.94 -10.80 -2.66
C GLY A 84 -13.50 -9.57 -3.46
N GLY A 85 -12.21 -9.52 -3.78
CA GLY A 85 -11.65 -8.41 -4.55
C GLY A 85 -11.32 -7.22 -3.66
N VAL A 86 -11.49 -7.39 -2.35
CA VAL A 86 -11.20 -6.31 -1.41
C VAL A 86 -10.55 -6.83 -0.14
N ALA A 87 -9.58 -6.08 0.37
CA ALA A 87 -8.88 -6.45 1.60
C ALA A 87 -8.90 -5.27 2.57
N LYS A 88 -9.01 -5.55 3.87
CA LYS A 88 -9.05 -4.48 4.85
C LYS A 88 -8.31 -4.89 6.12
N PHE A 89 -7.46 -3.99 6.61
CA PHE A 89 -6.70 -4.25 7.82
C PHE A 89 -7.17 -3.32 8.95
N ASP A 90 -7.64 -3.91 10.04
CA ASP A 90 -8.12 -3.12 11.17
C ASP A 90 -7.08 -3.09 12.28
N ASN A 91 -7.41 -2.37 13.37
CA ASN A 91 -6.50 -2.26 14.51
C ASN A 91 -5.08 -1.93 14.08
N LEU A 92 -4.92 -0.83 13.35
CA LEU A 92 -3.60 -0.43 12.90
C LEU A 92 -3.07 0.70 13.76
N THR A 93 -1.84 0.54 14.24
CA THR A 93 -1.22 1.57 15.05
C THR A 93 -0.55 2.59 14.12
N PRO A 94 -0.59 3.86 14.43
CA PRO A 94 -0.01 4.90 13.55
C PRO A 94 1.49 4.71 13.31
N ALA A 95 1.85 4.60 12.03
CA ALA A 95 3.24 4.43 11.62
C ALA A 95 3.33 4.40 10.09
N LEU A 96 4.07 3.42 9.56
CA LEU A 96 4.23 3.29 8.12
C LEU A 96 4.01 1.85 7.70
N TYR A 97 3.09 1.63 6.77
CA TYR A 97 2.78 0.29 6.28
C TYR A 97 3.34 0.08 4.88
N LEU A 98 3.79 -1.15 4.64
CA LEU A 98 4.36 -1.54 3.36
C LEU A 98 3.71 -2.82 2.87
N VAL A 99 3.16 -2.77 1.67
CA VAL A 99 2.49 -3.92 1.09
C VAL A 99 3.40 -4.65 0.10
N VAL A 100 3.57 -5.95 0.31
CA VAL A 100 4.41 -6.76 -0.56
C VAL A 100 3.59 -7.84 -1.25
N GLN A 101 3.70 -7.89 -2.58
CA GLN A 101 2.97 -8.88 -3.36
C GLN A 101 3.72 -10.21 -3.37
N GLU A 102 3.19 -11.19 -2.64
CA GLU A 102 3.81 -12.51 -2.61
C GLU A 102 3.59 -13.24 -3.94
N LEU A 103 4.63 -13.91 -4.41
CA LEU A 103 4.54 -14.65 -5.66
C LEU A 103 3.60 -15.84 -5.53
N ASN A 104 3.66 -16.52 -4.37
CA ASN A 104 2.81 -17.68 -4.15
C ASN A 104 1.36 -17.32 -4.44
N GLY A 105 0.69 -18.20 -5.18
CA GLY A 105 -0.70 -17.97 -5.56
C GLY A 105 -0.79 -16.76 -6.48
N ALA A 106 -0.99 -17.03 -7.78
CA ALA A 106 -1.10 -15.98 -8.80
C ALA A 106 -0.60 -16.54 -10.14
N GLU A 107 -1.04 -17.76 -10.46
CA GLU A 107 -0.62 -18.40 -11.70
C GLU A 107 -1.31 -17.78 -12.91
N ALA A 108 -2.55 -17.35 -12.71
CA ALA A 108 -3.32 -16.76 -13.79
C ALA A 108 -3.01 -15.27 -13.93
N VAL A 109 -2.18 -14.75 -13.02
CA VAL A 109 -1.84 -13.34 -13.05
C VAL A 109 -0.37 -13.09 -12.77
N VAL A 110 0.20 -12.10 -13.44
CA VAL A 110 1.60 -11.75 -13.23
C VAL A 110 1.71 -11.02 -11.90
N ARG A 111 2.69 -11.38 -11.09
CA ARG A 111 2.84 -10.76 -9.78
C ARG A 111 2.81 -9.23 -9.88
N SER A 112 2.01 -8.61 -9.02
CA SER A 112 1.88 -7.16 -9.00
C SER A 112 3.12 -6.54 -8.36
N GLN A 113 3.49 -5.36 -8.82
CA GLN A 113 4.67 -4.68 -8.29
C GLN A 113 4.38 -4.17 -6.85
N PRO A 114 5.24 -4.44 -5.87
CA PRO A 114 5.02 -3.95 -4.47
C PRO A 114 4.85 -2.43 -4.42
N PHE A 115 4.16 -1.96 -3.38
CA PHE A 115 3.94 -0.52 -3.21
C PHE A 115 3.99 -0.16 -1.73
N LEU A 116 4.30 1.10 -1.43
CA LEU A 116 4.42 1.56 -0.05
C LEU A 116 3.41 2.65 0.27
N VAL A 117 2.82 2.58 1.46
CA VAL A 117 1.85 3.60 1.85
C VAL A 117 1.94 3.89 3.36
N ALA A 118 1.97 5.18 3.70
CA ALA A 118 2.01 5.60 5.10
C ALA A 118 0.61 5.56 5.68
N ALA A 119 0.49 5.20 6.97
CA ALA A 119 -0.84 5.15 7.58
C ALA A 119 -0.80 5.57 9.06
N PRO A 120 -1.65 6.48 9.51
CA PRO A 120 -2.67 7.19 8.67
C PRO A 120 -2.02 8.24 7.80
N GLN A 121 -2.75 8.71 6.79
CA GLN A 121 -2.21 9.73 5.89
C GLN A 121 -2.93 11.05 6.12
N THR A 122 -2.25 12.15 5.87
CA THR A 122 -2.85 13.46 6.07
C THR A 122 -3.93 13.69 5.01
N ASN A 123 -4.82 14.62 5.28
CA ASN A 123 -5.91 14.91 4.35
C ASN A 123 -5.35 15.57 3.08
N PRO A 124 -6.05 15.48 1.96
CA PRO A 124 -5.56 16.09 0.68
C PRO A 124 -5.14 17.55 0.86
N THR A 125 -5.76 18.23 1.81
CA THR A 125 -5.44 19.64 2.06
C THR A 125 -4.36 19.75 3.13
N GLY A 126 -3.98 18.61 3.70
CA GLY A 126 -2.95 18.58 4.73
C GLY A 126 -3.52 18.94 6.10
N ASP A 127 -4.82 19.19 6.15
CA ASP A 127 -5.46 19.55 7.42
C ASP A 127 -6.09 18.31 8.06
N GLY A 128 -5.59 17.94 9.22
CA GLY A 128 -6.10 16.78 9.94
C GLY A 128 -5.54 15.47 9.38
N TRP A 129 -6.01 14.36 9.93
CA TRP A 129 -5.55 13.04 9.48
C TRP A 129 -6.74 12.13 9.22
N LEU A 130 -6.60 11.26 8.23
CA LEU A 130 -7.67 10.33 7.88
C LEU A 130 -7.46 8.99 8.56
N GLN A 131 -8.54 8.46 9.13
CA GLN A 131 -8.52 7.19 9.85
C GLN A 131 -8.48 6.00 8.89
N ASP A 132 -8.83 6.23 7.63
CA ASP A 132 -8.82 5.13 6.66
C ASP A 132 -8.00 5.50 5.43
N VAL A 133 -7.08 4.60 5.08
CA VAL A 133 -6.23 4.82 3.90
C VAL A 133 -6.68 3.90 2.77
N HIS A 134 -6.99 4.48 1.61
CA HIS A 134 -7.43 3.71 0.46
C HIS A 134 -6.32 3.54 -0.56
N VAL A 135 -6.17 2.32 -1.07
CA VAL A 135 -5.14 2.03 -2.07
C VAL A 135 -5.74 1.17 -3.18
N TYR A 136 -5.39 1.46 -4.43
CA TYR A 136 -5.92 0.70 -5.56
C TYR A 136 -4.79 0.18 -6.44
N PRO A 137 -4.03 -0.78 -5.97
CA PRO A 137 -2.92 -1.37 -6.76
C PRO A 137 -3.47 -2.32 -7.82
N LYS A 138 -3.03 -2.13 -9.06
CA LYS A 138 -3.51 -2.98 -10.14
C LYS A 138 -2.59 -4.17 -10.36
N HIS A 139 -3.14 -5.25 -10.90
CA HIS A 139 -2.35 -6.45 -11.16
C HIS A 139 -2.07 -6.58 -12.65
N GLN A 140 -1.07 -7.37 -12.98
CA GLN A 140 -0.71 -7.60 -14.38
C GLN A 140 -1.08 -9.03 -14.76
N ALA A 141 -1.83 -9.19 -15.84
CA ALA A 141 -2.26 -10.51 -16.27
C ALA A 141 -1.16 -11.24 -17.04
N LEU A 142 -1.20 -12.56 -16.98
CA LEU A 142 -0.23 -13.39 -17.67
C LEU A 142 -0.61 -13.55 -19.14
N SER A 143 0.38 -13.82 -19.98
CA SER A 143 0.13 -13.98 -21.41
C SER A 143 -0.49 -12.73 -21.99
N LYS B 1 3.97 17.97 1.59
CA LYS B 1 3.26 18.60 0.44
C LYS B 1 2.55 17.52 -0.38
N ASN B 2 3.34 16.67 -1.02
CA ASN B 2 2.78 15.60 -1.84
C ASN B 2 1.95 14.64 -0.98
N ALA B 3 2.43 14.37 0.23
CA ALA B 3 1.72 13.47 1.13
C ALA B 3 1.80 12.03 0.63
N GLY B 4 1.63 11.08 1.52
CA GLY B 4 1.68 9.67 1.15
C GLY B 4 3.13 9.21 0.98
N PHE B 5 3.31 8.02 0.43
CA PHE B 5 4.66 7.47 0.22
C PHE B 5 4.91 7.17 -1.26
N GLU B 6 4.40 6.03 -1.72
CA GLU B 6 4.57 5.64 -3.11
C GLU B 6 3.43 4.73 -3.54
N LEU B 7 2.31 5.33 -3.90
CA LEU B 7 1.15 4.60 -4.36
C LEU B 7 0.66 5.19 -5.68
N PRO B 8 1.54 5.27 -6.64
CA PRO B 8 1.21 5.83 -8.00
C PRO B 8 0.22 4.96 -8.75
N LEU B 9 0.20 3.68 -8.41
CA LEU B 9 -0.69 2.74 -9.07
C LEU B 9 -2.13 2.97 -8.63
N THR B 10 -3.04 2.90 -9.59
CA THR B 10 -4.46 3.10 -9.32
C THR B 10 -5.29 2.08 -10.10
N GLU A 1 -11.59 4.68 18.40
CA GLU A 1 -11.45 3.92 17.14
C GLU A 1 -9.99 3.86 16.74
N ARG A 2 -9.63 2.85 15.95
CA ARG A 2 -8.25 2.67 15.50
C ARG A 2 -8.12 3.07 14.03
N THR A 3 -6.95 2.78 13.46
CA THR A 3 -6.68 3.09 12.07
C THR A 3 -6.83 1.86 11.20
N SER A 4 -7.04 2.05 9.90
CA SER A 4 -7.21 0.93 8.99
C SER A 4 -6.70 1.26 7.58
N ILE A 5 -6.33 0.21 6.84
CA ILE A 5 -5.85 0.38 5.47
C ILE A 5 -6.64 -0.52 4.53
N ALA A 6 -7.25 0.07 3.52
CA ALA A 6 -8.04 -0.69 2.55
C ALA A 6 -7.32 -0.74 1.21
N VAL A 7 -7.11 -1.96 0.70
CA VAL A 7 -6.44 -2.14 -0.58
C VAL A 7 -7.39 -2.82 -1.57
N HIS A 8 -7.69 -2.13 -2.66
CA HIS A 8 -8.58 -2.68 -3.68
C HIS A 8 -7.78 -3.43 -4.74
N ALA A 9 -8.19 -4.65 -5.05
CA ALA A 9 -7.49 -5.46 -6.05
C ALA A 9 -8.12 -5.30 -7.42
N LEU A 10 -7.34 -4.79 -8.38
CA LEU A 10 -7.81 -4.60 -9.74
C LEU A 10 -6.87 -5.29 -10.74
N MET A 11 -7.44 -5.76 -11.84
CA MET A 11 -6.65 -6.45 -12.87
C MET A 11 -6.50 -5.58 -14.11
N GLY A 12 -5.29 -5.53 -14.66
CA GLY A 12 -5.02 -4.76 -15.85
C GLY A 12 -4.24 -3.48 -15.53
N LEU A 13 -3.32 -3.11 -16.41
CA LEU A 13 -2.52 -1.91 -16.22
C LEU A 13 -3.28 -0.68 -16.72
N PRO A 14 -2.96 0.52 -16.26
CA PRO A 14 -3.67 1.75 -16.72
C PRO A 14 -3.63 1.89 -18.24
N THR A 15 -4.73 2.34 -18.82
CA THR A 15 -4.81 2.51 -20.26
C THR A 15 -4.70 3.98 -20.64
N GLY A 16 -3.49 4.52 -20.58
CA GLY A 16 -3.26 5.92 -20.92
C GLY A 16 -3.72 6.84 -19.81
N GLN A 17 -4.00 6.27 -18.64
CA GLN A 17 -4.45 7.08 -17.50
C GLN A 17 -3.27 7.43 -16.60
N PRO A 18 -3.30 8.58 -15.95
CA PRO A 18 -2.20 9.02 -15.04
C PRO A 18 -2.21 8.27 -13.72
N ALA A 19 -1.05 8.21 -13.07
CA ALA A 19 -0.95 7.53 -11.78
C ALA A 19 -1.42 8.49 -10.68
N ASN A 20 -2.62 8.26 -10.17
CA ASN A 20 -3.18 9.13 -9.14
C ASN A 20 -3.20 8.43 -7.77
N GLY A 21 -2.51 9.02 -6.82
CA GLY A 21 -2.45 8.47 -5.47
C GLY A 21 -3.52 9.10 -4.58
N THR A 22 -4.76 9.07 -5.05
CA THR A 22 -5.86 9.65 -4.27
C THR A 22 -7.13 8.86 -4.49
N LYS A 23 -8.14 9.11 -3.65
CA LYS A 23 -9.40 8.40 -3.77
C LYS A 23 -10.07 8.72 -5.10
N LEU A 24 -10.45 7.68 -5.82
CA LEU A 24 -11.10 7.85 -7.11
C LEU A 24 -12.28 6.89 -7.22
N ASP A 25 -13.17 7.16 -8.18
CA ASP A 25 -14.33 6.29 -8.36
C ASP A 25 -13.83 4.89 -8.71
N SER A 26 -14.35 3.89 -8.02
CA SER A 26 -13.92 2.52 -8.25
C SER A 26 -13.97 2.21 -9.75
N ILE A 27 -12.83 1.78 -10.28
CA ILE A 27 -12.74 1.44 -11.70
C ILE A 27 -13.67 0.27 -11.97
N GLY A 28 -13.63 -0.72 -11.07
CA GLY A 28 -14.50 -1.89 -11.17
C GLY A 28 -14.09 -2.88 -12.25
N LEU A 29 -12.83 -2.85 -12.68
CA LEU A 29 -12.38 -3.80 -13.68
C LEU A 29 -12.37 -5.19 -13.04
N PRO A 30 -12.25 -6.25 -13.81
CA PRO A 30 -12.25 -7.61 -13.22
C PRO A 30 -11.27 -7.69 -12.05
N LYS A 31 -11.77 -8.13 -10.90
CA LYS A 31 -10.94 -8.24 -9.72
C LYS A 31 -10.46 -9.67 -9.52
N VAL A 32 -9.25 -9.83 -8.99
CA VAL A 32 -8.70 -11.17 -8.76
C VAL A 32 -8.75 -11.54 -7.30
N ASP A 33 -9.48 -12.61 -6.99
CA ASP A 33 -9.57 -13.08 -5.62
C ASP A 33 -8.42 -14.04 -5.33
N GLY A 34 -8.35 -14.53 -4.09
CA GLY A 34 -7.29 -15.45 -3.73
C GLY A 34 -5.92 -14.76 -3.85
N MET A 35 -5.90 -13.47 -3.58
CA MET A 35 -4.66 -12.71 -3.66
C MET A 35 -3.93 -12.71 -2.34
N SER A 36 -2.61 -12.56 -2.41
CA SER A 36 -1.78 -12.58 -1.20
C SER A 36 -1.08 -11.24 -0.97
N PHE A 37 -1.37 -10.63 0.17
CA PHE A 37 -0.73 -9.37 0.56
C PHE A 37 -0.33 -9.44 2.03
N THR A 38 0.79 -8.83 2.38
CA THR A 38 1.25 -8.85 3.76
C THR A 38 1.71 -7.47 4.19
N LEU A 39 1.50 -7.14 5.47
CA LEU A 39 1.90 -5.84 6.00
C LEU A 39 3.22 -5.91 6.74
N TYR A 40 4.05 -4.91 6.47
CA TYR A 40 5.35 -4.77 7.09
C TYR A 40 5.51 -3.35 7.63
N ARG A 41 5.90 -3.21 8.90
CA ARG A 41 6.06 -1.88 9.48
C ARG A 41 7.51 -1.40 9.44
N VAL A 42 7.71 -0.17 8.97
CA VAL A 42 9.05 0.40 8.90
C VAL A 42 9.45 0.98 10.26
N ASN A 43 10.52 0.43 10.83
CA ASN A 43 11.02 0.87 12.14
C ASN A 43 11.54 2.30 12.12
N GLU A 44 11.65 2.86 13.32
CA GLU A 44 12.19 4.22 13.53
C GLU A 44 11.30 5.31 12.93
N ILE A 45 10.22 4.95 12.25
CA ILE A 45 9.31 5.94 11.69
C ILE A 45 8.06 6.06 12.55
N ASP A 46 7.70 7.28 12.92
CA ASP A 46 6.51 7.51 13.73
C ASP A 46 5.61 8.55 13.10
N LEU A 47 4.37 8.17 12.79
CA LEU A 47 3.42 9.09 12.19
C LEU A 47 2.73 9.92 13.26
N THR A 48 3.28 9.90 14.47
CA THR A 48 2.70 10.63 15.58
C THR A 48 3.32 12.02 15.67
N THR A 49 4.26 12.31 14.77
CA THR A 49 4.92 13.60 14.76
C THR A 49 5.14 14.09 13.34
N GLN A 50 5.18 15.40 13.17
CA GLN A 50 5.39 16.01 11.86
C GLN A 50 6.76 15.60 11.31
N ALA A 51 7.74 15.57 12.20
CA ALA A 51 9.10 15.21 11.82
C ALA A 51 9.19 13.81 11.22
N GLY A 52 8.40 12.89 11.75
CA GLY A 52 8.44 11.49 11.30
C GLY A 52 8.17 11.30 9.81
N TRP A 53 7.08 11.87 9.28
CA TRP A 53 6.81 11.68 7.86
C TRP A 53 7.89 12.30 6.99
N ASP A 54 8.51 13.38 7.48
CA ASP A 54 9.58 14.04 6.74
C ASP A 54 10.76 13.09 6.56
N ALA A 55 11.19 12.51 7.67
CA ALA A 55 12.31 11.56 7.63
C ALA A 55 11.90 10.32 6.83
N ALA A 56 10.68 9.86 7.06
CA ALA A 56 10.17 8.69 6.36
C ALA A 56 10.12 8.95 4.87
N SER A 57 9.68 10.15 4.49
CA SER A 57 9.59 10.51 3.09
C SER A 57 10.97 10.49 2.45
N LYS A 58 11.98 10.57 3.30
CA LYS A 58 13.37 10.54 2.84
C LYS A 58 13.83 9.11 2.66
N ILE A 59 12.93 8.17 2.89
CA ILE A 59 13.28 6.75 2.77
C ILE A 59 13.55 6.37 1.32
N LYS A 60 14.62 5.62 1.13
CA LYS A 60 14.99 5.17 -0.20
C LYS A 60 14.76 3.66 -0.30
N LEU A 61 14.07 3.23 -1.36
CA LEU A 61 13.81 1.81 -1.55
C LEU A 61 15.13 1.06 -1.46
N GLU A 62 16.20 1.80 -1.63
CA GLU A 62 17.52 1.22 -1.55
C GLU A 62 17.74 0.63 -0.17
N GLU A 63 17.20 1.31 0.84
CA GLU A 63 17.36 0.86 2.23
C GLU A 63 16.24 -0.05 2.69
N LEU A 64 15.31 -0.35 1.79
CA LEU A 64 14.21 -1.22 2.14
C LEU A 64 14.10 -2.37 1.12
N TYR A 65 13.95 -2.02 -0.16
CA TYR A 65 13.87 -3.00 -1.23
C TYR A 65 15.08 -2.83 -2.15
N THR A 66 16.04 -3.74 -2.05
CA THR A 66 17.25 -3.65 -2.88
C THR A 66 17.47 -4.93 -3.67
N ASN A 67 17.50 -6.06 -2.96
CA ASN A 67 17.72 -7.34 -3.62
C ASN A 67 16.38 -7.95 -4.02
N GLY A 68 15.36 -7.12 -4.12
CA GLY A 68 14.03 -7.58 -4.49
C GLY A 68 13.29 -8.12 -3.28
N HIS A 69 13.91 -8.02 -2.11
CA HIS A 69 13.30 -8.51 -0.89
C HIS A 69 13.54 -7.52 0.26
N PRO A 70 12.65 -7.46 1.23
CA PRO A 70 12.78 -6.51 2.38
C PRO A 70 13.95 -6.87 3.30
N THR A 71 14.44 -5.86 4.02
CA THR A 71 15.57 -6.03 4.93
C THR A 71 15.09 -5.95 6.38
N ASP A 72 16.04 -5.85 7.30
CA ASP A 72 15.72 -5.74 8.71
C ASP A 72 15.20 -4.34 9.02
N LYS A 73 15.11 -3.53 7.97
CA LYS A 73 14.63 -2.15 8.11
C LYS A 73 13.11 -2.13 8.25
N VAL A 74 12.50 -3.31 8.19
CA VAL A 74 11.06 -3.44 8.31
C VAL A 74 10.68 -4.49 9.35
N THR A 75 9.46 -4.40 9.86
CA THR A 75 8.98 -5.33 10.88
C THR A 75 7.75 -6.08 10.39
N LYS A 76 7.81 -7.41 10.49
CA LYS A 76 6.68 -8.24 10.07
C LYS A 76 5.46 -7.94 10.93
N VAL A 77 4.34 -7.69 10.27
CA VAL A 77 3.09 -7.38 10.99
C VAL A 77 2.10 -8.52 10.86
N ALA A 78 1.65 -8.77 9.63
CA ALA A 78 0.68 -9.84 9.41
C ALA A 78 0.50 -10.15 7.93
N THR A 79 0.10 -11.39 7.63
CA THR A 79 -0.12 -11.81 6.26
C THR A 79 -1.57 -12.28 6.09
N LYS A 80 -2.28 -11.63 5.17
CA LYS A 80 -3.68 -11.99 4.92
C LYS A 80 -3.93 -12.01 3.42
N LYS A 81 -4.81 -12.89 2.98
CA LYS A 81 -5.11 -13.01 1.56
C LYS A 81 -6.42 -12.30 1.21
N THR A 82 -6.36 -11.44 0.20
CA THR A 82 -7.55 -10.72 -0.26
C THR A 82 -8.60 -11.69 -0.79
N GLU A 83 -9.83 -11.50 -0.34
CA GLU A 83 -10.94 -12.34 -0.77
C GLU A 83 -12.09 -11.47 -1.26
N GLY A 84 -12.68 -11.83 -2.39
CA GLY A 84 -13.78 -11.06 -2.95
C GLY A 84 -13.25 -9.87 -3.75
N GLY A 85 -11.94 -9.84 -3.97
CA GLY A 85 -11.32 -8.76 -4.73
C GLY A 85 -11.04 -7.54 -3.85
N VAL A 86 -11.29 -7.67 -2.54
CA VAL A 86 -11.05 -6.57 -1.63
C VAL A 86 -10.42 -7.05 -0.32
N ALA A 87 -9.46 -6.28 0.18
CA ALA A 87 -8.79 -6.61 1.43
C ALA A 87 -8.81 -5.43 2.38
N LYS A 88 -8.93 -5.69 3.67
CA LYS A 88 -8.97 -4.61 4.65
C LYS A 88 -8.29 -5.03 5.95
N PHE A 89 -7.45 -4.13 6.45
CA PHE A 89 -6.74 -4.37 7.71
C PHE A 89 -7.27 -3.44 8.79
N ASP A 90 -7.42 -3.96 10.01
CA ASP A 90 -7.94 -3.15 11.11
C ASP A 90 -7.02 -3.21 12.32
N ASN A 91 -7.36 -2.46 13.35
CA ASN A 91 -6.54 -2.41 14.56
C ASN A 91 -5.11 -2.02 14.23
N LEU A 92 -4.97 -0.98 13.41
CA LEU A 92 -3.65 -0.50 13.03
C LEU A 92 -3.24 0.65 13.95
N THR A 93 -1.97 0.68 14.30
CA THR A 93 -1.47 1.76 15.15
C THR A 93 -0.70 2.76 14.28
N PRO A 94 -0.78 4.04 14.54
CA PRO A 94 -0.07 5.06 13.71
C PRO A 94 1.39 4.69 13.45
N ALA A 95 1.76 4.64 12.17
CA ALA A 95 3.13 4.32 11.77
C ALA A 95 3.26 4.33 10.24
N LEU A 96 3.90 3.29 9.70
CA LEU A 96 4.08 3.17 8.26
C LEU A 96 3.87 1.74 7.83
N TYR A 97 2.91 1.53 6.92
CA TYR A 97 2.60 0.19 6.45
C TYR A 97 3.11 -0.04 5.03
N LEU A 98 3.54 -1.27 4.77
CA LEU A 98 4.06 -1.66 3.47
C LEU A 98 3.39 -2.95 3.01
N VAL A 99 2.85 -2.93 1.81
CA VAL A 99 2.18 -4.10 1.28
C VAL A 99 3.07 -4.80 0.26
N VAL A 100 3.31 -6.09 0.51
CA VAL A 100 4.16 -6.89 -0.36
C VAL A 100 3.35 -8.00 -1.02
N GLN A 101 3.39 -8.05 -2.34
CA GLN A 101 2.66 -9.06 -3.10
C GLN A 101 3.46 -10.35 -3.23
N GLU A 102 2.97 -11.40 -2.58
CA GLU A 102 3.64 -12.71 -2.67
C GLU A 102 3.39 -13.32 -4.05
N LEU A 103 4.43 -13.94 -4.61
CA LEU A 103 4.30 -14.57 -5.92
C LEU A 103 3.55 -15.89 -5.81
N ASN A 104 3.12 -16.22 -4.58
CA ASN A 104 2.39 -17.46 -4.36
C ASN A 104 1.12 -17.47 -5.20
N GLY A 105 0.88 -18.60 -5.86
CA GLY A 105 -0.31 -18.72 -6.71
C GLY A 105 -0.25 -17.68 -7.82
N ALA A 106 -1.35 -16.97 -8.02
CA ALA A 106 -1.39 -15.94 -9.05
C ALA A 106 -0.74 -16.47 -10.33
N GLU A 107 -1.16 -17.67 -10.73
CA GLU A 107 -0.60 -18.29 -11.93
C GLU A 107 -1.16 -17.67 -13.20
N ALA A 108 -2.44 -17.29 -13.16
CA ALA A 108 -3.08 -16.69 -14.33
C ALA A 108 -2.81 -15.19 -14.38
N VAL A 109 -2.14 -14.69 -13.35
CA VAL A 109 -1.84 -13.26 -13.28
C VAL A 109 -0.39 -13.03 -12.88
N VAL A 110 0.25 -12.05 -13.50
CA VAL A 110 1.62 -11.74 -13.17
C VAL A 110 1.67 -11.01 -11.82
N ARG A 111 2.58 -11.44 -10.95
CA ARG A 111 2.68 -10.83 -9.63
C ARG A 111 2.75 -9.31 -9.71
N SER A 112 2.01 -8.65 -8.83
CA SER A 112 1.97 -7.18 -8.79
C SER A 112 3.18 -6.64 -8.01
N GLN A 113 3.67 -5.48 -8.43
CA GLN A 113 4.81 -4.87 -7.75
C GLN A 113 4.38 -4.34 -6.38
N PRO A 114 5.26 -4.32 -5.40
CA PRO A 114 4.93 -3.82 -4.03
C PRO A 114 4.81 -2.29 -3.99
N PHE A 115 4.15 -1.78 -2.94
CA PHE A 115 3.98 -0.33 -2.80
C PHE A 115 4.01 0.08 -1.32
N LEU A 116 4.31 1.37 -1.08
CA LEU A 116 4.42 1.88 0.29
C LEU A 116 3.35 2.92 0.57
N VAL A 117 2.75 2.84 1.75
CA VAL A 117 1.73 3.80 2.14
C VAL A 117 1.78 4.07 3.63
N ALA A 118 1.92 5.34 4.00
CA ALA A 118 1.96 5.72 5.41
C ALA A 118 0.53 5.78 5.96
N ALA A 119 0.36 5.42 7.24
CA ALA A 119 -0.98 5.45 7.83
C ALA A 119 -0.93 5.94 9.29
N PRO A 120 -1.83 6.81 9.71
CA PRO A 120 -2.91 7.41 8.88
C PRO A 120 -2.36 8.48 7.93
N GLN A 121 -3.20 8.95 7.03
CA GLN A 121 -2.78 9.98 6.09
C GLN A 121 -3.47 11.29 6.43
N THR A 122 -2.78 12.40 6.20
CA THR A 122 -3.36 13.71 6.51
C THR A 122 -4.50 13.99 5.55
N ASN A 123 -5.39 14.88 5.96
CA ASN A 123 -6.54 15.22 5.13
C ASN A 123 -6.08 16.02 3.90
N PRO A 124 -6.79 15.91 2.79
CA PRO A 124 -6.43 16.64 1.54
C PRO A 124 -6.45 18.16 1.72
N THR A 125 -7.12 18.61 2.76
CA THR A 125 -7.21 20.04 3.03
C THR A 125 -6.10 20.46 4.01
N GLY A 126 -5.36 19.47 4.50
CA GLY A 126 -4.27 19.74 5.43
C GLY A 126 -4.79 19.90 6.86
N ASP A 127 -6.10 19.78 7.03
CA ASP A 127 -6.70 19.91 8.35
C ASP A 127 -7.22 18.56 8.84
N GLY A 128 -6.70 18.11 9.97
CA GLY A 128 -7.13 16.83 10.55
C GLY A 128 -6.42 15.66 9.89
N TRP A 129 -6.77 14.45 10.32
CA TRP A 129 -6.16 13.23 9.78
C TRP A 129 -7.24 12.23 9.40
N LEU A 130 -6.96 11.43 8.37
CA LEU A 130 -7.92 10.43 7.91
C LEU A 130 -7.62 9.08 8.58
N GLN A 131 -8.64 8.50 9.18
CA GLN A 131 -8.49 7.22 9.89
C GLN A 131 -8.40 6.04 8.92
N ASP A 132 -8.83 6.23 7.69
CA ASP A 132 -8.80 5.14 6.71
C ASP A 132 -8.03 5.54 5.45
N VAL A 133 -7.12 4.65 5.04
CA VAL A 133 -6.31 4.89 3.84
C VAL A 133 -6.77 3.98 2.71
N HIS A 134 -7.08 4.58 1.56
CA HIS A 134 -7.52 3.80 0.40
C HIS A 134 -6.42 3.65 -0.63
N VAL A 135 -6.28 2.45 -1.18
CA VAL A 135 -5.25 2.18 -2.19
C VAL A 135 -5.84 1.30 -3.30
N TYR A 136 -5.45 1.57 -4.55
CA TYR A 136 -5.96 0.79 -5.68
C TYR A 136 -4.83 0.26 -6.56
N PRO A 137 -4.03 -0.64 -6.04
CA PRO A 137 -2.92 -1.24 -6.83
C PRO A 137 -3.46 -2.24 -7.85
N LYS A 138 -3.02 -2.11 -9.10
CA LYS A 138 -3.50 -2.99 -10.15
C LYS A 138 -2.57 -4.18 -10.33
N HIS A 139 -3.08 -5.25 -10.93
CA HIS A 139 -2.29 -6.45 -11.16
C HIS A 139 -1.90 -6.54 -12.63
N GLN A 140 -0.86 -7.32 -12.91
CA GLN A 140 -0.41 -7.53 -14.27
C GLN A 140 -0.83 -8.92 -14.72
N ALA A 141 -1.48 -9.01 -15.87
CA ALA A 141 -1.96 -10.28 -16.37
C ALA A 141 -0.87 -11.10 -17.05
N LEU A 142 -1.06 -12.41 -17.03
CA LEU A 142 -0.13 -13.34 -17.63
C LEU A 142 -0.33 -13.39 -19.15
N SER A 143 0.75 -13.14 -19.89
CA SER A 143 0.68 -13.17 -21.35
C SER A 143 -0.20 -12.02 -21.85
N LYS B 1 8.00 16.44 0.82
CA LYS B 1 7.46 17.77 0.45
C LYS B 1 5.95 17.76 0.59
N ASN B 2 5.36 16.57 0.59
CA ASN B 2 3.91 16.44 0.71
C ASN B 2 3.54 15.08 1.29
N ALA B 3 2.26 14.90 1.56
CA ALA B 3 1.76 13.63 2.12
C ALA B 3 1.79 12.53 1.07
N GLY B 4 1.93 11.29 1.54
CA GLY B 4 1.97 10.13 0.64
C GLY B 4 3.37 9.51 0.63
N PHE B 5 3.44 8.25 0.20
CA PHE B 5 4.71 7.54 0.14
C PHE B 5 5.01 7.09 -1.29
N GLU B 6 4.32 6.05 -1.74
CA GLU B 6 4.52 5.54 -3.09
C GLU B 6 3.33 4.67 -3.48
N LEU B 7 2.29 5.33 -3.98
CA LEU B 7 1.09 4.65 -4.43
C LEU B 7 0.69 5.16 -5.81
N PRO B 8 1.61 5.11 -6.74
CA PRO B 8 1.37 5.59 -8.13
C PRO B 8 0.36 4.73 -8.89
N LEU B 9 0.25 3.49 -8.47
CA LEU B 9 -0.67 2.56 -9.11
C LEU B 9 -2.11 2.84 -8.70
N THR B 10 -3.01 2.76 -9.69
CA THR B 10 -4.43 3.00 -9.43
C THR B 10 -5.25 1.97 -10.20
N GLU A 1 -9.33 5.07 19.38
CA GLU A 1 -9.62 5.07 17.91
C GLU A 1 -8.58 4.22 17.20
N ARG A 2 -8.79 3.98 15.91
CA ARG A 2 -7.86 3.18 15.12
C ARG A 2 -7.85 3.61 13.66
N THR A 3 -7.00 2.96 12.87
CA THR A 3 -6.90 3.26 11.46
C THR A 3 -6.98 1.97 10.64
N SER A 4 -7.63 2.04 9.49
CA SER A 4 -7.79 0.86 8.64
C SER A 4 -7.28 1.12 7.23
N ILE A 5 -6.74 0.08 6.60
CA ILE A 5 -6.22 0.18 5.25
C ILE A 5 -7.02 -0.72 4.32
N ALA A 6 -7.68 -0.12 3.34
CA ALA A 6 -8.48 -0.89 2.40
C ALA A 6 -7.76 -0.98 1.06
N VAL A 7 -7.38 -2.20 0.67
CA VAL A 7 -6.69 -2.41 -0.59
C VAL A 7 -7.62 -3.11 -1.59
N HIS A 8 -7.91 -2.44 -2.69
CA HIS A 8 -8.78 -3.00 -3.71
C HIS A 8 -7.94 -3.71 -4.78
N ALA A 9 -8.23 -4.99 -5.01
CA ALA A 9 -7.47 -5.75 -6.01
C ALA A 9 -8.03 -5.53 -7.42
N LEU A 10 -7.19 -5.00 -8.30
CA LEU A 10 -7.59 -4.74 -9.69
C LEU A 10 -6.58 -5.34 -10.66
N MET A 11 -7.09 -5.81 -11.80
CA MET A 11 -6.23 -6.41 -12.82
C MET A 11 -6.17 -5.51 -14.06
N GLY A 12 -4.98 -5.38 -14.64
CA GLY A 12 -4.79 -4.57 -15.84
C GLY A 12 -4.08 -3.27 -15.50
N LEU A 13 -3.20 -2.82 -16.41
CA LEU A 13 -2.44 -1.60 -16.18
C LEU A 13 -3.30 -0.38 -16.56
N PRO A 14 -3.03 0.79 -16.02
CA PRO A 14 -3.81 2.02 -16.36
C PRO A 14 -3.87 2.26 -17.86
N THR A 15 -5.04 2.68 -18.34
CA THR A 15 -5.23 2.94 -19.76
C THR A 15 -5.30 4.44 -20.02
N GLY A 16 -4.14 5.11 -19.96
CA GLY A 16 -4.07 6.54 -20.19
C GLY A 16 -4.60 7.32 -19.00
N GLN A 17 -4.70 6.66 -17.85
CA GLN A 17 -5.19 7.33 -16.64
C GLN A 17 -4.03 7.82 -15.79
N PRO A 18 -4.17 8.94 -15.11
CA PRO A 18 -3.09 9.50 -14.24
C PRO A 18 -2.99 8.77 -12.90
N ALA A 19 -1.83 8.87 -12.26
CA ALA A 19 -1.64 8.24 -10.96
C ALA A 19 -2.16 9.16 -9.87
N ASN A 20 -3.22 8.74 -9.18
CA ASN A 20 -3.81 9.55 -8.12
C ASN A 20 -3.54 8.94 -6.74
N GLY A 21 -2.94 9.74 -5.86
CA GLY A 21 -2.64 9.28 -4.51
C GLY A 21 -3.78 9.60 -3.55
N THR A 22 -5.00 9.33 -3.99
CA THR A 22 -6.18 9.58 -3.19
C THR A 22 -7.33 8.71 -3.66
N LYS A 23 -8.51 8.90 -3.09
CA LYS A 23 -9.66 8.10 -3.49
C LYS A 23 -9.97 8.36 -4.96
N LEU A 24 -10.24 7.28 -5.69
CA LEU A 24 -10.54 7.38 -7.12
C LEU A 24 -11.63 6.37 -7.47
N ASP A 25 -12.49 6.73 -8.43
CA ASP A 25 -13.54 5.83 -8.83
C ASP A 25 -12.94 4.54 -9.36
N SER A 26 -13.42 3.41 -8.85
CA SER A 26 -12.87 2.12 -9.26
C SER A 26 -13.22 1.80 -10.71
N ILE A 27 -12.32 1.09 -11.37
CA ILE A 27 -12.53 0.68 -12.75
C ILE A 27 -13.59 -0.41 -12.80
N GLY A 28 -13.49 -1.34 -11.85
CA GLY A 28 -14.44 -2.44 -11.75
C GLY A 28 -14.12 -3.57 -12.74
N LEU A 29 -12.93 -3.55 -13.32
CA LEU A 29 -12.53 -4.59 -14.26
C LEU A 29 -12.35 -5.91 -13.50
N PRO A 30 -12.21 -7.03 -14.16
CA PRO A 30 -12.05 -8.32 -13.45
C PRO A 30 -10.96 -8.23 -12.40
N LYS A 31 -11.28 -8.63 -11.19
CA LYS A 31 -10.33 -8.58 -10.09
C LYS A 31 -9.77 -9.96 -9.80
N VAL A 32 -8.59 -9.99 -9.18
CA VAL A 32 -7.96 -11.26 -8.86
C VAL A 32 -8.31 -11.69 -7.43
N ASP A 33 -9.08 -12.76 -7.33
CA ASP A 33 -9.48 -13.28 -6.03
C ASP A 33 -8.42 -14.23 -5.48
N GLY A 34 -8.39 -14.37 -4.16
CA GLY A 34 -7.41 -15.25 -3.54
C GLY A 34 -6.02 -14.65 -3.65
N MET A 35 -5.93 -13.33 -3.60
CA MET A 35 -4.65 -12.65 -3.70
C MET A 35 -4.05 -12.49 -2.31
N SER A 36 -2.76 -12.78 -2.19
CA SER A 36 -2.10 -12.68 -0.90
C SER A 36 -1.24 -11.44 -0.75
N PHE A 37 -1.47 -10.70 0.34
CA PHE A 37 -0.71 -9.50 0.65
C PHE A 37 -0.19 -9.57 2.08
N THR A 38 1.03 -9.07 2.30
CA THR A 38 1.62 -9.09 3.63
C THR A 38 2.05 -7.67 4.02
N LEU A 39 1.66 -7.24 5.21
CA LEU A 39 2.01 -5.91 5.68
C LEU A 39 3.22 -5.93 6.61
N TYR A 40 4.11 -4.98 6.38
CA TYR A 40 5.30 -4.84 7.20
C TYR A 40 5.39 -3.42 7.73
N ARG A 41 5.70 -3.28 9.02
CA ARG A 41 5.82 -1.94 9.59
C ARG A 41 7.26 -1.47 9.57
N VAL A 42 7.48 -0.23 9.15
CA VAL A 42 8.82 0.32 9.09
C VAL A 42 9.27 0.79 10.47
N ASN A 43 10.31 0.13 10.99
CA ASN A 43 10.85 0.45 12.31
C ASN A 43 11.49 1.84 12.37
N GLU A 44 11.67 2.31 13.60
CA GLU A 44 12.29 3.60 13.89
C GLU A 44 11.54 4.80 13.30
N ILE A 45 10.44 4.55 12.57
CA ILE A 45 9.64 5.65 12.02
C ILE A 45 8.29 5.74 12.71
N ASP A 46 8.03 6.88 13.35
CA ASP A 46 6.77 7.10 14.05
C ASP A 46 5.96 8.20 13.39
N LEU A 47 4.75 7.87 12.95
CA LEU A 47 3.89 8.84 12.30
C LEU A 47 3.08 9.63 13.35
N THR A 48 3.58 9.62 14.58
CA THR A 48 2.89 10.32 15.67
C THR A 48 3.37 11.76 15.78
N THR A 49 4.41 12.09 15.03
CA THR A 49 4.95 13.45 15.06
C THR A 49 5.15 13.97 13.63
N GLN A 50 5.23 15.30 13.49
CA GLN A 50 5.42 15.89 12.18
C GLN A 50 6.79 15.52 11.62
N ALA A 51 7.74 15.36 12.53
CA ALA A 51 9.11 15.00 12.15
C ALA A 51 9.17 13.64 11.44
N GLY A 52 8.36 12.70 11.90
CA GLY A 52 8.37 11.35 11.35
C GLY A 52 8.08 11.28 9.85
N TRP A 53 6.99 11.92 9.39
CA TRP A 53 6.67 11.85 7.96
C TRP A 53 7.73 12.53 7.11
N ASP A 54 8.43 13.50 7.68
CA ASP A 54 9.47 14.19 6.93
C ASP A 54 10.59 13.21 6.56
N ALA A 55 11.09 12.51 7.57
CA ALA A 55 12.15 11.53 7.34
C ALA A 55 11.61 10.36 6.51
N ALA A 56 10.41 9.92 6.88
CA ALA A 56 9.78 8.81 6.19
C ALA A 56 9.52 9.13 4.72
N SER A 57 9.10 10.36 4.45
CA SER A 57 8.81 10.79 3.09
C SER A 57 10.03 10.70 2.20
N LYS A 58 11.20 11.03 2.75
CA LYS A 58 12.42 10.99 1.97
C LYS A 58 13.00 9.57 1.91
N ILE A 59 12.15 8.59 2.22
CA ILE A 59 12.58 7.20 2.20
C ILE A 59 12.88 6.72 0.80
N LYS A 60 13.96 5.95 0.67
CA LYS A 60 14.36 5.41 -0.62
C LYS A 60 14.17 3.89 -0.60
N LEU A 61 13.61 3.36 -1.67
CA LEU A 61 13.38 1.91 -1.75
C LEU A 61 14.70 1.18 -1.56
N GLU A 62 15.78 1.88 -1.83
CA GLU A 62 17.09 1.30 -1.67
C GLU A 62 17.28 0.87 -0.22
N GLU A 63 16.50 1.49 0.66
CA GLU A 63 16.57 1.18 2.09
C GLU A 63 15.70 -0.03 2.43
N LEU A 64 14.58 -0.20 1.75
CA LEU A 64 13.69 -1.32 2.02
C LEU A 64 13.92 -2.44 1.03
N TYR A 65 13.72 -2.12 -0.24
CA TYR A 65 13.92 -3.08 -1.32
C TYR A 65 15.30 -2.89 -1.95
N THR A 66 16.12 -3.93 -1.92
CA THR A 66 17.45 -3.85 -2.50
C THR A 66 17.89 -5.20 -3.06
N ASN A 67 17.77 -6.24 -2.23
CA ASN A 67 18.15 -7.57 -2.65
C ASN A 67 16.96 -8.30 -3.24
N GLY A 68 15.95 -7.53 -3.63
CA GLY A 68 14.74 -8.09 -4.21
C GLY A 68 13.71 -8.39 -3.12
N HIS A 69 14.12 -8.23 -1.86
CA HIS A 69 13.22 -8.49 -0.74
C HIS A 69 13.45 -7.45 0.37
N PRO A 70 12.46 -7.22 1.23
CA PRO A 70 12.62 -6.22 2.34
C PRO A 70 13.80 -6.55 3.27
N THR A 71 14.35 -5.51 3.90
CA THR A 71 15.48 -5.70 4.81
C THR A 71 15.01 -5.71 6.25
N ASP A 72 15.96 -5.62 7.18
CA ASP A 72 15.62 -5.60 8.60
C ASP A 72 15.07 -4.23 8.97
N LYS A 73 14.92 -3.38 7.95
CA LYS A 73 14.40 -2.03 8.15
C LYS A 73 12.87 -2.08 8.22
N VAL A 74 12.32 -3.27 8.05
CA VAL A 74 10.87 -3.47 8.09
C VAL A 74 10.52 -4.58 9.09
N THR A 75 9.32 -4.50 9.65
CA THR A 75 8.88 -5.50 10.63
C THR A 75 7.56 -6.14 10.21
N LYS A 76 7.51 -7.47 10.21
CA LYS A 76 6.30 -8.18 9.84
C LYS A 76 5.14 -7.79 10.75
N VAL A 77 4.03 -7.38 10.13
CA VAL A 77 2.86 -6.97 10.89
C VAL A 77 1.80 -8.06 10.85
N ALA A 78 1.33 -8.39 9.65
CA ALA A 78 0.31 -9.42 9.50
C ALA A 78 0.16 -9.84 8.05
N THR A 79 -0.33 -11.06 7.85
CA THR A 79 -0.54 -11.58 6.50
C THR A 79 -1.98 -12.01 6.32
N LYS A 80 -2.66 -11.44 5.33
CA LYS A 80 -4.06 -11.78 5.08
C LYS A 80 -4.29 -11.96 3.59
N LYS A 81 -5.20 -12.86 3.23
CA LYS A 81 -5.48 -13.11 1.83
C LYS A 81 -6.76 -12.40 1.39
N THR A 82 -6.62 -11.51 0.42
CA THR A 82 -7.75 -10.76 -0.11
C THR A 82 -8.73 -11.70 -0.80
N GLU A 83 -10.00 -11.55 -0.48
CA GLU A 83 -11.04 -12.37 -1.08
C GLU A 83 -12.26 -11.51 -1.39
N GLY A 84 -12.96 -11.86 -2.47
CA GLY A 84 -14.12 -11.09 -2.88
C GLY A 84 -13.69 -9.86 -3.66
N GLY A 85 -12.39 -9.79 -3.97
CA GLY A 85 -11.86 -8.66 -4.72
C GLY A 85 -11.55 -7.48 -3.81
N VAL A 86 -11.73 -7.64 -2.51
CA VAL A 86 -11.47 -6.56 -1.57
C VAL A 86 -10.83 -7.08 -0.28
N ALA A 87 -9.89 -6.29 0.25
CA ALA A 87 -9.20 -6.64 1.49
C ALA A 87 -9.21 -5.44 2.43
N LYS A 88 -9.28 -5.70 3.73
CA LYS A 88 -9.28 -4.60 4.69
C LYS A 88 -8.53 -4.97 5.97
N PHE A 89 -7.79 -4.00 6.48
CA PHE A 89 -7.01 -4.19 7.71
C PHE A 89 -7.53 -3.28 8.80
N ASP A 90 -7.57 -3.77 10.04
CA ASP A 90 -8.07 -2.97 11.16
C ASP A 90 -7.10 -3.03 12.34
N ASN A 91 -7.39 -2.23 13.38
CA ASN A 91 -6.53 -2.19 14.56
C ASN A 91 -5.10 -1.86 14.15
N LEU A 92 -4.94 -0.78 13.39
CA LEU A 92 -3.62 -0.36 12.95
C LEU A 92 -3.12 0.79 13.80
N THR A 93 -1.90 0.65 14.31
CA THR A 93 -1.32 1.70 15.12
C THR A 93 -0.62 2.70 14.20
N PRO A 94 -0.64 3.97 14.49
CA PRO A 94 0.00 4.99 13.61
C PRO A 94 1.47 4.71 13.34
N ALA A 95 1.79 4.54 12.05
CA ALA A 95 3.15 4.28 11.62
C ALA A 95 3.22 4.25 10.09
N LEU A 96 3.86 3.23 9.54
CA LEU A 96 3.98 3.11 8.09
C LEU A 96 3.76 1.66 7.67
N TYR A 97 2.83 1.46 6.73
CA TYR A 97 2.52 0.12 6.24
C TYR A 97 3.04 -0.07 4.83
N LEU A 98 3.60 -1.25 4.58
CA LEU A 98 4.14 -1.59 3.27
C LEU A 98 3.48 -2.87 2.76
N VAL A 99 2.87 -2.78 1.59
CA VAL A 99 2.18 -3.91 1.02
C VAL A 99 3.03 -4.61 -0.04
N VAL A 100 3.25 -5.91 0.18
CA VAL A 100 4.03 -6.71 -0.74
C VAL A 100 3.20 -7.87 -1.27
N GLN A 101 3.10 -7.99 -2.59
CA GLN A 101 2.33 -9.07 -3.19
C GLN A 101 3.12 -10.37 -3.20
N GLU A 102 2.69 -11.32 -2.38
CA GLU A 102 3.36 -12.61 -2.31
C GLU A 102 3.17 -13.39 -3.61
N LEU A 103 4.16 -14.20 -3.96
CA LEU A 103 4.10 -15.00 -5.17
C LEU A 103 2.99 -16.04 -5.05
N ASN A 104 2.86 -16.64 -3.87
CA ASN A 104 1.82 -17.64 -3.66
C ASN A 104 0.47 -17.06 -4.08
N GLY A 105 -0.27 -17.81 -4.88
CA GLY A 105 -1.55 -17.34 -5.37
C GLY A 105 -1.33 -16.41 -6.55
N ALA A 106 -2.39 -16.05 -7.25
CA ALA A 106 -2.25 -15.16 -8.40
C ALA A 106 -1.03 -15.58 -9.22
N GLU A 107 -0.87 -16.88 -9.40
CA GLU A 107 0.26 -17.42 -10.15
C GLU A 107 0.06 -17.28 -11.66
N ALA A 108 -1.19 -17.12 -12.08
CA ALA A 108 -1.49 -16.99 -13.50
C ALA A 108 -1.33 -15.55 -13.99
N VAL A 109 -0.72 -14.70 -13.17
CA VAL A 109 -0.53 -13.30 -13.55
C VAL A 109 0.93 -12.87 -13.43
N VAL A 110 1.27 -11.79 -14.12
CA VAL A 110 2.64 -11.29 -14.08
C VAL A 110 2.92 -10.63 -12.74
N ARG A 111 4.09 -10.89 -12.17
CA ARG A 111 4.45 -10.31 -10.89
C ARG A 111 4.23 -8.79 -10.90
N SER A 112 3.55 -8.30 -9.87
CA SER A 112 3.25 -6.87 -9.77
C SER A 112 4.22 -6.18 -8.81
N GLN A 113 4.56 -4.93 -9.11
CA GLN A 113 5.47 -4.19 -8.26
C GLN A 113 4.77 -3.80 -6.95
N PRO A 114 5.47 -3.78 -5.83
CA PRO A 114 4.88 -3.42 -4.51
C PRO A 114 4.60 -1.94 -4.38
N PHE A 115 3.87 -1.56 -3.33
CA PHE A 115 3.55 -0.15 -3.10
C PHE A 115 3.59 0.16 -1.61
N LEU A 116 3.84 1.44 -1.28
CA LEU A 116 3.96 1.84 0.12
C LEU A 116 2.95 2.93 0.46
N VAL A 117 2.35 2.83 1.64
CA VAL A 117 1.38 3.82 2.07
C VAL A 117 1.46 4.07 3.58
N ALA A 118 1.34 5.34 3.97
CA ALA A 118 1.39 5.71 5.39
C ALA A 118 0.02 5.45 6.04
N ALA A 119 0.03 5.06 7.33
CA ALA A 119 -1.22 4.79 8.02
C ALA A 119 -1.17 5.28 9.48
N PRO A 120 -1.93 6.29 9.87
CA PRO A 120 -2.89 7.05 8.99
C PRO A 120 -2.15 7.94 8.01
N GLN A 121 -2.86 8.45 7.01
CA GLN A 121 -2.24 9.32 6.02
C GLN A 121 -2.75 10.75 6.15
N THR A 122 -1.89 11.70 5.86
CA THR A 122 -2.26 13.11 5.95
C THR A 122 -3.33 13.43 4.91
N ASN A 123 -4.20 14.37 5.25
CA ASN A 123 -5.28 14.75 4.34
C ASN A 123 -4.73 15.43 3.09
N PRO A 124 -5.43 15.37 1.97
CA PRO A 124 -4.95 16.03 0.70
C PRO A 124 -4.53 17.48 0.91
N THR A 125 -5.15 18.16 1.88
CA THR A 125 -4.82 19.55 2.14
C THR A 125 -3.73 19.65 3.21
N GLY A 126 -3.35 18.50 3.76
CA GLY A 126 -2.30 18.47 4.78
C GLY A 126 -2.87 18.80 6.16
N ASP A 127 -4.17 19.07 6.21
CA ASP A 127 -4.81 19.42 7.48
C ASP A 127 -5.41 18.17 8.11
N GLY A 128 -4.89 17.79 9.26
CA GLY A 128 -5.39 16.61 9.97
C GLY A 128 -4.89 15.33 9.31
N TRP A 129 -5.44 14.20 9.75
CA TRP A 129 -5.06 12.90 9.21
C TRP A 129 -6.30 12.07 8.90
N LEU A 130 -6.18 11.18 7.91
CA LEU A 130 -7.30 10.34 7.53
C LEU A 130 -7.26 9.02 8.30
N GLN A 131 -8.39 8.67 8.90
CA GLN A 131 -8.50 7.45 9.70
C GLN A 131 -8.50 6.20 8.82
N ASP A 132 -8.90 6.34 7.56
CA ASP A 132 -8.94 5.20 6.65
C ASP A 132 -8.19 5.49 5.36
N VAL A 133 -7.31 4.56 4.99
CA VAL A 133 -6.52 4.71 3.77
C VAL A 133 -7.05 3.82 2.66
N HIS A 134 -7.33 4.42 1.50
CA HIS A 134 -7.84 3.66 0.36
C HIS A 134 -6.74 3.47 -0.69
N VAL A 135 -6.61 2.24 -1.19
CA VAL A 135 -5.59 1.95 -2.20
C VAL A 135 -6.17 1.04 -3.27
N TYR A 136 -5.74 1.26 -4.52
CA TYR A 136 -6.23 0.45 -5.64
C TYR A 136 -5.06 -0.08 -6.50
N PRO A 137 -4.24 -0.97 -5.96
CA PRO A 137 -3.12 -1.54 -6.73
C PRO A 137 -3.61 -2.29 -7.97
N LYS A 138 -2.84 -2.23 -9.04
CA LYS A 138 -3.21 -2.91 -10.27
C LYS A 138 -2.20 -3.99 -10.60
N HIS A 139 -2.68 -5.10 -11.15
CA HIS A 139 -1.79 -6.22 -11.49
C HIS A 139 -1.74 -6.42 -13.00
N GLN A 140 -0.71 -7.12 -13.45
CA GLN A 140 -0.55 -7.42 -14.86
C GLN A 140 -0.71 -8.92 -15.08
N ALA A 141 -1.68 -9.29 -15.91
CA ALA A 141 -1.95 -10.70 -16.16
C ALA A 141 -0.94 -11.31 -17.12
N LEU A 142 -0.79 -12.62 -17.03
CA LEU A 142 0.14 -13.36 -17.88
C LEU A 142 -0.46 -13.54 -19.28
N SER A 143 0.27 -13.09 -20.29
CA SER A 143 -0.19 -13.21 -21.67
C SER A 143 -1.57 -12.56 -21.83
N LYS B 1 2.91 19.98 1.27
CA LYS B 1 3.18 19.26 2.55
C LYS B 1 3.79 17.90 2.25
N ASN B 2 3.85 17.55 0.97
CA ASN B 2 4.42 16.28 0.56
C ASN B 2 3.76 15.12 1.30
N ALA B 3 2.44 15.22 1.47
CA ALA B 3 1.69 14.17 2.15
C ALA B 3 1.60 12.92 1.29
N GLY B 4 1.50 11.76 1.93
CA GLY B 4 1.42 10.50 1.22
C GLY B 4 2.80 9.89 1.07
N PHE B 5 2.86 8.67 0.53
CA PHE B 5 4.12 7.97 0.35
C PHE B 5 4.39 7.69 -1.13
N GLU B 6 3.77 6.64 -1.66
CA GLU B 6 3.95 6.28 -3.05
C GLU B 6 2.97 5.18 -3.44
N LEU B 7 1.79 5.60 -3.89
CA LEU B 7 0.74 4.68 -4.31
C LEU B 7 0.21 5.14 -5.66
N PRO B 8 1.07 5.28 -6.63
CA PRO B 8 0.69 5.74 -8.01
C PRO B 8 -0.19 4.73 -8.74
N LEU B 9 -0.13 3.48 -8.29
CA LEU B 9 -0.90 2.42 -8.91
C LEU B 9 -2.36 2.48 -8.47
N THR B 10 -3.18 3.19 -9.24
CA THR B 10 -4.59 3.31 -8.93
C THR B 10 -5.39 2.30 -9.74
#